data_7JPD
#
_entry.id   7JPD
#
_cell.length_a   131.790
_cell.length_b   142.360
_cell.length_c   234.230
_cell.angle_alpha   90.000
_cell.angle_beta   90.000
_cell.angle_gamma   90.000
#
_symmetry.space_group_name_H-M   'P 21 21 21'
#
loop_
_entity.id
_entity.type
_entity.pdbx_description
1 polymer 'Hemagglutinin HA1 chain'
2 polymer 'Hemagglutinin HA2 chain'
3 branched beta-D-mannopyranose-(1-4)-2-acetamido-2-deoxy-beta-D-glucopyranose-(1-4)-2-acetamido-2-deoxy-beta-D-glucopyranose
4 branched 2-acetamido-2-deoxy-beta-D-glucopyranose-(1-4)-2-acetamido-2-deoxy-beta-D-glucopyranose
5 branched alpha-D-mannopyranose-(1-2)-alpha-D-mannopyranose-(1-3)-beta-D-mannopyranose-(1-4)-2-acetamido-2-deoxy-beta-D-glucopyranose-(1-4)-2-acetamido-2-deoxy-beta-D-glucopyranose
6 non-polymer 2-acetamido-2-deoxy-beta-D-glucopyranose
7 non-polymer 1,2-ETHANEDIOL
8 non-polymer 'IODIDE ION'
9 water water
#
loop_
_entity_poly.entity_id
_entity_poly.type
_entity_poly.pdbx_seq_one_letter_code
_entity_poly.pdbx_strand_id
1 'polypeptide(L)'
;GSDTICIGYHANNSTDTVDTVLEKNVTVTHSVNLLEDSHNGKLCRLKGIAPLQLGKCNIAGWILGNPECESLLSKRSWSY
IAETPNSENGTCYPGDFADYEELREQLSSVSSFERFEIFPKERSWPKHNITRGVTAACSHAGKSSFYKNLLWLTETNGSY
PKLSKSYVNNKEKEVLVLWGVHHPSNIEDQKTLYRKENAYVSVVSSNYNRRFTPEIAERPKVRGQAGRMNYYWTLLEPGD
TIIFEANGNLIAPWYAFALSRGFGSGIITSNASMDECDTKCQTPQGAINSSLPFQNIHPVTIGECPKYVKSTKLRMVTGL
RNIPSIQSR
;
A,B,C,D,E,F
2 'polypeptide(L)'
;GLFGAIAGFIEGGWTGMIDGWYGYHHQNEQGSGYAADQKSTQNAINGITNKVNSVIEKMNTQFTAVGKEFNKLEKRMENL
NKKVDDGFLDIWTYNAELLVLLENERTLDFHDSNVKNLYEKVKNQLRNNAKEIGNGCFEFYHKCNNECMESVKNGTYDYP
KYSEEFLVPR
;
a,b,c,d,e,f
#
loop_
_chem_comp.id
_chem_comp.type
_chem_comp.name
_chem_comp.formula
BMA D-saccharide, beta linking beta-D-mannopyranose 'C6 H12 O6'
EDO non-polymer 1,2-ETHANEDIOL 'C2 H6 O2'
IOD non-polymer 'IODIDE ION' 'I -1'
MAN D-saccharide, alpha linking alpha-D-mannopyranose 'C6 H12 O6'
NAG D-saccharide, beta linking 2-acetamido-2-deoxy-beta-D-glucopyranose 'C8 H15 N O6'
#
# COMPACT_ATOMS: atom_id res chain seq x y z
N SER A 2 -36.81 -43.35 32.23
CA SER A 2 -35.70 -44.03 31.55
C SER A 2 -34.76 -43.01 30.92
N ASP A 3 -33.47 -43.33 30.89
CA ASP A 3 -32.46 -42.42 30.39
C ASP A 3 -32.28 -42.59 28.89
N THR A 4 -31.91 -41.49 28.22
CA THR A 4 -31.75 -41.51 26.77
C THR A 4 -30.52 -40.70 26.36
N ILE A 5 -29.97 -41.04 25.20
CA ILE A 5 -29.00 -40.22 24.51
C ILE A 5 -29.39 -40.18 23.04
N CYS A 6 -29.30 -38.99 22.44
CA CYS A 6 -29.75 -38.78 21.07
C CYS A 6 -28.62 -38.15 20.25
N ILE A 7 -28.69 -38.36 18.94
CA ILE A 7 -27.76 -37.77 17.99
C ILE A 7 -28.51 -36.76 17.15
N GLY A 8 -27.94 -35.56 17.02
CA GLY A 8 -28.58 -34.50 16.26
C GLY A 8 -27.59 -33.54 15.64
N TYR A 9 -28.08 -32.43 15.09
CA TYR A 9 -27.24 -31.50 14.36
C TYR A 9 -27.67 -30.07 14.66
N HIS A 10 -26.88 -29.13 14.15
CA HIS A 10 -27.00 -27.73 14.49
C HIS A 10 -28.19 -27.07 13.77
N ALA A 11 -28.75 -26.04 14.40
CA ALA A 11 -29.71 -25.15 13.77
C ALA A 11 -29.62 -23.79 14.44
N ASN A 12 -29.87 -22.74 13.66
CA ASN A 12 -29.77 -21.38 14.19
C ASN A 12 -30.89 -20.54 13.57
N ASN A 13 -30.84 -19.24 13.84
CA ASN A 13 -31.80 -18.28 13.32
C ASN A 13 -31.49 -17.83 11.89
N SER A 14 -30.48 -18.41 11.25
CA SER A 14 -30.03 -17.91 9.96
C SER A 14 -31.10 -18.09 8.90
N THR A 15 -31.12 -17.17 7.94
CA THR A 15 -32.04 -17.22 6.81
C THR A 15 -31.30 -17.21 5.48
N ASP A 16 -29.98 -17.42 5.48
CA ASP A 16 -29.24 -17.52 4.23
C ASP A 16 -29.82 -18.65 3.38
N THR A 17 -29.94 -18.40 2.09
CA THR A 17 -30.43 -19.39 1.14
C THR A 17 -29.39 -19.59 0.06
N VAL A 18 -29.22 -20.85 -0.35
CA VAL A 18 -28.37 -21.21 -1.46
C VAL A 18 -29.16 -22.08 -2.42
N ASP A 19 -28.67 -22.16 -3.65
CA ASP A 19 -29.24 -23.05 -4.65
C ASP A 19 -28.43 -24.33 -4.73
N THR A 20 -29.12 -25.46 -4.87
CA THR A 20 -28.50 -26.74 -5.13
C THR A 20 -28.94 -27.23 -6.50
N VAL A 21 -28.32 -28.33 -6.95
CA VAL A 21 -28.67 -28.86 -8.26
C VAL A 21 -30.05 -29.52 -8.22
N LEU A 22 -30.47 -30.02 -7.06
CA LEU A 22 -31.76 -30.67 -6.92
C LEU A 22 -32.85 -29.74 -6.41
N GLU A 23 -32.49 -28.66 -5.72
CA GLU A 23 -33.47 -27.81 -5.05
C GLU A 23 -33.00 -26.36 -5.03
N LYS A 24 -33.90 -25.44 -5.35
CA LYS A 24 -33.63 -24.01 -5.28
C LYS A 24 -34.05 -23.43 -3.94
N ASN A 25 -33.43 -22.30 -3.57
CA ASN A 25 -33.83 -21.51 -2.40
C ASN A 25 -33.86 -22.37 -1.13
N VAL A 26 -32.69 -22.90 -0.79
CA VAL A 26 -32.53 -23.80 0.35
C VAL A 26 -31.94 -23.01 1.52
N THR A 27 -32.67 -22.96 2.62
CA THR A 27 -32.24 -22.22 3.80
C THR A 27 -31.16 -23.01 4.54
N VAL A 28 -29.99 -22.39 4.74
CA VAL A 28 -28.84 -23.04 5.34
C VAL A 28 -28.37 -22.22 6.54
N THR A 29 -27.49 -22.83 7.33
CA THR A 29 -27.05 -22.24 8.59
C THR A 29 -25.87 -21.27 8.38
N HIS A 30 -24.85 -21.70 7.65
CA HIS A 30 -23.67 -20.88 7.41
C HIS A 30 -23.28 -20.99 5.94
N SER A 31 -22.85 -19.88 5.35
CA SER A 31 -22.47 -19.89 3.94
C SER A 31 -21.44 -18.78 3.67
N VAL A 32 -20.75 -18.91 2.53
CA VAL A 32 -19.72 -17.96 2.13
C VAL A 32 -20.02 -17.51 0.70
N ASN A 33 -19.80 -16.22 0.43
CA ASN A 33 -20.07 -15.65 -0.89
C ASN A 33 -18.87 -15.84 -1.82
N LEU A 34 -19.16 -16.16 -3.08
CA LEU A 34 -18.12 -16.30 -4.10
C LEU A 34 -18.15 -15.22 -5.16
N LEU A 35 -19.15 -14.33 -5.16
CA LEU A 35 -19.36 -13.38 -6.23
C LEU A 35 -19.17 -11.96 -5.71
N GLU A 36 -18.19 -11.25 -6.27
CA GLU A 36 -17.97 -9.85 -5.92
C GLU A 36 -19.07 -9.00 -6.53
N ASP A 37 -19.76 -8.23 -5.68
CA ASP A 37 -21.04 -7.63 -6.04
C ASP A 37 -21.04 -6.11 -6.08
N SER A 38 -20.04 -5.44 -5.52
CA SER A 38 -20.07 -4.00 -5.38
C SER A 38 -18.69 -3.40 -5.65
N HIS A 39 -18.67 -2.10 -5.93
CA HIS A 39 -17.46 -1.32 -6.09
C HIS A 39 -17.52 -0.10 -5.19
N ASN A 40 -16.41 0.62 -5.10
CA ASN A 40 -16.32 1.81 -4.26
C ASN A 40 -16.53 3.11 -5.03
N GLY A 41 -16.77 3.05 -6.33
CA GLY A 41 -17.04 4.24 -7.11
C GLY A 41 -15.88 5.19 -7.28
N LYS A 42 -14.65 4.75 -7.02
CA LYS A 42 -13.50 5.63 -7.11
C LYS A 42 -12.42 4.98 -7.97
N LEU A 43 -11.66 5.81 -8.67
CA LEU A 43 -10.48 5.36 -9.40
C LEU A 43 -9.32 5.24 -8.43
N CYS A 44 -8.78 4.05 -8.28
CA CYS A 44 -7.74 3.78 -7.30
C CYS A 44 -6.42 3.52 -8.00
N ARG A 45 -5.40 3.28 -7.18
CA ARG A 45 -4.06 3.01 -7.66
C ARG A 45 -3.91 1.51 -7.89
N LEU A 46 -3.40 1.14 -9.06
CA LEU A 46 -3.04 -0.25 -9.31
C LEU A 46 -1.56 -0.43 -9.03
N LYS A 47 -1.23 -1.53 -8.36
CA LYS A 47 0.15 -1.80 -7.96
C LYS A 47 0.76 -0.63 -7.20
N GLY A 48 -0.08 0.11 -6.46
CA GLY A 48 0.39 1.24 -5.70
C GLY A 48 0.67 2.50 -6.50
N ILE A 49 0.44 2.49 -7.82
CA ILE A 49 0.73 3.64 -8.68
C ILE A 49 -0.59 4.25 -9.13
N ALA A 50 -0.70 5.57 -9.02
CA ALA A 50 -1.93 6.25 -9.37
C ALA A 50 -2.11 6.33 -10.88
N PRO A 51 -3.34 6.33 -11.36
CA PRO A 51 -3.59 6.47 -12.80
C PRO A 51 -3.39 7.92 -13.25
N LEU A 52 -3.27 8.08 -14.56
CA LEU A 52 -3.25 9.41 -15.18
C LEU A 52 -4.66 9.76 -15.59
N GLN A 53 -5.28 10.71 -14.89
CA GLN A 53 -6.66 11.09 -15.18
C GLN A 53 -6.64 12.40 -15.96
N LEU A 54 -7.03 12.32 -17.22
CA LEU A 54 -7.23 13.51 -18.05
C LEU A 54 -8.64 14.02 -17.84
N GLY A 55 -8.80 15.33 -17.84
CA GLY A 55 -10.05 15.98 -17.51
C GLY A 55 -10.77 16.43 -18.77
N LYS A 56 -10.49 17.65 -19.23
CA LYS A 56 -11.16 18.17 -20.41
C LYS A 56 -10.69 17.51 -21.71
N CYS A 57 -9.54 16.85 -21.70
CA CYS A 57 -8.90 16.37 -22.91
C CYS A 57 -8.87 14.84 -23.01
N ASN A 58 -8.78 14.36 -24.25
CA ASN A 58 -8.49 12.96 -24.50
C ASN A 58 -6.97 12.79 -24.67
N ILE A 59 -6.55 11.55 -24.96
CA ILE A 59 -5.12 11.26 -25.04
C ILE A 59 -4.48 12.05 -26.18
N ALA A 60 -5.22 12.22 -27.29
CA ALA A 60 -4.70 13.01 -28.41
C ALA A 60 -4.38 14.44 -27.98
N GLY A 61 -5.37 15.13 -27.41
CA GLY A 61 -5.16 16.52 -27.01
C GLY A 61 -4.13 16.69 -25.91
N TRP A 62 -4.04 15.73 -24.99
CA TRP A 62 -3.09 15.86 -23.89
C TRP A 62 -1.66 15.69 -24.39
N ILE A 63 -1.41 14.72 -25.26
CA ILE A 63 -0.04 14.47 -25.70
C ILE A 63 0.42 15.54 -26.69
N LEU A 64 -0.50 16.14 -27.44
CA LEU A 64 -0.12 17.18 -28.38
C LEU A 64 0.02 18.54 -27.69
N GLY A 65 -0.74 18.79 -26.63
CA GLY A 65 -0.69 20.06 -25.96
C GLY A 65 -1.80 21.00 -26.38
N ASN A 66 -3.00 20.45 -26.56
CA ASN A 66 -4.17 21.26 -26.82
C ASN A 66 -4.28 22.33 -25.72
N PRO A 67 -4.53 23.59 -26.08
CA PRO A 67 -4.46 24.67 -25.07
C PRO A 67 -5.41 24.53 -23.89
N GLU A 68 -6.33 23.58 -23.90
CA GLU A 68 -7.27 23.40 -22.80
C GLU A 68 -6.87 22.27 -21.86
N CYS A 69 -5.69 21.68 -22.03
CA CYS A 69 -5.23 20.56 -21.23
C CYS A 69 -4.15 21.03 -20.26
N GLU A 70 -4.16 20.47 -19.07
CA GLU A 70 -3.12 20.75 -18.09
C GLU A 70 -1.84 20.00 -18.44
N SER A 71 -0.72 20.69 -18.28
CA SER A 71 0.58 20.13 -18.61
C SER A 71 1.21 19.46 -17.39
N LEU A 72 2.11 18.51 -17.66
CA LEU A 72 2.84 17.81 -16.61
C LEU A 72 4.10 18.60 -16.30
N LEU A 73 4.27 18.97 -15.03
CA LEU A 73 5.42 19.77 -14.63
C LEU A 73 6.60 18.92 -14.19
N SER A 74 6.33 17.83 -13.46
CA SER A 74 7.37 16.96 -12.94
C SER A 74 7.37 15.63 -13.67
N LYS A 75 8.46 14.89 -13.52
CA LYS A 75 8.55 13.53 -14.04
C LYS A 75 7.52 12.64 -13.34
N ARG A 76 6.63 12.04 -14.11
CA ARG A 76 5.49 11.31 -13.58
C ARG A 76 5.59 9.82 -13.94
N SER A 77 4.55 9.10 -13.55
CA SER A 77 4.39 7.68 -13.82
C SER A 77 2.94 7.32 -13.52
N TRP A 78 2.41 6.32 -14.22
CA TRP A 78 1.04 5.91 -13.99
C TRP A 78 0.86 4.46 -14.39
N SER A 79 -0.11 3.80 -13.74
CA SER A 79 -0.41 2.40 -14.00
C SER A 79 -1.46 2.20 -15.08
N TYR A 80 -2.36 3.18 -15.25
CA TYR A 80 -3.32 3.16 -16.35
C TYR A 80 -3.78 4.60 -16.59
N ILE A 81 -4.53 4.78 -17.66
CA ILE A 81 -5.06 6.08 -18.07
C ILE A 81 -6.58 6.06 -17.96
N ALA A 82 -7.14 7.11 -17.36
CA ALA A 82 -8.58 7.27 -17.23
C ALA A 82 -8.98 8.60 -17.87
N GLU A 83 -9.90 8.54 -18.82
CA GLU A 83 -10.44 9.74 -19.45
C GLU A 83 -11.94 9.83 -19.18
N THR A 84 -12.44 11.06 -19.13
CA THR A 84 -13.81 11.34 -18.78
C THR A 84 -14.75 11.21 -19.99
N PRO A 85 -16.03 10.92 -19.76
CA PRO A 85 -17.01 11.08 -20.83
C PRO A 85 -17.12 12.52 -21.31
N ASN A 86 -16.60 13.49 -20.55
CA ASN A 86 -16.57 14.88 -20.95
C ASN A 86 -15.20 15.30 -21.47
N SER A 87 -14.50 14.39 -22.14
CA SER A 87 -13.18 14.65 -22.73
C SER A 87 -13.36 14.85 -24.23
N GLU A 88 -13.68 16.08 -24.63
CA GLU A 88 -13.95 16.38 -26.03
C GLU A 88 -12.89 17.29 -26.66
N ASN A 89 -11.78 17.52 -25.97
CA ASN A 89 -10.70 18.39 -26.49
C ASN A 89 -9.55 17.50 -26.97
N GLY A 90 -9.44 17.33 -28.28
CA GLY A 90 -8.37 16.54 -28.85
C GLY A 90 -7.54 17.31 -29.85
N THR A 91 -7.66 16.97 -31.12
CA THR A 91 -6.93 17.67 -32.18
C THR A 91 -7.80 18.86 -32.60
N CYS A 92 -7.53 20.02 -31.99
CA CYS A 92 -8.31 21.21 -32.27
C CYS A 92 -8.12 21.71 -33.70
N TYR A 93 -6.99 21.38 -34.34
CA TYR A 93 -6.87 21.61 -35.77
C TYR A 93 -7.17 20.29 -36.47
N PRO A 94 -8.15 20.24 -37.37
CA PRO A 94 -8.61 18.94 -37.89
C PRO A 94 -7.53 18.23 -38.68
N GLY A 95 -7.53 16.91 -38.58
CA GLY A 95 -6.58 16.08 -39.31
C GLY A 95 -6.68 14.65 -38.85
N ASP A 96 -5.82 13.82 -39.43
CA ASP A 96 -5.76 12.40 -39.09
C ASP A 96 -4.59 12.16 -38.15
N PHE A 97 -4.84 11.44 -37.06
CA PHE A 97 -3.82 11.02 -36.12
C PHE A 97 -3.39 9.60 -36.49
N ALA A 98 -2.14 9.44 -36.92
CA ALA A 98 -1.66 8.15 -37.39
C ALA A 98 -1.48 7.20 -36.21
N ASP A 99 -2.00 5.98 -36.37
CA ASP A 99 -1.84 4.91 -35.37
C ASP A 99 -2.19 5.39 -33.97
N TYR A 100 -3.32 6.09 -33.87
CA TYR A 100 -3.72 6.72 -32.62
C TYR A 100 -4.06 5.69 -31.55
N GLU A 101 -4.87 4.69 -31.89
CA GLU A 101 -5.20 3.64 -30.93
C GLU A 101 -3.95 2.92 -30.47
N GLU A 102 -2.98 2.73 -31.36
CA GLU A 102 -1.74 2.07 -30.95
C GLU A 102 -0.94 2.93 -29.98
N LEU A 103 -0.85 4.24 -30.24
CA LEU A 103 -0.16 5.13 -29.31
C LEU A 103 -0.83 5.12 -27.94
N ARG A 104 -2.16 5.00 -27.92
CA ARG A 104 -2.87 4.95 -26.65
C ARG A 104 -2.52 3.69 -25.87
N GLU A 105 -2.46 2.55 -26.55
CA GLU A 105 -2.12 1.29 -25.89
C GLU A 105 -0.70 1.30 -25.34
N GLN A 106 0.22 2.00 -25.99
CA GLN A 106 1.62 2.00 -25.60
C GLN A 106 1.93 3.01 -24.51
N LEU A 107 1.14 4.08 -24.41
CA LEU A 107 1.23 5.04 -23.32
C LEU A 107 0.35 4.68 -22.13
N SER A 108 -0.33 3.54 -22.15
CA SER A 108 -1.31 3.24 -21.11
C SER A 108 -0.66 3.13 -19.73
N SER A 109 0.58 2.64 -19.67
CA SER A 109 1.29 2.52 -18.40
C SER A 109 2.75 2.87 -18.65
N VAL A 110 3.28 3.82 -17.91
CA VAL A 110 4.69 4.19 -18.01
C VAL A 110 5.27 4.26 -16.60
N SER A 111 6.55 3.93 -16.49
CA SER A 111 7.24 3.94 -15.20
C SER A 111 8.04 5.21 -14.98
N SER A 112 8.36 5.95 -16.03
CA SER A 112 8.90 7.29 -15.94
C SER A 112 8.43 8.04 -17.18
N PHE A 113 8.23 9.35 -17.05
CA PHE A 113 7.64 10.13 -18.13
C PHE A 113 8.01 11.59 -17.91
N GLU A 114 8.99 12.07 -18.68
CA GLU A 114 9.48 13.43 -18.57
C GLU A 114 9.24 14.18 -19.88
N ARG A 115 8.63 15.35 -19.78
CA ARG A 115 8.44 16.24 -20.91
C ARG A 115 9.59 17.25 -20.95
N PHE A 116 10.23 17.37 -22.11
CA PHE A 116 11.41 18.22 -22.25
C PHE A 116 11.42 18.87 -23.62
N GLU A 117 12.03 20.06 -23.69
CA GLU A 117 12.18 20.81 -24.95
C GLU A 117 13.18 20.10 -25.85
N ILE A 118 12.69 19.37 -26.84
CA ILE A 118 13.59 18.69 -27.76
C ILE A 118 14.18 19.67 -28.76
N PHE A 119 13.36 20.60 -29.28
CA PHE A 119 13.78 21.63 -30.22
C PHE A 119 13.33 22.97 -29.66
N PRO A 120 14.16 23.64 -28.86
CA PRO A 120 13.75 24.92 -28.24
C PRO A 120 13.29 25.94 -29.26
N LYS A 121 12.06 26.43 -29.07
CA LYS A 121 11.41 27.29 -30.05
C LYS A 121 12.25 28.53 -30.35
N GLU A 122 12.82 29.15 -29.32
CA GLU A 122 13.43 30.46 -29.48
C GLU A 122 14.81 30.41 -30.13
N ARG A 123 15.43 29.25 -30.22
CA ARG A 123 16.80 29.18 -30.72
C ARG A 123 17.05 28.11 -31.77
N SER A 124 16.05 27.29 -32.10
CA SER A 124 16.27 26.21 -33.05
C SER A 124 15.98 26.62 -34.49
N TRP A 125 15.21 27.68 -34.71
CA TRP A 125 14.76 28.05 -36.06
C TRP A 125 15.08 29.51 -36.34
N PRO A 126 16.36 29.84 -36.54
CA PRO A 126 16.73 31.24 -36.74
C PRO A 126 16.29 31.81 -38.08
N LYS A 127 15.99 30.97 -39.08
CA LYS A 127 15.66 31.43 -40.42
C LYS A 127 14.24 31.04 -40.84
N HIS A 128 13.33 30.96 -39.87
CA HIS A 128 11.92 30.72 -40.12
C HIS A 128 11.12 31.53 -39.11
N ASN A 129 9.84 31.76 -39.40
CA ASN A 129 8.98 32.50 -38.49
C ASN A 129 8.37 31.54 -37.47
N ILE A 130 8.50 31.86 -36.19
CA ILE A 130 8.04 30.99 -35.11
C ILE A 130 6.85 31.57 -34.37
N THR A 131 6.35 32.74 -34.77
CA THR A 131 5.24 33.39 -34.06
C THR A 131 3.93 33.38 -34.83
N ARG A 132 3.96 33.20 -36.15
CA ARG A 132 2.74 33.23 -36.94
C ARG A 132 1.88 32.00 -36.72
N GLY A 133 2.48 30.90 -36.28
CA GLY A 133 1.80 29.62 -36.20
C GLY A 133 0.72 29.49 -35.14
N VAL A 134 -0.34 30.30 -35.26
CA VAL A 134 -1.51 30.19 -34.40
C VAL A 134 -2.75 30.09 -35.29
N THR A 135 -3.86 29.68 -34.68
CA THR A 135 -5.09 29.44 -35.40
C THR A 135 -6.27 29.60 -34.45
N ALA A 136 -7.40 30.04 -35.01
CA ALA A 136 -8.61 30.21 -34.21
C ALA A 136 -9.21 28.88 -33.77
N ALA A 137 -8.89 27.78 -34.47
CA ALA A 137 -9.40 26.48 -34.08
C ALA A 137 -8.83 26.04 -32.73
N CYS A 138 -7.57 26.39 -32.46
CA CYS A 138 -6.94 26.07 -31.19
C CYS A 138 -6.78 27.32 -30.34
N SER A 139 -7.89 27.98 -30.01
CA SER A 139 -7.85 29.23 -29.28
C SER A 139 -7.92 28.98 -27.79
N HIS A 140 -7.20 29.82 -27.03
CA HIS A 140 -7.23 29.79 -25.58
C HIS A 140 -7.51 31.20 -25.08
N ALA A 141 -8.50 31.33 -24.20
CA ALA A 141 -8.85 32.61 -23.58
C ALA A 141 -9.20 33.68 -24.62
N GLY A 142 -9.91 33.27 -25.68
CA GLY A 142 -10.42 34.19 -26.68
C GLY A 142 -9.40 34.70 -27.69
N LYS A 143 -8.12 34.41 -27.51
CA LYS A 143 -7.08 34.76 -28.46
C LYS A 143 -6.58 33.50 -29.16
N SER A 144 -6.05 33.69 -30.37
CA SER A 144 -5.58 32.55 -31.16
C SER A 144 -4.35 31.93 -30.49
N SER A 145 -4.29 30.60 -30.52
CA SER A 145 -3.18 29.88 -29.91
C SER A 145 -2.88 28.65 -30.77
N PHE A 146 -2.22 27.66 -30.17
CA PHE A 146 -1.78 26.46 -30.87
C PHE A 146 -1.34 25.44 -29.84
N TYR A 147 -0.92 24.26 -30.31
CA TYR A 147 -0.46 23.20 -29.42
C TYR A 147 0.78 23.67 -28.65
N LYS A 148 0.85 23.29 -27.37
CA LYS A 148 1.98 23.70 -26.54
C LYS A 148 3.22 22.86 -26.78
N ASN A 149 3.11 21.72 -27.47
CA ASN A 149 4.24 20.83 -27.73
C ASN A 149 4.67 20.82 -29.19
N LEU A 150 4.03 21.62 -30.04
CA LEU A 150 4.40 21.71 -31.45
C LEU A 150 4.59 23.17 -31.83
N LEU A 151 5.25 23.37 -32.98
CA LEU A 151 5.56 24.70 -33.49
C LEU A 151 5.20 24.74 -34.97
N TRP A 152 4.35 25.69 -35.35
CA TRP A 152 3.88 25.81 -36.74
C TRP A 152 4.80 26.81 -37.44
N LEU A 153 5.84 26.29 -38.10
CA LEU A 153 6.79 27.15 -38.78
C LEU A 153 6.20 27.72 -40.06
N THR A 154 6.50 28.98 -40.32
CA THR A 154 6.03 29.68 -41.51
C THR A 154 7.16 30.52 -42.09
N GLU A 155 6.91 31.09 -43.26
CA GLU A 155 7.92 31.84 -43.99
C GLU A 155 8.37 33.09 -43.25
N THR A 156 9.51 33.62 -43.66
CA THR A 156 9.99 34.91 -43.18
C THR A 156 10.79 35.57 -44.29
N ASN A 157 10.63 36.90 -44.41
CA ASN A 157 11.28 37.69 -45.47
C ASN A 157 10.95 37.15 -46.86
N GLY A 158 9.82 36.45 -47.00
CA GLY A 158 9.41 35.96 -48.30
C GLY A 158 9.98 34.61 -48.70
N SER A 159 10.52 33.84 -47.75
CA SER A 159 11.14 32.57 -48.09
C SER A 159 10.98 31.58 -46.94
N TYR A 160 11.03 30.30 -47.28
CA TYR A 160 11.04 29.20 -46.33
C TYR A 160 12.15 28.27 -46.76
N PRO A 161 13.39 28.52 -46.35
CA PRO A 161 14.50 27.67 -46.79
C PRO A 161 14.40 26.28 -46.19
N LYS A 162 15.06 25.33 -46.87
CA LYS A 162 15.06 23.95 -46.39
C LYS A 162 15.80 23.89 -45.06
N LEU A 163 15.20 23.21 -44.09
CA LEU A 163 15.76 23.09 -42.75
C LEU A 163 16.17 21.65 -42.48
N SER A 164 17.15 21.49 -41.58
CA SER A 164 17.58 20.16 -41.16
C SER A 164 18.03 20.23 -39.71
N LYS A 165 17.12 19.91 -38.79
CA LYS A 165 17.40 19.89 -37.36
C LYS A 165 17.41 18.45 -36.89
N SER A 166 18.44 18.08 -36.13
CA SER A 166 18.63 16.71 -35.67
C SER A 166 18.58 16.69 -34.15
N TYR A 167 18.13 15.56 -33.62
CA TYR A 167 18.14 15.35 -32.18
C TYR A 167 18.74 13.98 -31.89
N VAL A 168 19.71 13.95 -30.98
CA VAL A 168 20.30 12.71 -30.52
C VAL A 168 19.72 12.38 -29.16
N ASN A 169 19.26 11.15 -28.98
CA ASN A 169 18.62 10.72 -27.74
C ASN A 169 19.72 10.43 -26.72
N ASN A 170 20.15 11.47 -26.00
CA ASN A 170 21.12 11.25 -24.93
C ASN A 170 20.48 10.75 -23.64
N LYS A 171 19.15 10.71 -23.57
CA LYS A 171 18.50 10.07 -22.44
C LYS A 171 18.67 8.55 -22.57
N GLU A 172 18.54 7.85 -21.44
CA GLU A 172 18.72 6.41 -21.42
C GLU A 172 17.40 5.67 -21.51
N LYS A 173 16.41 6.25 -22.16
CA LYS A 173 15.11 5.61 -22.33
C LYS A 173 14.55 6.05 -23.68
N GLU A 174 13.39 5.51 -24.03
CA GLU A 174 12.74 5.89 -25.27
C GLU A 174 12.38 7.38 -25.25
N VAL A 175 12.29 7.97 -26.42
CA VAL A 175 11.83 9.36 -26.56
C VAL A 175 10.71 9.37 -27.59
N LEU A 176 9.49 9.60 -27.13
CA LEU A 176 8.35 9.73 -28.02
C LEU A 176 8.40 11.10 -28.67
N VAL A 177 8.54 11.14 -29.99
CA VAL A 177 8.59 12.37 -30.75
C VAL A 177 7.33 12.45 -31.61
N LEU A 178 6.61 13.57 -31.51
CA LEU A 178 5.43 13.81 -32.33
C LEU A 178 5.67 15.03 -33.22
N TRP A 179 5.05 15.01 -34.39
CA TRP A 179 5.17 16.11 -35.34
C TRP A 179 3.96 16.08 -36.27
N GLY A 180 3.82 17.13 -37.07
CA GLY A 180 2.70 17.23 -37.98
C GLY A 180 3.13 17.70 -39.34
N VAL A 181 2.27 17.41 -40.32
CA VAL A 181 2.42 17.89 -41.68
C VAL A 181 1.14 18.65 -42.05
N HIS A 182 1.29 19.88 -42.50
CA HIS A 182 0.17 20.76 -42.77
C HIS A 182 -0.25 20.64 -44.22
N HIS A 183 -1.56 20.48 -44.44
CA HIS A 183 -2.13 20.37 -45.79
C HIS A 183 -3.09 21.52 -46.00
N PRO A 184 -2.68 22.57 -46.71
CA PRO A 184 -3.57 23.73 -46.89
C PRO A 184 -4.77 23.39 -47.76
N SER A 185 -5.74 24.30 -47.73
CA SER A 185 -6.97 24.13 -48.48
C SER A 185 -6.88 24.63 -49.91
N ASN A 186 -5.98 25.58 -50.19
CA ASN A 186 -5.83 26.13 -51.52
C ASN A 186 -4.37 26.49 -51.75
N ILE A 187 -4.03 26.67 -53.03
CA ILE A 187 -2.65 26.96 -53.39
C ILE A 187 -2.22 28.34 -52.91
N GLU A 188 -3.17 29.26 -52.72
CA GLU A 188 -2.82 30.59 -52.23
C GLU A 188 -2.31 30.54 -50.80
N ASP A 189 -2.98 29.78 -49.94
CA ASP A 189 -2.50 29.62 -48.56
C ASP A 189 -1.19 28.85 -48.52
N GLN A 190 -0.98 27.93 -49.46
CA GLN A 190 0.29 27.21 -49.53
C GLN A 190 1.43 28.15 -49.91
N LYS A 191 1.18 29.06 -50.86
CA LYS A 191 2.22 30.01 -51.24
C LYS A 191 2.47 31.03 -50.14
N THR A 192 1.41 31.47 -49.45
CA THR A 192 1.56 32.46 -48.39
C THR A 192 2.40 31.93 -47.24
N LEU A 193 2.13 30.69 -46.81
CA LEU A 193 2.75 30.17 -45.61
C LEU A 193 4.15 29.60 -45.87
N TYR A 194 4.39 29.04 -47.05
CA TYR A 194 5.61 28.29 -47.30
C TYR A 194 6.38 28.69 -48.55
N ARG A 195 5.90 29.70 -49.30
CA ARG A 195 6.67 30.30 -50.40
C ARG A 195 7.14 29.27 -51.42
N LYS A 196 6.37 28.20 -51.59
CA LYS A 196 6.64 27.16 -52.56
C LYS A 196 5.34 26.50 -52.95
N GLU A 197 5.28 26.04 -54.20
CA GLU A 197 4.13 25.26 -54.61
C GLU A 197 4.29 23.81 -54.17
N ASN A 198 5.48 23.24 -54.36
CA ASN A 198 5.77 21.85 -54.07
C ASN A 198 6.81 21.79 -52.95
N ALA A 199 6.37 21.41 -51.75
CA ALA A 199 7.26 21.23 -50.62
C ALA A 199 7.26 19.76 -50.19
N TYR A 200 8.12 19.44 -49.22
CA TYR A 200 8.19 18.09 -48.68
C TYR A 200 8.69 18.14 -47.25
N VAL A 201 8.25 17.16 -46.46
CA VAL A 201 8.72 16.94 -45.10
C VAL A 201 9.29 15.53 -45.02
N SER A 202 10.47 15.40 -44.40
CA SER A 202 11.15 14.11 -44.28
C SER A 202 11.56 13.90 -42.83
N VAL A 203 11.04 12.85 -42.22
CA VAL A 203 11.38 12.45 -40.86
C VAL A 203 12.04 11.08 -40.92
N VAL A 204 13.26 10.96 -40.39
CA VAL A 204 14.03 9.73 -40.49
C VAL A 204 14.71 9.44 -39.16
N SER A 205 14.88 8.16 -38.88
CA SER A 205 15.69 7.68 -37.76
C SER A 205 16.42 6.42 -38.21
N SER A 206 16.79 5.57 -37.25
CA SER A 206 17.40 4.30 -37.60
C SER A 206 16.36 3.25 -37.97
N ASN A 207 15.14 3.34 -37.42
CA ASN A 207 14.07 2.41 -37.76
C ASN A 207 12.84 3.10 -38.36
N TYR A 208 12.80 4.43 -38.40
CA TYR A 208 11.69 5.17 -38.98
C TYR A 208 12.17 5.91 -40.23
N ASN A 209 11.41 5.81 -41.32
CA ASN A 209 11.82 6.39 -42.60
C ASN A 209 10.56 6.70 -43.40
N ARG A 210 10.14 7.97 -43.40
CA ARG A 210 8.92 8.38 -44.09
C ARG A 210 9.06 9.81 -44.63
N ARG A 211 8.61 10.00 -45.86
CA ARG A 211 8.57 11.30 -46.51
C ARG A 211 7.11 11.71 -46.75
N PHE A 212 6.79 12.97 -46.45
CA PHE A 212 5.43 13.47 -46.53
C PHE A 212 5.32 14.57 -47.57
N THR A 213 4.38 14.41 -48.50
CA THR A 213 4.07 15.41 -49.51
C THR A 213 2.71 16.04 -49.23
N PRO A 214 2.64 17.36 -49.11
CA PRO A 214 1.35 17.99 -48.81
C PRO A 214 0.34 17.85 -49.95
N GLU A 215 -0.89 17.54 -49.58
CA GLU A 215 -2.01 17.42 -50.52
C GLU A 215 -2.89 18.65 -50.35
N ILE A 216 -2.95 19.48 -51.39
CA ILE A 216 -3.67 20.75 -51.32
C ILE A 216 -5.03 20.54 -51.96
N ALA A 217 -6.09 20.78 -51.19
CA ALA A 217 -7.44 20.65 -51.74
C ALA A 217 -8.43 21.31 -50.78
N GLU A 218 -9.50 21.86 -51.34
CA GLU A 218 -10.56 22.46 -50.53
C GLU A 218 -11.41 21.36 -49.93
N ARG A 219 -11.50 21.34 -48.61
CA ARG A 219 -12.23 20.34 -47.85
C ARG A 219 -13.34 20.99 -47.02
N PRO A 220 -14.31 20.20 -46.56
CA PRO A 220 -15.31 20.76 -45.64
C PRO A 220 -14.64 21.27 -44.38
N LYS A 221 -15.20 22.34 -43.84
CA LYS A 221 -14.61 23.01 -42.69
C LYS A 221 -14.90 22.24 -41.39
N VAL A 222 -13.85 21.97 -40.63
CA VAL A 222 -13.97 21.42 -39.29
C VAL A 222 -13.29 22.38 -38.33
N ARG A 223 -13.99 22.77 -37.27
CA ARG A 223 -13.55 23.84 -36.37
C ARG A 223 -13.13 25.08 -37.17
N GLY A 224 -13.92 25.38 -38.20
CA GLY A 224 -13.68 26.51 -39.07
C GLY A 224 -12.55 26.35 -40.06
N GLN A 225 -11.83 25.23 -40.04
CA GLN A 225 -10.66 25.04 -40.88
C GLN A 225 -10.95 24.08 -42.02
N ALA A 226 -10.70 24.53 -43.24
CA ALA A 226 -10.80 23.67 -44.42
C ALA A 226 -9.50 22.92 -44.68
N GLY A 227 -8.39 23.37 -44.11
CA GLY A 227 -7.15 22.63 -44.19
C GLY A 227 -7.05 21.57 -43.12
N ARG A 228 -6.04 20.71 -43.26
CA ARG A 228 -5.81 19.62 -42.32
C ARG A 228 -4.35 19.58 -41.91
N MET A 229 -4.11 18.93 -40.78
CA MET A 229 -2.76 18.60 -40.32
C MET A 229 -2.78 17.14 -39.91
N ASN A 230 -1.97 16.31 -40.56
CA ASN A 230 -1.84 14.93 -40.11
C ASN A 230 -0.76 14.88 -39.05
N TYR A 231 -0.97 14.03 -38.05
CA TYR A 231 -0.09 13.93 -36.89
C TYR A 231 0.62 12.59 -36.91
N TYR A 232 1.92 12.61 -36.64
CA TYR A 232 2.73 11.41 -36.68
C TYR A 232 3.63 11.36 -35.46
N TRP A 233 4.02 10.14 -35.11
CA TRP A 233 4.85 9.90 -33.94
C TRP A 233 5.79 8.74 -34.23
N THR A 234 6.80 8.62 -33.37
CA THR A 234 7.74 7.51 -33.40
C THR A 234 8.42 7.44 -32.05
N LEU A 235 8.75 6.22 -31.62
CA LEU A 235 9.50 6.01 -30.38
C LEU A 235 10.98 5.91 -30.73
N LEU A 236 11.75 6.90 -30.28
CA LEU A 236 13.16 6.98 -30.61
C LEU A 236 13.95 6.23 -29.55
N GLU A 237 14.67 5.20 -29.97
CA GLU A 237 15.35 4.33 -29.04
C GLU A 237 16.57 5.03 -28.44
N PRO A 238 17.01 4.61 -27.26
CA PRO A 238 18.18 5.25 -26.63
C PRO A 238 19.40 5.20 -27.53
N GLY A 239 20.05 6.36 -27.67
CA GLY A 239 21.22 6.49 -28.50
C GLY A 239 20.94 6.80 -29.95
N ASP A 240 19.70 6.71 -30.40
CA ASP A 240 19.40 6.94 -31.80
C ASP A 240 19.23 8.43 -32.08
N THR A 241 19.43 8.81 -33.34
CA THR A 241 19.30 10.19 -33.79
C THR A 241 18.13 10.29 -34.76
N ILE A 242 17.31 11.32 -34.59
CA ILE A 242 16.19 11.61 -35.47
C ILE A 242 16.46 12.90 -36.24
N ILE A 243 16.14 12.91 -37.53
CA ILE A 243 16.43 14.02 -38.41
C ILE A 243 15.15 14.49 -39.10
N PHE A 244 14.83 15.77 -38.94
CA PHE A 244 13.74 16.42 -39.66
C PHE A 244 14.31 17.26 -40.80
N GLU A 245 13.84 17.01 -42.02
CA GLU A 245 14.22 17.79 -43.20
C GLU A 245 12.95 18.22 -43.92
N ALA A 246 12.79 19.53 -44.14
CA ALA A 246 11.51 20.05 -44.61
C ALA A 246 11.71 21.25 -45.53
N ASN A 247 10.80 21.36 -46.51
CA ASN A 247 10.66 22.51 -47.41
C ASN A 247 9.57 23.46 -46.96
N GLY A 248 8.74 23.03 -46.03
CA GLY A 248 7.53 23.73 -45.63
C GLY A 248 6.55 22.73 -45.07
N ASN A 249 5.44 23.25 -44.56
CA ASN A 249 4.32 22.46 -44.06
C ASN A 249 4.68 21.59 -42.87
N LEU A 250 5.84 21.80 -42.25
CA LEU A 250 6.25 20.99 -41.10
C LEU A 250 5.69 21.60 -39.82
N ILE A 251 4.90 20.81 -39.10
CA ILE A 251 4.50 21.16 -37.74
C ILE A 251 5.54 20.51 -36.84
N ALA A 252 6.60 21.28 -36.55
CA ALA A 252 7.79 20.75 -35.92
C ALA A 252 7.53 20.42 -34.44
N PRO A 253 8.21 19.40 -33.92
CA PRO A 253 8.14 19.16 -32.47
C PRO A 253 8.77 20.31 -31.71
N TRP A 254 8.14 20.66 -30.59
CA TRP A 254 8.67 21.65 -29.66
C TRP A 254 9.07 21.01 -28.35
N TYR A 255 8.20 20.17 -27.78
CA TYR A 255 8.52 19.33 -26.64
C TYR A 255 8.37 17.87 -27.03
N ALA A 256 9.21 17.03 -26.43
CA ALA A 256 9.13 15.57 -26.59
C ALA A 256 9.07 14.94 -25.21
N PHE A 257 9.07 13.60 -25.18
CA PHE A 257 8.83 12.88 -23.94
C PHE A 257 9.80 11.71 -23.81
N ALA A 258 10.66 11.78 -22.80
CA ALA A 258 11.48 10.63 -22.42
C ALA A 258 10.67 9.76 -21.48
N LEU A 259 10.47 8.50 -21.85
CA LEU A 259 9.58 7.63 -21.10
C LEU A 259 10.11 6.20 -21.10
N SER A 260 9.63 5.44 -20.12
CA SER A 260 9.89 4.01 -20.01
C SER A 260 8.54 3.30 -19.93
N ARG A 261 8.20 2.53 -20.97
CA ARG A 261 6.92 1.85 -20.97
C ARG A 261 6.92 0.67 -20.01
N GLY A 262 5.74 0.36 -19.48
CA GLY A 262 5.55 -0.69 -18.50
C GLY A 262 4.75 -1.85 -19.07
N PHE A 263 4.60 -2.87 -18.23
CA PHE A 263 3.76 -4.01 -18.60
C PHE A 263 2.38 -3.53 -19.03
N GLY A 264 2.05 -3.82 -20.28
CA GLY A 264 0.86 -3.33 -20.95
C GLY A 264 -0.39 -3.20 -20.10
N SER A 265 -0.93 -1.98 -20.02
CA SER A 265 -2.18 -1.69 -19.36
C SER A 265 -3.23 -1.29 -20.41
N GLY A 266 -4.15 -0.40 -20.03
CA GLY A 266 -5.20 0.03 -20.92
C GLY A 266 -5.83 1.33 -20.45
N ILE A 267 -6.94 1.68 -21.08
CA ILE A 267 -7.64 2.93 -20.80
C ILE A 267 -9.08 2.60 -20.43
N ILE A 268 -9.55 3.22 -19.34
CA ILE A 268 -10.95 3.14 -18.94
C ILE A 268 -11.58 4.52 -19.07
N THR A 269 -12.85 4.56 -19.47
CA THR A 269 -13.64 5.78 -19.49
C THR A 269 -14.54 5.82 -18.27
N SER A 270 -14.38 6.85 -17.44
CA SER A 270 -15.05 6.88 -16.14
C SER A 270 -15.40 8.30 -15.75
N ASN A 271 -16.66 8.53 -15.37
CA ASN A 271 -17.02 9.78 -14.73
C ASN A 271 -16.75 9.73 -13.23
N ALA A 272 -16.26 8.61 -12.71
CA ALA A 272 -16.00 8.48 -11.29
C ALA A 272 -14.75 9.27 -10.93
N SER A 273 -14.64 9.62 -9.66
CA SER A 273 -13.57 10.50 -9.25
C SER A 273 -12.36 9.71 -8.77
N MET A 274 -11.22 10.40 -8.76
CA MET A 274 -9.97 9.79 -8.33
C MET A 274 -9.88 9.88 -6.81
N ASP A 275 -9.43 8.80 -6.19
CA ASP A 275 -9.29 8.77 -4.75
C ASP A 275 -7.95 8.17 -4.35
N GLU A 276 -7.54 8.46 -3.11
CA GLU A 276 -6.30 7.93 -2.56
C GLU A 276 -6.58 6.54 -1.96
N CYS A 277 -6.81 5.59 -2.85
CA CYS A 277 -7.12 4.22 -2.48
C CYS A 277 -6.24 3.27 -3.26
N ASP A 278 -6.10 2.07 -2.73
CA ASP A 278 -5.33 1.00 -3.37
C ASP A 278 -6.26 -0.14 -3.72
N THR A 279 -6.13 -0.67 -4.93
CA THR A 279 -6.88 -1.83 -5.36
C THR A 279 -5.97 -2.75 -6.17
N LYS A 280 -6.42 -3.99 -6.32
CA LYS A 280 -5.79 -4.94 -7.22
C LYS A 280 -6.62 -5.14 -8.49
N CYS A 281 -7.77 -4.47 -8.59
CA CYS A 281 -8.65 -4.61 -9.74
C CYS A 281 -9.45 -3.32 -9.89
N GLN A 282 -9.38 -2.72 -11.08
CA GLN A 282 -10.07 -1.46 -11.35
C GLN A 282 -11.13 -1.66 -12.41
N THR A 283 -12.35 -1.26 -12.10
CA THR A 283 -13.52 -1.20 -12.96
C THR A 283 -13.83 0.26 -13.30
N PRO A 284 -14.30 0.56 -14.51
CA PRO A 284 -14.64 1.96 -14.83
C PRO A 284 -15.62 2.59 -13.85
N GLN A 285 -16.49 1.82 -13.20
CA GLN A 285 -17.41 2.41 -12.24
C GLN A 285 -16.76 2.59 -10.87
N GLY A 286 -15.76 1.78 -10.56
CA GLY A 286 -15.05 1.89 -9.28
C GLY A 286 -14.21 0.66 -9.05
N ALA A 287 -13.43 0.70 -7.97
CA ALA A 287 -12.53 -0.41 -7.65
C ALA A 287 -13.29 -1.51 -6.93
N ILE A 288 -12.82 -2.74 -7.10
CA ILE A 288 -13.46 -3.90 -6.49
C ILE A 288 -12.42 -4.74 -5.75
N ASN A 289 -12.90 -5.46 -4.75
CA ASN A 289 -12.07 -6.42 -4.04
C ASN A 289 -11.80 -7.63 -4.92
N SER A 290 -10.55 -8.09 -4.93
CA SER A 290 -10.11 -9.19 -5.76
C SER A 290 -9.98 -10.51 -4.99
N SER A 291 -10.63 -10.63 -3.84
CA SER A 291 -10.51 -11.84 -3.03
C SER A 291 -11.36 -12.98 -3.56
N LEU A 292 -12.58 -12.67 -3.99
CA LEU A 292 -13.48 -13.69 -4.51
C LEU A 292 -13.08 -14.07 -5.94
N PRO A 293 -13.41 -15.28 -6.39
CA PRO A 293 -13.02 -15.69 -7.74
C PRO A 293 -13.84 -15.08 -8.85
N PHE A 294 -15.01 -14.49 -8.55
CA PHE A 294 -15.89 -13.97 -9.58
C PHE A 294 -16.42 -12.60 -9.20
N GLN A 295 -16.68 -11.79 -10.23
CA GLN A 295 -17.31 -10.48 -10.08
C GLN A 295 -18.30 -10.26 -11.21
N ASN A 296 -19.35 -9.48 -10.96
CA ASN A 296 -20.35 -9.18 -11.97
C ASN A 296 -20.51 -7.68 -12.22
N ILE A 297 -19.48 -6.90 -11.91
CA ILE A 297 -19.59 -5.44 -12.03
C ILE A 297 -19.46 -5.01 -13.48
N HIS A 298 -18.37 -5.41 -14.14
CA HIS A 298 -18.10 -5.00 -15.51
C HIS A 298 -17.12 -5.97 -16.15
N PRO A 299 -17.27 -6.28 -17.44
CA PRO A 299 -16.30 -7.19 -18.08
C PRO A 299 -14.96 -6.55 -18.40
N VAL A 300 -14.90 -5.23 -18.54
CA VAL A 300 -13.68 -4.52 -18.92
C VAL A 300 -13.02 -4.04 -17.63
N THR A 301 -12.02 -4.80 -17.16
CA THR A 301 -11.31 -4.47 -15.94
C THR A 301 -9.81 -4.38 -16.23
N ILE A 302 -9.09 -3.82 -15.26
CA ILE A 302 -7.64 -3.71 -15.34
C ILE A 302 -7.06 -4.20 -14.01
N GLY A 303 -6.13 -5.16 -14.08
CA GLY A 303 -5.44 -5.64 -12.91
C GLY A 303 -5.59 -7.15 -12.80
N GLU A 304 -5.30 -7.66 -11.59
CA GLU A 304 -5.45 -9.07 -11.28
C GLU A 304 -6.86 -9.27 -10.76
N CYS A 305 -7.79 -9.54 -11.66
CA CYS A 305 -9.20 -9.40 -11.38
C CYS A 305 -9.91 -10.76 -11.32
N PRO A 306 -10.97 -10.87 -10.52
CA PRO A 306 -11.82 -12.06 -10.60
C PRO A 306 -12.54 -12.14 -11.93
N LYS A 307 -12.81 -13.37 -12.36
CA LYS A 307 -13.39 -13.58 -13.67
C LYS A 307 -14.81 -13.00 -13.70
N TYR A 308 -15.14 -12.34 -14.81
CA TYR A 308 -16.45 -11.71 -14.92
C TYR A 308 -17.51 -12.74 -15.33
N VAL A 309 -18.62 -12.76 -14.60
CA VAL A 309 -19.72 -13.67 -14.89
C VAL A 309 -21.02 -12.90 -14.90
N LYS A 310 -21.99 -13.42 -15.64
CA LYS A 310 -23.32 -12.82 -15.71
C LYS A 310 -24.20 -13.20 -14.53
N SER A 311 -23.63 -13.79 -13.49
CA SER A 311 -24.41 -14.29 -12.37
C SER A 311 -24.83 -13.16 -11.43
N THR A 312 -25.87 -13.43 -10.66
CA THR A 312 -26.33 -12.51 -9.62
C THR A 312 -26.14 -13.03 -8.22
N LYS A 313 -26.00 -14.35 -8.06
CA LYS A 313 -25.83 -14.96 -6.74
C LYS A 313 -24.94 -16.19 -6.89
N LEU A 314 -23.81 -16.20 -6.18
CA LEU A 314 -22.88 -17.34 -6.19
C LEU A 314 -22.31 -17.45 -4.77
N ARG A 315 -22.93 -18.26 -3.94
CA ARG A 315 -22.41 -18.53 -2.62
C ARG A 315 -22.47 -20.03 -2.34
N MET A 316 -21.45 -20.53 -1.67
CA MET A 316 -21.36 -21.94 -1.32
C MET A 316 -21.81 -22.16 0.11
N VAL A 317 -22.64 -23.18 0.31
CA VAL A 317 -23.05 -23.54 1.65
C VAL A 317 -21.88 -24.20 2.38
N THR A 318 -21.66 -23.80 3.63
CA THR A 318 -20.71 -24.47 4.49
C THR A 318 -21.39 -25.29 5.59
N GLY A 319 -22.49 -24.79 6.14
CA GLY A 319 -23.22 -25.47 7.19
C GLY A 319 -24.26 -26.43 6.67
N LEU A 320 -25.30 -26.65 7.47
CA LEU A 320 -26.33 -27.62 7.19
C LEU A 320 -27.62 -26.94 6.77
N ARG A 321 -28.63 -27.75 6.46
CA ARG A 321 -29.98 -27.24 6.27
C ARG A 321 -30.50 -26.69 7.61
N ASN A 322 -31.01 -25.47 7.59
CA ASN A 322 -31.51 -24.84 8.80
C ASN A 322 -32.95 -25.31 9.05
N ILE A 323 -33.12 -26.16 10.06
CA ILE A 323 -34.42 -26.72 10.41
C ILE A 323 -34.71 -26.40 11.87
N PRO A 324 -35.19 -25.18 12.20
CA PRO A 324 -35.52 -24.85 13.58
C PRO A 324 -36.95 -25.25 13.95
N GLY B 1 -30.90 -36.46 3.48
CA GLY B 1 -31.17 -36.38 2.06
C GLY B 1 -30.67 -37.59 1.31
N LEU B 2 -29.37 -37.60 0.99
CA LEU B 2 -28.78 -38.70 0.25
C LEU B 2 -28.46 -39.90 1.15
N PHE B 3 -28.13 -39.66 2.42
CA PHE B 3 -27.89 -40.73 3.38
C PHE B 3 -29.04 -40.90 4.37
N GLY B 4 -30.13 -40.15 4.22
CA GLY B 4 -31.35 -40.42 4.96
C GLY B 4 -31.37 -39.99 6.41
N ALA B 5 -30.39 -39.21 6.87
CA ALA B 5 -30.31 -38.84 8.28
C ALA B 5 -30.94 -37.49 8.58
N ILE B 6 -30.57 -36.44 7.84
CA ILE B 6 -31.01 -35.10 8.19
C ILE B 6 -32.46 -34.86 7.78
N ALA B 7 -32.75 -34.95 6.49
CA ALA B 7 -34.15 -34.90 6.09
C ALA B 7 -34.92 -36.18 6.44
N GLY B 8 -34.27 -37.15 7.08
CA GLY B 8 -34.86 -38.45 7.30
C GLY B 8 -35.15 -38.79 8.74
N PHE B 9 -34.55 -39.87 9.26
CA PHE B 9 -34.94 -40.39 10.56
C PHE B 9 -34.58 -39.45 11.71
N ILE B 10 -33.73 -38.46 11.48
CA ILE B 10 -33.56 -37.39 12.45
C ILE B 10 -34.25 -36.15 11.88
N GLU B 11 -35.52 -35.97 12.24
CA GLU B 11 -36.43 -35.12 11.47
C GLU B 11 -36.06 -33.65 11.48
N GLY B 12 -35.34 -33.17 12.51
CA GLY B 12 -35.09 -31.75 12.61
C GLY B 12 -33.81 -31.44 13.35
N GLY B 13 -33.47 -30.15 13.38
CA GLY B 13 -32.27 -29.68 14.01
C GLY B 13 -32.48 -29.20 15.44
N TRP B 14 -31.36 -29.01 16.13
CA TRP B 14 -31.34 -28.60 17.53
C TRP B 14 -30.81 -27.17 17.57
N THR B 15 -31.72 -26.20 17.70
CA THR B 15 -31.29 -24.82 17.91
C THR B 15 -30.60 -24.62 19.25
N GLY B 16 -30.81 -25.54 20.20
CA GLY B 16 -30.17 -25.46 21.51
C GLY B 16 -28.70 -25.81 21.51
N MET B 17 -28.20 -26.50 20.49
CA MET B 17 -26.79 -26.91 20.44
C MET B 17 -25.98 -25.86 19.69
N ILE B 18 -25.40 -24.92 20.45
CA ILE B 18 -24.56 -23.88 19.88
C ILE B 18 -23.08 -24.23 19.84
N ASP B 19 -22.67 -25.37 20.41
CA ASP B 19 -21.24 -25.65 20.54
C ASP B 19 -20.61 -26.16 19.24
N GLY B 20 -21.39 -26.78 18.37
CA GLY B 20 -20.83 -27.33 17.16
C GLY B 20 -21.90 -27.71 16.16
N TRP B 21 -21.47 -28.45 15.13
CA TRP B 21 -22.34 -28.82 14.02
C TRP B 21 -23.15 -30.09 14.31
N TYR B 22 -22.51 -31.10 14.89
CA TYR B 22 -23.18 -32.33 15.29
C TYR B 22 -22.90 -32.59 16.76
N GLY B 23 -23.83 -33.25 17.44
CA GLY B 23 -23.61 -33.55 18.84
C GLY B 23 -24.71 -34.41 19.42
N TYR B 24 -24.80 -34.38 20.76
CA TYR B 24 -25.68 -35.25 21.51
C TYR B 24 -26.60 -34.43 22.41
N HIS B 25 -27.74 -35.04 22.75
CA HIS B 25 -28.65 -34.53 23.78
C HIS B 25 -28.97 -35.69 24.71
N HIS B 26 -28.49 -35.62 25.96
CA HIS B 26 -28.72 -36.70 26.90
C HIS B 26 -29.83 -36.32 27.87
N GLN B 27 -30.44 -37.34 28.47
CA GLN B 27 -31.49 -37.13 29.47
C GLN B 27 -31.36 -38.24 30.49
N ASN B 28 -30.89 -37.90 31.70
CA ASN B 28 -30.84 -38.85 32.80
C ASN B 28 -31.33 -38.17 34.07
N GLU B 29 -31.35 -38.93 35.16
CA GLU B 29 -31.75 -38.38 36.45
C GLU B 29 -30.76 -37.37 36.97
N GLN B 30 -29.52 -37.36 36.43
CA GLN B 30 -28.50 -36.44 36.88
C GLN B 30 -28.62 -35.06 36.23
N GLY B 31 -29.31 -34.96 35.10
CA GLY B 31 -29.49 -33.69 34.43
C GLY B 31 -29.77 -33.89 32.96
N SER B 32 -29.70 -32.77 32.23
CA SER B 32 -29.97 -32.77 30.80
C SER B 32 -29.21 -31.61 30.16
N GLY B 33 -28.78 -31.80 28.92
CA GLY B 33 -28.10 -30.73 28.21
C GLY B 33 -27.72 -31.14 26.81
N TYR B 34 -27.34 -30.13 26.03
CA TYR B 34 -26.83 -30.31 24.68
C TYR B 34 -25.31 -30.27 24.71
N ALA B 35 -24.69 -31.16 23.93
CA ALA B 35 -23.24 -31.17 23.82
C ALA B 35 -22.85 -31.52 22.40
N ALA B 36 -21.88 -30.80 21.86
CA ALA B 36 -21.40 -31.07 20.51
C ALA B 36 -20.26 -32.08 20.55
N ASP B 37 -20.20 -32.92 19.52
CA ASP B 37 -19.12 -33.88 19.38
C ASP B 37 -18.01 -33.21 18.59
N GLN B 38 -17.02 -32.67 19.32
CA GLN B 38 -16.00 -31.85 18.68
C GLN B 38 -15.12 -32.65 17.74
N LYS B 39 -15.03 -33.97 17.90
CA LYS B 39 -14.26 -34.78 16.97
C LYS B 39 -14.88 -34.77 15.57
N SER B 40 -16.19 -34.98 15.49
CA SER B 40 -16.85 -35.04 14.20
C SER B 40 -17.04 -33.66 13.59
N THR B 41 -17.42 -32.66 14.39
CA THR B 41 -17.65 -31.32 13.84
C THR B 41 -16.34 -30.69 13.35
N GLN B 42 -15.23 -30.99 14.02
CA GLN B 42 -13.95 -30.43 13.60
C GLN B 42 -13.51 -31.01 12.26
N ASN B 43 -13.70 -32.31 12.07
CA ASN B 43 -13.37 -32.93 10.79
C ASN B 43 -14.21 -32.35 9.66
N ALA B 44 -15.44 -31.93 9.95
CA ALA B 44 -16.25 -31.28 8.92
C ALA B 44 -15.85 -29.83 8.73
N ILE B 45 -15.57 -29.12 9.81
CA ILE B 45 -15.07 -27.75 9.69
C ILE B 45 -13.76 -27.73 8.92
N ASN B 46 -12.92 -28.75 9.12
CA ASN B 46 -11.67 -28.82 8.37
C ASN B 46 -11.92 -29.15 6.91
N GLY B 47 -12.78 -30.14 6.65
CA GLY B 47 -13.03 -30.55 5.28
C GLY B 47 -13.71 -29.47 4.46
N ILE B 48 -14.74 -28.83 5.05
CA ILE B 48 -15.45 -27.77 4.33
C ILE B 48 -14.53 -26.58 4.07
N THR B 49 -13.69 -26.23 5.05
CA THR B 49 -12.76 -25.12 4.88
C THR B 49 -11.77 -25.39 3.76
N ASN B 50 -11.28 -26.62 3.66
CA ASN B 50 -10.38 -26.96 2.56
C ASN B 50 -11.12 -26.94 1.22
N LYS B 51 -12.41 -27.29 1.22
CA LYS B 51 -13.21 -27.19 0.00
C LYS B 51 -13.42 -25.74 -0.41
N VAL B 52 -13.81 -24.90 0.55
CA VAL B 52 -14.08 -23.49 0.23
C VAL B 52 -12.80 -22.80 -0.25
N ASN B 53 -11.66 -23.10 0.40
CA ASN B 53 -10.42 -22.49 -0.05
C ASN B 53 -9.99 -22.99 -1.42
N SER B 54 -10.34 -24.23 -1.77
CA SER B 54 -9.98 -24.73 -3.10
C SER B 54 -10.70 -23.98 -4.20
N VAL B 55 -11.98 -23.64 -4.01
CA VAL B 55 -12.70 -22.90 -5.03
C VAL B 55 -12.15 -21.49 -5.17
N ILE B 56 -11.80 -20.87 -4.05
CA ILE B 56 -11.36 -19.47 -4.09
C ILE B 56 -9.89 -19.36 -4.51
N GLU B 57 -9.00 -20.13 -3.88
CA GLU B 57 -7.57 -19.91 -4.05
C GLU B 57 -6.98 -20.55 -5.30
N LYS B 58 -7.64 -21.54 -5.88
CA LYS B 58 -7.15 -22.17 -7.09
C LYS B 58 -7.36 -21.31 -8.32
N MET B 59 -7.91 -20.11 -8.14
CA MET B 59 -8.12 -19.15 -9.22
C MET B 59 -6.83 -18.38 -9.40
N ASN B 60 -5.93 -18.93 -10.21
CA ASN B 60 -4.67 -18.27 -10.54
C ASN B 60 -4.94 -17.25 -11.64
N THR B 61 -4.83 -15.96 -11.30
CA THR B 61 -5.10 -14.89 -12.25
C THR B 61 -3.91 -13.94 -12.33
N GLN B 62 -3.49 -13.64 -13.55
CA GLN B 62 -2.40 -12.72 -13.83
C GLN B 62 -2.94 -11.32 -14.12
N PHE B 63 -2.01 -10.37 -14.30
CA PHE B 63 -2.38 -9.00 -14.63
C PHE B 63 -2.88 -8.92 -16.07
N THR B 64 -4.02 -8.26 -16.27
CA THR B 64 -4.62 -8.17 -17.60
C THR B 64 -5.36 -6.85 -17.72
N ALA B 65 -5.25 -6.22 -18.90
CA ALA B 65 -6.09 -5.09 -19.29
C ALA B 65 -7.07 -5.58 -20.35
N VAL B 66 -8.33 -5.75 -19.96
CA VAL B 66 -9.33 -6.34 -20.84
C VAL B 66 -9.59 -5.46 -22.05
N GLY B 67 -9.67 -4.15 -21.84
CA GLY B 67 -10.17 -3.26 -22.88
C GLY B 67 -9.24 -3.16 -24.09
N LYS B 68 -9.85 -3.12 -25.28
CA LYS B 68 -9.15 -2.90 -26.54
C LYS B 68 -9.86 -1.83 -27.36
N GLU B 69 -9.09 -1.01 -28.06
CA GLU B 69 -9.61 0.10 -28.84
C GLU B 69 -9.36 -0.14 -30.32
N PHE B 70 -10.38 0.09 -31.14
CA PHE B 70 -10.27 -0.03 -32.59
C PHE B 70 -10.97 1.15 -33.25
N ASN B 71 -10.60 1.39 -34.50
CA ASN B 71 -11.12 2.50 -35.29
C ASN B 71 -12.11 1.99 -36.33
N LYS B 72 -12.59 2.91 -37.16
CA LYS B 72 -13.69 2.61 -38.08
C LYS B 72 -13.33 1.51 -39.07
N LEU B 73 -12.06 1.34 -39.40
CA LEU B 73 -11.63 0.32 -40.36
C LEU B 73 -11.09 -0.93 -39.69
N GLU B 74 -11.48 -1.18 -38.43
CA GLU B 74 -11.03 -2.35 -37.69
C GLU B 74 -12.22 -3.05 -37.02
N LYS B 75 -13.40 -3.00 -37.65
CA LYS B 75 -14.58 -3.61 -37.05
C LYS B 75 -14.42 -5.10 -36.85
N ARG B 76 -13.73 -5.78 -37.77
CA ARG B 76 -13.51 -7.22 -37.61
C ARG B 76 -12.69 -7.51 -36.37
N MET B 77 -11.60 -6.77 -36.16
CA MET B 77 -10.82 -6.95 -34.94
C MET B 77 -11.68 -6.67 -33.71
N GLU B 78 -12.57 -5.70 -33.80
CA GLU B 78 -13.45 -5.41 -32.68
C GLU B 78 -14.39 -6.58 -32.40
N ASN B 79 -14.96 -7.18 -33.46
CA ASN B 79 -15.87 -8.31 -33.26
C ASN B 79 -15.12 -9.56 -32.82
N LEU B 80 -13.89 -9.77 -33.30
CA LEU B 80 -13.10 -10.89 -32.78
C LEU B 80 -12.80 -10.70 -31.30
N ASN B 81 -12.52 -9.45 -30.88
CA ASN B 81 -12.31 -9.19 -29.47
C ASN B 81 -13.58 -9.42 -28.67
N LYS B 82 -14.73 -8.96 -29.20
CA LYS B 82 -15.99 -9.21 -28.50
C LYS B 82 -16.25 -10.71 -28.38
N LYS B 83 -15.86 -11.48 -29.40
CA LYS B 83 -16.02 -12.92 -29.35
C LYS B 83 -15.15 -13.53 -28.27
N VAL B 84 -13.93 -13.00 -28.10
CA VAL B 84 -13.04 -13.51 -27.07
C VAL B 84 -13.57 -13.19 -25.69
N ASP B 85 -14.05 -11.96 -25.49
CA ASP B 85 -14.60 -11.58 -24.19
C ASP B 85 -15.89 -12.34 -23.89
N ASP B 86 -16.82 -12.36 -24.85
CA ASP B 86 -18.08 -13.06 -24.65
C ASP B 86 -17.89 -14.56 -24.52
N GLY B 87 -16.86 -15.12 -25.15
CA GLY B 87 -16.62 -16.54 -25.01
C GLY B 87 -16.20 -16.91 -23.60
N PHE B 88 -15.24 -16.17 -23.04
CA PHE B 88 -14.82 -16.41 -21.66
C PHE B 88 -15.98 -16.16 -20.70
N LEU B 89 -16.80 -15.15 -20.99
CA LEU B 89 -17.94 -14.86 -20.15
C LEU B 89 -18.92 -16.03 -20.11
N ASP B 90 -19.19 -16.64 -21.25
CA ASP B 90 -20.09 -17.80 -21.27
C ASP B 90 -19.51 -18.97 -20.50
N ILE B 91 -18.21 -19.23 -20.68
CA ILE B 91 -17.58 -20.37 -20.01
C ILE B 91 -17.59 -20.18 -18.50
N TRP B 92 -17.10 -19.02 -18.04
CA TRP B 92 -17.01 -18.80 -16.60
C TRP B 92 -18.39 -18.73 -15.97
N THR B 93 -19.34 -18.04 -16.62
CA THR B 93 -20.70 -17.99 -16.10
C THR B 93 -21.27 -19.40 -15.96
N TYR B 94 -21.19 -20.18 -17.04
CA TYR B 94 -21.75 -21.53 -17.02
C TYR B 94 -21.04 -22.41 -16.00
N ASN B 95 -19.71 -22.40 -15.99
CA ASN B 95 -18.98 -23.26 -15.08
C ASN B 95 -19.19 -22.83 -13.63
N ALA B 96 -19.22 -21.52 -13.37
CA ALA B 96 -19.41 -21.04 -12.00
C ALA B 96 -20.78 -21.42 -11.48
N GLU B 97 -21.82 -21.20 -12.28
CA GLU B 97 -23.18 -21.52 -11.84
C GLU B 97 -23.31 -22.99 -11.49
N LEU B 98 -22.88 -23.88 -12.40
CA LEU B 98 -22.98 -25.30 -12.13
C LEU B 98 -22.06 -25.74 -11.00
N LEU B 99 -20.88 -25.13 -10.90
CA LEU B 99 -19.97 -25.48 -9.81
C LEU B 99 -20.61 -25.25 -8.46
N VAL B 100 -21.26 -24.10 -8.30
CA VAL B 100 -21.96 -23.83 -7.04
C VAL B 100 -23.13 -24.78 -6.87
N LEU B 101 -23.88 -25.04 -7.94
CA LEU B 101 -25.01 -25.96 -7.85
C LEU B 101 -24.59 -27.39 -7.51
N LEU B 102 -23.53 -27.89 -8.15
CA LEU B 102 -23.13 -29.28 -7.93
C LEU B 102 -22.47 -29.47 -6.56
N GLU B 103 -21.52 -28.61 -6.21
CA GLU B 103 -20.80 -28.80 -4.97
C GLU B 103 -21.61 -28.41 -3.73
N ASN B 104 -22.63 -27.57 -3.87
CA ASN B 104 -23.52 -27.34 -2.75
C ASN B 104 -24.32 -28.59 -2.41
N GLU B 105 -24.76 -29.31 -3.45
CA GLU B 105 -25.44 -30.58 -3.23
C GLU B 105 -24.52 -31.57 -2.52
N ARG B 106 -23.23 -31.58 -2.87
CA ARG B 106 -22.29 -32.50 -2.24
C ARG B 106 -22.01 -32.09 -0.81
N THR B 107 -21.92 -30.79 -0.54
CA THR B 107 -21.69 -30.34 0.83
C THR B 107 -22.83 -30.74 1.74
N LEU B 108 -24.06 -30.62 1.26
CA LEU B 108 -25.20 -31.03 2.07
C LEU B 108 -25.22 -32.54 2.27
N ASP B 109 -24.83 -33.30 1.23
CA ASP B 109 -24.65 -34.74 1.40
C ASP B 109 -23.57 -35.03 2.43
N PHE B 110 -22.52 -34.22 2.45
CA PHE B 110 -21.40 -34.46 3.37
C PHE B 110 -21.86 -34.38 4.82
N HIS B 111 -22.65 -33.35 5.15
CA HIS B 111 -23.19 -33.25 6.51
C HIS B 111 -24.09 -34.43 6.82
N ASP B 112 -25.00 -34.78 5.90
CA ASP B 112 -25.88 -35.92 6.10
C ASP B 112 -25.08 -37.18 6.39
N SER B 113 -23.98 -37.39 5.67
CA SER B 113 -23.13 -38.56 5.91
C SER B 113 -22.48 -38.49 7.28
N ASN B 114 -22.00 -37.30 7.67
CA ASN B 114 -21.35 -37.16 8.97
C ASN B 114 -22.33 -37.41 10.11
N VAL B 115 -23.60 -37.03 9.92
CA VAL B 115 -24.60 -37.27 10.96
C VAL B 115 -24.91 -38.76 11.08
N LYS B 116 -25.07 -39.44 9.95
CA LYS B 116 -25.41 -40.86 10.02
C LYS B 116 -24.26 -41.68 10.59
N ASN B 117 -23.01 -41.31 10.26
CA ASN B 117 -21.87 -42.03 10.79
C ASN B 117 -21.74 -41.82 12.30
N LEU B 118 -22.06 -40.62 12.79
CA LEU B 118 -22.04 -40.36 14.22
C LEU B 118 -23.10 -41.19 14.94
N TYR B 119 -24.31 -41.26 14.38
CA TYR B 119 -25.34 -42.13 14.93
C TYR B 119 -24.86 -43.58 14.93
N GLU B 120 -24.26 -44.02 13.82
CA GLU B 120 -23.83 -45.41 13.73
C GLU B 120 -22.67 -45.71 14.67
N LYS B 121 -21.83 -44.72 14.99
CA LYS B 121 -20.76 -44.95 15.96
C LYS B 121 -21.34 -45.23 17.34
N VAL B 122 -22.39 -44.50 17.73
CA VAL B 122 -23.02 -44.72 19.02
C VAL B 122 -23.77 -46.05 19.04
N LYS B 123 -24.50 -46.34 17.96
CA LYS B 123 -25.26 -47.60 17.91
C LYS B 123 -24.33 -48.81 18.02
N ASN B 124 -23.17 -48.75 17.38
CA ASN B 124 -22.24 -49.88 17.45
C ASN B 124 -21.70 -50.09 18.86
N GLN B 125 -21.53 -49.02 19.64
CA GLN B 125 -21.03 -49.16 21.00
C GLN B 125 -22.10 -49.69 21.95
N LEU B 126 -23.31 -49.12 21.87
CA LEU B 126 -24.41 -49.49 22.76
C LEU B 126 -25.13 -50.76 22.32
N ARG B 127 -24.49 -51.57 21.48
CA ARG B 127 -25.05 -52.75 20.80
C ARG B 127 -26.52 -53.08 21.10
N ASN B 128 -26.82 -53.48 22.33
CA ASN B 128 -28.21 -53.83 22.67
C ASN B 128 -28.57 -53.45 24.10
N ASN B 129 -27.80 -52.57 24.73
CA ASN B 129 -28.15 -52.05 26.04
C ASN B 129 -29.14 -50.90 25.95
N ALA B 130 -29.63 -50.60 24.76
CA ALA B 130 -30.57 -49.51 24.55
C ALA B 130 -31.46 -49.85 23.37
N LYS B 131 -32.67 -49.31 23.39
CA LYS B 131 -33.60 -49.48 22.28
C LYS B 131 -33.43 -48.31 21.31
N GLU B 132 -33.27 -48.63 20.03
CA GLU B 132 -33.16 -47.60 19.01
C GLU B 132 -34.56 -47.14 18.66
N ILE B 133 -34.90 -45.90 19.06
CA ILE B 133 -36.24 -45.38 18.84
C ILE B 133 -36.54 -45.09 17.37
N GLY B 134 -35.52 -45.05 16.52
CA GLY B 134 -35.72 -44.78 15.11
C GLY B 134 -35.66 -43.31 14.75
N ASN B 135 -35.59 -42.43 15.75
CA ASN B 135 -35.54 -40.99 15.55
C ASN B 135 -34.20 -40.38 15.95
N GLY B 136 -33.16 -41.19 16.08
CA GLY B 136 -31.87 -40.71 16.49
C GLY B 136 -31.56 -40.84 17.98
N CYS B 137 -32.49 -41.40 18.75
CA CYS B 137 -32.34 -41.55 20.20
C CYS B 137 -32.17 -43.01 20.58
N PHE B 138 -31.56 -43.20 21.76
CA PHE B 138 -31.37 -44.53 22.34
C PHE B 138 -31.92 -44.51 23.76
N GLU B 139 -32.90 -45.36 24.03
CA GLU B 139 -33.47 -45.48 25.37
C GLU B 139 -32.73 -46.58 26.11
N PHE B 140 -31.98 -46.20 27.15
CA PHE B 140 -31.10 -47.13 27.83
C PHE B 140 -31.89 -48.16 28.64
N TYR B 141 -31.40 -49.41 28.61
CA TYR B 141 -31.95 -50.46 29.47
C TYR B 141 -31.35 -50.42 30.86
N HIS B 142 -30.21 -49.76 31.05
CA HIS B 142 -29.59 -49.62 32.36
C HIS B 142 -29.46 -48.14 32.71
N LYS B 143 -29.23 -47.87 33.98
CA LYS B 143 -29.03 -46.50 34.44
C LYS B 143 -27.66 -46.00 33.96
N CYS B 144 -27.67 -45.01 33.08
CA CYS B 144 -26.44 -44.42 32.54
C CYS B 144 -26.27 -43.03 33.15
N ASN B 145 -25.42 -42.93 34.17
CA ASN B 145 -25.17 -41.65 34.79
C ASN B 145 -24.32 -40.77 33.89
N ASN B 146 -23.98 -39.59 34.40
CA ASN B 146 -23.19 -38.63 33.62
C ASN B 146 -21.80 -39.17 33.29
N GLU B 147 -21.23 -39.99 34.17
CA GLU B 147 -19.94 -40.60 33.87
C GLU B 147 -20.07 -41.52 32.66
N CYS B 148 -21.14 -42.32 32.61
CA CYS B 148 -21.41 -43.16 31.46
C CYS B 148 -21.76 -42.33 30.22
N MET B 149 -22.41 -41.18 30.42
CA MET B 149 -22.74 -40.30 29.30
C MET B 149 -21.49 -39.72 28.65
N GLU B 150 -20.58 -39.18 29.46
CA GLU B 150 -19.34 -38.63 28.90
C GLU B 150 -18.53 -39.71 28.20
N SER B 151 -18.68 -40.96 28.61
CA SER B 151 -17.96 -42.06 27.97
C SER B 151 -18.57 -42.46 26.64
N VAL B 152 -19.88 -42.30 26.47
CA VAL B 152 -20.50 -42.60 25.18
C VAL B 152 -20.04 -41.57 24.14
N LYS B 153 -20.02 -40.29 24.52
CA LYS B 153 -19.55 -39.26 23.60
C LYS B 153 -18.05 -39.41 23.35
N ASN B 154 -17.28 -39.72 24.41
CA ASN B 154 -15.84 -39.89 24.27
C ASN B 154 -15.45 -41.14 23.50
N GLY B 155 -16.37 -42.10 23.33
CA GLY B 155 -16.05 -43.35 22.68
C GLY B 155 -15.59 -44.46 23.59
N THR B 156 -15.77 -44.32 24.92
CA THR B 156 -15.28 -45.32 25.86
C THR B 156 -16.41 -45.94 26.66
N TYR B 157 -17.38 -46.55 25.98
CA TYR B 157 -18.53 -47.17 26.63
C TYR B 157 -18.21 -48.64 26.90
N ASP B 158 -18.08 -49.01 28.17
CA ASP B 158 -17.87 -50.41 28.51
C ASP B 158 -19.17 -51.19 28.28
N TYR B 159 -19.04 -52.37 27.69
CA TYR B 159 -20.26 -53.04 27.27
C TYR B 159 -21.02 -53.69 28.43
N PRO B 160 -20.36 -54.49 29.30
CA PRO B 160 -21.15 -55.06 30.41
C PRO B 160 -21.65 -54.03 31.41
N SER C 2 42.89 -43.33 21.36
CA SER C 2 41.80 -43.17 22.29
C SER C 2 40.80 -42.14 21.75
N ASP C 3 39.52 -42.33 22.07
CA ASP C 3 38.46 -41.51 21.50
C ASP C 3 38.24 -40.24 22.30
N THR C 4 37.78 -39.19 21.62
CA THR C 4 37.53 -37.91 22.26
C THR C 4 36.23 -37.31 21.74
N ILE C 5 35.65 -36.45 22.57
CA ILE C 5 34.60 -35.55 22.17
C ILE C 5 34.93 -34.19 22.75
N CYS C 6 34.72 -33.14 21.95
CA CYS C 6 35.09 -31.79 22.34
C CYS C 6 33.87 -30.88 22.29
N ILE C 7 33.91 -29.83 23.09
CA ILE C 7 32.87 -28.81 23.08
C ILE C 7 33.47 -27.52 22.56
N GLY C 8 32.78 -26.89 21.62
CA GLY C 8 33.25 -25.66 21.03
C GLY C 8 32.09 -24.82 20.56
N TYR C 9 32.38 -23.77 19.82
CA TYR C 9 31.38 -22.81 19.41
C TYR C 9 31.65 -22.38 17.97
N HIS C 10 30.69 -21.66 17.40
CA HIS C 10 30.71 -21.34 15.98
C HIS C 10 31.71 -20.24 15.66
N ALA C 11 32.23 -20.29 14.44
CA ALA C 11 33.01 -19.21 13.88
C ALA C 11 32.85 -19.23 12.37
N ASN C 12 32.90 -18.04 11.76
CA ASN C 12 32.74 -17.92 10.32
C ASN C 12 33.73 -16.85 9.85
N ASN C 13 33.66 -16.47 8.58
CA ASN C 13 34.55 -15.46 8.03
C ASN C 13 34.06 -14.03 8.19
N SER C 14 32.98 -13.80 8.94
CA SER C 14 32.39 -12.47 8.97
C SER C 14 33.38 -11.45 9.54
N THR C 15 33.20 -10.19 9.11
CA THR C 15 34.02 -9.07 9.57
C THR C 15 33.16 -8.01 10.26
N ASP C 16 31.92 -8.33 10.60
CA ASP C 16 31.09 -7.43 11.37
C ASP C 16 31.79 -7.09 12.68
N THR C 17 31.77 -5.82 13.05
CA THR C 17 32.30 -5.40 14.33
C THR C 17 31.24 -4.58 15.07
N VAL C 18 31.16 -4.81 16.38
CA VAL C 18 30.30 -4.04 17.27
C VAL C 18 31.14 -3.56 18.45
N ASP C 19 30.62 -2.56 19.15
CA ASP C 19 31.23 -2.08 20.38
C ASP C 19 30.53 -2.68 21.59
N THR C 20 31.32 -3.02 22.59
CA THR C 20 30.84 -3.41 23.90
C THR C 20 31.28 -2.37 24.91
N VAL C 21 30.80 -2.49 26.14
CA VAL C 21 31.15 -1.48 27.13
C VAL C 21 32.61 -1.63 27.56
N LEU C 22 33.17 -2.85 27.49
CA LEU C 22 34.54 -3.09 27.92
C LEU C 22 35.55 -3.04 26.79
N GLU C 23 35.13 -3.25 25.55
CA GLU C 23 36.07 -3.43 24.45
C GLU C 23 35.45 -2.88 23.18
N LYS C 24 36.25 -2.14 22.43
CA LYS C 24 35.84 -1.60 21.14
C LYS C 24 36.25 -2.51 19.99
N ASN C 25 35.51 -2.40 18.90
CA ASN C 25 35.84 -3.02 17.61
C ASN C 25 36.00 -4.54 17.78
N VAL C 26 34.93 -5.18 18.21
CA VAL C 26 34.93 -6.61 18.50
C VAL C 26 34.32 -7.35 17.31
N THR C 27 35.08 -8.25 16.71
CA THR C 27 34.61 -8.97 15.52
C THR C 27 33.62 -10.05 15.93
N VAL C 28 32.41 -9.99 15.37
CA VAL C 28 31.36 -10.92 15.74
C VAL C 28 30.83 -11.60 14.47
N THR C 29 30.09 -12.69 14.68
CA THR C 29 29.69 -13.57 13.58
C THR C 29 28.40 -13.10 12.89
N HIS C 30 27.37 -12.80 13.67
CA HIS C 30 26.09 -12.36 13.14
C HIS C 30 25.61 -11.19 13.97
N SER C 31 25.04 -10.18 13.32
CA SER C 31 24.55 -9.01 14.04
C SER C 31 23.47 -8.34 13.22
N VAL C 32 22.71 -7.46 13.86
CA VAL C 32 21.61 -6.74 13.21
C VAL C 32 21.78 -5.26 13.45
N ASN C 33 21.43 -4.45 12.44
CA ASN C 33 21.56 -3.01 12.53
C ASN C 33 20.30 -2.40 13.17
N LEU C 34 20.50 -1.39 14.01
CA LEU C 34 19.42 -0.68 14.67
C LEU C 34 19.25 0.74 14.17
N LEU C 35 20.14 1.22 13.31
CA LEU C 35 20.19 2.62 12.90
C LEU C 35 19.88 2.72 11.41
N GLU C 36 18.79 3.40 11.07
CA GLU C 36 18.43 3.60 9.68
C GLU C 36 19.36 4.64 9.05
N ASP C 37 19.99 4.27 7.92
CA ASP C 37 21.11 5.02 7.38
C ASP C 37 20.82 5.69 6.04
N SER C 38 19.74 5.29 5.36
CA SER C 38 19.51 5.76 4.00
C SER C 38 18.04 6.09 3.80
N HIS C 39 17.80 6.86 2.75
CA HIS C 39 16.46 7.19 2.27
C HIS C 39 16.40 6.89 0.78
N ASN C 40 15.19 7.01 0.22
CA ASN C 40 15.02 6.74 -1.20
C ASN C 40 15.08 8.02 -2.03
N GLY C 41 15.30 9.16 -1.40
CA GLY C 41 15.45 10.41 -2.12
C GLY C 41 14.19 10.88 -2.80
N LYS C 42 13.05 10.31 -2.45
CA LYS C 42 11.79 10.61 -3.09
C LYS C 42 10.77 10.98 -2.03
N LEU C 43 9.86 11.89 -2.38
CA LEU C 43 8.73 12.21 -1.52
C LEU C 43 7.64 11.17 -1.74
N CYS C 44 7.32 10.43 -0.69
CA CYS C 44 6.34 9.35 -0.75
C CYS C 44 5.09 9.73 0.05
N ARG C 45 4.10 8.86 0.02
CA ARG C 45 2.83 9.11 0.67
C ARG C 45 2.85 8.64 2.11
N LEU C 46 2.35 9.49 3.01
CA LEU C 46 2.10 9.11 4.39
C LEU C 46 0.61 8.79 4.53
N LYS C 47 0.31 7.71 5.26
CA LYS C 47 -1.06 7.24 5.47
C LYS C 47 -1.82 7.00 4.17
N GLY C 48 -1.09 6.64 3.11
CA GLY C 48 -1.71 6.36 1.82
C GLY C 48 -2.15 7.57 1.02
N ILE C 49 -1.96 8.78 1.52
CA ILE C 49 -2.36 10.00 0.83
C ILE C 49 -1.10 10.76 0.40
N ALA C 50 -1.10 11.20 -0.86
CA ALA C 50 0.03 11.92 -1.45
C ALA C 50 0.07 13.37 -0.97
N PRO C 51 1.25 13.96 -0.87
CA PRO C 51 1.38 15.35 -0.46
C PRO C 51 0.98 16.32 -1.56
N LEU C 52 0.81 17.58 -1.14
CA LEU C 52 0.61 18.71 -2.05
C LEU C 52 1.98 19.29 -2.38
N GLN C 53 2.44 19.12 -3.62
CA GLN C 53 3.77 19.55 -4.00
C GLN C 53 3.63 20.89 -4.73
N LEU C 54 4.05 21.96 -4.07
CA LEU C 54 4.13 23.28 -4.67
C LEU C 54 5.49 23.43 -5.35
N GLY C 55 5.48 24.06 -6.52
CA GLY C 55 6.68 24.20 -7.32
C GLY C 55 7.21 25.61 -7.24
N LYS C 56 6.78 26.49 -8.14
CA LYS C 56 7.27 27.86 -8.13
C LYS C 56 6.72 28.68 -6.97
N CYS C 57 5.63 28.25 -6.34
CA CYS C 57 4.92 29.06 -5.37
C CYS C 57 5.05 28.49 -3.97
N ASN C 58 4.96 29.36 -2.97
CA ASN C 58 4.80 28.94 -1.60
C ASN C 58 3.31 28.95 -1.26
N ILE C 59 2.98 28.60 -0.01
CA ILE C 59 1.59 28.45 0.38
C ILE C 59 0.84 29.77 0.22
N ALA C 60 1.50 30.91 0.47
CA ALA C 60 0.86 32.20 0.30
C ALA C 60 0.37 32.40 -1.13
N GLY C 61 1.29 32.30 -2.10
CA GLY C 61 0.92 32.51 -3.49
C GLY C 61 -0.08 31.48 -4.00
N TRP C 62 0.04 30.24 -3.55
CA TRP C 62 -0.87 29.20 -4.02
C TRP C 62 -2.27 29.43 -3.47
N ILE C 63 -2.37 29.81 -2.19
CA ILE C 63 -3.69 30.01 -1.60
C ILE C 63 -4.31 31.33 -2.05
N LEU C 64 -3.50 32.33 -2.37
CA LEU C 64 -4.08 33.59 -2.84
C LEU C 64 -4.42 33.55 -4.32
N GLY C 65 -3.71 32.73 -5.10
CA GLY C 65 -3.94 32.65 -6.53
C GLY C 65 -2.95 33.46 -7.34
N ASN C 66 -1.68 33.43 -6.92
CA ASN C 66 -0.61 34.05 -7.69
C ASN C 66 -0.63 33.55 -9.13
N PRO C 67 -0.53 34.44 -10.12
CA PRO C 67 -0.68 34.01 -11.52
C PRO C 67 0.36 33.01 -11.99
N GLU C 68 1.39 32.72 -11.20
CA GLU C 68 2.47 31.82 -11.57
C GLU C 68 2.28 30.42 -11.01
N CYS C 69 1.15 30.14 -10.36
CA CYS C 69 0.88 28.85 -9.74
C CYS C 69 -0.18 28.10 -10.53
N GLU C 70 -0.01 26.79 -10.65
CA GLU C 70 -1.07 25.94 -11.21
C GLU C 70 -2.11 25.69 -10.13
N SER C 71 -3.38 25.80 -10.50
CA SER C 71 -4.47 25.58 -9.55
C SER C 71 -4.92 24.13 -9.62
N LEU C 72 -5.49 23.66 -8.53
CA LEU C 72 -5.92 22.26 -8.43
C LEU C 72 -7.31 22.12 -9.02
N LEU C 73 -7.43 21.27 -10.04
CA LEU C 73 -8.66 21.11 -10.80
C LEU C 73 -9.51 19.96 -10.27
N SER C 74 -9.26 19.49 -9.05
CA SER C 74 -10.01 18.37 -8.49
C SER C 74 -10.27 18.62 -7.01
N LYS C 75 -11.23 17.88 -6.46
CA LYS C 75 -11.47 17.86 -5.03
C LYS C 75 -10.43 16.94 -4.41
N ARG C 76 -9.45 17.54 -3.77
CA ARG C 76 -8.19 16.90 -3.42
C ARG C 76 -8.13 16.56 -1.93
N SER C 77 -6.96 16.07 -1.52
CA SER C 77 -6.60 15.74 -0.16
C SER C 77 -5.09 15.57 -0.13
N TRP C 78 -4.49 15.84 1.03
CA TRP C 78 -3.05 15.66 1.15
C TRP C 78 -2.68 15.40 2.59
N SER C 79 -1.60 14.64 2.78
CA SER C 79 -1.12 14.27 4.10
C SER C 79 -0.09 15.26 4.64
N TYR C 80 0.66 15.92 3.77
CA TYR C 80 1.57 16.98 4.16
C TYR C 80 1.79 17.87 2.95
N ILE C 81 2.45 19.00 3.17
CA ILE C 81 2.73 19.94 2.10
C ILE C 81 4.24 20.00 1.89
N ALA C 82 4.66 19.94 0.63
CA ALA C 82 6.07 19.99 0.28
C ALA C 82 6.30 21.16 -0.66
N GLU C 83 7.19 22.06 -0.26
CA GLU C 83 7.59 23.17 -1.12
C GLU C 83 9.08 23.10 -1.39
N THR C 84 9.48 23.59 -2.57
CA THR C 84 10.85 23.57 -3.05
C THR C 84 11.61 24.78 -2.50
N PRO C 85 12.94 24.69 -2.32
CA PRO C 85 13.71 25.89 -1.96
C PRO C 85 13.62 27.04 -2.95
N ASN C 86 13.09 26.81 -4.15
CA ASN C 86 12.91 27.86 -5.15
C ASN C 86 11.46 28.34 -5.19
N SER C 87 10.82 28.48 -4.02
CA SER C 87 9.43 28.97 -3.93
C SER C 87 9.50 30.46 -3.66
N GLU C 88 9.66 31.23 -4.73
CA GLU C 88 9.86 32.67 -4.64
C GLU C 88 8.65 33.44 -5.15
N ASN C 89 7.55 32.75 -5.38
CA ASN C 89 6.30 33.36 -5.82
C ASN C 89 5.33 33.29 -4.64
N GLY C 90 5.17 34.41 -3.95
CA GLY C 90 4.24 34.48 -2.82
C GLY C 90 3.23 35.60 -2.98
N THR C 91 3.37 36.64 -2.15
CA THR C 91 2.52 37.82 -2.24
C THR C 91 3.19 38.76 -3.24
N CYS C 92 2.79 38.64 -4.52
CA CYS C 92 3.42 39.45 -5.56
C CYS C 92 3.13 40.93 -5.40
N TYR C 93 2.02 41.28 -4.73
CA TYR C 93 1.80 42.64 -4.29
C TYR C 93 2.21 42.75 -2.83
N PRO C 94 3.14 43.63 -2.49
CA PRO C 94 3.72 43.60 -1.14
C PRO C 94 2.68 43.89 -0.06
N GLY C 95 2.83 43.23 1.07
CA GLY C 95 1.91 43.41 2.17
C GLY C 95 2.17 42.40 3.25
N ASP C 96 1.34 42.48 4.29
CA ASP C 96 1.44 41.60 5.45
C ASP C 96 0.38 40.50 5.34
N PHE C 97 0.81 39.26 5.53
CA PHE C 97 -0.10 38.12 5.55
C PHE C 97 -0.43 37.80 7.00
N ALA C 98 -1.70 37.96 7.37
CA ALA C 98 -2.08 37.80 8.77
C ALA C 98 -1.99 36.33 9.17
N ASP C 99 -1.30 36.08 10.28
CA ASP C 99 -1.20 34.74 10.85
C ASP C 99 -0.78 33.72 9.79
N TYR C 100 0.26 34.05 9.04
CA TYR C 100 0.65 33.19 7.92
C TYR C 100 1.12 31.83 8.41
N GLU C 101 1.99 31.80 9.43
CA GLU C 101 2.48 30.54 9.95
C GLU C 101 1.34 29.68 10.47
N GLU C 102 0.32 30.30 11.07
CA GLU C 102 -0.81 29.53 11.58
C GLU C 102 -1.62 28.92 10.44
N LEU C 103 -1.89 29.70 9.40
CA LEU C 103 -2.63 29.17 8.26
C LEU C 103 -1.88 28.01 7.61
N ARG C 104 -0.55 28.09 7.58
CA ARG C 104 0.22 27.00 6.97
C ARG C 104 0.09 25.73 7.80
N GLU C 105 0.17 25.85 9.13
CA GLU C 105 0.04 24.69 9.99
C GLU C 105 -1.32 24.02 9.86
N GLN C 106 -2.37 24.81 9.63
CA GLN C 106 -3.72 24.29 9.59
C GLN C 106 -4.10 23.74 8.22
N LEU C 107 -3.48 24.23 7.15
CA LEU C 107 -3.69 23.69 5.81
C LEU C 107 -2.75 22.54 5.49
N SER C 108 -1.89 22.15 6.43
CA SER C 108 -0.87 21.14 6.19
C SER C 108 -1.47 19.76 5.89
N SER C 109 -2.66 19.47 6.43
CA SER C 109 -3.32 18.18 6.21
C SER C 109 -4.80 18.40 6.00
N VAL C 110 -5.33 17.96 4.85
CA VAL C 110 -6.77 18.01 4.58
C VAL C 110 -7.22 16.68 4.02
N SER C 111 -8.47 16.31 4.34
CA SER C 111 -9.06 15.09 3.80
C SER C 111 -9.98 15.36 2.62
N SER C 112 -10.46 16.59 2.49
CA SER C 112 -11.17 17.03 1.31
C SER C 112 -10.92 18.53 1.14
N PHE C 113 -10.91 18.98 -0.11
CA PHE C 113 -10.49 20.35 -0.42
C PHE C 113 -11.06 20.71 -1.79
N GLU C 114 -12.12 21.51 -1.79
CA GLU C 114 -12.76 21.97 -3.00
C GLU C 114 -12.66 23.49 -3.09
N ARG C 115 -12.19 23.97 -4.23
CA ARG C 115 -12.14 25.40 -4.51
C ARG C 115 -13.40 25.81 -5.24
N PHE C 116 -14.07 26.85 -4.76
CA PHE C 116 -15.35 27.24 -5.35
C PHE C 116 -15.48 28.75 -5.36
N GLU C 117 -16.18 29.25 -6.38
CA GLU C 117 -16.45 30.68 -6.58
C GLU C 117 -17.47 31.16 -5.55
N ILE C 118 -16.99 31.79 -4.48
CA ILE C 118 -17.88 32.25 -3.41
C ILE C 118 -18.64 33.50 -3.81
N PHE C 119 -17.97 34.45 -4.46
CA PHE C 119 -18.56 35.71 -4.91
C PHE C 119 -18.29 35.82 -6.40
N PRO C 120 -19.17 35.28 -7.23
CA PRO C 120 -18.94 35.28 -8.69
C PRO C 120 -18.67 36.68 -9.23
N LYS C 121 -17.53 36.81 -9.91
CA LYS C 121 -17.01 38.10 -10.32
C LYS C 121 -18.00 38.88 -11.20
N GLU C 122 -18.58 38.22 -12.19
CA GLU C 122 -19.34 38.94 -13.21
C GLU C 122 -20.75 39.31 -12.76
N ARG C 123 -21.21 38.83 -11.60
CA ARG C 123 -22.58 39.07 -11.18
C ARG C 123 -22.72 39.56 -9.74
N SER C 124 -21.64 39.66 -8.97
CA SER C 124 -21.75 40.06 -7.57
C SER C 124 -21.59 41.57 -7.34
N TRP C 125 -20.99 42.29 -8.27
CA TRP C 125 -20.63 43.70 -8.07
C TRP C 125 -21.18 44.57 -9.19
N PRO C 126 -22.50 44.82 -9.19
CA PRO C 126 -23.09 45.61 -10.29
C PRO C 126 -22.68 47.07 -10.29
N LYS C 127 -22.18 47.61 -9.18
CA LYS C 127 -21.84 49.04 -9.11
C LYS C 127 -20.36 49.29 -8.80
N HIS C 128 -19.47 48.41 -9.25
CA HIS C 128 -18.03 48.63 -9.11
C HIS C 128 -17.32 48.11 -10.35
N ASN C 129 -16.10 48.58 -10.56
CA ASN C 129 -15.30 48.14 -11.70
C ASN C 129 -14.57 46.87 -11.30
N ILE C 130 -14.76 45.82 -12.08
CA ILE C 130 -14.19 44.51 -11.81
C ILE C 130 -13.07 44.17 -12.76
N THR C 131 -12.73 45.09 -13.66
CA THR C 131 -11.71 44.89 -14.68
C THR C 131 -10.46 45.72 -14.45
N ARG C 132 -10.56 46.84 -13.72
CA ARG C 132 -9.39 47.69 -13.51
C ARG C 132 -8.39 47.13 -12.51
N GLY C 133 -8.81 46.26 -11.59
CA GLY C 133 -7.96 45.78 -10.51
C GLY C 133 -6.83 44.84 -10.89
N VAL C 134 -5.89 45.32 -11.71
CA VAL C 134 -4.68 44.58 -12.07
C VAL C 134 -3.47 45.45 -11.78
N THR C 135 -2.30 44.82 -11.79
CA THR C 135 -1.06 45.50 -11.42
C THR C 135 0.12 44.79 -12.07
N ALA C 136 1.15 45.58 -12.39
CA ALA C 136 2.36 45.01 -12.98
C ALA C 136 3.14 44.16 -11.99
N ALA C 137 2.93 44.33 -10.68
CA ALA C 137 3.61 43.49 -9.71
C ALA C 137 3.17 42.04 -9.82
N CYS C 138 1.88 41.82 -10.11
CA CYS C 138 1.37 40.47 -10.31
C CYS C 138 1.07 40.25 -11.78
N SER C 139 2.09 40.36 -12.62
CA SER C 139 1.96 40.23 -14.06
C SER C 139 2.23 38.78 -14.50
N HIS C 140 1.48 38.34 -15.51
CA HIS C 140 1.66 37.03 -16.11
C HIS C 140 1.79 37.17 -17.62
N ALA C 141 2.84 36.55 -18.17
CA ALA C 141 3.09 36.53 -19.61
C ALA C 141 3.19 37.94 -20.17
N GLY C 142 3.85 38.82 -19.42
CA GLY C 142 4.12 40.16 -19.86
C GLY C 142 2.93 41.10 -19.81
N LYS C 143 1.73 40.60 -19.52
CA LYS C 143 0.58 41.46 -19.33
C LYS C 143 0.18 41.46 -17.86
N SER C 144 -0.36 42.59 -17.42
CA SER C 144 -0.74 42.71 -16.01
C SER C 144 -2.00 41.93 -15.69
N SER C 145 -2.01 41.31 -14.51
CA SER C 145 -3.14 40.55 -13.99
C SER C 145 -3.16 40.71 -12.47
N PHE C 146 -3.70 39.73 -11.75
CA PHE C 146 -3.89 39.82 -10.31
C PHE C 146 -4.13 38.41 -9.77
N TYR C 147 -4.33 38.32 -8.46
CA TYR C 147 -4.58 37.02 -7.85
C TYR C 147 -5.82 36.38 -8.46
N LYS C 148 -5.75 35.06 -8.65
CA LYS C 148 -6.83 34.32 -9.28
C LYS C 148 -7.99 34.05 -8.34
N ASN C 149 -7.80 34.22 -7.04
CA ASN C 149 -8.85 33.96 -6.05
C ASN C 149 -9.37 35.21 -5.38
N LEU C 150 -8.91 36.38 -5.77
CA LEU C 150 -9.36 37.65 -5.22
C LEU C 150 -9.79 38.57 -6.34
N LEU C 151 -10.55 39.61 -5.98
CA LEU C 151 -11.05 40.59 -6.93
C LEU C 151 -10.81 41.97 -6.36
N TRP C 152 -10.10 42.82 -7.12
CA TRP C 152 -9.75 44.16 -6.68
C TRP C 152 -10.80 45.12 -7.21
N LEU C 153 -11.80 45.40 -6.37
CA LEU C 153 -12.88 46.29 -6.77
C LEU C 153 -12.40 47.74 -6.75
N THR C 154 -12.84 48.51 -7.74
CA THR C 154 -12.50 49.92 -7.84
C THR C 154 -13.74 50.69 -8.27
N GLU C 155 -13.61 52.02 -8.24
CA GLU C 155 -14.73 52.89 -8.54
C GLU C 155 -15.16 52.76 -10.01
N THR C 156 -16.38 53.23 -10.28
CA THR C 156 -16.90 53.36 -11.62
C THR C 156 -17.89 54.52 -11.64
N ASN C 157 -17.89 55.26 -12.75
CA ASN C 157 -18.73 56.45 -12.91
C ASN C 157 -18.46 57.48 -11.81
N GLY C 158 -17.27 57.44 -11.23
CA GLY C 158 -16.86 58.43 -10.25
C GLY C 158 -17.23 58.16 -8.81
N SER C 159 -17.61 56.93 -8.46
CA SER C 159 -18.01 56.65 -7.08
C SER C 159 -17.72 55.19 -6.75
N TYR C 160 -17.60 54.93 -5.44
CA TYR C 160 -17.41 53.59 -4.91
C TYR C 160 -18.46 53.44 -3.81
N PRO C 161 -19.69 53.09 -4.17
CA PRO C 161 -20.75 53.02 -3.15
C PRO C 161 -20.50 51.87 -2.17
N LYS C 162 -21.08 52.02 -0.98
CA LYS C 162 -20.91 51.01 0.06
C LYS C 162 -21.54 49.69 -0.37
N LEU C 163 -20.79 48.60 -0.21
CA LEU C 163 -21.24 47.28 -0.59
C LEU C 163 -21.48 46.45 0.67
N SER C 164 -22.38 45.48 0.55
CA SER C 164 -22.67 44.57 1.65
C SER C 164 -23.03 43.21 1.04
N LYS C 165 -22.04 42.35 0.91
CA LYS C 165 -22.20 41.02 0.33
C LYS C 165 -21.96 39.99 1.42
N SER C 166 -22.88 39.04 1.56
CA SER C 166 -22.81 38.02 2.59
C SER C 166 -22.74 36.63 1.96
N TYR C 167 -22.12 35.69 2.67
CA TYR C 167 -22.08 34.29 2.23
C TYR C 167 -22.48 33.37 3.37
N VAL C 168 -23.38 32.44 3.07
CA VAL C 168 -23.80 31.40 4.02
C VAL C 168 -23.09 30.11 3.64
N ASN C 169 -22.52 29.44 4.64
CA ASN C 169 -21.75 28.23 4.40
C ASN C 169 -22.72 27.08 4.17
N ASN C 170 -23.13 26.91 2.90
CA ASN C 170 -24.00 25.80 2.53
C ASN C 170 -23.23 24.50 2.37
N LYS C 171 -21.91 24.55 2.38
CA LYS C 171 -21.14 23.33 2.45
C LYS C 171 -21.25 22.76 3.85
N GLU C 172 -20.98 21.46 3.97
CA GLU C 172 -21.06 20.79 5.26
C GLU C 172 -19.69 20.65 5.91
N LYS C 173 -18.79 21.61 5.65
CA LYS C 173 -17.45 21.62 6.21
C LYS C 173 -17.01 23.07 6.38
N GLU C 174 -15.81 23.26 6.94
CA GLU C 174 -15.26 24.60 7.07
C GLU C 174 -14.99 25.18 5.69
N VAL C 175 -15.03 26.51 5.62
CA VAL C 175 -14.76 27.25 4.38
C VAL C 175 -13.71 28.32 4.68
N LEU C 176 -12.50 28.15 4.12
CA LEU C 176 -11.45 29.15 4.24
C LEU C 176 -11.73 30.31 3.29
N VAL C 177 -11.95 31.49 3.85
CA VAL C 177 -12.21 32.71 3.09
C VAL C 177 -11.04 33.66 3.28
N LEU C 178 -10.48 34.14 2.17
CA LEU C 178 -9.39 35.11 2.20
C LEU C 178 -9.80 36.40 1.51
N TRP C 179 -9.24 37.51 1.98
CA TRP C 179 -9.49 38.83 1.39
C TRP C 179 -8.33 39.73 1.76
N GLY C 180 -8.30 40.92 1.16
CA GLY C 180 -7.24 41.86 1.41
C GLY C 180 -7.78 43.27 1.63
N VAL C 181 -6.94 44.09 2.26
CA VAL C 181 -7.21 45.51 2.48
C VAL C 181 -6.07 46.29 1.87
N HIS C 182 -6.39 47.21 0.97
CA HIS C 182 -5.40 47.96 0.21
C HIS C 182 -5.08 49.29 0.89
N HIS C 183 -3.79 49.60 1.00
CA HIS C 183 -3.33 50.85 1.61
C HIS C 183 -2.52 51.65 0.59
N PRO C 184 -3.10 52.67 -0.02
CA PRO C 184 -2.38 53.43 -1.05
C PRO C 184 -1.21 54.21 -0.47
N SER C 185 -0.34 54.68 -1.37
CA SER C 185 0.84 55.43 -0.96
C SER C 185 0.57 56.92 -0.81
N ASN C 186 -0.45 57.44 -1.48
CA ASN C 186 -0.76 58.86 -1.41
C ASN C 186 -2.27 59.02 -1.49
N ILE C 187 -2.76 60.17 -1.03
CA ILE C 187 -4.21 60.38 -0.94
C ILE C 187 -4.83 60.51 -2.33
N GLU C 188 -4.06 60.96 -3.31
CA GLU C 188 -4.60 61.08 -4.66
C GLU C 188 -4.92 59.73 -5.26
N ASP C 189 -4.04 58.74 -5.06
CA ASP C 189 -4.34 57.39 -5.50
C ASP C 189 -5.50 56.80 -4.70
N GLN C 190 -5.65 57.19 -3.44
CA GLN C 190 -6.82 56.74 -2.67
C GLN C 190 -8.10 57.37 -3.21
N LYS C 191 -8.05 58.65 -3.58
CA LYS C 191 -9.21 59.31 -4.17
C LYS C 191 -9.51 58.77 -5.56
N THR C 192 -8.47 58.44 -6.33
CA THR C 192 -8.66 57.93 -7.67
C THR C 192 -9.37 56.57 -7.65
N LEU C 193 -8.94 55.67 -6.77
CA LEU C 193 -9.43 54.29 -6.81
C LEU C 193 -10.75 54.11 -6.09
N TYR C 194 -11.01 54.88 -5.04
CA TYR C 194 -12.15 54.62 -4.18
C TYR C 194 -13.02 55.84 -3.94
N ARG C 195 -12.69 57.00 -4.49
CA ARG C 195 -13.59 58.17 -4.48
C ARG C 195 -13.97 58.58 -3.06
N LYS C 196 -13.08 58.31 -2.10
CA LYS C 196 -13.26 58.69 -0.71
C LYS C 196 -11.90 58.91 -0.09
N GLU C 197 -11.85 59.84 0.85
CA GLU C 197 -10.61 60.01 1.59
C GLU C 197 -10.49 59.01 2.73
N ASN C 198 -11.60 58.81 3.46
CA ASN C 198 -11.65 57.91 4.61
C ASN C 198 -12.65 56.80 4.27
N ALA C 199 -12.12 55.61 3.99
CA ALA C 199 -12.92 54.42 3.71
C ALA C 199 -12.70 53.41 4.83
N TYR C 200 -13.44 52.30 4.76
CA TYR C 200 -13.32 51.24 5.75
C TYR C 200 -13.73 49.91 5.16
N VAL C 201 -13.13 48.83 5.68
CA VAL C 201 -13.49 47.46 5.35
C VAL C 201 -13.90 46.78 6.64
N SER C 202 -15.05 46.10 6.61
CA SER C 202 -15.57 45.41 7.79
C SER C 202 -15.95 43.99 7.40
N VAL C 203 -15.28 43.01 8.01
CA VAL C 203 -15.59 41.60 7.80
C VAL C 203 -16.01 41.01 9.13
N VAL C 204 -17.20 40.41 9.17
CA VAL C 204 -17.76 39.86 10.40
C VAL C 204 -18.39 38.51 10.10
N SER C 205 -18.31 37.63 11.09
CA SER C 205 -19.03 36.36 11.08
C SER C 205 -19.50 36.09 12.50
N SER C 206 -19.68 34.83 12.86
CA SER C 206 -20.04 34.53 14.24
C SER C 206 -18.83 34.55 15.17
N ASN C 207 -17.64 34.26 14.66
CA ASN C 207 -16.43 34.26 15.47
C ASN C 207 -15.40 35.30 15.03
N TYR C 208 -15.59 35.96 13.90
CA TYR C 208 -14.64 36.93 13.40
C TYR C 208 -15.26 38.32 13.44
N ASN C 209 -14.49 39.29 13.93
CA ASN C 209 -15.00 40.64 14.13
C ASN C 209 -13.81 41.59 13.98
N ARG C 210 -13.67 42.18 12.81
CA ARG C 210 -12.55 43.07 12.58
C ARG C 210 -12.94 44.17 11.61
N ARG C 211 -12.55 45.39 11.94
CA ARG C 211 -12.74 46.54 11.06
C ARG C 211 -11.38 47.01 10.58
N PHE C 212 -11.28 47.29 9.29
CA PHE C 212 -10.02 47.71 8.68
C PHE C 212 -10.21 49.12 8.15
N THR C 213 -9.35 50.04 8.58
CA THR C 213 -9.32 51.37 8.03
C THR C 213 -8.02 51.53 7.27
N PRO C 214 -8.02 51.88 5.98
CA PRO C 214 -6.77 51.99 5.25
C PRO C 214 -5.92 53.13 5.79
N GLU C 215 -4.64 52.84 5.96
CA GLU C 215 -3.64 53.81 6.42
C GLU C 215 -2.77 54.19 5.25
N ILE C 216 -2.83 55.46 4.84
CA ILE C 216 -2.14 55.95 3.66
C ILE C 216 -0.84 56.60 4.07
N ALA C 217 0.26 56.12 3.48
CA ALA C 217 1.59 56.66 3.73
C ALA C 217 2.50 56.18 2.62
N GLU C 218 3.48 57.03 2.29
CA GLU C 218 4.47 56.71 1.28
C GLU C 218 5.51 55.75 1.85
N ARG C 219 5.68 54.61 1.18
CA ARG C 219 6.56 53.54 1.59
C ARG C 219 7.60 53.27 0.52
N PRO C 220 8.72 52.62 0.86
CA PRO C 220 9.66 52.19 -0.17
C PRO C 220 8.99 51.20 -1.12
N LYS C 221 9.41 51.24 -2.38
CA LYS C 221 8.79 50.39 -3.38
C LYS C 221 9.32 48.96 -3.24
N VAL C 222 8.40 48.02 -3.13
CA VAL C 222 8.71 46.59 -3.14
C VAL C 222 7.94 46.00 -4.31
N ARG C 223 8.63 45.23 -5.14
CA ARG C 223 8.08 44.80 -6.43
C ARG C 223 7.55 46.01 -7.20
N GLY C 224 8.27 47.12 -7.09
CA GLY C 224 7.90 48.36 -7.73
C GLY C 224 6.73 49.09 -7.14
N GLN C 225 6.08 48.55 -6.10
CA GLN C 225 4.85 49.13 -5.58
C GLN C 225 5.11 49.83 -4.26
N ALA C 226 4.68 51.09 -4.19
CA ALA C 226 4.81 51.85 -2.94
C ALA C 226 3.64 51.62 -2.01
N GLY C 227 2.51 51.14 -2.52
CA GLY C 227 1.41 50.76 -1.65
C GLY C 227 1.54 49.34 -1.17
N ARG C 228 0.69 49.01 -0.19
CA ARG C 228 0.64 47.66 0.34
C ARG C 228 -0.82 47.23 0.40
N MET C 229 -1.02 45.93 0.37
CA MET C 229 -2.32 45.36 0.70
C MET C 229 -2.08 44.18 1.62
N ASN C 230 -2.65 44.25 2.81
CA ASN C 230 -2.54 43.21 3.80
C ASN C 230 -3.60 42.14 3.53
N TYR C 231 -3.23 40.89 3.82
CA TYR C 231 -4.09 39.76 3.50
C TYR C 231 -4.61 39.15 4.81
N TYR C 232 -5.91 38.84 4.82
CA TYR C 232 -6.57 38.30 6.00
C TYR C 232 -7.43 37.12 5.61
N TRP C 233 -7.66 36.22 6.57
CA TRP C 233 -8.41 35.00 6.31
C TRP C 233 -9.17 34.59 7.57
N THR C 234 -10.12 33.69 7.39
CA THR C 234 -10.82 33.09 8.53
C THR C 234 -11.49 31.80 8.06
N LEU C 235 -11.61 30.86 8.99
CA LEU C 235 -12.32 29.61 8.74
C LEU C 235 -13.78 29.76 9.18
N LEU C 236 -14.69 29.69 8.22
CA LEU C 236 -16.11 29.90 8.45
C LEU C 236 -16.76 28.56 8.76
N GLU C 237 -17.35 28.43 9.95
CA GLU C 237 -17.85 27.15 10.41
C GLU C 237 -19.10 26.74 9.61
N PRO C 238 -19.41 25.44 9.55
CA PRO C 238 -20.61 25.00 8.85
C PRO C 238 -21.86 25.67 9.42
N GLY C 239 -22.68 26.22 8.54
CA GLY C 239 -23.87 26.93 8.94
C GLY C 239 -23.66 28.39 9.25
N ASP C 240 -22.41 28.84 9.34
CA ASP C 240 -22.12 30.22 9.70
C ASP C 240 -22.18 31.13 8.47
N THR C 241 -22.40 32.41 8.74
CA THR C 241 -22.48 33.45 7.72
C THR C 241 -21.35 34.44 7.91
N ILE C 242 -20.71 34.83 6.81
CA ILE C 242 -19.71 35.89 6.80
C ILE C 242 -20.26 37.07 5.99
N ILE C 243 -20.06 38.28 6.50
CA ILE C 243 -20.61 39.49 5.90
C ILE C 243 -19.48 40.48 5.64
N PHE C 244 -19.36 40.92 4.40
CA PHE C 244 -18.44 41.97 3.99
C PHE C 244 -19.19 43.28 3.81
N GLU C 245 -18.74 44.32 4.50
CA GLU C 245 -19.27 45.66 4.34
C GLU C 245 -18.09 46.57 4.08
N ALA C 246 -18.14 47.34 2.99
CA ALA C 246 -16.93 48.05 2.58
C ALA C 246 -17.26 49.42 1.99
N ASN C 247 -16.38 50.37 2.30
CA ASN C 247 -16.40 51.72 1.75
C ASN C 247 -15.41 51.87 0.60
N GLY C 248 -14.49 50.92 0.47
CA GLY C 248 -13.38 51.01 -0.45
C GLY C 248 -12.23 50.18 0.08
N ASN C 249 -11.17 50.09 -0.75
CA ASN C 249 -9.92 49.44 -0.37
C ASN C 249 -10.10 47.95 -0.09
N LEU C 250 -11.23 47.36 -0.49
CA LEU C 250 -11.48 45.95 -0.25
C LEU C 250 -10.92 45.14 -1.41
N ILE C 251 -10.03 44.19 -1.10
CA ILE C 251 -9.62 43.17 -2.06
C ILE C 251 -10.58 42.01 -1.83
N ALA C 252 -11.69 42.01 -2.57
CA ALA C 252 -12.78 41.10 -2.24
C ALA C 252 -12.43 39.66 -2.56
N PRO C 253 -12.93 38.71 -1.76
CA PRO C 253 -12.76 37.30 -2.12
C PRO C 253 -13.49 37.01 -3.42
N TRP C 254 -12.85 36.20 -4.27
CA TRP C 254 -13.44 35.73 -5.51
C TRP C 254 -13.68 34.23 -5.50
N TYR C 255 -12.68 33.45 -5.10
CA TYR C 255 -12.83 32.03 -4.81
C TYR C 255 -12.47 31.77 -3.36
N ALA C 256 -13.14 30.78 -2.77
CA ALA C 256 -12.86 30.30 -1.41
C ALA C 256 -12.63 28.80 -1.45
N PHE C 257 -12.46 28.21 -0.27
CA PHE C 257 -12.09 26.79 -0.19
C PHE C 257 -12.90 26.13 0.92
N ALA C 258 -13.75 25.18 0.54
CA ALA C 258 -14.42 24.29 1.49
C ALA C 258 -13.49 23.12 1.79
N LEU C 259 -13.17 22.91 3.06
CA LEU C 259 -12.19 21.89 3.41
C LEU C 259 -12.54 21.21 4.72
N SER C 260 -11.95 20.02 4.90
CA SER C 260 -11.99 19.28 6.15
C SER C 260 -10.55 19.00 6.54
N ARG C 261 -10.09 19.67 7.59
CA ARG C 261 -8.70 19.54 8.03
C ARG C 261 -8.50 18.23 8.77
N GLY C 262 -7.26 17.74 8.74
CA GLY C 262 -6.92 16.46 9.33
C GLY C 262 -6.03 16.60 10.56
N PHE C 263 -5.77 15.45 11.19
CA PHE C 263 -4.87 15.38 12.32
C PHE C 263 -3.52 16.00 11.97
N GLY C 264 -3.16 17.04 12.71
CA GLY C 264 -2.04 17.91 12.39
C GLY C 264 -0.81 17.27 11.80
N SER C 265 -0.44 17.73 10.60
CA SER C 265 0.81 17.37 9.94
C SER C 265 1.69 18.62 9.88
N GLY C 266 2.50 18.73 8.84
CA GLY C 266 3.39 19.86 8.73
C GLY C 266 3.85 20.06 7.31
N ILE C 267 4.84 20.92 7.15
CA ILE C 267 5.38 21.29 5.84
C ILE C 267 6.86 21.00 5.85
N ILE C 268 7.34 20.29 4.83
CA ILE C 268 8.77 20.05 4.63
C ILE C 268 9.22 20.76 3.37
N THR C 269 10.46 21.26 3.42
CA THR C 269 11.11 21.88 2.26
C THR C 269 12.10 20.89 1.65
N SER C 270 11.89 20.55 0.37
CA SER C 270 12.64 19.46 -0.25
C SER C 270 12.83 19.73 -1.74
N ASN C 271 14.06 19.55 -2.21
CA ASN C 271 14.36 19.53 -3.64
C ASN C 271 14.08 18.17 -4.28
N ALA C 272 13.66 17.18 -3.49
CA ALA C 272 13.40 15.84 -3.96
C ALA C 272 12.05 15.76 -4.70
N SER C 273 11.93 14.76 -5.56
CA SER C 273 10.76 14.57 -6.41
C SER C 273 9.78 13.59 -5.77
N MET C 274 8.53 13.62 -6.26
CA MET C 274 7.50 12.70 -5.81
C MET C 274 7.56 11.42 -6.62
N ASP C 275 7.30 10.31 -5.94
CA ASP C 275 7.20 9.00 -6.55
C ASP C 275 5.95 8.34 -6.01
N GLU C 276 5.46 7.34 -6.75
CA GLU C 276 4.26 6.61 -6.33
C GLU C 276 4.68 5.50 -5.37
N CYS C 277 5.06 5.93 -4.18
CA CYS C 277 5.55 5.05 -3.12
C CYS C 277 4.83 5.38 -1.83
N ASP C 278 4.81 4.42 -0.92
CA ASP C 278 4.24 4.57 0.40
C ASP C 278 5.33 4.50 1.45
N THR C 279 5.28 5.41 2.42
CA THR C 279 6.20 5.38 3.53
C THR C 279 5.44 5.66 4.81
N LYS C 280 6.05 5.31 5.93
CA LYS C 280 5.53 5.65 7.25
C LYS C 280 6.31 6.77 7.90
N CYS C 281 7.37 7.26 7.24
CA CYS C 281 8.21 8.31 7.79
C CYS C 281 8.83 9.09 6.65
N GLN C 282 8.63 10.41 6.65
CA GLN C 282 9.14 11.27 5.59
C GLN C 282 10.15 12.25 6.18
N THR C 283 11.33 12.31 5.57
CA THR C 283 12.45 13.22 5.78
C THR C 283 12.56 14.21 4.62
N PRO C 284 13.01 15.43 4.87
CA PRO C 284 13.19 16.39 3.77
C PRO C 284 14.06 15.89 2.62
N GLN C 285 15.01 14.98 2.89
CA GLN C 285 15.83 14.45 1.81
C GLN C 285 15.15 13.28 1.10
N GLY C 286 14.26 12.56 1.79
CA GLY C 286 13.57 11.43 1.21
C GLY C 286 12.93 10.60 2.30
N ALA C 287 12.20 9.58 1.86
CA ALA C 287 11.50 8.71 2.81
C ALA C 287 12.44 7.67 3.37
N ILE C 288 12.18 7.27 4.62
CA ILE C 288 13.01 6.27 5.30
C ILE C 288 12.11 5.17 5.85
N ASN C 289 12.69 3.99 6.00
CA ASN C 289 11.99 2.87 6.62
C ASN C 289 11.84 3.10 8.12
N SER C 290 10.65 2.79 8.64
CA SER C 290 10.35 3.02 10.05
C SER C 290 10.44 1.74 10.88
N SER C 291 11.12 0.71 10.39
CA SER C 291 11.21 -0.52 11.16
C SER C 291 12.25 -0.43 12.26
N LEU C 292 13.41 0.18 11.97
CA LEU C 292 14.41 0.30 13.01
C LEU C 292 14.04 1.43 13.98
N PRO C 293 14.48 1.35 15.23
CA PRO C 293 14.08 2.36 16.22
C PRO C 293 14.81 3.69 16.12
N PHE C 294 15.93 3.77 15.40
CA PHE C 294 16.69 5.00 15.38
C PHE C 294 17.06 5.37 13.95
N GLN C 295 17.16 6.68 13.70
CA GLN C 295 17.60 7.18 12.41
C GLN C 295 18.49 8.40 12.62
N ASN C 296 19.42 8.59 11.68
CA ASN C 296 20.32 9.74 11.69
C ASN C 296 20.24 10.54 10.40
N ILE C 297 19.11 10.45 9.69
CA ILE C 297 18.99 11.13 8.40
C ILE C 297 18.71 12.61 8.61
N HIS C 298 17.67 12.94 9.36
CA HIS C 298 17.26 14.32 9.60
C HIS C 298 16.42 14.37 10.86
N PRO C 299 16.55 15.41 11.68
CA PRO C 299 15.70 15.49 12.89
C PRO C 299 14.27 15.91 12.62
N VAL C 300 13.99 16.60 11.51
CA VAL C 300 12.66 17.10 11.21
C VAL C 300 11.99 16.08 10.29
N THR C 301 11.14 15.24 10.85
CA THR C 301 10.45 14.20 10.11
C THR C 301 8.95 14.35 10.26
N ILE C 302 8.20 13.62 9.43
CA ILE C 302 6.74 13.58 9.51
C ILE C 302 6.29 12.13 9.42
N GLY C 303 5.49 11.70 10.41
CA GLY C 303 4.92 10.38 10.41
C GLY C 303 5.27 9.62 11.69
N GLU C 304 5.10 8.30 11.69
CA GLU C 304 5.54 7.47 12.81
C GLU C 304 6.99 7.10 12.56
N CYS C 305 7.90 7.92 13.05
CA CYS C 305 9.29 7.88 12.66
C CYS C 305 10.14 7.32 13.79
N PRO C 306 11.24 6.66 13.44
CA PRO C 306 12.22 6.29 14.47
C PRO C 306 12.87 7.53 15.06
N LYS C 307 13.25 7.43 16.32
CA LYS C 307 13.83 8.57 17.02
C LYS C 307 15.16 8.97 16.38
N TYR C 308 15.36 10.27 16.24
CA TYR C 308 16.57 10.79 15.61
C TYR C 308 17.71 10.80 16.61
N VAL C 309 18.86 10.27 16.20
CA VAL C 309 20.05 10.24 17.04
C VAL C 309 21.23 10.75 16.23
N LYS C 310 22.21 11.32 16.93
CA LYS C 310 23.43 11.79 16.31
C LYS C 310 24.44 10.66 16.04
N SER C 311 24.02 9.40 16.19
CA SER C 311 24.93 8.27 16.07
C SER C 311 25.19 7.93 14.60
N THR C 312 26.30 7.23 14.36
CA THR C 312 26.65 6.76 13.02
C THR C 312 26.62 5.26 12.87
N LYS C 313 26.76 4.50 13.96
CA LYS C 313 26.70 3.04 13.91
C LYS C 313 26.07 2.56 15.21
N LEU C 314 24.97 1.82 15.11
CA LEU C 314 24.29 1.27 16.29
C LEU C 314 23.79 -0.11 15.87
N ARG C 315 24.60 -1.13 16.14
CA ARG C 315 24.20 -2.50 15.89
C ARG C 315 24.50 -3.36 17.09
N MET C 316 23.57 -4.25 17.40
CA MET C 316 23.67 -5.19 18.52
C MET C 316 24.05 -6.57 18.04
N VAL C 317 24.88 -7.26 18.84
CA VAL C 317 25.30 -8.62 18.52
C VAL C 317 24.14 -9.59 18.63
N THR C 318 24.03 -10.48 17.65
CA THR C 318 23.16 -11.64 17.76
C THR C 318 23.96 -12.92 17.92
N GLY C 319 25.09 -13.04 17.23
CA GLY C 319 25.96 -14.19 17.30
C GLY C 319 27.05 -14.05 18.35
N LEU C 320 28.17 -14.74 18.10
CA LEU C 320 29.30 -14.85 19.02
C LEU C 320 30.49 -14.03 18.54
N ARG C 321 31.54 -14.03 19.35
CA ARG C 321 32.85 -13.54 18.94
C ARG C 321 33.43 -14.47 17.89
N ASN C 322 33.86 -13.90 16.76
CA ASN C 322 34.45 -14.70 15.69
C ASN C 322 35.93 -14.89 15.97
N ILE C 323 36.29 -16.09 16.42
CA ILE C 323 37.67 -16.45 16.76
C ILE C 323 38.06 -17.70 15.97
N PRO C 324 38.43 -17.58 14.69
CA PRO C 324 38.83 -18.74 13.89
C PRO C 324 40.30 -19.09 14.00
N GLY D 1 35.04 -14.95 28.47
CA GLY D 1 35.14 -13.62 29.07
C GLY D 1 34.62 -13.56 30.49
N LEU D 2 33.29 -13.43 30.63
CA LEU D 2 32.72 -13.32 31.97
C LEU D 2 32.57 -14.68 32.65
N PHE D 3 32.35 -15.74 31.89
CA PHE D 3 32.30 -17.09 32.43
C PHE D 3 33.54 -17.91 32.10
N GLY D 4 34.55 -17.31 31.45
CA GLY D 4 35.84 -17.94 31.31
C GLY D 4 35.92 -19.07 30.31
N ALA D 5 34.87 -19.30 29.51
CA ALA D 5 34.83 -20.42 28.58
C ALA D 5 35.26 -20.05 27.17
N ILE D 6 34.67 -19.00 26.60
CA ILE D 6 34.92 -18.67 25.19
C ILE D 6 36.26 -17.96 25.02
N ALA D 7 36.44 -16.81 25.65
CA ALA D 7 37.76 -16.19 25.65
C ALA D 7 38.76 -16.95 26.52
N GLY D 8 38.34 -18.06 27.13
CA GLY D 8 39.14 -18.79 28.09
C GLY D 8 39.59 -20.16 27.62
N PHE D 9 39.20 -21.21 28.35
CA PHE D 9 39.78 -22.53 28.13
C PHE D 9 39.40 -23.15 26.79
N ILE D 10 38.44 -22.59 26.07
CA ILE D 10 38.20 -22.98 24.67
C ILE D 10 38.72 -21.87 23.78
N GLU D 11 39.98 -21.96 23.36
CA GLU D 11 40.70 -20.79 22.86
C GLU D 11 40.10 -20.22 21.58
N GLY D 12 39.37 -21.00 20.80
CA GLY D 12 38.92 -20.52 19.52
C GLY D 12 37.63 -21.15 19.06
N GLY D 13 37.13 -20.65 17.94
CA GLY D 13 35.91 -21.14 17.35
C GLY D 13 36.17 -22.15 16.25
N TRP D 14 35.09 -22.80 15.82
CA TRP D 14 35.13 -23.85 14.81
C TRP D 14 34.46 -23.36 13.55
N THR D 15 35.28 -22.99 12.55
CA THR D 15 34.72 -22.77 11.23
C THR D 15 34.18 -24.07 10.63
N GLY D 16 34.60 -25.21 11.15
CA GLY D 16 34.11 -26.50 10.67
C GLY D 16 32.69 -26.82 11.09
N MET D 17 32.19 -26.20 12.16
CA MET D 17 30.81 -26.40 12.60
C MET D 17 29.99 -25.26 12.02
N ILE D 18 29.40 -25.49 10.83
CA ILE D 18 28.56 -24.47 10.21
C ILE D 18 27.08 -24.61 10.54
N ASP D 19 26.67 -25.67 11.24
CA ASP D 19 25.25 -25.94 11.45
C ASP D 19 24.64 -25.17 12.62
N GLY D 20 25.43 -24.74 13.60
CA GLY D 20 24.84 -24.04 14.73
C GLY D 20 25.88 -23.29 15.54
N TRP D 21 25.43 -22.78 16.69
CA TRP D 21 26.24 -21.87 17.49
C TRP D 21 27.16 -22.61 18.46
N TYR D 22 26.64 -23.60 19.17
CA TYR D 22 27.43 -24.43 20.06
C TYR D 22 27.20 -25.88 19.69
N GLY D 23 28.23 -26.70 19.89
CA GLY D 23 28.09 -28.09 19.54
C GLY D 23 29.30 -28.88 19.95
N TYR D 24 29.44 -30.05 19.32
CA TYR D 24 30.43 -31.02 19.71
C TYR D 24 31.34 -31.34 18.52
N HIS D 25 32.54 -31.79 18.82
CA HIS D 25 33.43 -32.40 17.83
C HIS D 25 33.95 -33.71 18.41
N HIS D 26 33.48 -34.83 17.87
CA HIS D 26 33.89 -36.14 18.33
C HIS D 26 34.89 -36.76 17.36
N GLN D 27 35.70 -37.67 17.90
CA GLN D 27 36.69 -38.40 17.11
C GLN D 27 36.83 -39.78 17.71
N ASN D 28 36.40 -40.80 16.98
CA ASN D 28 36.56 -42.19 17.39
C ASN D 28 37.12 -42.99 16.21
N GLU D 29 37.31 -44.30 16.42
CA GLU D 29 37.83 -45.14 15.35
C GLU D 29 36.88 -45.21 14.15
N GLN D 30 35.61 -44.82 14.35
CA GLN D 30 34.63 -44.86 13.28
C GLN D 30 34.67 -43.63 12.36
N GLY D 31 35.23 -42.51 12.80
CA GLY D 31 35.28 -41.33 11.97
C GLY D 31 35.42 -40.07 12.80
N SER D 32 35.15 -38.94 12.13
CA SER D 32 35.25 -37.62 12.77
C SER D 32 34.28 -36.66 12.09
N GLY D 33 33.75 -35.72 12.88
CA GLY D 33 32.85 -34.72 12.34
C GLY D 33 32.41 -33.75 13.43
N TYR D 34 31.81 -32.66 12.97
CA TYR D 34 31.22 -31.64 13.84
C TYR D 34 29.70 -31.83 13.90
N ALA D 35 29.13 -31.61 15.07
CA ALA D 35 27.69 -31.64 15.25
C ALA D 35 27.27 -30.54 16.22
N ALA D 36 26.20 -29.83 15.89
CA ALA D 36 25.69 -28.75 16.72
C ALA D 36 24.69 -29.29 17.74
N ASP D 37 24.67 -28.66 18.92
CA ASP D 37 23.72 -29.03 19.96
C ASP D 37 22.44 -28.23 19.75
N GLN D 38 21.47 -28.82 19.06
CA GLN D 38 20.26 -28.10 18.72
C GLN D 38 19.41 -27.78 19.94
N LYS D 39 19.59 -28.48 21.06
CA LYS D 39 18.90 -28.09 22.27
C LYS D 39 19.39 -26.73 22.78
N SER D 40 20.71 -26.56 22.87
CA SER D 40 21.27 -25.32 23.41
C SER D 40 21.20 -24.18 22.40
N THR D 41 21.51 -24.45 21.14
CA THR D 41 21.52 -23.40 20.14
C THR D 41 20.12 -22.87 19.86
N GLN D 42 19.10 -23.72 19.91
CA GLN D 42 17.75 -23.22 19.67
C GLN D 42 17.25 -22.36 20.82
N ASN D 43 17.53 -22.78 22.07
CA ASN D 43 17.17 -21.95 23.22
C ASN D 43 17.91 -20.61 23.19
N ALA D 44 19.11 -20.58 22.62
CA ALA D 44 19.82 -19.32 22.46
C ALA D 44 19.29 -18.53 21.27
N ILE D 45 18.93 -19.22 20.19
CA ILE D 45 18.33 -18.53 19.04
C ILE D 45 17.03 -17.85 19.45
N ASN D 46 16.29 -18.47 20.37
CA ASN D 46 15.03 -17.89 20.82
C ASN D 46 15.26 -16.63 21.66
N GLY D 47 16.18 -16.70 22.63
CA GLY D 47 16.39 -15.57 23.51
C GLY D 47 16.99 -14.37 22.81
N ILE D 48 17.99 -14.60 21.95
CA ILE D 48 18.63 -13.49 21.25
C ILE D 48 17.65 -12.81 20.30
N THR D 49 16.85 -13.60 19.58
CA THR D 49 15.83 -13.01 18.72
C THR D 49 14.76 -12.29 19.54
N ASN D 50 14.39 -12.85 20.69
CA ASN D 50 13.44 -12.16 21.58
C ASN D 50 14.02 -10.87 22.13
N LYS D 51 15.32 -10.85 22.40
CA LYS D 51 15.97 -9.63 22.86
C LYS D 51 15.98 -8.58 21.78
N VAL D 52 16.37 -8.97 20.56
CA VAL D 52 16.43 -8.01 19.46
C VAL D 52 15.04 -7.46 19.16
N ASN D 53 14.01 -8.31 19.21
CA ASN D 53 12.68 -7.81 18.95
C ASN D 53 12.21 -6.90 20.09
N SER D 54 12.64 -7.18 21.32
CA SER D 54 12.28 -6.32 22.44
C SER D 54 12.91 -4.94 22.29
N VAL D 55 14.13 -4.87 21.77
CA VAL D 55 14.75 -3.57 21.53
C VAL D 55 14.03 -2.84 20.41
N ILE D 56 13.64 -3.57 19.36
CA ILE D 56 13.06 -2.95 18.17
C ILE D 56 11.56 -2.68 18.36
N GLU D 57 10.81 -3.67 18.80
CA GLU D 57 9.36 -3.59 18.76
C GLU D 57 8.76 -2.78 19.90
N LYS D 58 9.50 -2.57 20.98
CA LYS D 58 9.02 -1.75 22.09
C LYS D 58 9.08 -0.26 21.77
N MET D 59 9.54 0.12 20.57
CA MET D 59 9.61 1.52 20.15
C MET D 59 8.27 1.91 19.54
N ASN D 60 7.35 2.27 20.43
CA ASN D 60 6.05 2.80 20.01
C ASN D 60 6.19 4.28 19.73
N THR D 61 6.00 4.68 18.49
CA THR D 61 6.14 6.06 18.07
C THR D 61 4.81 6.54 17.53
N GLN D 62 4.38 7.70 17.98
CA GLN D 62 3.11 8.24 17.53
C GLN D 62 3.33 9.10 16.30
N PHE D 63 2.23 9.54 15.71
CA PHE D 63 2.32 10.43 14.55
C PHE D 63 2.81 11.80 15.00
N THR D 64 3.80 12.33 14.29
CA THR D 64 4.38 13.60 14.69
C THR D 64 4.82 14.37 13.45
N ALA D 65 4.57 15.66 13.47
CA ALA D 65 5.19 16.59 12.53
C ALA D 65 6.16 17.39 13.38
N VAL D 66 7.45 17.07 13.27
CA VAL D 66 8.45 17.68 14.14
C VAL D 66 8.56 19.17 13.87
N GLY D 67 8.53 19.55 12.59
CA GLY D 67 8.86 20.91 12.22
C GLY D 67 7.82 21.93 12.68
N LYS D 68 8.31 23.09 13.10
CA LYS D 68 7.49 24.24 13.42
C LYS D 68 8.08 25.47 12.75
N GLU D 69 7.20 26.36 12.29
CA GLU D 69 7.60 27.58 11.59
C GLU D 69 7.24 28.78 12.46
N PHE D 70 8.17 29.71 12.61
CA PHE D 70 7.97 30.90 13.41
C PHE D 70 8.50 32.10 12.64
N ASN D 71 7.99 33.27 12.99
CA ASN D 71 8.33 34.48 12.27
C ASN D 71 9.29 35.34 13.11
N LYS D 72 9.63 36.51 12.58
CA LYS D 72 10.71 37.31 13.17
C LYS D 72 10.43 37.68 14.63
N LEU D 73 9.17 37.79 15.01
CA LEU D 73 8.81 38.18 16.37
C LEU D 73 8.44 36.99 17.25
N GLU D 74 8.88 35.79 16.88
CA GLU D 74 8.61 34.58 17.65
C GLU D 74 9.92 33.82 17.88
N LYS D 75 11.02 34.56 17.97
CA LYS D 75 12.33 33.94 18.15
C LYS D 75 12.39 33.15 19.45
N ARG D 76 11.72 33.64 20.50
CA ARG D 76 11.71 32.91 21.77
C ARG D 76 11.05 31.55 21.60
N MET D 77 9.90 31.50 20.92
CA MET D 77 9.24 30.22 20.66
C MET D 77 10.10 29.31 19.79
N GLU D 78 10.84 29.88 18.84
CA GLU D 78 11.72 29.06 18.00
C GLU D 78 12.81 28.41 18.83
N ASN D 79 13.39 29.15 19.77
CA ASN D 79 14.42 28.59 20.65
C ASN D 79 13.82 27.61 21.65
N LEU D 80 12.58 27.84 22.11
CA LEU D 80 11.92 26.83 22.92
C LEU D 80 11.68 25.55 22.13
N ASN D 81 11.34 25.69 20.84
CA ASN D 81 11.19 24.52 19.98
C ASN D 81 12.54 23.85 19.77
N LYS D 82 13.59 24.65 19.57
CA LYS D 82 14.94 24.10 19.43
C LYS D 82 15.37 23.35 20.68
N LYS D 83 14.98 23.85 21.86
CA LYS D 83 15.36 23.19 23.10
C LYS D 83 14.69 21.82 23.23
N VAL D 84 13.44 21.70 22.77
CA VAL D 84 12.74 20.41 22.87
C VAL D 84 13.39 19.39 21.95
N ASP D 85 13.71 19.78 20.71
CA ASP D 85 14.34 18.85 19.77
C ASP D 85 15.75 18.47 20.24
N ASP D 86 16.57 19.47 20.58
CA ASP D 86 17.92 19.21 21.03
C ASP D 86 17.94 18.42 22.33
N GLY D 87 16.91 18.59 23.17
CA GLY D 87 16.83 17.80 24.38
C GLY D 87 16.53 16.34 24.12
N PHE D 88 15.50 16.06 23.31
CA PHE D 88 15.20 14.67 22.96
C PHE D 88 16.35 14.05 22.19
N LEU D 89 17.02 14.84 21.36
CA LEU D 89 18.16 14.34 20.61
C LEU D 89 19.26 13.85 21.55
N ASP D 90 19.55 14.61 22.60
CA ASP D 90 20.54 14.18 23.59
C ASP D 90 20.07 12.94 24.35
N ILE D 91 18.78 12.90 24.73
CA ILE D 91 18.29 11.76 25.51
C ILE D 91 18.36 10.47 24.70
N TRP D 92 17.77 10.46 23.50
CA TRP D 92 17.74 9.22 22.73
C TRP D 92 19.14 8.79 22.32
N THR D 93 19.97 9.74 21.85
CA THR D 93 21.34 9.41 21.46
C THR D 93 22.10 8.76 22.61
N TYR D 94 22.06 9.38 23.79
CA TYR D 94 22.81 8.83 24.93
C TYR D 94 22.30 7.45 25.29
N ASN D 95 20.98 7.30 25.39
CA ASN D 95 20.42 6.03 25.81
C ASN D 95 20.64 4.96 24.76
N ALA D 96 20.52 5.31 23.49
CA ALA D 96 20.75 4.33 22.42
C ALA D 96 22.19 3.88 22.43
N GLU D 97 23.13 4.82 22.54
CA GLU D 97 24.55 4.46 22.55
C GLU D 97 24.88 3.53 23.71
N LEU D 98 24.43 3.88 24.92
CA LEU D 98 24.71 3.05 26.08
C LEU D 98 23.97 1.72 26.02
N LEU D 99 22.72 1.71 25.54
CA LEU D 99 21.98 0.46 25.45
C LEU D 99 22.71 -0.55 24.56
N VAL D 100 23.19 -0.09 23.41
CA VAL D 100 23.95 -0.96 22.52
C VAL D 100 25.25 -1.39 23.18
N LEU D 101 25.91 -0.46 23.88
CA LEU D 101 27.17 -0.77 24.53
C LEU D 101 27.00 -1.80 25.63
N LEU D 102 25.97 -1.63 26.47
CA LEU D 102 25.77 -2.52 27.61
C LEU D 102 25.20 -3.87 27.21
N GLU D 103 24.17 -3.88 26.36
CA GLU D 103 23.51 -5.14 26.01
C GLU D 103 24.35 -5.98 25.06
N ASN D 104 25.29 -5.38 24.33
CA ASN D 104 26.21 -6.18 23.55
C ASN D 104 27.16 -6.97 24.44
N GLU D 105 27.64 -6.37 25.52
CA GLU D 105 28.45 -7.10 26.48
C GLU D 105 27.64 -8.23 27.10
N ARG D 106 26.34 -7.99 27.34
CA ARG D 106 25.50 -9.03 27.94
C ARG D 106 25.24 -10.17 26.96
N THR D 107 25.05 -9.85 25.67
CA THR D 107 24.84 -10.91 24.68
C THR D 107 26.06 -11.81 24.60
N LEU D 108 27.26 -11.22 24.59
CA LEU D 108 28.48 -12.02 24.54
C LEU D 108 28.65 -12.85 25.80
N ASP D 109 28.30 -12.28 26.96
CA ASP D 109 28.28 -13.08 28.19
C ASP D 109 27.28 -14.22 28.08
N PHE D 110 26.14 -13.97 27.44
CA PHE D 110 25.10 -15.00 27.32
C PHE D 110 25.61 -16.20 26.54
N HIS D 111 26.26 -15.95 25.40
CA HIS D 111 26.87 -17.04 24.65
C HIS D 111 27.93 -17.75 25.48
N ASP D 112 28.77 -16.97 26.17
CA ASP D 112 29.80 -17.55 27.02
C ASP D 112 29.21 -18.52 28.04
N SER D 113 28.13 -18.13 28.70
CA SER D 113 27.51 -19.00 29.70
C SER D 113 26.96 -20.27 29.06
N ASN D 114 26.37 -20.16 27.87
CA ASN D 114 25.82 -21.35 27.22
C ASN D 114 26.93 -22.36 26.91
N VAL D 115 28.14 -21.88 26.62
CA VAL D 115 29.26 -22.80 26.42
C VAL D 115 29.64 -23.45 27.75
N LYS D 116 29.68 -22.66 28.83
CA LYS D 116 30.07 -23.20 30.13
C LYS D 116 29.03 -24.20 30.64
N ASN D 117 27.74 -23.91 30.44
CA ASN D 117 26.70 -24.85 30.86
C ASN D 117 26.69 -26.11 30.00
N LEU D 118 26.94 -25.95 28.69
CA LEU D 118 27.03 -27.13 27.82
C LEU D 118 28.24 -27.99 28.17
N TYR D 119 29.39 -27.37 28.39
CA TYR D 119 30.58 -28.11 28.79
C TYR D 119 30.36 -28.86 30.10
N GLU D 120 29.86 -28.18 31.13
CA GLU D 120 29.68 -28.83 32.42
C GLU D 120 28.58 -29.89 32.38
N LYS D 121 27.59 -29.72 31.52
CA LYS D 121 26.57 -30.75 31.37
C LYS D 121 27.17 -32.04 30.82
N VAL D 122 28.10 -31.92 29.88
CA VAL D 122 28.79 -33.09 29.35
C VAL D 122 29.69 -33.70 30.42
N LYS D 123 30.42 -32.84 31.14
CA LYS D 123 31.30 -33.32 32.20
C LYS D 123 30.52 -34.08 33.28
N ASN D 124 29.35 -33.56 33.65
CA ASN D 124 28.57 -34.19 34.71
C ASN D 124 28.06 -35.57 34.31
N GLN D 125 27.73 -35.79 33.03
CA GLN D 125 27.32 -37.12 32.60
C GLN D 125 28.53 -38.05 32.44
N LEU D 126 29.65 -37.56 31.89
CA LEU D 126 30.85 -38.36 31.75
C LEU D 126 31.63 -38.56 33.06
N ARG D 127 30.97 -38.35 34.21
CA ARG D 127 31.55 -38.40 35.55
C ARG D 127 33.07 -38.53 35.59
N ASN D 128 33.59 -39.76 35.50
CA ASN D 128 35.02 -40.00 35.54
C ASN D 128 35.44 -41.12 34.59
N ASN D 129 34.61 -41.44 33.59
CA ASN D 129 35.00 -42.40 32.59
C ASN D 129 35.87 -41.80 31.50
N ALA D 130 36.27 -40.53 31.62
CA ALA D 130 37.11 -39.88 30.64
C ALA D 130 37.93 -38.79 31.32
N LYS D 131 39.11 -38.52 30.76
CA LYS D 131 39.97 -37.46 31.25
C LYS D 131 39.67 -36.16 30.52
N GLU D 132 39.46 -35.08 31.27
CA GLU D 132 39.26 -33.76 30.68
C GLU D 132 40.62 -33.13 30.41
N ILE D 133 40.93 -32.90 29.14
CA ILE D 133 42.23 -32.35 28.79
C ILE D 133 42.38 -30.91 29.25
N GLY D 134 41.28 -30.24 29.61
CA GLY D 134 41.33 -28.87 30.07
C GLY D 134 41.17 -27.82 28.99
N ASN D 135 41.17 -28.24 27.72
CA ASN D 135 41.03 -27.33 26.59
C ASN D 135 39.69 -27.52 25.88
N GLY D 136 38.71 -28.09 26.57
CA GLY D 136 37.39 -28.34 26.04
C GLY D 136 37.11 -29.73 25.51
N CYS D 137 38.08 -30.63 25.58
CA CYS D 137 37.91 -31.99 25.07
C CYS D 137 37.90 -32.99 26.21
N PHE D 138 37.31 -34.16 25.95
CA PHE D 138 37.29 -35.26 26.90
C PHE D 138 37.83 -36.50 26.20
N GLU D 139 38.93 -37.04 26.71
CA GLU D 139 39.53 -38.24 26.17
C GLU D 139 38.98 -39.45 26.91
N PHE D 140 38.27 -40.31 26.17
CA PHE D 140 37.56 -41.43 26.76
C PHE D 140 38.53 -42.49 27.28
N TYR D 141 38.19 -43.07 28.43
CA TYR D 141 38.91 -44.24 28.93
C TYR D 141 38.40 -45.54 28.32
N HIS D 142 37.21 -45.54 27.72
CA HIS D 142 36.67 -46.71 27.04
C HIS D 142 36.40 -46.36 25.57
N LYS D 143 36.27 -47.40 24.74
CA LYS D 143 35.98 -47.19 23.34
C LYS D 143 34.53 -46.73 23.19
N CYS D 144 34.35 -45.48 22.78
CA CYS D 144 33.02 -44.89 22.60
C CYS D 144 32.77 -44.70 21.12
N ASN D 145 32.06 -45.65 20.52
CA ASN D 145 31.68 -45.59 19.12
C ASN D 145 30.54 -44.58 18.93
N ASN D 146 30.01 -44.50 17.71
CA ASN D 146 28.99 -43.50 17.39
C ASN D 146 27.72 -43.67 18.22
N GLU D 147 27.34 -44.90 18.57
CA GLU D 147 26.15 -45.09 19.39
C GLU D 147 26.34 -44.48 20.78
N CYS D 148 27.50 -44.71 21.38
CA CYS D 148 27.80 -44.10 22.67
C CYS D 148 27.96 -42.58 22.54
N MET D 149 28.56 -42.13 21.43
CA MET D 149 28.72 -40.70 21.19
C MET D 149 27.38 -40.01 20.99
N GLU D 150 26.53 -40.57 20.12
CA GLU D 150 25.24 -39.94 19.84
C GLU D 150 24.40 -39.78 21.09
N SER D 151 24.59 -40.66 22.07
CA SER D 151 23.91 -40.54 23.35
C SER D 151 24.59 -39.52 24.27
N VAL D 152 25.90 -39.31 24.10
CA VAL D 152 26.61 -38.31 24.90
C VAL D 152 26.12 -36.92 24.55
N LYS D 153 25.97 -36.62 23.26
CA LYS D 153 25.40 -35.35 22.87
C LYS D 153 23.93 -35.28 23.25
N ASN D 154 23.23 -36.41 23.13
CA ASN D 154 21.81 -36.50 23.43
C ASN D 154 21.50 -36.29 24.90
N GLY D 155 22.49 -36.44 25.78
CA GLY D 155 22.24 -36.35 27.19
C GLY D 155 21.84 -37.67 27.81
N THR D 156 21.90 -38.76 27.05
CA THR D 156 21.49 -40.06 27.51
C THR D 156 22.66 -41.02 27.46
N TYR D 157 23.74 -40.65 28.12
CA TYR D 157 24.95 -41.47 28.17
C TYR D 157 24.82 -42.42 29.36
N ASP D 158 24.69 -43.71 29.07
CA ASP D 158 24.61 -44.70 30.13
C ASP D 158 25.94 -44.82 30.83
N TYR D 159 25.91 -44.90 32.15
CA TYR D 159 27.14 -44.84 32.91
C TYR D 159 27.90 -46.16 32.86
N PRO D 160 27.23 -47.30 33.11
CA PRO D 160 27.92 -48.59 33.09
C PRO D 160 28.47 -48.97 31.72
N SER E 2 21.65 -45.15 52.80
CA SER E 2 22.61 -44.06 52.78
C SER E 2 21.94 -42.69 52.89
N ASP E 3 22.60 -41.75 53.56
CA ASP E 3 22.07 -40.43 53.83
C ASP E 3 22.40 -39.46 52.71
N THR E 4 21.53 -38.47 52.52
CA THR E 4 21.69 -37.48 51.47
C THR E 4 21.32 -36.10 51.97
N ILE E 5 21.88 -35.09 51.31
CA ILE E 5 21.48 -33.70 51.44
C ILE E 5 21.43 -33.09 50.03
N CYS E 6 20.41 -32.28 49.77
CA CYS E 6 20.20 -31.70 48.46
C CYS E 6 20.10 -30.18 48.58
N ILE E 7 20.43 -29.48 47.50
CA ILE E 7 20.30 -28.03 47.43
C ILE E 7 19.21 -27.69 46.43
N GLY E 8 18.27 -26.85 46.83
CA GLY E 8 17.15 -26.48 45.98
C GLY E 8 16.60 -25.11 46.29
N TYR E 9 15.45 -24.77 45.69
CA TYR E 9 14.90 -23.43 45.81
C TYR E 9 13.39 -23.52 45.94
N HIS E 10 12.79 -22.36 46.24
CA HIS E 10 11.39 -22.28 46.60
C HIS E 10 10.49 -22.40 45.37
N ALA E 11 9.28 -22.94 45.60
CA ALA E 11 8.22 -22.93 44.62
C ALA E 11 6.89 -22.89 45.37
N ASN E 12 5.89 -22.28 44.75
CA ASN E 12 4.58 -22.15 45.38
C ASN E 12 3.51 -22.34 44.31
N ASN E 13 2.26 -22.10 44.70
CA ASN E 13 1.12 -22.22 43.79
C ASN E 13 0.93 -20.98 42.93
N SER E 14 1.88 -20.04 42.96
CA SER E 14 1.71 -18.76 42.30
C SER E 14 1.54 -18.91 40.79
N THR E 15 0.79 -18.00 40.20
CA THR E 15 0.61 -17.94 38.75
C THR E 15 1.03 -16.59 38.17
N ASP E 16 1.71 -15.76 38.95
CA ASP E 16 2.24 -14.49 38.45
C ASP E 16 3.22 -14.73 37.31
N THR E 17 3.12 -13.88 36.28
CA THR E 17 4.03 -13.92 35.14
C THR E 17 4.65 -12.56 34.92
N VAL E 18 5.94 -12.55 34.58
CA VAL E 18 6.64 -11.35 34.17
C VAL E 18 7.34 -11.63 32.84
N ASP E 19 7.71 -10.56 32.15
CA ASP E 19 8.48 -10.66 30.93
C ASP E 19 9.96 -10.43 31.23
N THR E 20 10.81 -11.23 30.60
CA THR E 20 12.24 -11.01 30.63
C THR E 20 12.72 -10.67 29.23
N VAL E 21 13.99 -10.27 29.13
CA VAL E 21 14.51 -9.89 27.82
C VAL E 21 14.69 -11.12 26.94
N LEU E 22 14.91 -12.29 27.53
CA LEU E 22 15.11 -13.52 26.78
C LEU E 22 13.85 -14.35 26.59
N GLU E 23 12.84 -14.19 27.44
CA GLU E 23 11.65 -15.03 27.39
C GLU E 23 10.44 -14.24 27.89
N LYS E 24 9.34 -14.36 27.17
CA LYS E 24 8.08 -13.73 27.60
C LYS E 24 7.27 -14.71 28.43
N ASN E 25 6.39 -14.15 29.28
CA ASN E 25 5.40 -14.92 30.03
C ASN E 25 6.06 -16.01 30.89
N VAL E 26 6.92 -15.55 31.79
CA VAL E 26 7.70 -16.44 32.66
C VAL E 26 7.03 -16.46 34.03
N THR E 27 6.63 -17.66 34.47
CA THR E 27 5.94 -17.82 35.75
C THR E 27 6.93 -17.73 36.91
N VAL E 28 6.68 -16.82 37.84
CA VAL E 28 7.57 -16.54 38.95
C VAL E 28 6.80 -16.67 40.27
N THR E 29 7.55 -16.70 41.37
CA THR E 29 6.95 -16.97 42.68
C THR E 29 6.35 -15.72 43.32
N HIS E 30 7.12 -14.63 43.36
CA HIS E 30 6.68 -13.38 43.97
C HIS E 30 7.06 -12.22 43.06
N SER E 31 6.18 -11.22 42.97
CA SER E 31 6.47 -10.06 42.11
C SER E 31 5.77 -8.83 42.67
N VAL E 32 6.22 -7.66 42.21
CA VAL E 32 5.67 -6.38 42.64
C VAL E 32 5.32 -5.60 41.38
N ASN E 33 4.20 -4.88 41.44
CA ASN E 33 3.74 -4.09 40.31
C ASN E 33 4.40 -2.71 40.33
N LEU E 34 4.77 -2.22 39.15
CA LEU E 34 5.35 -0.90 39.00
C LEU E 34 4.42 0.08 38.29
N LEU E 35 3.26 -0.39 37.82
CA LEU E 35 2.38 0.40 36.96
C LEU E 35 1.08 0.65 37.70
N GLU E 36 0.79 1.92 37.99
CA GLU E 36 -0.48 2.28 38.62
C GLU E 36 -1.60 2.11 37.60
N ASP E 37 -2.59 1.29 37.93
CA ASP E 37 -3.50 0.75 36.94
C ASP E 37 -4.94 1.23 37.07
N SER E 38 -5.31 1.81 38.21
CA SER E 38 -6.71 2.13 38.46
C SER E 38 -6.83 3.50 39.10
N HIS E 39 -8.03 4.06 39.03
CA HIS E 39 -8.39 5.30 39.69
C HIS E 39 -9.63 5.04 40.53
N ASN E 40 -10.00 6.01 41.37
CA ASN E 40 -11.16 5.86 42.22
C ASN E 40 -12.42 6.54 41.68
N GLY E 41 -12.34 7.15 40.50
CA GLY E 41 -13.50 7.78 39.92
C GLY E 41 -14.00 9.01 40.65
N LYS E 42 -13.17 9.61 41.51
CA LYS E 42 -13.58 10.73 42.32
C LYS E 42 -12.57 11.88 42.21
N LEU E 43 -13.09 13.10 42.33
CA LEU E 43 -12.25 14.29 42.45
C LEU E 43 -11.85 14.45 43.91
N CYS E 44 -10.54 14.45 44.19
CA CYS E 44 -10.05 14.55 45.55
C CYS E 44 -9.37 15.89 45.77
N ARG E 45 -8.94 16.13 47.00
CA ARG E 45 -8.28 17.38 47.37
C ARG E 45 -6.78 17.26 47.15
N LEU E 46 -6.22 18.21 46.41
CA LEU E 46 -4.77 18.33 46.21
C LEU E 46 -4.19 19.33 47.19
N LYS E 47 -3.05 18.99 47.78
CA LYS E 47 -2.41 19.81 48.81
C LYS E 47 -3.38 20.12 49.94
N GLY E 48 -4.32 19.21 50.19
CA GLY E 48 -5.30 19.37 51.25
C GLY E 48 -6.40 20.36 50.96
N ILE E 49 -6.42 20.98 49.78
CA ILE E 49 -7.40 21.99 49.43
C ILE E 49 -8.33 21.43 48.35
N ALA E 50 -9.63 21.62 48.54
CA ALA E 50 -10.60 21.12 47.58
C ALA E 50 -10.61 21.97 46.32
N PRO E 51 -10.94 21.38 45.17
CA PRO E 51 -10.97 22.15 43.93
C PRO E 51 -12.19 23.06 43.84
N LEU E 52 -12.12 23.97 42.87
CA LEU E 52 -13.25 24.81 42.50
C LEU E 52 -14.03 24.04 41.44
N GLN E 53 -15.23 23.60 41.80
CA GLN E 53 -16.03 22.76 40.93
C GLN E 53 -17.07 23.62 40.23
N LEU E 54 -16.85 23.88 38.94
CA LEU E 54 -17.84 24.55 38.12
C LEU E 54 -18.76 23.49 37.52
N GLY E 55 -20.05 23.77 37.48
CA GLY E 55 -21.05 22.82 37.05
C GLY E 55 -21.53 23.14 35.65
N LYS E 56 -22.59 23.94 35.55
CA LYS E 56 -23.14 24.32 34.26
C LYS E 56 -22.24 25.30 33.52
N CYS E 57 -21.32 25.96 34.22
CA CYS E 57 -20.56 27.08 33.69
C CYS E 57 -19.09 26.71 33.49
N ASN E 58 -18.45 27.41 32.55
CA ASN E 58 -17.01 27.40 32.42
C ASN E 58 -16.45 28.62 33.16
N ILE E 59 -15.13 28.79 33.10
CA ILE E 59 -14.50 29.88 33.84
C ILE E 59 -14.99 31.23 33.35
N ALA E 60 -15.27 31.35 32.04
CA ALA E 60 -15.77 32.60 31.49
C ALA E 60 -17.06 33.04 32.16
N GLY E 61 -18.09 32.19 32.10
CA GLY E 61 -19.36 32.56 32.71
C GLY E 61 -19.29 32.70 34.21
N TRP E 62 -18.46 31.90 34.87
CA TRP E 62 -18.34 31.95 36.32
C TRP E 62 -17.66 33.23 36.79
N ILE E 63 -16.58 33.64 36.12
CA ILE E 63 -15.85 34.81 36.58
C ILE E 63 -16.62 36.10 36.23
N LEU E 64 -17.40 36.06 35.14
CA LEU E 64 -18.21 37.21 34.78
C LEU E 64 -19.53 37.25 35.54
N GLY E 65 -20.06 36.09 35.90
CA GLY E 65 -21.32 36.07 36.60
C GLY E 65 -22.51 35.78 35.70
N ASN E 66 -22.33 34.83 34.79
CA ASN E 66 -23.45 34.37 33.98
C ASN E 66 -24.63 34.03 34.89
N PRO E 67 -25.84 34.49 34.58
CA PRO E 67 -26.96 34.33 35.51
C PRO E 67 -27.28 32.89 35.89
N GLU E 68 -26.64 31.90 35.25
CA GLU E 68 -26.91 30.50 35.54
C GLU E 68 -25.87 29.87 36.45
N CYS E 69 -24.90 30.65 36.95
CA CYS E 69 -23.82 30.13 37.78
C CYS E 69 -24.01 30.59 39.22
N GLU E 70 -23.65 29.72 40.16
CA GLU E 70 -23.62 30.15 41.55
C GLU E 70 -22.39 31.01 41.73
N SER E 71 -22.56 32.19 42.34
CA SER E 71 -21.49 33.15 42.50
C SER E 71 -20.78 32.96 43.84
N LEU E 72 -19.54 33.44 43.90
CA LEU E 72 -18.75 33.33 45.10
C LEU E 72 -19.12 34.45 46.06
N LEU E 73 -19.44 34.09 47.30
CA LEU E 73 -19.96 35.03 48.28
C LEU E 73 -19.05 35.23 49.49
N SER E 74 -18.19 34.27 49.80
CA SER E 74 -17.25 34.40 50.90
C SER E 74 -15.84 34.12 50.38
N LYS E 75 -14.85 34.50 51.19
CA LYS E 75 -13.46 34.29 50.84
C LYS E 75 -13.21 32.79 50.64
N ARG E 76 -12.83 32.42 49.42
CA ARG E 76 -12.65 31.03 49.05
C ARG E 76 -11.19 30.78 48.65
N SER E 77 -10.91 29.54 48.26
CA SER E 77 -9.60 29.10 47.80
C SER E 77 -9.74 27.72 47.18
N TRP E 78 -8.85 27.40 46.24
CA TRP E 78 -8.91 26.11 45.57
C TRP E 78 -7.53 25.72 45.06
N SER E 79 -7.33 24.41 44.94
CA SER E 79 -6.06 23.86 44.46
C SER E 79 -6.06 23.67 42.95
N TYR E 80 -7.21 23.41 42.36
CA TYR E 80 -7.36 23.33 40.91
C TYR E 80 -8.81 23.59 40.57
N ILE E 81 -9.09 23.73 39.27
CA ILE E 81 -10.42 24.00 38.77
C ILE E 81 -10.88 22.78 37.98
N ALA E 82 -12.12 22.34 38.23
CA ALA E 82 -12.71 21.22 37.53
C ALA E 82 -14.02 21.68 36.89
N GLU E 83 -14.11 21.58 35.57
CA GLU E 83 -15.35 21.84 34.86
C GLU E 83 -15.77 20.60 34.09
N THR E 84 -17.07 20.46 33.91
CA THR E 84 -17.69 19.29 33.29
C THR E 84 -17.69 19.40 31.77
N PRO E 85 -17.80 18.26 31.06
CA PRO E 85 -18.05 18.33 29.62
C PRO E 85 -19.35 19.06 29.29
N ASN E 86 -20.23 19.25 30.26
CA ASN E 86 -21.46 20.01 30.09
C ASN E 86 -21.33 21.42 30.67
N SER E 87 -20.15 22.02 30.54
CA SER E 87 -19.91 23.39 30.99
C SER E 87 -20.03 24.28 29.76
N GLU E 88 -21.28 24.61 29.42
CA GLU E 88 -21.60 25.36 28.21
C GLU E 88 -22.12 26.76 28.51
N ASN E 89 -22.03 27.22 29.75
CA ASN E 89 -22.50 28.56 30.13
C ASN E 89 -21.29 29.46 30.32
N GLY E 90 -21.04 30.29 29.31
CA GLY E 90 -19.94 31.24 29.36
C GLY E 90 -20.41 32.65 29.12
N THR E 91 -20.08 33.19 27.95
CA THR E 91 -20.47 34.55 27.57
C THR E 91 -21.84 34.49 26.91
N CYS E 92 -22.88 34.72 27.71
CA CYS E 92 -24.24 34.61 27.18
C CYS E 92 -24.52 35.69 26.15
N TYR E 93 -23.81 36.83 26.21
CA TYR E 93 -23.86 37.83 25.16
C TYR E 93 -22.63 37.66 24.28
N PRO E 94 -22.80 37.48 22.97
CA PRO E 94 -21.65 37.10 22.13
C PRO E 94 -20.58 38.18 22.07
N GLY E 95 -19.33 37.73 22.01
CA GLY E 95 -18.20 38.64 21.93
C GLY E 95 -16.91 37.86 22.11
N ASP E 96 -15.81 38.61 22.09
CA ASP E 96 -14.48 38.03 22.27
C ASP E 96 -13.98 38.28 23.68
N PHE E 97 -13.50 37.22 24.34
CA PHE E 97 -12.90 37.30 25.67
C PHE E 97 -11.39 37.41 25.47
N ALA E 98 -10.83 38.57 25.83
CA ALA E 98 -9.42 38.83 25.56
C ALA E 98 -8.54 37.98 26.46
N ASP E 99 -7.56 37.31 25.85
CA ASP E 99 -6.58 36.48 26.57
C ASP E 99 -7.29 35.53 27.53
N TYR E 100 -8.32 34.85 27.03
CA TYR E 100 -9.16 34.00 27.87
C TYR E 100 -8.37 32.82 28.42
N GLU E 101 -7.67 32.10 27.55
CA GLU E 101 -6.86 30.98 28.00
C GLU E 101 -5.81 31.43 29.01
N GLU E 102 -5.30 32.65 28.86
CA GLU E 102 -4.34 33.16 29.83
C GLU E 102 -4.98 33.39 31.19
N LEU E 103 -6.19 33.97 31.21
CA LEU E 103 -6.88 34.19 32.48
C LEU E 103 -7.17 32.87 33.18
N ARG E 104 -7.48 31.82 32.41
CA ARG E 104 -7.77 30.52 33.00
C ARG E 104 -6.54 29.92 33.65
N GLU E 105 -5.38 30.03 33.00
CA GLU E 105 -4.16 29.47 33.58
C GLU E 105 -3.79 30.17 34.87
N GLN E 106 -4.10 31.46 35.00
CA GLN E 106 -3.73 32.20 36.19
C GLN E 106 -4.76 32.05 37.31
N LEU E 107 -6.02 31.79 36.97
CA LEU E 107 -7.03 31.51 37.98
C LEU E 107 -7.09 30.03 38.37
N SER E 108 -6.23 29.20 37.75
CA SER E 108 -6.31 27.77 38.00
C SER E 108 -5.96 27.43 39.44
N SER E 109 -5.09 28.21 40.07
CA SER E 109 -4.70 27.98 41.45
C SER E 109 -4.63 29.32 42.17
N VAL E 110 -5.42 29.45 43.23
CA VAL E 110 -5.40 30.63 44.08
C VAL E 110 -5.41 30.17 45.54
N SER E 111 -4.74 30.95 46.40
CA SER E 111 -4.72 30.67 47.82
C SER E 111 -5.69 31.53 48.60
N SER E 112 -6.16 32.63 48.01
CA SER E 112 -7.24 33.43 48.57
C SER E 112 -8.00 34.06 47.42
N PHE E 113 -9.30 34.26 47.62
CA PHE E 113 -10.16 34.72 46.54
C PHE E 113 -11.43 35.32 47.18
N GLU E 114 -11.50 36.64 47.17
CA GLU E 114 -12.65 37.36 47.69
C GLU E 114 -13.28 38.17 46.57
N ARG E 115 -14.59 38.00 46.39
CA ARG E 115 -15.37 38.79 45.45
C ARG E 115 -16.00 39.97 46.20
N PHE E 116 -15.82 41.17 45.66
CA PHE E 116 -16.27 42.38 46.34
C PHE E 116 -16.79 43.39 45.34
N GLU E 117 -17.75 44.21 45.79
CA GLU E 117 -18.35 45.27 44.98
C GLU E 117 -17.32 46.36 44.77
N ILE E 118 -16.69 46.39 43.60
CA ILE E 118 -15.70 47.42 43.32
C ILE E 118 -16.39 48.75 43.03
N PHE E 119 -17.47 48.71 42.25
CA PHE E 119 -18.26 49.90 41.92
C PHE E 119 -19.72 49.59 42.23
N PRO E 120 -20.18 49.84 43.46
CA PRO E 120 -21.57 49.53 43.80
C PRO E 120 -22.55 50.16 42.82
N LYS E 121 -23.40 49.32 42.22
CA LYS E 121 -24.26 49.77 41.14
C LYS E 121 -25.12 50.95 41.54
N GLU E 122 -25.70 50.91 42.73
CA GLU E 122 -26.70 51.90 43.11
C GLU E 122 -26.09 53.23 43.54
N ARG E 123 -24.77 53.32 43.70
CA ARG E 123 -24.16 54.53 44.19
C ARG E 123 -23.00 55.05 43.33
N SER E 124 -22.61 54.33 42.28
CA SER E 124 -21.47 54.76 41.49
C SER E 124 -21.82 55.58 40.26
N TRP E 125 -23.04 55.47 39.74
CA TRP E 125 -23.38 56.05 38.44
C TRP E 125 -24.64 56.91 38.56
N PRO E 126 -24.53 58.09 39.16
CA PRO E 126 -25.72 58.91 39.39
C PRO E 126 -26.31 59.50 38.13
N LYS E 127 -25.56 59.58 37.03
CA LYS E 127 -26.01 60.21 35.80
C LYS E 127 -26.05 59.23 34.65
N HIS E 128 -26.36 57.96 34.93
CA HIS E 128 -26.53 56.95 33.92
C HIS E 128 -27.66 56.02 34.34
N ASN E 129 -28.24 55.30 33.38
CA ASN E 129 -29.31 54.35 33.67
C ASN E 129 -28.70 53.00 34.00
N ILE E 130 -29.13 52.43 35.13
CA ILE E 130 -28.57 51.18 35.62
C ILE E 130 -29.52 50.01 35.52
N THR E 131 -30.74 50.20 34.99
CA THR E 131 -31.70 49.12 34.92
C THR E 131 -31.97 48.60 33.51
N ARG E 132 -31.70 49.39 32.48
CA ARG E 132 -32.01 48.95 31.12
C ARG E 132 -31.06 47.85 30.65
N GLY E 133 -29.89 47.73 31.28
CA GLY E 133 -28.89 46.78 30.83
C GLY E 133 -29.25 45.33 31.05
N VAL E 134 -30.34 44.87 30.43
CA VAL E 134 -30.70 43.46 30.43
C VAL E 134 -30.92 43.03 28.98
N THR E 135 -30.90 41.72 28.77
CA THR E 135 -31.00 41.18 27.42
C THR E 135 -31.49 39.74 27.49
N ALA E 136 -32.22 39.33 26.44
CA ALA E 136 -32.69 37.96 26.36
C ALA E 136 -31.55 36.98 26.16
N ALA E 137 -30.39 37.44 25.69
CA ALA E 137 -29.24 36.55 25.55
C ALA E 137 -28.76 36.05 26.90
N CYS E 138 -28.85 36.88 27.94
CA CYS E 138 -28.51 36.47 29.30
C CYS E 138 -29.77 36.34 30.13
N SER E 139 -30.64 35.40 29.78
CA SER E 139 -31.91 35.24 30.48
C SER E 139 -31.75 34.30 31.66
N HIS E 140 -32.38 34.66 32.78
CA HIS E 140 -32.43 33.82 33.97
C HIS E 140 -33.85 33.75 34.48
N ALA E 141 -34.34 32.54 34.72
CA ALA E 141 -35.65 32.31 35.31
C ALA E 141 -36.77 32.97 34.51
N GLY E 142 -36.65 32.91 33.17
CA GLY E 142 -37.70 33.39 32.29
C GLY E 142 -37.80 34.88 32.12
N LYS E 143 -37.06 35.68 32.88
CA LYS E 143 -36.99 37.12 32.70
C LYS E 143 -35.61 37.50 32.18
N SER E 144 -35.54 38.61 31.44
CA SER E 144 -34.26 39.06 30.90
C SER E 144 -33.37 39.54 32.03
N SER E 145 -32.07 39.23 31.92
CA SER E 145 -31.12 39.61 32.95
C SER E 145 -29.79 39.94 32.29
N PHE E 146 -28.70 39.81 33.04
CA PHE E 146 -27.36 40.19 32.60
C PHE E 146 -26.36 39.56 33.57
N TYR E 147 -25.07 39.81 33.33
CA TYR E 147 -24.02 39.30 34.18
C TYR E 147 -24.14 39.83 35.59
N LYS E 148 -23.80 38.99 36.58
CA LYS E 148 -23.88 39.38 37.98
C LYS E 148 -22.71 40.25 38.42
N ASN E 149 -21.61 40.27 37.67
CA ASN E 149 -20.42 41.04 38.06
C ASN E 149 -20.13 42.23 37.15
N LEU E 150 -20.97 42.49 36.16
CA LEU E 150 -20.79 43.64 35.27
C LEU E 150 -22.08 44.45 35.26
N LEU E 151 -21.96 45.70 34.79
CA LEU E 151 -23.09 46.63 34.76
C LEU E 151 -23.14 47.31 33.40
N TRP E 152 -24.30 47.21 32.73
CA TRP E 152 -24.49 47.75 31.39
C TRP E 152 -25.11 49.14 31.49
N LEU E 153 -24.27 50.17 31.46
CA LEU E 153 -24.77 51.54 31.54
C LEU E 153 -25.42 51.95 30.22
N THR E 154 -26.51 52.71 30.32
CA THR E 154 -27.24 53.23 29.17
C THR E 154 -27.65 54.67 29.45
N GLU E 155 -28.21 55.32 28.44
CA GLU E 155 -28.55 56.73 28.54
C GLU E 155 -29.64 56.97 29.59
N THR E 156 -29.74 58.21 30.03
CA THR E 156 -30.82 58.64 30.90
C THR E 156 -31.13 60.09 30.59
N ASN E 157 -32.42 60.45 30.62
CA ASN E 157 -32.87 61.80 30.28
C ASN E 157 -32.39 62.22 28.90
N GLY E 158 -32.07 61.27 28.02
CA GLY E 158 -31.66 61.59 26.68
C GLY E 158 -30.19 61.89 26.50
N SER E 159 -29.35 61.54 27.46
CA SER E 159 -27.93 61.86 27.36
C SER E 159 -27.10 60.79 28.07
N TYR E 160 -25.83 60.71 27.67
CA TYR E 160 -24.84 59.81 28.29
C TYR E 160 -23.60 60.64 28.55
N PRO E 161 -23.51 61.31 29.69
CA PRO E 161 -22.35 62.16 29.97
C PRO E 161 -21.08 61.34 30.14
N LYS E 162 -19.95 62.01 29.91
CA LYS E 162 -18.66 61.35 30.09
C LYS E 162 -18.45 61.03 31.57
N LEU E 163 -18.03 59.80 31.85
CA LEU E 163 -17.81 59.36 33.21
C LEU E 163 -16.32 59.14 33.45
N SER E 164 -15.91 59.25 34.72
CA SER E 164 -14.52 59.00 35.10
C SER E 164 -14.55 58.41 36.51
N LYS E 165 -14.55 57.08 36.58
CA LYS E 165 -14.62 56.35 37.84
C LYS E 165 -13.30 55.66 38.12
N SER E 166 -12.79 55.83 39.34
CA SER E 166 -11.49 55.29 39.73
C SER E 166 -11.65 54.33 40.89
N TYR E 167 -10.74 53.35 40.95
CA TYR E 167 -10.62 52.44 42.08
C TYR E 167 -9.17 52.33 42.48
N VAL E 168 -8.90 52.48 43.78
CA VAL E 168 -7.56 52.30 44.33
C VAL E 168 -7.52 50.94 45.04
N ASN E 169 -6.49 50.16 44.77
CA ASN E 169 -6.34 48.82 45.33
C ASN E 169 -5.86 48.93 46.77
N ASN E 170 -6.81 49.08 47.70
CA ASN E 170 -6.49 49.09 49.13
C ASN E 170 -6.33 47.69 49.71
N LYS E 171 -6.63 46.64 48.95
CA LYS E 171 -6.32 45.30 49.42
C LYS E 171 -4.81 45.05 49.37
N GLU E 172 -4.37 44.04 50.13
CA GLU E 172 -2.98 43.64 50.15
C GLU E 172 -2.73 42.47 49.21
N LYS E 173 -3.52 42.38 48.14
CA LYS E 173 -3.41 41.33 47.15
C LYS E 173 -3.75 41.91 45.79
N GLU E 174 -3.57 41.10 44.75
CA GLU E 174 -3.97 41.51 43.42
C GLU E 174 -5.49 41.57 43.33
N VAL E 175 -5.97 42.39 42.41
CA VAL E 175 -7.41 42.53 42.15
C VAL E 175 -7.63 42.30 40.67
N LEU E 176 -8.29 41.18 40.33
CA LEU E 176 -8.68 40.92 38.96
C LEU E 176 -9.89 41.78 38.63
N VAL E 177 -9.72 42.70 37.68
CA VAL E 177 -10.79 43.60 37.25
C VAL E 177 -11.18 43.24 35.83
N LEU E 178 -12.47 42.98 35.61
CA LEU E 178 -13.01 42.67 34.29
C LEU E 178 -14.03 43.72 33.87
N TRP E 179 -14.11 43.96 32.57
CA TRP E 179 -15.05 44.93 32.02
C TRP E 179 -15.34 44.56 30.58
N GLY E 180 -16.30 45.26 29.99
CA GLY E 180 -16.70 44.99 28.62
C GLY E 180 -16.88 46.27 27.83
N VAL E 181 -16.82 46.11 26.51
CA VAL E 181 -17.10 47.19 25.56
C VAL E 181 -18.16 46.67 24.59
N HIS E 182 -19.26 47.40 24.48
CA HIS E 182 -20.39 46.95 23.67
C HIS E 182 -20.31 47.53 22.26
N HIS E 183 -20.51 46.67 21.26
CA HIS E 183 -20.47 47.06 19.85
C HIS E 183 -21.83 46.80 19.22
N PRO E 184 -22.67 47.83 19.07
CA PRO E 184 -24.02 47.61 18.51
C PRO E 184 -23.97 47.19 17.05
N SER E 185 -25.13 46.73 16.57
CA SER E 185 -25.26 46.24 15.20
C SER E 185 -25.55 47.34 14.20
N ASN E 186 -26.17 48.44 14.63
CA ASN E 186 -26.51 49.52 13.71
C ASN E 186 -26.44 50.85 14.47
N ILE E 187 -26.38 51.94 13.70
CA ILE E 187 -26.21 53.27 14.29
C ILE E 187 -27.43 53.70 15.09
N GLU E 188 -28.62 53.18 14.78
CA GLU E 188 -29.80 53.57 15.53
C GLU E 188 -29.74 53.06 16.96
N ASP E 189 -29.33 51.81 17.15
CA ASP E 189 -29.18 51.27 18.51
C ASP E 189 -28.05 51.97 19.26
N GLN E 190 -27.01 52.41 18.55
CA GLN E 190 -25.95 53.17 19.19
C GLN E 190 -26.46 54.53 19.67
N LYS E 191 -27.27 55.19 18.84
CA LYS E 191 -27.83 56.48 19.26
C LYS E 191 -28.86 56.27 20.37
N THR E 192 -29.63 55.18 20.30
CA THR E 192 -30.64 54.92 21.31
C THR E 192 -30.03 54.73 22.69
N LEU E 193 -28.97 53.91 22.78
CA LEU E 193 -28.42 53.52 24.07
C LEU E 193 -27.43 54.53 24.64
N TYR E 194 -26.68 55.23 23.78
CA TYR E 194 -25.57 56.04 24.25
C TYR E 194 -25.61 57.48 23.76
N ARG E 195 -26.61 57.84 22.96
CA ARG E 195 -26.90 59.24 22.58
C ARG E 195 -25.69 59.93 21.92
N LYS E 196 -24.85 59.17 21.23
CA LYS E 196 -23.78 59.75 20.41
C LYS E 196 -23.36 58.72 19.38
N GLU E 197 -22.88 59.21 18.24
CA GLU E 197 -22.40 58.31 17.19
C GLU E 197 -21.00 57.79 17.49
N ASN E 198 -20.10 58.67 17.93
CA ASN E 198 -18.71 58.32 18.16
C ASN E 198 -18.43 58.40 19.67
N ALA E 199 -18.31 57.23 20.29
CA ALA E 199 -17.98 57.12 21.70
C ALA E 199 -16.60 56.48 21.86
N TYR E 200 -16.12 56.44 23.10
CA TYR E 200 -14.84 55.83 23.39
C TYR E 200 -14.83 55.36 24.84
N VAL E 201 -14.11 54.27 25.09
CA VAL E 201 -13.87 53.77 26.45
C VAL E 201 -12.37 53.69 26.67
N SER E 202 -11.90 54.19 27.80
CA SER E 202 -10.49 54.19 28.14
C SER E 202 -10.30 53.62 29.53
N VAL E 203 -9.53 52.55 29.64
CA VAL E 203 -9.19 51.92 30.91
C VAL E 203 -7.68 52.02 31.08
N VAL E 204 -7.24 52.61 32.19
CA VAL E 204 -5.83 52.85 32.44
C VAL E 204 -5.49 52.51 33.89
N SER E 205 -4.25 52.07 34.10
CA SER E 205 -3.67 51.91 35.43
C SER E 205 -2.20 52.30 35.33
N SER E 206 -1.34 51.78 36.21
CA SER E 206 0.06 52.12 36.08
C SER E 206 0.75 51.32 34.99
N ASN E 207 0.30 50.09 34.73
CA ASN E 207 0.89 49.25 33.69
C ASN E 207 -0.11 48.83 32.62
N TYR E 208 -1.40 49.15 32.77
CA TYR E 208 -2.40 48.84 31.76
C TYR E 208 -2.88 50.14 31.12
N ASN E 209 -2.93 50.15 29.78
CA ASN E 209 -3.24 51.37 29.03
C ASN E 209 -3.86 50.96 27.69
N ARG E 210 -5.19 51.07 27.59
CA ARG E 210 -5.89 50.67 26.37
C ARG E 210 -7.10 51.55 26.13
N ARG E 211 -7.28 51.96 24.88
CA ARG E 211 -8.45 52.71 24.43
C ARG E 211 -9.28 51.84 23.49
N PHE E 212 -10.60 51.89 23.67
CA PHE E 212 -11.52 51.07 22.91
C PHE E 212 -12.46 51.97 22.11
N THR E 213 -12.53 51.72 20.79
CA THR E 213 -13.48 52.42 19.95
C THR E 213 -14.54 51.43 19.47
N PRO E 214 -15.83 51.69 19.72
CA PRO E 214 -16.85 50.73 19.28
C PRO E 214 -16.95 50.68 17.77
N GLU E 215 -17.03 49.46 17.24
CA GLU E 215 -17.16 49.20 15.81
C GLU E 215 -18.58 48.74 15.52
N ILE E 216 -19.32 49.54 14.76
CA ILE E 216 -20.73 49.28 14.46
C ILE E 216 -20.84 48.68 13.06
N ALA E 217 -21.47 47.52 12.97
CA ALA E 217 -21.71 46.83 11.69
C ALA E 217 -22.76 45.75 11.94
N GLU E 218 -23.54 45.46 10.89
CA GLU E 218 -24.56 44.44 11.01
C GLU E 218 -23.90 43.07 10.94
N ARG E 219 -24.10 42.24 11.97
CA ARG E 219 -23.49 40.93 12.09
C ARG E 219 -24.54 39.84 12.18
N PRO E 220 -24.17 38.58 11.92
CA PRO E 220 -25.10 37.47 12.16
C PRO E 220 -25.46 37.37 13.63
N LYS E 221 -26.69 36.93 13.88
CA LYS E 221 -27.19 36.83 15.24
C LYS E 221 -26.62 35.60 15.94
N VAL E 222 -26.03 35.81 17.12
CA VAL E 222 -25.57 34.75 17.99
C VAL E 222 -26.28 34.92 19.32
N ARG E 223 -26.86 33.84 19.84
CA ARG E 223 -27.76 33.89 20.98
C ARG E 223 -28.84 34.95 20.75
N GLY E 224 -29.31 35.04 19.50
CA GLY E 224 -30.33 35.99 19.10
C GLY E 224 -29.88 37.43 18.97
N GLN E 225 -28.63 37.74 19.30
CA GLN E 225 -28.12 39.11 19.31
C GLN E 225 -27.17 39.32 18.14
N ALA E 226 -27.42 40.37 17.36
CA ALA E 226 -26.52 40.75 16.28
C ALA E 226 -25.37 41.65 16.74
N GLY E 227 -25.49 42.28 17.91
CA GLY E 227 -24.38 43.02 18.47
C GLY E 227 -23.43 42.14 19.26
N ARG E 228 -22.28 42.72 19.61
CA ARG E 228 -21.27 42.01 20.36
C ARG E 228 -20.80 42.83 21.56
N MET E 229 -20.24 42.13 22.53
CA MET E 229 -19.54 42.75 23.66
C MET E 229 -18.23 42.02 23.86
N ASN E 230 -17.11 42.72 23.72
CA ASN E 230 -15.82 42.14 24.02
C ASN E 230 -15.52 42.35 25.50
N TYR E 231 -14.91 41.35 26.12
CA TYR E 231 -14.64 41.35 27.55
C TYR E 231 -13.14 41.41 27.78
N TYR E 232 -12.72 42.22 28.73
CA TYR E 232 -11.31 42.46 28.99
C TYR E 232 -11.05 42.38 30.48
N TRP E 233 -9.80 42.09 30.84
CA TRP E 233 -9.45 41.96 32.24
C TRP E 233 -8.04 42.46 32.45
N THR E 234 -7.69 42.68 33.72
CA THR E 234 -6.34 43.05 34.12
C THR E 234 -6.16 42.75 35.59
N LEU E 235 -4.93 42.40 35.97
CA LEU E 235 -4.58 42.19 37.36
C LEU E 235 -3.99 43.48 37.92
N LEU E 236 -4.70 44.09 38.86
CA LEU E 236 -4.31 45.38 39.41
C LEU E 236 -3.44 45.18 40.64
N GLU E 237 -2.22 45.72 40.59
CA GLU E 237 -1.24 45.50 41.63
C GLU E 237 -1.63 46.24 42.91
N PRO E 238 -1.16 45.77 44.06
CA PRO E 238 -1.46 46.44 45.33
C PRO E 238 -1.01 47.91 45.32
N GLY E 239 -1.92 48.78 45.75
CA GLY E 239 -1.67 50.20 45.82
C GLY E 239 -1.94 50.95 44.53
N ASP E 240 -2.15 50.25 43.43
CA ASP E 240 -2.33 50.90 42.14
C ASP E 240 -3.79 51.33 41.96
N THR E 241 -3.99 52.30 41.07
CA THR E 241 -5.30 52.83 40.75
C THR E 241 -5.67 52.51 39.31
N ILE E 242 -6.91 52.08 39.10
CA ILE E 242 -7.47 51.87 37.77
C ILE E 242 -8.54 52.92 37.54
N ILE E 243 -8.56 53.49 36.34
CA ILE E 243 -9.48 54.58 36.02
C ILE E 243 -10.27 54.19 34.79
N PHE E 244 -11.59 54.21 34.90
CA PHE E 244 -12.49 54.02 33.76
C PHE E 244 -12.98 55.40 33.32
N GLU E 245 -12.77 55.70 32.05
CA GLU E 245 -13.25 56.93 31.43
C GLU E 245 -14.00 56.54 30.18
N ALA E 246 -15.28 56.93 30.08
CA ALA E 246 -16.11 56.38 29.02
C ALA E 246 -17.11 57.40 28.50
N ASN E 247 -17.34 57.34 27.20
CA ASN E 247 -18.33 58.15 26.50
C ASN E 247 -19.61 57.37 26.21
N GLY E 248 -19.58 56.07 26.39
CA GLY E 248 -20.65 55.17 26.01
C GLY E 248 -20.09 53.79 25.78
N ASN E 249 -21.01 52.84 25.59
CA ASN E 249 -20.65 51.45 25.25
C ASN E 249 -19.86 50.77 26.36
N LEU E 250 -19.84 51.32 27.57
CA LEU E 250 -19.08 50.73 28.67
C LEU E 250 -19.92 49.70 29.42
N ILE E 251 -19.42 48.47 29.47
CA ILE E 251 -19.96 47.46 30.38
C ILE E 251 -19.09 47.54 31.63
N ALA E 252 -19.51 48.37 32.58
CA ALA E 252 -18.65 48.72 33.69
C ALA E 252 -18.48 47.55 34.65
N PRO E 253 -17.32 47.42 35.28
CA PRO E 253 -17.18 46.42 36.35
C PRO E 253 -18.11 46.76 37.51
N TRP E 254 -18.72 45.72 38.06
CA TRP E 254 -19.54 45.85 39.26
C TRP E 254 -18.92 45.14 40.45
N TYR E 255 -18.47 43.91 40.26
CA TYR E 255 -17.66 43.19 41.24
C TYR E 255 -16.31 42.87 40.61
N ALA E 256 -15.28 42.86 41.45
CA ALA E 256 -13.96 42.42 41.05
C ALA E 256 -13.51 41.33 42.03
N PHE E 257 -12.27 40.88 41.93
CA PHE E 257 -11.81 39.76 42.74
C PHE E 257 -10.43 40.07 43.30
N ALA E 258 -10.35 40.20 44.62
CA ALA E 258 -9.07 40.29 45.31
C ALA E 258 -8.57 38.87 45.55
N LEU E 259 -7.40 38.56 45.03
CA LEU E 259 -6.93 37.19 45.02
C LEU E 259 -5.42 37.12 45.22
N SER E 260 -4.95 35.95 45.65
CA SER E 260 -3.54 35.63 45.75
C SER E 260 -3.31 34.36 44.96
N ARG E 261 -2.58 34.48 43.84
CA ARG E 261 -2.32 33.34 42.99
C ARG E 261 -1.29 32.41 43.61
N GLY E 262 -1.38 31.13 43.26
CA GLY E 262 -0.49 30.12 43.75
C GLY E 262 0.41 29.57 42.65
N PHE E 263 1.32 28.68 43.08
CA PHE E 263 2.18 27.98 42.14
C PHE E 263 1.33 27.29 41.08
N GLY E 264 1.54 27.69 39.82
CA GLY E 264 0.69 27.30 38.71
C GLY E 264 0.13 25.90 38.74
N SER E 265 -1.20 25.78 38.73
CA SER E 265 -1.90 24.51 38.61
C SER E 265 -2.59 24.46 37.24
N GLY E 266 -3.73 23.79 37.19
CA GLY E 266 -4.40 23.65 35.92
C GLY E 266 -5.85 23.30 36.09
N ILE E 267 -6.47 22.96 34.97
CA ILE E 267 -7.90 22.66 34.89
C ILE E 267 -8.06 21.26 34.33
N ILE E 268 -8.93 20.47 34.95
CA ILE E 268 -9.32 19.18 34.41
C ILE E 268 -10.77 19.26 33.99
N THR E 269 -11.08 18.59 32.88
CA THR E 269 -12.46 18.36 32.45
C THR E 269 -12.77 16.93 32.87
N SER E 270 -13.80 16.75 33.69
CA SER E 270 -13.96 15.49 34.40
C SER E 270 -15.42 15.11 34.52
N ASN E 271 -15.70 13.85 34.20
CA ASN E 271 -17.00 13.23 34.44
C ASN E 271 -17.16 12.75 35.87
N ALA E 272 -16.12 12.85 36.69
CA ALA E 272 -16.14 12.37 38.05
C ALA E 272 -16.84 13.35 39.01
N SER E 273 -17.31 12.81 40.12
CA SER E 273 -18.00 13.55 41.16
C SER E 273 -17.03 13.89 42.28
N MET E 274 -17.43 14.84 43.12
CA MET E 274 -16.59 15.25 44.23
C MET E 274 -16.75 14.29 45.40
N ASP E 275 -15.63 13.94 46.02
CA ASP E 275 -15.63 13.03 47.17
C ASP E 275 -14.70 13.57 48.25
N GLU E 276 -14.90 13.05 49.47
CA GLU E 276 -14.09 13.42 50.63
C GLU E 276 -12.84 12.53 50.70
N CYS E 277 -11.92 12.79 49.76
CA CYS E 277 -10.67 12.05 49.68
C CYS E 277 -9.52 13.02 49.50
N ASP E 278 -8.31 12.56 49.84
CA ASP E 278 -7.09 13.32 49.62
C ASP E 278 -6.18 12.53 48.68
N THR E 279 -5.58 13.23 47.72
CA THR E 279 -4.68 12.63 46.75
C THR E 279 -3.46 13.52 46.53
N LYS E 280 -2.43 12.93 45.93
CA LYS E 280 -1.25 13.67 45.48
C LYS E 280 -1.22 13.83 43.96
N CYS E 281 -2.17 13.24 43.24
CA CYS E 281 -2.22 13.30 41.78
C CYS E 281 -3.66 13.11 41.34
N GLN E 282 -4.17 14.03 40.53
CA GLN E 282 -5.54 13.99 40.05
C GLN E 282 -5.58 13.81 38.54
N THR E 283 -6.36 12.82 38.09
CA THR E 283 -6.69 12.44 36.72
C THR E 283 -8.14 12.85 36.40
N PRO E 284 -8.44 13.22 35.15
CA PRO E 284 -9.84 13.51 34.80
C PRO E 284 -10.81 12.38 35.13
N GLN E 285 -10.35 11.13 35.13
CA GLN E 285 -11.23 10.02 35.47
C GLN E 285 -11.35 9.82 36.97
N GLY E 286 -10.34 10.20 37.74
CA GLY E 286 -10.37 10.02 39.18
C GLY E 286 -8.99 10.18 39.76
N ALA E 287 -8.91 10.07 41.08
CA ALA E 287 -7.61 10.18 41.75
C ALA E 287 -6.87 8.86 41.66
N ILE E 288 -5.55 8.94 41.65
CA ILE E 288 -4.69 7.77 41.52
C ILE E 288 -3.65 7.75 42.63
N ASN E 289 -3.19 6.54 42.96
CA ASN E 289 -2.10 6.39 43.91
C ASN E 289 -0.79 6.87 43.28
N SER E 290 -0.03 7.67 44.04
CA SER E 290 1.21 8.25 43.54
C SER E 290 2.45 7.53 44.09
N SER E 291 2.29 6.31 44.60
CA SER E 291 3.41 5.57 45.18
C SER E 291 4.28 4.92 44.10
N LEU E 292 3.65 4.34 43.08
CA LEU E 292 4.38 3.69 41.99
C LEU E 292 4.95 4.73 41.02
N PRO E 293 6.02 4.36 40.30
CA PRO E 293 6.67 5.35 39.42
C PRO E 293 5.94 5.60 38.10
N PHE E 294 5.02 4.74 37.68
CA PHE E 294 4.35 4.91 36.40
C PHE E 294 2.85 4.68 36.53
N GLN E 295 2.08 5.37 35.69
CA GLN E 295 0.63 5.18 35.61
C GLN E 295 0.21 5.20 34.15
N ASN E 296 -0.88 4.50 33.84
CA ASN E 296 -1.40 4.45 32.47
C ASN E 296 -2.84 4.91 32.38
N ILE E 297 -3.31 5.70 33.36
CA ILE E 297 -4.69 6.15 33.37
C ILE E 297 -4.91 7.28 32.38
N HIS E 298 -4.10 8.33 32.47
CA HIS E 298 -4.29 9.48 31.61
C HIS E 298 -2.99 10.25 31.52
N PRO E 299 -2.66 10.83 30.35
CA PRO E 299 -1.43 11.62 30.26
C PRO E 299 -1.53 13.00 30.88
N VAL E 300 -2.73 13.55 30.98
CA VAL E 300 -2.94 14.90 31.49
C VAL E 300 -3.32 14.77 32.96
N THR E 301 -2.34 15.00 33.84
CA THR E 301 -2.55 14.90 35.28
C THR E 301 -2.15 16.20 35.94
N ILE E 302 -2.55 16.35 37.21
CA ILE E 302 -2.19 17.49 38.03
C ILE E 302 -1.74 16.98 39.40
N GLY E 303 -0.55 17.40 39.83
CA GLY E 303 -0.01 17.07 41.13
C GLY E 303 1.36 16.46 41.00
N GLU E 304 1.78 15.78 42.07
CA GLU E 304 3.07 15.07 42.11
C GLU E 304 2.80 13.65 41.62
N CYS E 305 2.91 13.45 40.31
CA CYS E 305 2.34 12.32 39.62
C CYS E 305 3.40 11.34 39.12
N PRO E 306 3.07 10.05 39.06
CA PRO E 306 3.92 9.10 38.34
C PRO E 306 3.87 9.38 36.85
N LYS E 307 4.97 9.11 36.17
CA LYS E 307 5.07 9.39 34.74
C LYS E 307 4.08 8.54 33.95
N TYR E 308 3.44 9.15 32.96
CA TYR E 308 2.45 8.45 32.15
C TYR E 308 3.14 7.62 31.07
N VAL E 309 2.72 6.35 30.95
CA VAL E 309 3.25 5.45 29.94
C VAL E 309 2.09 4.78 29.22
N LYS E 310 2.33 4.42 27.95
CA LYS E 310 1.34 3.69 27.16
C LYS E 310 1.36 2.18 27.44
N SER E 311 2.08 1.75 28.47
CA SER E 311 2.22 0.32 28.74
C SER E 311 0.96 -0.24 29.40
N THR E 312 0.80 -1.55 29.28
CA THR E 312 -0.31 -2.25 29.91
C THR E 312 0.11 -3.16 31.04
N LYS E 313 1.36 -3.60 31.07
CA LYS E 313 1.86 -4.50 32.12
C LYS E 313 3.31 -4.16 32.41
N LEU E 314 3.59 -3.75 33.65
CA LEU E 314 4.96 -3.45 34.07
C LEU E 314 5.12 -3.87 35.53
N ARG E 315 5.58 -5.10 35.74
CA ARG E 315 5.90 -5.58 37.09
C ARG E 315 7.24 -6.30 37.05
N MET E 316 8.06 -6.05 38.07
CA MET E 316 9.37 -6.67 38.15
C MET E 316 9.33 -7.84 39.13
N VAL E 317 9.94 -8.96 38.72
CA VAL E 317 10.00 -10.15 39.56
C VAL E 317 10.96 -9.94 40.71
N THR E 318 10.53 -10.36 41.90
CA THR E 318 11.37 -10.41 43.09
C THR E 318 11.80 -11.82 43.45
N GLY E 319 10.94 -12.80 43.25
CA GLY E 319 11.24 -14.19 43.57
C GLY E 319 11.95 -14.90 42.44
N LEU E 320 11.76 -16.21 42.37
CA LEU E 320 12.47 -17.06 41.42
C LEU E 320 11.51 -17.52 40.33
N ARG E 321 12.05 -18.28 39.38
CA ARG E 321 11.20 -19.05 38.48
C ARG E 321 10.47 -20.11 39.27
N ASN E 322 9.14 -20.16 39.12
CA ASN E 322 8.32 -21.15 39.80
C ASN E 322 8.33 -22.43 38.97
N ILE E 323 9.08 -23.43 39.43
CA ILE E 323 9.18 -24.69 38.70
C ILE E 323 8.78 -25.83 39.63
N PRO E 324 7.48 -26.04 39.87
CA PRO E 324 7.07 -27.19 40.69
C PRO E 324 6.86 -28.45 39.87
N GLY F 1 19.76 -20.97 34.61
CA GLY F 1 19.73 -20.24 33.36
C GLY F 1 21.10 -19.74 32.95
N LEU F 2 21.50 -18.58 33.51
CA LEU F 2 22.78 -18.01 33.19
C LEU F 2 23.91 -18.66 33.97
N PHE F 3 23.64 -19.13 35.18
CA PHE F 3 24.61 -19.86 35.97
C PHE F 3 24.34 -21.36 35.97
N GLY F 4 23.33 -21.80 35.21
CA GLY F 4 23.13 -23.21 34.93
C GLY F 4 22.53 -24.05 36.04
N ALA F 5 22.05 -23.43 37.12
CA ALA F 5 21.57 -24.20 38.27
C ALA F 5 20.06 -24.41 38.25
N ILE F 6 19.27 -23.35 38.07
CA ILE F 6 17.82 -23.46 38.24
C ILE F 6 17.18 -24.16 37.04
N ALA F 7 17.33 -23.57 35.85
CA ALA F 7 16.85 -24.27 34.66
C ALA F 7 17.73 -25.47 34.29
N GLY F 8 18.78 -25.75 35.07
CA GLY F 8 19.74 -26.77 34.68
C GLY F 8 19.76 -28.00 35.55
N PHE F 9 20.91 -28.28 36.17
CA PHE F 9 21.10 -29.55 36.87
C PHE F 9 20.28 -29.67 38.14
N ILE F 10 19.70 -28.57 38.65
CA ILE F 10 18.71 -28.65 39.71
C ILE F 10 17.36 -28.36 39.05
N GLU F 11 16.69 -29.41 38.60
CA GLU F 11 15.65 -29.27 37.57
C GLU F 11 14.43 -28.49 38.05
N GLY F 12 14.14 -28.48 39.35
CA GLY F 12 12.88 -27.91 39.78
C GLY F 12 12.91 -27.35 41.18
N GLY F 13 11.79 -26.73 41.57
CA GLY F 13 11.65 -26.11 42.87
C GLY F 13 10.97 -27.02 43.87
N TRP F 14 11.04 -26.59 45.13
CA TRP F 14 10.50 -27.33 46.27
C TRP F 14 9.32 -26.57 46.86
N THR F 15 8.10 -27.00 46.52
CA THR F 15 6.93 -26.46 47.19
C THR F 15 6.89 -26.84 48.67
N GLY F 16 7.64 -27.88 49.05
CA GLY F 16 7.72 -28.25 50.45
C GLY F 16 8.55 -27.31 51.29
N MET F 17 9.41 -26.50 50.66
CA MET F 17 10.25 -25.56 51.40
C MET F 17 9.52 -24.22 51.45
N ILE F 18 8.71 -24.04 52.50
CA ILE F 18 7.99 -22.79 52.72
C ILE F 18 8.80 -21.82 53.56
N ASP F 19 9.98 -22.23 54.02
CA ASP F 19 10.75 -21.44 54.97
C ASP F 19 11.55 -20.31 54.32
N GLY F 20 11.97 -20.47 53.06
CA GLY F 20 12.80 -19.44 52.46
C GLY F 20 12.99 -19.65 50.97
N TRP F 21 13.96 -18.91 50.42
CA TRP F 21 14.23 -18.90 48.99
C TRP F 21 15.15 -20.01 48.52
N TYR F 22 16.25 -20.25 49.25
CA TYR F 22 17.17 -21.34 48.96
C TYR F 22 17.36 -22.16 50.22
N GLY F 23 17.59 -23.45 50.06
CA GLY F 23 17.76 -24.28 51.22
C GLY F 23 18.15 -25.70 50.91
N TYR F 24 17.94 -26.57 51.88
CA TYR F 24 18.39 -27.96 51.83
C TYR F 24 17.21 -28.88 52.06
N HIS F 25 17.34 -30.11 51.56
CA HIS F 25 16.45 -31.22 51.91
C HIS F 25 17.34 -32.38 52.30
N HIS F 26 17.36 -32.71 53.59
CA HIS F 26 18.22 -33.77 54.10
C HIS F 26 17.43 -35.05 54.31
N GLN F 27 18.14 -36.16 54.33
CA GLN F 27 17.56 -37.47 54.58
C GLN F 27 18.56 -38.28 55.39
N ASN F 28 18.26 -38.50 56.67
CA ASN F 28 19.07 -39.35 57.54
C ASN F 28 18.12 -40.26 58.32
N GLU F 29 18.69 -41.13 59.15
CA GLU F 29 17.86 -42.08 59.90
C GLU F 29 16.95 -41.41 60.92
N GLN F 30 17.23 -40.17 61.31
CA GLN F 30 16.36 -39.49 62.26
C GLN F 30 15.13 -38.88 61.58
N GLY F 31 15.19 -38.67 60.28
CA GLY F 31 14.08 -38.11 59.56
C GLY F 31 14.56 -37.40 58.30
N SER F 32 13.65 -36.61 57.74
CA SER F 32 13.91 -35.87 56.53
C SER F 32 13.04 -34.62 56.55
N GLY F 33 13.54 -33.55 55.95
CA GLY F 33 12.77 -32.31 55.92
C GLY F 33 13.48 -31.25 55.11
N TYR F 34 12.75 -30.18 54.85
CA TYR F 34 13.25 -29.02 54.12
C TYR F 34 13.68 -27.94 55.11
N ALA F 35 14.80 -27.29 54.82
CA ALA F 35 15.27 -26.20 55.64
C ALA F 35 15.87 -25.12 54.75
N ALA F 36 15.55 -23.86 55.04
CA ALA F 36 16.07 -22.74 54.27
C ALA F 36 17.38 -22.24 54.88
N ASP F 37 18.27 -21.75 54.01
CA ASP F 37 19.54 -21.16 54.44
C ASP F 37 19.29 -19.67 54.67
N GLN F 38 19.10 -19.29 55.94
CA GLN F 38 18.70 -17.91 56.23
C GLN F 38 19.80 -16.91 55.87
N LYS F 39 21.06 -17.33 55.87
CA LYS F 39 22.12 -16.42 55.44
C LYS F 39 21.95 -16.08 53.96
N SER F 40 21.69 -17.08 53.13
CA SER F 40 21.60 -16.85 51.70
C SER F 40 20.29 -16.14 51.33
N THR F 41 19.17 -16.58 51.91
CA THR F 41 17.88 -15.99 51.56
C THR F 41 17.75 -14.56 52.07
N GLN F 42 18.34 -14.26 53.23
CA GLN F 42 18.23 -12.90 53.75
C GLN F 42 19.06 -11.92 52.93
N ASN F 43 20.27 -12.33 52.51
CA ASN F 43 21.07 -11.43 51.65
C ASN F 43 20.35 -11.17 50.34
N ALA F 44 19.57 -12.13 49.86
CA ALA F 44 18.79 -11.89 48.66
C ALA F 44 17.53 -11.07 48.98
N ILE F 45 16.91 -11.34 50.13
CA ILE F 45 15.78 -10.51 50.56
C ILE F 45 16.24 -9.08 50.76
N ASN F 46 17.46 -8.89 51.27
CA ASN F 46 17.98 -7.53 51.44
C ASN F 46 18.27 -6.88 50.10
N GLY F 47 18.96 -7.60 49.20
CA GLY F 47 19.33 -7.02 47.93
C GLY F 47 18.14 -6.73 47.03
N ILE F 48 17.19 -7.68 46.95
CA ILE F 48 16.03 -7.48 46.08
C ILE F 48 15.16 -6.33 46.57
N THR F 49 14.96 -6.23 47.89
CA THR F 49 14.17 -5.10 48.40
C THR F 49 14.86 -3.77 48.10
N ASN F 50 16.19 -3.73 48.24
CA ASN F 50 16.90 -2.52 47.85
C ASN F 50 16.82 -2.27 46.36
N LYS F 51 16.76 -3.33 45.56
CA LYS F 51 16.62 -3.18 44.12
C LYS F 51 15.25 -2.62 43.74
N VAL F 52 14.18 -3.17 44.30
CA VAL F 52 12.83 -2.74 43.93
C VAL F 52 12.60 -1.28 44.32
N ASN F 53 12.99 -0.92 45.54
CA ASN F 53 12.79 0.46 46.02
C ASN F 53 13.68 1.45 45.29
N SER F 54 14.85 1.02 44.81
CA SER F 54 15.68 1.93 44.03
C SER F 54 14.97 2.35 42.76
N VAL F 55 14.24 1.44 42.14
CA VAL F 55 13.45 1.78 40.96
C VAL F 55 12.26 2.67 41.36
N ILE F 56 11.64 2.38 42.49
CA ILE F 56 10.41 3.08 42.86
C ILE F 56 10.72 4.46 43.44
N GLU F 57 11.61 4.53 44.43
CA GLU F 57 11.76 5.78 45.17
C GLU F 57 12.65 6.80 44.46
N LYS F 58 13.46 6.38 43.49
CA LYS F 58 14.28 7.36 42.76
C LYS F 58 13.46 8.20 41.79
N MET F 59 12.14 8.00 41.74
CA MET F 59 11.28 8.79 40.86
C MET F 59 10.94 10.09 41.58
N ASN F 60 11.82 11.07 41.44
CA ASN F 60 11.59 12.40 42.00
C ASN F 60 10.69 13.17 41.05
N THR F 61 9.49 13.50 41.49
CA THR F 61 8.53 14.23 40.68
C THR F 61 8.10 15.49 41.42
N GLN F 62 8.17 16.63 40.73
CA GLN F 62 7.72 17.88 41.30
C GLN F 62 6.26 18.13 40.93
N PHE F 63 5.68 19.18 41.50
CA PHE F 63 4.31 19.51 41.18
C PHE F 63 4.24 20.10 39.78
N THR F 64 3.35 19.56 38.95
CA THR F 64 3.21 20.01 37.58
C THR F 64 1.78 19.75 37.12
N ALA F 65 1.24 20.70 36.35
CA ALA F 65 -0.04 20.54 35.67
C ALA F 65 0.24 20.36 34.18
N VAL F 66 0.07 19.13 33.69
CA VAL F 66 0.46 18.80 32.32
C VAL F 66 -0.37 19.60 31.31
N GLY F 67 -1.67 19.75 31.56
CA GLY F 67 -2.54 20.29 30.54
C GLY F 67 -2.27 21.77 30.28
N LYS F 68 -2.33 22.14 28.99
CA LYS F 68 -2.26 23.52 28.53
C LYS F 68 -3.35 23.74 27.49
N GLU F 69 -3.95 24.93 27.50
CA GLU F 69 -5.09 25.25 26.64
C GLU F 69 -4.71 26.31 25.61
N PHE F 70 -5.14 26.10 24.36
CA PHE F 70 -4.84 27.00 23.27
C PHE F 70 -6.09 27.23 22.42
N ASN F 71 -6.10 28.34 21.69
CA ASN F 71 -7.24 28.74 20.87
C ASN F 71 -6.95 28.50 19.39
N LYS F 72 -7.92 28.90 18.55
CA LYS F 72 -7.87 28.56 17.13
C LYS F 72 -6.66 29.15 16.43
N LEU F 73 -6.11 30.26 16.92
CA LEU F 73 -4.96 30.87 16.29
C LEU F 73 -3.65 30.52 17.00
N GLU F 74 -3.63 29.41 17.74
CA GLU F 74 -2.46 28.93 18.46
C GLU F 74 -2.22 27.45 18.20
N LYS F 75 -2.57 26.98 17.01
CA LYS F 75 -2.41 25.55 16.71
C LYS F 75 -0.95 25.13 16.81
N ARG F 76 -0.02 26.01 16.43
CA ARG F 76 1.40 25.71 16.55
C ARG F 76 1.81 25.50 18.00
N MET F 77 1.39 26.41 18.90
CA MET F 77 1.67 26.23 20.31
C MET F 77 1.01 24.96 20.85
N GLU F 78 -0.19 24.65 20.34
CA GLU F 78 -0.85 23.40 20.74
C GLU F 78 -0.08 22.19 20.24
N ASN F 79 0.37 22.21 18.99
CA ASN F 79 1.14 21.09 18.47
C ASN F 79 2.51 21.01 19.11
N LEU F 80 3.12 22.15 19.46
CA LEU F 80 4.37 22.11 20.21
C LEU F 80 4.17 21.45 21.57
N ASN F 81 3.02 21.71 22.20
CA ASN F 81 2.72 21.04 23.46
C ASN F 81 2.53 19.54 23.27
N LYS F 82 1.79 19.15 22.23
CA LYS F 82 1.61 17.73 21.97
C LYS F 82 2.96 17.06 21.71
N LYS F 83 3.89 17.77 21.09
CA LYS F 83 5.22 17.24 20.84
C LYS F 83 5.97 16.97 22.14
N VAL F 84 5.82 17.85 23.13
CA VAL F 84 6.50 17.65 24.40
C VAL F 84 5.92 16.47 25.14
N ASP F 85 4.58 16.34 25.15
CA ASP F 85 3.94 15.24 25.87
C ASP F 85 4.28 13.91 25.23
N ASP F 86 4.08 13.79 23.92
CA ASP F 86 4.38 12.54 23.25
C ASP F 86 5.86 12.21 23.28
N GLY F 87 6.72 13.22 23.35
CA GLY F 87 8.14 12.96 23.49
C GLY F 87 8.48 12.31 24.82
N PHE F 88 7.96 12.89 25.91
CA PHE F 88 8.13 12.29 27.23
C PHE F 88 7.44 10.93 27.31
N LEU F 89 6.28 10.80 26.68
CA LEU F 89 5.59 9.51 26.67
C LEU F 89 6.44 8.44 25.99
N ASP F 90 7.04 8.78 24.84
CA ASP F 90 7.90 7.83 24.15
C ASP F 90 9.13 7.50 24.98
N ILE F 91 9.73 8.51 25.61
CA ILE F 91 10.94 8.29 26.39
C ILE F 91 10.65 7.39 27.59
N TRP F 92 9.66 7.77 28.40
CA TRP F 92 9.39 7.01 29.62
C TRP F 92 8.86 5.61 29.32
N THR F 93 7.92 5.49 28.37
CA THR F 93 7.42 4.16 28.02
C THR F 93 8.56 3.24 27.57
N TYR F 94 9.39 3.72 26.63
CA TYR F 94 10.47 2.89 26.11
C TYR F 94 11.46 2.53 27.22
N ASN F 95 11.84 3.51 28.06
CA ASN F 95 12.80 3.23 29.10
C ASN F 95 12.21 2.28 30.15
N ALA F 96 10.94 2.47 30.50
CA ALA F 96 10.30 1.59 31.48
C ALA F 96 10.18 0.16 30.94
N GLU F 97 9.74 0.02 29.69
CA GLU F 97 9.57 -1.32 29.11
C GLU F 97 10.88 -2.09 29.12
N LEU F 98 11.96 -1.46 28.65
CA LEU F 98 13.25 -2.14 28.63
C LEU F 98 13.79 -2.37 30.03
N LEU F 99 13.59 -1.42 30.94
CA LEU F 99 14.10 -1.58 32.31
C LEU F 99 13.53 -2.83 32.97
N VAL F 100 12.23 -3.05 32.85
CA VAL F 100 11.60 -4.23 33.43
C VAL F 100 12.11 -5.49 32.74
N LEU F 101 12.22 -5.46 31.41
CA LEU F 101 12.72 -6.62 30.68
C LEU F 101 14.17 -6.93 31.05
N LEU F 102 15.01 -5.90 31.16
CA LEU F 102 16.42 -6.12 31.45
C LEU F 102 16.62 -6.53 32.90
N GLU F 103 15.97 -5.82 33.83
CA GLU F 103 16.18 -6.10 35.24
C GLU F 103 15.47 -7.36 35.72
N ASN F 104 14.41 -7.79 35.03
CA ASN F 104 13.82 -9.08 35.37
C ASN F 104 14.75 -10.22 34.98
N GLU F 105 15.41 -10.08 33.82
CA GLU F 105 16.40 -11.07 33.42
C GLU F 105 17.54 -11.15 34.42
N ARG F 106 17.95 -9.99 34.96
CA ARG F 106 19.05 -9.97 35.92
C ARG F 106 18.65 -10.57 37.26
N THR F 107 17.42 -10.33 37.70
CA THR F 107 16.98 -10.87 38.99
C THR F 107 16.99 -12.40 38.97
N LEU F 108 16.51 -13.01 37.89
CA LEU F 108 16.52 -14.46 37.82
C LEU F 108 17.94 -15.01 37.74
N ASP F 109 18.84 -14.32 37.03
CA ASP F 109 20.26 -14.69 37.06
C ASP F 109 20.81 -14.61 38.47
N PHE F 110 20.36 -13.63 39.24
CA PHE F 110 20.83 -13.45 40.61
C PHE F 110 20.46 -14.65 41.48
N HIS F 111 19.21 -15.10 41.39
CA HIS F 111 18.79 -16.28 42.14
C HIS F 111 19.58 -17.50 41.70
N ASP F 112 19.71 -17.68 40.38
CA ASP F 112 20.52 -18.77 39.85
C ASP F 112 21.92 -18.73 40.44
N SER F 113 22.48 -17.52 40.60
CA SER F 113 23.81 -17.38 41.16
C SER F 113 23.86 -17.84 42.61
N ASN F 114 22.86 -17.45 43.41
CA ASN F 114 22.86 -17.86 44.82
C ASN F 114 22.69 -19.36 44.97
N VAL F 115 21.94 -19.99 44.08
CA VAL F 115 21.78 -21.43 44.15
C VAL F 115 23.09 -22.14 43.84
N LYS F 116 23.80 -21.69 42.80
CA LYS F 116 25.07 -22.35 42.48
C LYS F 116 26.12 -22.09 43.54
N ASN F 117 26.16 -20.88 44.10
CA ASN F 117 27.14 -20.60 45.14
C ASN F 117 26.86 -21.42 46.39
N LEU F 118 25.58 -21.62 46.71
CA LEU F 118 25.23 -22.48 47.85
C LEU F 118 25.59 -23.93 47.56
N TYR F 119 25.26 -24.41 46.36
CA TYR F 119 25.64 -25.77 45.97
C TYR F 119 27.16 -25.94 46.00
N GLU F 120 27.89 -24.98 45.42
CA GLU F 120 29.33 -25.08 45.39
C GLU F 120 29.94 -24.98 46.80
N LYS F 121 29.28 -24.25 47.70
CA LYS F 121 29.77 -24.19 49.08
C LYS F 121 29.66 -25.55 49.75
N VAL F 122 28.57 -26.27 49.51
CA VAL F 122 28.41 -27.59 50.09
C VAL F 122 29.36 -28.59 49.45
N LYS F 123 29.51 -28.52 48.12
CA LYS F 123 30.37 -29.47 47.42
C LYS F 123 31.81 -29.40 47.94
N ASN F 124 32.32 -28.18 48.16
CA ASN F 124 33.68 -28.05 48.68
C ASN F 124 33.80 -28.56 50.11
N GLN F 125 32.72 -28.47 50.89
CA GLN F 125 32.79 -28.95 52.27
C GLN F 125 32.76 -30.47 52.34
N LEU F 126 31.84 -31.10 51.61
CA LEU F 126 31.74 -32.55 51.62
C LEU F 126 32.75 -33.23 50.71
N ARG F 127 33.75 -32.47 50.24
CA ARG F 127 34.75 -32.85 49.25
C ARG F 127 34.46 -34.16 48.52
N ASN F 128 34.92 -35.27 49.09
CA ASN F 128 34.77 -36.59 48.46
C ASN F 128 34.28 -37.62 49.46
N ASN F 129 33.70 -37.16 50.56
CA ASN F 129 33.01 -38.05 51.48
C ASN F 129 31.59 -38.34 51.01
N ALA F 130 31.23 -37.85 49.82
CA ALA F 130 29.91 -38.05 49.25
C ALA F 130 30.00 -38.00 47.73
N LYS F 131 29.09 -38.70 47.07
CA LYS F 131 29.02 -38.73 45.61
C LYS F 131 28.07 -37.64 45.11
N GLU F 132 28.51 -36.88 44.10
CA GLU F 132 27.64 -35.88 43.49
C GLU F 132 26.69 -36.58 42.53
N ILE F 133 25.41 -36.63 42.89
CA ILE F 133 24.43 -37.30 42.03
C ILE F 133 24.17 -36.55 40.74
N GLY F 134 24.59 -35.28 40.66
CA GLY F 134 24.42 -34.48 39.47
C GLY F 134 23.14 -33.71 39.39
N ASN F 135 22.19 -33.94 40.30
CA ASN F 135 20.90 -33.28 40.32
C ASN F 135 20.73 -32.34 41.51
N GLY F 136 21.83 -31.96 42.16
CA GLY F 136 21.77 -31.13 43.33
C GLY F 136 21.86 -31.87 44.65
N CYS F 137 22.00 -33.19 44.62
CA CYS F 137 22.04 -34.00 45.83
C CYS F 137 23.44 -34.59 46.04
N PHE F 138 23.72 -34.93 47.29
CA PHE F 138 24.97 -35.56 47.69
C PHE F 138 24.64 -36.81 48.48
N GLU F 139 25.10 -37.97 48.01
CA GLU F 139 24.90 -39.23 48.71
C GLU F 139 26.11 -39.46 49.61
N PHE F 140 25.89 -39.43 50.92
CA PHE F 140 26.99 -39.54 51.88
C PHE F 140 27.57 -40.95 51.87
N TYR F 141 28.90 -41.02 51.96
CA TYR F 141 29.54 -42.32 52.12
C TYR F 141 29.55 -42.78 53.57
N HIS F 142 29.28 -41.88 54.51
CA HIS F 142 29.17 -42.19 55.92
C HIS F 142 27.79 -41.79 56.42
N LYS F 143 27.42 -42.31 57.58
CA LYS F 143 26.15 -41.94 58.20
C LYS F 143 26.23 -40.52 58.73
N CYS F 144 25.43 -39.63 58.17
CA CYS F 144 25.40 -38.23 58.58
C CYS F 144 24.10 -37.97 59.34
N ASN F 145 24.19 -37.98 60.67
CA ASN F 145 23.02 -37.74 61.51
C ASN F 145 22.62 -36.27 61.49
N ASN F 146 21.61 -35.94 62.31
CA ASN F 146 21.13 -34.57 62.37
C ASN F 146 22.22 -33.62 62.83
N GLU F 147 23.10 -34.06 63.72
CA GLU F 147 24.21 -33.23 64.16
C GLU F 147 25.18 -32.97 63.01
N CYS F 148 25.48 -34.00 62.23
CA CYS F 148 26.33 -33.82 61.06
C CYS F 148 25.62 -32.99 60.00
N MET F 149 24.31 -33.14 59.87
CA MET F 149 23.56 -32.34 58.90
C MET F 149 23.57 -30.86 59.27
N GLU F 150 23.23 -30.55 60.53
CA GLU F 150 23.18 -29.16 60.97
C GLU F 150 24.54 -28.47 60.85
N SER F 151 25.63 -29.24 60.89
CA SER F 151 26.96 -28.63 60.77
C SER F 151 27.30 -28.27 59.33
N VAL F 152 26.73 -28.98 58.36
CA VAL F 152 26.96 -28.65 56.96
C VAL F 152 26.29 -27.33 56.61
N LYS F 153 25.04 -27.13 57.06
CA LYS F 153 24.35 -25.89 56.79
C LYS F 153 25.00 -24.72 57.51
N ASN F 154 25.48 -24.94 58.73
CA ASN F 154 26.15 -23.87 59.47
C ASN F 154 27.49 -23.51 58.85
N GLY F 155 28.03 -24.36 57.99
CA GLY F 155 29.32 -24.15 57.40
C GLY F 155 30.50 -24.75 58.12
N THR F 156 30.27 -25.61 59.11
CA THR F 156 31.36 -26.20 59.89
C THR F 156 31.37 -27.72 59.80
N TYR F 157 31.50 -28.26 58.60
CA TYR F 157 31.51 -29.70 58.38
C TYR F 157 32.93 -30.25 58.51
N ASP F 158 33.15 -31.09 59.51
CA ASP F 158 34.45 -31.72 59.70
C ASP F 158 34.69 -32.74 58.58
N TYR F 159 35.91 -32.75 58.04
CA TYR F 159 36.18 -33.57 56.86
C TYR F 159 36.33 -35.05 57.19
N PRO F 160 37.16 -35.46 58.17
CA PRO F 160 37.19 -36.90 58.44
C PRO F 160 35.90 -37.44 59.02
N SER G 2 -13.58 -69.77 18.69
CA SER G 2 -14.65 -69.68 17.72
C SER G 2 -14.15 -69.10 16.40
N ASP G 3 -14.81 -69.48 15.31
CA ASP G 3 -14.37 -69.11 13.97
C ASP G 3 -14.85 -67.71 13.61
N THR G 4 -14.08 -67.03 12.78
CA THR G 4 -14.40 -65.67 12.36
C THR G 4 -14.13 -65.51 10.88
N ILE G 5 -14.84 -64.54 10.29
CA ILE G 5 -14.53 -64.01 8.98
C ILE G 5 -14.64 -62.50 9.07
N CYS G 6 -13.70 -61.80 8.44
CA CYS G 6 -13.64 -60.35 8.51
C CYS G 6 -13.66 -59.77 7.10
N ILE G 7 -14.13 -58.54 7.00
CA ILE G 7 -14.15 -57.80 5.74
C ILE G 7 -13.14 -56.66 5.85
N GLY G 8 -12.27 -56.54 4.85
CA GLY G 8 -11.26 -55.51 4.85
C GLY G 8 -10.84 -55.12 3.46
N TYR G 9 -9.79 -54.32 3.34
CA TYR G 9 -9.37 -53.76 2.06
C TYR G 9 -7.86 -53.75 1.98
N HIS G 10 -7.37 -53.41 0.79
CA HIS G 10 -5.96 -53.56 0.45
C HIS G 10 -5.12 -52.43 1.06
N ALA G 11 -3.86 -52.75 1.34
CA ALA G 11 -2.86 -51.78 1.73
C ALA G 11 -1.51 -52.28 1.24
N ASN G 12 -0.62 -51.34 0.92
CA ASN G 12 0.68 -51.68 0.34
C ASN G 12 1.74 -50.77 0.92
N ASN G 13 2.94 -50.84 0.34
CA ASN G 13 4.07 -50.00 0.70
C ASN G 13 4.03 -48.64 0.00
N SER G 14 2.95 -48.33 -0.72
CA SER G 14 2.92 -47.15 -1.56
C SER G 14 3.05 -45.87 -0.73
N THR G 15 3.68 -44.86 -1.34
CA THR G 15 3.81 -43.54 -0.75
C THR G 15 3.23 -42.45 -1.64
N ASP G 16 2.49 -42.81 -2.68
CA ASP G 16 1.83 -41.82 -3.51
C ASP G 16 0.86 -41.00 -2.69
N THR G 17 0.83 -39.70 -2.96
CA THR G 17 -0.09 -38.78 -2.29
C THR G 17 -0.91 -38.06 -3.34
N VAL G 18 -2.20 -37.87 -3.04
CA VAL G 18 -3.08 -37.07 -3.89
C VAL G 18 -3.76 -36.02 -3.03
N ASP G 19 -4.26 -34.98 -3.69
CA ASP G 19 -5.06 -33.97 -3.04
C ASP G 19 -6.54 -34.27 -3.30
N THR G 20 -7.37 -34.08 -2.28
CA THR G 20 -8.81 -34.15 -2.40
C THR G 20 -9.42 -32.81 -2.07
N VAL G 21 -10.73 -32.70 -2.28
CA VAL G 21 -11.40 -31.44 -2.01
C VAL G 21 -11.54 -31.22 -0.49
N LEU G 22 -11.59 -32.30 0.29
CA LEU G 22 -11.74 -32.20 1.74
C LEU G 22 -10.42 -32.27 2.49
N GLU G 23 -9.38 -32.86 1.90
CA GLU G 23 -8.13 -33.09 2.61
C GLU G 23 -6.98 -33.05 1.61
N LYS G 24 -5.90 -32.38 2.00
CA LYS G 24 -4.69 -32.37 1.19
C LYS G 24 -3.76 -33.50 1.62
N ASN G 25 -2.92 -33.92 0.67
CA ASN G 25 -1.79 -34.83 0.94
C ASN G 25 -2.26 -36.15 1.56
N VAL G 26 -3.07 -36.86 0.80
CA VAL G 26 -3.66 -38.14 1.23
C VAL G 26 -2.85 -39.27 0.60
N THR G 27 -2.28 -40.14 1.44
CA THR G 27 -1.48 -41.26 0.96
C THR G 27 -2.38 -42.37 0.43
N VAL G 28 -2.14 -42.78 -0.81
CA VAL G 28 -2.96 -43.76 -1.49
C VAL G 28 -2.09 -44.91 -1.98
N THR G 29 -2.75 -46.00 -2.38
CA THR G 29 -2.10 -47.25 -2.76
C THR G 29 -1.65 -47.24 -4.22
N HIS G 30 -2.53 -46.80 -5.13
CA HIS G 30 -2.22 -46.75 -6.55
C HIS G 30 -2.76 -45.44 -7.11
N SER G 31 -2.00 -44.81 -8.02
CA SER G 31 -2.41 -43.54 -8.61
C SER G 31 -1.80 -43.40 -10.01
N VAL G 32 -2.36 -42.46 -10.78
CA VAL G 32 -1.94 -42.21 -12.16
C VAL G 32 -1.68 -40.72 -12.33
N ASN G 33 -0.66 -40.39 -13.13
CA ASN G 33 -0.32 -39.01 -13.42
C ASN G 33 -1.13 -38.48 -14.60
N LEU G 34 -1.59 -37.23 -14.48
CA LEU G 34 -2.29 -36.56 -15.56
C LEU G 34 -1.52 -35.39 -16.17
N LEU G 35 -0.37 -35.03 -15.60
CA LEU G 35 0.34 -33.82 -15.97
C LEU G 35 1.67 -34.18 -16.61
N GLU G 36 1.83 -33.84 -17.88
CA GLU G 36 3.13 -34.06 -18.51
C GLU G 36 4.10 -33.04 -17.97
N ASP G 37 5.18 -33.53 -17.37
CA ASP G 37 6.03 -32.73 -16.50
C ASP G 37 7.42 -32.50 -17.06
N SER G 38 7.81 -33.24 -18.09
CA SER G 38 9.17 -33.22 -18.58
C SER G 38 9.17 -33.23 -20.10
N HIS G 39 10.30 -32.81 -20.67
CA HIS G 39 10.55 -32.87 -22.10
C HIS G 39 11.89 -33.57 -22.32
N ASN G 40 12.21 -33.84 -23.57
CA ASN G 40 13.47 -34.50 -23.89
C ASN G 40 14.55 -33.51 -24.32
N GLY G 41 14.24 -32.22 -24.35
CA GLY G 41 15.25 -31.24 -24.70
C GLY G 41 15.71 -31.27 -26.13
N LYS G 42 14.96 -31.89 -27.04
CA LYS G 42 15.38 -32.02 -28.43
C LYS G 42 14.28 -31.57 -29.38
N LEU G 43 14.69 -31.02 -30.52
CA LEU G 43 13.78 -30.70 -31.61
C LEU G 43 13.52 -31.95 -32.42
N CYS G 44 12.26 -32.38 -32.49
CA CYS G 44 11.91 -33.59 -33.23
C CYS G 44 11.08 -33.24 -34.46
N ARG G 45 10.76 -34.26 -35.24
CA ARG G 45 9.99 -34.09 -36.46
C ARG G 45 8.51 -34.20 -36.16
N LEU G 46 7.75 -33.21 -36.60
CA LEU G 46 6.29 -33.23 -36.51
C LEU G 46 5.71 -33.71 -37.82
N LYS G 47 4.68 -34.56 -37.73
CA LYS G 47 4.07 -35.18 -38.92
C LYS G 47 5.13 -35.92 -39.74
N GLY G 48 6.16 -36.43 -39.07
CA GLY G 48 7.22 -37.16 -39.72
C GLY G 48 8.20 -36.31 -40.50
N ILE G 49 8.03 -34.99 -40.51
CA ILE G 49 8.83 -34.07 -41.31
C ILE G 49 9.72 -33.26 -40.37
N ALA G 50 11.00 -33.16 -40.72
CA ALA G 50 11.95 -32.43 -39.90
C ALA G 50 11.74 -30.92 -40.04
N PRO G 51 12.06 -30.15 -39.01
CA PRO G 51 11.93 -28.70 -39.10
C PRO G 51 13.04 -28.08 -39.92
N LEU G 52 12.83 -26.83 -40.30
CA LEU G 52 13.86 -26.03 -40.93
C LEU G 52 14.60 -25.28 -39.83
N GLN G 53 15.87 -25.67 -39.56
CA GLN G 53 16.65 -25.08 -38.48
C GLN G 53 17.60 -24.04 -39.04
N LEU G 54 17.31 -22.79 -38.70
CA LEU G 54 18.18 -21.67 -39.02
C LEU G 54 19.20 -21.48 -37.89
N GLY G 55 20.43 -21.14 -38.27
CA GLY G 55 21.49 -21.01 -37.30
C GLY G 55 21.84 -19.56 -37.01
N LYS G 56 22.77 -19.01 -37.80
CA LYS G 56 23.18 -17.62 -37.64
C LYS G 56 22.11 -16.65 -38.13
N CYS G 57 21.17 -17.11 -38.96
CA CYS G 57 20.25 -16.21 -39.64
C CYS G 57 18.82 -16.40 -39.14
N ASN G 58 18.03 -15.33 -39.25
CA ASN G 58 16.60 -15.39 -39.06
C ASN G 58 15.93 -15.57 -40.42
N ILE G 59 14.59 -15.61 -40.44
CA ILE G 59 13.89 -15.88 -41.68
C ILE G 59 14.22 -14.82 -42.73
N ALA G 60 14.37 -13.57 -42.30
CA ALA G 60 14.72 -12.50 -43.21
C ALA G 60 16.06 -12.78 -43.90
N GLY G 61 17.11 -12.99 -43.11
CA GLY G 61 18.43 -13.22 -43.68
C GLY G 61 18.51 -14.50 -44.51
N TRP G 62 17.76 -15.53 -44.10
CA TRP G 62 17.78 -16.78 -44.84
C TRP G 62 17.05 -16.68 -46.18
N ILE G 63 15.88 -16.04 -46.20
CA ILE G 63 15.10 -16.02 -47.43
C ILE G 63 15.65 -15.02 -48.43
N LEU G 64 16.33 -13.96 -47.97
CA LEU G 64 16.97 -13.02 -48.88
C LEU G 64 18.34 -13.51 -49.34
N GLY G 65 19.02 -14.29 -48.50
CA GLY G 65 20.34 -14.76 -48.85
C GLY G 65 21.45 -13.92 -48.25
N ASN G 66 21.28 -13.53 -46.99
CA ASN G 66 22.33 -12.84 -46.28
C ASN G 66 23.63 -13.64 -46.42
N PRO G 67 24.76 -12.99 -46.74
CA PRO G 67 25.97 -13.75 -47.08
C PRO G 67 26.47 -14.69 -46.01
N GLU G 68 25.88 -14.67 -44.81
CA GLU G 68 26.32 -15.52 -43.71
C GLU G 68 25.43 -16.76 -43.51
N CYS G 69 24.47 -17.01 -44.40
CA CYS G 69 23.52 -18.10 -44.22
C CYS G 69 23.86 -19.24 -45.18
N GLU G 70 23.74 -20.48 -44.68
CA GLU G 70 23.93 -21.66 -45.51
C GLU G 70 22.70 -21.93 -46.36
N SER G 71 22.94 -22.24 -47.64
CA SER G 71 21.87 -22.52 -48.58
C SER G 71 21.59 -24.01 -48.68
N LEU G 72 20.33 -24.33 -48.98
CA LEU G 72 19.86 -25.70 -49.19
C LEU G 72 19.54 -25.83 -50.67
N LEU G 73 20.55 -26.14 -51.48
CA LEU G 73 20.38 -26.20 -52.93
C LEU G 73 19.56 -27.40 -53.38
N SER G 74 19.07 -28.23 -52.46
CA SER G 74 18.20 -29.34 -52.77
C SER G 74 16.76 -29.00 -52.38
N LYS G 75 15.81 -29.53 -53.16
CA LYS G 75 14.39 -29.30 -52.87
C LYS G 75 14.05 -29.87 -51.49
N ARG G 76 13.37 -29.06 -50.69
CA ARG G 76 13.18 -29.35 -49.26
C ARG G 76 11.70 -29.26 -48.91
N SER G 77 11.44 -29.46 -47.61
CA SER G 77 10.13 -29.36 -46.99
C SER G 77 10.35 -29.33 -45.49
N TRP G 78 9.43 -28.70 -44.77
CA TRP G 78 9.55 -28.64 -43.32
C TRP G 78 8.17 -28.50 -42.70
N SER G 79 8.06 -29.01 -41.47
CA SER G 79 6.81 -28.96 -40.72
C SER G 79 6.71 -27.72 -39.85
N TYR G 80 7.86 -27.18 -39.41
CA TYR G 80 7.89 -25.90 -38.71
C TYR G 80 9.29 -25.33 -38.87
N ILE G 81 9.46 -24.09 -38.45
CA ILE G 81 10.74 -23.38 -38.54
C ILE G 81 11.26 -23.17 -37.13
N ALA G 82 12.55 -23.47 -36.92
CA ALA G 82 13.20 -23.28 -35.63
C ALA G 82 14.42 -22.39 -35.83
N GLU G 83 14.45 -21.27 -35.12
CA GLU G 83 15.60 -20.39 -35.12
C GLU G 83 16.15 -20.25 -33.71
N THR G 84 17.45 -20.00 -33.63
CA THR G 84 18.18 -19.93 -32.38
C THR G 84 18.04 -18.54 -31.75
N PRO G 85 18.20 -18.44 -30.43
CA PRO G 85 18.34 -17.11 -29.81
C PRO G 85 19.53 -16.32 -30.33
N ASN G 86 20.48 -16.97 -31.00
CA ASN G 86 21.62 -16.28 -31.61
C ASN G 86 21.45 -16.12 -33.11
N SER G 87 20.22 -15.87 -33.55
CA SER G 87 19.91 -15.64 -34.96
C SER G 87 19.78 -14.14 -35.17
N GLU G 88 20.91 -13.48 -35.36
CA GLU G 88 20.97 -12.03 -35.48
C GLU G 88 21.34 -11.55 -36.87
N ASN G 89 21.38 -12.44 -37.87
CA ASN G 89 21.73 -12.08 -39.25
C ASN G 89 20.45 -12.01 -40.07
N GLY G 90 20.01 -10.79 -40.37
CA GLY G 90 18.84 -10.61 -41.18
C GLY G 90 19.13 -9.77 -42.41
N THR G 91 18.61 -8.55 -42.44
CA THR G 91 18.85 -7.61 -43.54
C THR G 91 20.11 -6.81 -43.20
N CYS G 92 21.26 -7.26 -43.73
CA CYS G 92 22.53 -6.60 -43.45
C CYS G 92 22.59 -5.19 -44.03
N TYR G 93 21.81 -4.88 -45.08
CA TYR G 93 21.66 -3.50 -45.51
C TYR G 93 20.40 -2.91 -44.92
N PRO G 94 20.48 -1.79 -44.23
CA PRO G 94 19.32 -1.30 -43.46
C PRO G 94 18.13 -0.95 -44.35
N GLY G 95 16.94 -1.22 -43.83
CA GLY G 95 15.71 -0.93 -44.52
C GLY G 95 14.54 -1.58 -43.82
N ASP G 96 13.36 -1.40 -44.40
CA ASP G 96 12.13 -1.99 -43.88
C ASP G 96 11.76 -3.22 -44.71
N PHE G 97 11.45 -4.31 -44.03
CA PHE G 97 10.97 -5.54 -44.66
C PHE G 97 9.43 -5.51 -44.57
N ALA G 98 8.77 -5.40 -45.72
CA ALA G 98 7.32 -5.26 -45.74
C ALA G 98 6.65 -6.57 -45.39
N ASP G 99 5.67 -6.51 -44.47
CA ASP G 99 4.87 -7.67 -44.08
C ASP G 99 5.77 -8.86 -43.73
N TYR G 100 6.80 -8.58 -42.93
CA TYR G 100 7.76 -9.61 -42.57
C TYR G 100 7.12 -10.68 -41.68
N GLU G 101 6.41 -10.25 -40.64
CA GLU G 101 5.73 -11.22 -39.78
C GLU G 101 4.72 -12.06 -40.56
N GLU G 102 4.03 -11.45 -41.52
CA GLU G 102 3.08 -12.22 -42.30
C GLU G 102 3.81 -13.26 -43.15
N LEU G 103 4.93 -12.87 -43.76
CA LEU G 103 5.73 -13.82 -44.53
C LEU G 103 6.27 -14.94 -43.65
N ARG G 104 6.64 -14.61 -42.41
CA ARG G 104 7.14 -15.63 -41.51
C ARG G 104 6.06 -16.66 -41.20
N GLU G 105 4.84 -16.19 -40.95
CA GLU G 105 3.74 -17.11 -40.64
C GLU G 105 3.42 -18.01 -41.83
N GLN G 106 3.61 -17.52 -43.05
CA GLN G 106 3.26 -18.31 -44.22
C GLN G 106 4.37 -19.27 -44.67
N LEU G 107 5.64 -18.95 -44.39
CA LEU G 107 6.71 -19.90 -44.67
C LEU G 107 6.90 -20.90 -43.55
N SER G 108 6.06 -20.83 -42.50
CA SER G 108 6.25 -21.69 -41.33
C SER G 108 6.06 -23.16 -41.68
N SER G 109 5.21 -23.46 -42.66
CA SER G 109 4.96 -24.84 -43.06
C SER G 109 4.90 -24.89 -44.58
N VAL G 110 5.78 -25.68 -45.19
CA VAL G 110 5.77 -25.91 -46.63
C VAL G 110 5.97 -27.40 -46.89
N SER G 111 5.33 -27.89 -47.94
CA SER G 111 5.47 -29.28 -48.36
C SER G 111 6.42 -29.45 -49.54
N SER G 112 6.72 -28.37 -50.27
CA SER G 112 7.75 -28.37 -51.29
C SER G 112 8.37 -26.98 -51.33
N PHE G 113 9.65 -26.93 -51.66
CA PHE G 113 10.39 -25.66 -51.58
C PHE G 113 11.62 -25.79 -52.47
N GLU G 114 11.57 -25.17 -53.65
CA GLU G 114 12.69 -25.18 -54.57
C GLU G 114 13.15 -23.75 -54.84
N ARG G 115 14.43 -23.51 -54.65
CA ARG G 115 15.03 -22.22 -55.01
C ARG G 115 15.61 -22.34 -56.42
N PHE G 116 15.25 -21.39 -57.27
CA PHE G 116 15.61 -21.43 -58.69
C PHE G 116 15.95 -20.05 -59.19
N GLU G 117 16.83 -20.00 -60.20
CA GLU G 117 17.23 -18.75 -60.83
C GLU G 117 16.07 -18.20 -61.62
N ILE G 118 15.35 -17.23 -61.06
CA ILE G 118 14.22 -16.63 -61.75
C ILE G 118 14.71 -15.66 -62.82
N PHE G 119 15.72 -14.86 -62.50
CA PHE G 119 16.34 -13.92 -63.44
C PHE G 119 17.83 -14.16 -63.41
N PRO G 120 18.33 -15.05 -64.27
CA PRO G 120 19.77 -15.35 -64.28
C PRO G 120 20.59 -14.08 -64.41
N LYS G 121 21.51 -13.90 -63.45
CA LYS G 121 22.25 -12.65 -63.33
C LYS G 121 22.98 -12.29 -64.61
N GLU G 122 23.59 -13.27 -65.28
CA GLU G 122 24.52 -12.95 -66.35
C GLU G 122 23.87 -12.58 -67.68
N ARG G 123 22.59 -12.88 -67.89
CA ARG G 123 22.00 -12.64 -69.20
C ARG G 123 20.65 -11.92 -69.15
N SER G 124 20.15 -11.60 -67.97
CA SER G 124 18.85 -10.93 -67.87
C SER G 124 18.99 -9.42 -67.95
N TRP G 125 20.19 -8.88 -67.70
CA TRP G 125 20.43 -7.45 -67.63
C TRP G 125 21.59 -7.11 -68.56
N PRO G 126 21.37 -7.16 -69.88
CA PRO G 126 22.49 -6.93 -70.81
C PRO G 126 22.96 -5.49 -70.87
N LYS G 127 22.14 -4.53 -70.44
CA LYS G 127 22.49 -3.12 -70.54
C LYS G 127 22.55 -2.48 -69.15
N HIS G 128 22.96 -3.27 -68.15
CA HIS G 128 23.17 -2.78 -66.80
C HIS G 128 24.38 -3.47 -66.21
N ASN G 129 24.97 -2.84 -65.19
CA ASN G 129 26.12 -3.42 -64.50
C ASN G 129 25.65 -4.29 -63.34
N ILE G 130 26.15 -5.54 -63.32
CA ILE G 130 25.75 -6.53 -62.33
C ILE G 130 26.87 -6.88 -61.35
N THR G 131 28.03 -6.22 -61.45
CA THR G 131 29.14 -6.55 -60.58
C THR G 131 29.39 -5.48 -59.53
N ARG G 132 28.94 -4.25 -59.76
CA ARG G 132 29.14 -3.17 -58.81
C ARG G 132 28.26 -3.31 -57.58
N GLY G 133 27.16 -4.07 -57.68
CA GLY G 133 26.22 -4.17 -56.60
C GLY G 133 26.70 -4.93 -55.37
N VAL G 134 27.77 -4.47 -54.74
CA VAL G 134 28.24 -5.03 -53.48
C VAL G 134 28.37 -3.89 -52.48
N THR G 135 28.48 -4.24 -51.20
CA THR G 135 28.51 -3.22 -50.16
C THR G 135 29.20 -3.77 -48.93
N ALA G 136 29.87 -2.88 -48.20
CA ALA G 136 30.55 -3.26 -46.97
C ALA G 136 29.59 -3.67 -45.87
N ALA G 137 28.32 -3.27 -45.96
CA ALA G 137 27.34 -3.65 -44.96
C ALA G 137 27.09 -5.15 -44.96
N CYS G 138 27.12 -5.77 -46.14
CA CYS G 138 26.93 -7.21 -46.25
C CYS G 138 28.24 -7.89 -46.62
N SER G 139 29.24 -7.83 -45.74
CA SER G 139 30.56 -8.37 -46.03
C SER G 139 30.65 -9.84 -45.63
N HIS G 140 31.31 -10.62 -46.48
CA HIS G 140 31.59 -12.02 -46.22
C HIS G 140 33.06 -12.28 -46.48
N ALA G 141 33.74 -12.89 -45.51
CA ALA G 141 35.15 -13.25 -45.62
C ALA G 141 36.03 -12.03 -45.92
N GLY G 142 35.71 -10.91 -45.27
CA GLY G 142 36.53 -9.71 -45.38
C GLY G 142 36.38 -8.93 -46.66
N LYS G 143 35.67 -9.43 -47.66
CA LYS G 143 35.39 -8.69 -48.88
C LYS G 143 33.91 -8.32 -48.93
N SER G 144 33.62 -7.21 -49.62
CA SER G 144 32.25 -6.75 -49.72
C SER G 144 31.44 -7.71 -50.58
N SER G 145 30.19 -7.94 -50.18
CA SER G 145 29.31 -8.85 -50.91
C SER G 145 27.90 -8.27 -50.85
N PHE G 146 26.91 -9.12 -51.03
CA PHE G 146 25.52 -8.70 -51.12
C PHE G 146 24.65 -9.94 -50.95
N TYR G 147 23.33 -9.74 -50.98
CA TYR G 147 22.41 -10.86 -50.83
C TYR G 147 22.59 -11.85 -51.98
N LYS G 148 22.50 -13.15 -51.64
CA LYS G 148 22.70 -14.18 -52.64
C LYS G 148 21.48 -14.40 -53.54
N ASN G 149 20.32 -13.88 -53.15
CA ASN G 149 19.10 -14.07 -53.94
C ASN G 149 18.62 -12.79 -54.60
N LEU G 150 19.33 -11.68 -54.45
CA LEU G 150 18.97 -10.42 -55.06
C LEU G 150 20.15 -9.87 -55.84
N LEU G 151 19.87 -8.91 -56.73
CA LEU G 151 20.89 -8.33 -57.60
C LEU G 151 20.74 -6.82 -57.59
N TRP G 152 21.82 -6.11 -57.26
CA TRP G 152 21.81 -4.65 -57.15
C TRP G 152 22.27 -4.08 -58.48
N LEU G 153 21.30 -3.75 -59.35
CA LEU G 153 21.62 -3.21 -60.66
C LEU G 153 22.10 -1.77 -60.55
N THR G 154 23.11 -1.43 -61.35
CA THR G 154 23.64 -0.07 -61.41
C THR G 154 23.92 0.29 -62.86
N GLU G 155 24.26 1.56 -63.08
CA GLU G 155 24.48 2.07 -64.43
C GLU G 155 25.70 1.41 -65.07
N THR G 156 25.78 1.53 -66.39
CA THR G 156 26.95 1.11 -67.13
C THR G 156 27.11 1.99 -68.36
N ASN G 157 28.36 2.30 -68.70
CA ASN G 157 28.70 3.19 -69.81
C ASN G 157 28.01 4.55 -69.68
N GLY G 158 27.70 4.95 -68.45
CA GLY G 158 27.13 6.25 -68.18
C GLY G 158 25.62 6.38 -68.26
N SER G 159 24.88 5.28 -68.24
CA SER G 159 23.43 5.36 -68.37
C SER G 159 22.78 4.20 -67.63
N TYR G 160 21.51 4.39 -67.27
CA TYR G 160 20.68 3.37 -66.65
C TYR G 160 19.37 3.35 -67.41
N PRO G 161 19.29 2.59 -68.51
CA PRO G 161 18.07 2.56 -69.30
C PRO G 161 16.93 1.86 -68.59
N LYS G 162 15.72 2.22 -69.00
CA LYS G 162 14.52 1.58 -68.47
C LYS G 162 14.48 0.12 -68.90
N LEU G 163 14.18 -0.77 -67.95
CA LEU G 163 14.10 -2.21 -68.19
C LEU G 163 12.66 -2.70 -68.07
N SER G 164 12.38 -3.83 -68.72
CA SER G 164 11.07 -4.47 -68.62
C SER G 164 11.31 -5.98 -68.70
N LYS G 165 11.44 -6.61 -67.54
CA LYS G 165 11.70 -8.04 -67.44
C LYS G 165 10.48 -8.74 -66.86
N SER G 166 10.06 -9.81 -67.52
CA SER G 166 8.86 -10.55 -67.13
C SER G 166 9.23 -11.99 -66.80
N TYR G 167 8.48 -12.58 -65.87
CA TYR G 167 8.60 -13.98 -65.53
C TYR G 167 7.20 -14.59 -65.48
N VAL G 168 7.03 -15.72 -66.17
CA VAL G 168 5.77 -16.48 -66.15
C VAL G 168 5.96 -17.68 -65.24
N ASN G 169 4.98 -17.93 -64.37
CA ASN G 169 5.06 -19.04 -63.42
C ASN G 169 4.71 -20.33 -64.17
N ASN G 170 5.72 -20.93 -64.79
CA ASN G 170 5.59 -22.22 -65.44
C ASN G 170 5.68 -23.39 -64.46
N LYS G 171 5.96 -23.13 -63.18
CA LYS G 171 5.82 -24.14 -62.14
C LYS G 171 4.34 -24.39 -61.87
N GLU G 172 4.03 -25.53 -61.25
CA GLU G 172 2.65 -25.86 -60.91
C GLU G 172 2.33 -25.52 -59.45
N LYS G 173 3.01 -24.54 -58.88
CA LYS G 173 2.79 -24.11 -57.51
C LYS G 173 3.12 -22.62 -57.40
N GLU G 174 2.90 -22.08 -56.20
CA GLU G 174 3.21 -20.67 -55.96
C GLU G 174 4.71 -20.43 -56.09
N VAL G 175 5.07 -19.20 -56.44
CA VAL G 175 6.47 -18.78 -56.53
C VAL G 175 6.63 -17.52 -55.70
N LEU G 176 7.34 -17.64 -54.59
CA LEU G 176 7.62 -16.48 -53.75
C LEU G 176 8.71 -15.64 -54.41
N VAL G 177 8.36 -14.42 -54.81
CA VAL G 177 9.29 -13.51 -55.47
C VAL G 177 9.57 -12.34 -54.53
N LEU G 178 10.84 -12.08 -54.28
CA LEU G 178 11.27 -10.99 -53.42
C LEU G 178 12.12 -10.00 -54.21
N TRP G 179 12.04 -8.73 -53.83
CA TRP G 179 12.85 -7.70 -54.46
C TRP G 179 13.00 -6.55 -53.47
N GLY G 180 13.87 -5.61 -53.83
CA GLY G 180 14.15 -4.49 -52.97
C GLY G 180 14.19 -3.19 -53.76
N VAL G 181 14.01 -2.09 -53.03
CA VAL G 181 14.13 -0.75 -53.59
C VAL G 181 15.15 0.02 -52.77
N HIS G 182 16.16 0.57 -53.44
CA HIS G 182 17.25 1.26 -52.77
C HIS G 182 16.94 2.75 -52.70
N HIS G 183 17.12 3.33 -51.53
CA HIS G 183 16.90 4.76 -51.30
C HIS G 183 18.23 5.37 -50.90
N PRO G 184 18.92 6.04 -51.82
CA PRO G 184 20.25 6.55 -51.51
C PRO G 184 20.21 7.63 -50.44
N SER G 185 21.39 7.95 -49.93
CA SER G 185 21.51 8.91 -48.84
C SER G 185 21.57 10.35 -49.35
N ASN G 186 22.05 10.55 -50.58
CA ASN G 186 22.17 11.90 -51.13
C ASN G 186 21.95 11.85 -52.63
N ILE G 187 21.67 13.03 -53.20
CA ILE G 187 21.37 13.11 -54.63
C ILE G 187 22.60 12.84 -55.47
N GLU G 188 23.80 13.10 -54.94
CA GLU G 188 25.01 12.85 -55.71
C GLU G 188 25.23 11.37 -55.92
N ASP G 189 25.08 10.56 -54.86
CA ASP G 189 25.19 9.11 -55.01
C ASP G 189 24.04 8.55 -55.82
N GLN G 190 22.88 9.21 -55.79
CA GLN G 190 21.77 8.78 -56.64
C GLN G 190 22.11 8.95 -58.11
N LYS G 191 22.78 10.05 -58.47
CA LYS G 191 23.20 10.23 -59.84
C LYS G 191 24.31 9.25 -60.22
N THR G 192 25.20 8.95 -59.27
CA THR G 192 26.30 8.04 -59.56
C THR G 192 25.79 6.66 -59.93
N LEU G 193 24.84 6.13 -59.15
CA LEU G 193 24.43 4.74 -59.34
C LEU G 193 23.40 4.57 -60.44
N TYR G 194 22.52 5.55 -60.66
CA TYR G 194 21.39 5.36 -61.55
C TYR G 194 21.23 6.44 -62.60
N ARG G 195 22.09 7.45 -62.61
CA ARG G 195 22.14 8.46 -63.66
C ARG G 195 20.78 9.14 -63.88
N LYS G 196 19.98 9.27 -62.82
CA LYS G 196 18.73 10.02 -62.85
C LYS G 196 18.42 10.52 -61.45
N GLU G 197 17.76 11.67 -61.39
CA GLU G 197 17.29 12.18 -60.11
C GLU G 197 15.97 11.54 -59.71
N ASN G 198 15.04 11.44 -60.65
CA ASN G 198 13.71 10.89 -60.39
C ASN G 198 13.58 9.58 -61.16
N ALA G 199 13.67 8.48 -60.44
CA ALA G 199 13.50 7.14 -60.98
C ALA G 199 12.24 6.50 -60.40
N TYR G 200 11.90 5.32 -60.90
CA TYR G 200 10.74 4.60 -60.39
C TYR G 200 10.91 3.11 -60.60
N VAL G 201 10.32 2.33 -59.70
CA VAL G 201 10.26 0.89 -59.82
C VAL G 201 8.79 0.48 -59.81
N SER G 202 8.41 -0.38 -60.74
CA SER G 202 7.03 -0.85 -60.86
C SER G 202 7.04 -2.36 -60.94
N VAL G 203 6.39 -3.02 -59.98
CA VAL G 203 6.24 -4.46 -59.96
C VAL G 203 4.74 -4.74 -60.05
N VAL G 204 4.36 -5.54 -61.05
CA VAL G 204 2.95 -5.82 -61.30
C VAL G 204 2.76 -7.29 -61.63
N SER G 205 1.60 -7.81 -61.26
CA SER G 205 1.15 -9.14 -61.68
C SER G 205 -0.35 -9.07 -61.95
N SER G 206 -1.06 -10.19 -61.83
CA SER G 206 -2.51 -10.12 -62.00
C SER G 206 -3.19 -9.60 -60.74
N ASN G 207 -2.60 -9.83 -59.56
CA ASN G 207 -3.16 -9.37 -58.31
C ASN G 207 -2.26 -8.41 -57.54
N TYR G 208 -1.04 -8.15 -57.99
CA TYR G 208 -0.13 -7.21 -57.34
C TYR G 208 0.08 -6.00 -58.23
N ASN G 209 0.01 -4.81 -57.63
CA ASN G 209 0.09 -3.54 -58.38
C ASN G 209 0.66 -2.49 -57.42
N ARG G 210 1.95 -2.20 -57.53
CA ARG G 210 2.58 -1.22 -56.66
C ARG G 210 3.70 -0.48 -57.38
N ARG G 211 3.76 0.84 -57.15
CA ARG G 211 4.83 1.69 -57.67
C ARG G 211 5.67 2.21 -56.51
N PHE G 212 6.98 2.18 -56.69
CA PHE G 212 7.93 2.63 -55.67
C PHE G 212 8.74 3.78 -56.24
N THR G 213 8.73 4.92 -55.53
CA THR G 213 9.56 6.06 -55.91
C THR G 213 10.62 6.30 -54.84
N PRO G 214 11.90 6.36 -55.22
CA PRO G 214 12.96 6.52 -54.21
C PRO G 214 12.87 7.85 -53.50
N GLU G 215 13.04 7.80 -52.17
CA GLU G 215 13.05 8.96 -51.30
C GLU G 215 14.49 9.21 -50.87
N ILE G 216 15.06 10.33 -51.30
CA ILE G 216 16.46 10.63 -51.01
C ILE G 216 16.50 11.63 -49.85
N ALA G 217 17.21 11.26 -48.78
CA ALA G 217 17.34 12.09 -47.61
C ALA G 217 18.51 11.58 -46.78
N GLU G 218 19.15 12.49 -46.06
CA GLU G 218 20.29 12.13 -45.23
C GLU G 218 19.77 11.43 -43.98
N ARG G 219 20.21 10.21 -43.73
CA ARG G 219 19.75 9.41 -42.61
C ARG G 219 20.90 9.00 -41.70
N PRO G 220 20.60 8.61 -40.45
CA PRO G 220 21.64 8.06 -39.60
C PRO G 220 22.20 6.77 -40.19
N LYS G 221 23.49 6.57 -39.99
CA LYS G 221 24.15 5.41 -40.55
C LYS G 221 23.83 4.17 -39.72
N VAL G 222 23.33 3.13 -40.37
CA VAL G 222 23.08 1.83 -39.76
C VAL G 222 23.91 0.80 -40.52
N ARG G 223 24.65 -0.03 -39.78
CA ARG G 223 25.65 -0.90 -40.37
C ARG G 223 26.57 -0.10 -41.29
N GLY G 224 26.90 1.11 -40.86
CA GLY G 224 27.74 2.00 -41.63
C GLY G 224 27.07 2.66 -42.83
N GLN G 225 25.81 2.34 -43.12
CA GLN G 225 25.13 2.85 -44.31
C GLN G 225 24.08 3.89 -43.92
N ALA G 226 24.17 5.06 -44.55
CA ALA G 226 23.17 6.09 -44.40
C ALA G 226 22.01 5.93 -45.37
N GLY G 227 22.19 5.14 -46.43
CA GLY G 227 21.09 4.80 -47.31
C GLY G 227 20.32 3.60 -46.79
N ARG G 228 19.16 3.37 -47.39
CA ARG G 228 18.30 2.27 -47.00
C ARG G 228 17.86 1.49 -48.23
N MET G 229 17.47 0.23 -47.99
CA MET G 229 16.82 -0.59 -49.02
C MET G 229 15.60 -1.24 -48.39
N ASN G 230 14.42 -0.94 -48.90
CA ASN G 230 13.21 -1.61 -48.45
C ASN G 230 13.00 -2.89 -49.24
N TYR G 231 12.53 -3.92 -48.56
CA TYR G 231 12.37 -5.24 -49.14
C TYR G 231 10.88 -5.59 -49.25
N TYR G 232 10.51 -6.16 -50.39
CA TYR G 232 9.11 -6.47 -50.67
C TYR G 232 9.02 -7.88 -51.24
N TRP G 233 7.83 -8.47 -51.11
CA TRP G 233 7.62 -9.82 -51.63
C TRP G 233 6.18 -9.94 -52.12
N THR G 234 5.94 -11.01 -52.88
CA THR G 234 4.59 -11.34 -53.31
C THR G 234 4.57 -12.80 -53.71
N LEU G 235 3.42 -13.44 -53.49
CA LEU G 235 3.23 -14.84 -53.90
C LEU G 235 2.56 -14.83 -55.26
N LEU G 236 3.30 -15.31 -56.26
CA LEU G 236 2.82 -15.31 -57.64
C LEU G 236 2.12 -16.63 -57.93
N GLU G 237 0.84 -16.54 -58.31
CA GLU G 237 0.01 -17.72 -58.46
C GLU G 237 0.44 -18.53 -59.67
N PRO G 238 0.13 -19.83 -59.69
CA PRO G 238 0.50 -20.65 -60.85
C PRO G 238 -0.08 -20.12 -62.15
N GLY G 239 0.77 -19.99 -63.16
CA GLY G 239 0.38 -19.48 -64.45
C GLY G 239 0.41 -17.97 -64.57
N ASP G 240 0.57 -17.24 -63.48
CA ASP G 240 0.55 -15.79 -63.53
C ASP G 240 1.92 -15.25 -63.91
N THR G 241 1.92 -14.01 -64.40
CA THR G 241 3.12 -13.29 -64.82
C THR G 241 3.39 -12.11 -63.90
N ILE G 242 4.65 -11.95 -63.54
CA ILE G 242 5.12 -10.78 -62.81
C ILE G 242 6.04 -9.99 -63.73
N ILE G 243 5.87 -8.67 -63.76
CA ILE G 243 6.62 -7.82 -64.67
C ILE G 243 7.32 -6.76 -63.85
N PHE G 244 8.63 -6.66 -63.99
CA PHE G 244 9.42 -5.62 -63.37
C PHE G 244 9.74 -4.56 -64.42
N GLU G 245 9.38 -3.32 -64.14
CA GLU G 245 9.71 -2.19 -64.99
C GLU G 245 10.37 -1.15 -64.10
N ALA G 246 11.58 -0.71 -64.47
CA ALA G 246 12.37 0.08 -63.55
C ALA G 246 13.18 1.15 -64.26
N ASN G 247 13.29 2.30 -63.61
CA ASN G 247 14.12 3.43 -64.01
C ASN G 247 15.44 3.48 -63.27
N GLY G 248 15.55 2.72 -62.19
CA GLY G 248 16.69 2.79 -61.29
C GLY G 248 16.26 2.33 -59.92
N ASN G 249 17.25 2.21 -59.04
CA ASN G 249 17.06 1.87 -57.63
C ASN G 249 16.41 0.51 -57.43
N LEU G 250 16.36 -0.34 -58.46
CA LEU G 250 15.74 -1.65 -58.34
C LEU G 250 16.76 -2.65 -57.85
N ILE G 251 16.46 -3.29 -56.72
CA ILE G 251 17.21 -4.46 -56.27
C ILE G 251 16.47 -5.66 -56.83
N ALA G 252 16.85 -6.07 -58.04
CA ALA G 252 16.05 -7.02 -58.80
C ALA G 252 16.16 -8.41 -58.19
N PRO G 253 15.10 -9.22 -58.30
CA PRO G 253 15.19 -10.61 -57.86
C PRO G 253 16.19 -11.38 -58.71
N TRP G 254 16.98 -12.24 -58.04
CA TRP G 254 17.91 -13.13 -58.71
C TRP G 254 17.49 -14.58 -58.56
N TYR G 255 17.15 -15.00 -57.35
CA TYR G 255 16.52 -16.29 -57.12
C TYR G 255 15.14 -16.08 -56.49
N ALA G 256 14.23 -16.98 -56.83
CA ALA G 256 12.90 -17.01 -56.22
C ALA G 256 12.68 -18.41 -55.68
N PHE G 257 11.47 -18.66 -55.18
CA PHE G 257 11.20 -19.93 -54.51
C PHE G 257 9.85 -20.45 -54.98
N ALA G 258 9.86 -21.58 -55.68
CA ALA G 258 8.64 -22.29 -56.01
C ALA G 258 8.27 -23.18 -54.82
N LEU G 259 7.09 -22.97 -54.26
CA LEU G 259 6.74 -23.65 -53.03
C LEU G 259 5.25 -23.97 -53.01
N SER G 260 4.89 -24.92 -52.15
CA SER G 260 3.50 -25.24 -51.84
C SER G 260 3.34 -25.17 -50.33
N ARG G 261 2.58 -24.18 -49.86
CA ARG G 261 2.39 -23.99 -48.43
C ARG G 261 1.45 -25.06 -47.87
N GLY G 262 1.66 -25.37 -46.59
CA GLY G 262 0.89 -26.38 -45.90
C GLY G 262 -0.02 -25.79 -44.83
N PHE G 263 -0.78 -26.68 -44.20
CA PHE G 263 -1.62 -26.32 -43.07
C PHE G 263 -0.79 -25.60 -42.01
N GLY G 264 -1.16 -24.34 -41.74
CA GLY G 264 -0.41 -23.42 -40.91
C GLY G 264 0.31 -24.00 -39.70
N SER G 265 1.62 -23.81 -39.65
CA SER G 265 2.45 -24.16 -38.51
C SER G 265 2.94 -22.87 -37.85
N GLY G 266 4.14 -22.91 -37.29
CA GLY G 266 4.66 -21.76 -36.60
C GLY G 266 6.16 -21.82 -36.47
N ILE G 267 6.69 -20.92 -35.65
CA ILE G 267 8.12 -20.78 -35.43
C ILE G 267 8.39 -20.91 -33.94
N ILE G 268 9.38 -21.71 -33.58
CA ILE G 268 9.86 -21.77 -32.21
C ILE G 268 11.28 -21.23 -32.16
N THR G 269 11.59 -20.51 -31.09
CA THR G 269 12.95 -20.07 -30.80
C THR G 269 13.49 -21.02 -29.74
N SER G 270 14.59 -21.70 -30.05
CA SER G 270 15.02 -22.80 -29.22
C SER G 270 16.53 -22.92 -29.19
N ASN G 271 17.07 -23.04 -27.98
CA ASN G 271 18.47 -23.40 -27.79
C ASN G 271 18.69 -24.90 -27.87
N ALA G 272 17.63 -25.68 -28.07
CA ALA G 272 17.72 -27.12 -28.13
C ALA G 272 18.24 -27.59 -29.48
N SER G 273 18.82 -28.79 -29.47
CA SER G 273 19.47 -29.39 -30.63
C SER G 273 18.55 -30.36 -31.36
N MET G 274 18.97 -30.75 -32.56
CA MET G 274 18.23 -31.69 -33.39
C MET G 274 18.52 -33.13 -33.00
N ASP G 275 17.47 -33.94 -33.04
CA ASP G 275 17.62 -35.37 -32.83
C ASP G 275 16.77 -36.09 -33.86
N GLU G 276 17.11 -37.37 -34.09
CA GLU G 276 16.37 -38.21 -35.03
C GLU G 276 15.20 -38.85 -34.29
N CYS G 277 14.21 -38.00 -33.98
CA CYS G 277 13.04 -38.42 -33.22
C CYS G 277 11.77 -37.94 -33.89
N ASP G 278 10.67 -38.62 -33.59
CA ASP G 278 9.34 -38.26 -34.06
C ASP G 278 8.50 -37.90 -32.85
N THR G 279 7.75 -36.79 -32.95
CA THR G 279 6.90 -36.34 -31.85
C THR G 279 5.55 -35.89 -32.39
N LYS G 280 4.58 -35.77 -31.48
CA LYS G 280 3.29 -35.18 -31.80
C LYS G 280 3.11 -33.77 -31.23
N CYS G 281 4.05 -33.27 -30.44
CA CYS G 281 3.94 -31.95 -29.83
C CYS G 281 5.34 -31.40 -29.56
N GLN G 282 5.63 -30.22 -30.06
CA GLN G 282 6.94 -29.60 -29.91
C GLN G 282 6.83 -28.32 -29.08
N THR G 283 7.66 -28.23 -28.05
CA THR G 283 7.90 -27.15 -27.12
C THR G 283 9.23 -26.48 -27.44
N PRO G 284 9.37 -25.16 -27.23
CA PRO G 284 10.68 -24.53 -27.46
C PRO G 284 11.80 -25.18 -26.67
N GLN G 285 11.52 -25.79 -25.52
CA GLN G 285 12.57 -26.46 -24.76
C GLN G 285 12.84 -27.88 -25.26
N GLY G 286 11.85 -28.54 -25.85
CA GLY G 286 12.03 -29.90 -26.32
C GLY G 286 10.68 -30.54 -26.62
N ALA G 287 10.75 -31.78 -27.09
CA ALA G 287 9.51 -32.51 -27.40
C ALA G 287 8.91 -33.11 -26.14
N ILE G 288 7.58 -33.24 -26.14
CA ILE G 288 6.86 -33.78 -24.99
C ILE G 288 5.88 -34.87 -25.43
N ASN G 289 5.58 -35.77 -24.50
CA ASN G 289 4.55 -36.78 -24.71
C ASN G 289 3.17 -36.14 -24.71
N SER G 290 2.34 -36.49 -25.70
CA SER G 290 1.01 -35.89 -25.82
C SER G 290 -0.10 -36.82 -25.38
N SER G 291 0.22 -37.86 -24.59
CA SER G 291 -0.81 -38.79 -24.16
C SER G 291 -1.62 -38.23 -22.99
N LEU G 292 -0.95 -37.56 -22.06
CA LEU G 292 -1.68 -36.98 -20.94
C LEU G 292 -2.43 -35.72 -21.41
N PRO G 293 -3.53 -35.37 -20.74
CA PRO G 293 -4.34 -34.22 -21.20
C PRO G 293 -3.75 -32.85 -20.89
N PHE G 294 -2.76 -32.75 -20.01
CA PHE G 294 -2.23 -31.47 -19.59
C PHE G 294 -0.72 -31.49 -19.58
N GLN G 295 -0.11 -30.33 -19.82
CA GLN G 295 1.34 -30.17 -19.72
C GLN G 295 1.64 -28.83 -19.09
N ASN G 296 2.79 -28.75 -18.40
CA ASN G 296 3.22 -27.51 -17.77
C ASN G 296 4.61 -27.08 -18.23
N ILE G 297 5.06 -27.57 -19.38
CA ILE G 297 6.41 -27.27 -19.84
C ILE G 297 6.48 -25.86 -20.42
N HIS G 298 5.59 -25.55 -21.37
CA HIS G 298 5.61 -24.25 -22.02
C HIS G 298 4.24 -24.00 -22.63
N PRO G 299 3.73 -22.76 -22.59
CA PRO G 299 2.41 -22.49 -23.19
C PRO G 299 2.41 -22.42 -24.70
N VAL G 300 3.53 -22.10 -25.32
CA VAL G 300 3.62 -21.94 -26.78
C VAL G 300 4.14 -23.25 -27.35
N THR G 301 3.24 -24.07 -27.88
CA THR G 301 3.58 -25.36 -28.45
C THR G 301 3.10 -25.43 -29.90
N ILE G 302 3.57 -26.44 -30.61
CA ILE G 302 3.16 -26.71 -31.98
C ILE G 302 2.79 -28.18 -32.10
N GLY G 303 1.57 -28.46 -32.56
CA GLY G 303 1.11 -29.80 -32.79
C GLY G 303 -0.18 -30.07 -32.05
N GLU G 304 -0.50 -31.36 -31.91
CA GLU G 304 -1.69 -31.82 -31.21
C GLU G 304 -1.29 -32.01 -29.74
N CYS G 305 -1.41 -30.94 -28.97
CA CYS G 305 -0.75 -30.82 -27.69
C CYS G 305 -1.73 -30.85 -26.53
N PRO G 306 -1.32 -31.36 -25.38
CA PRO G 306 -2.13 -31.21 -24.17
C PRO G 306 -2.21 -29.77 -23.72
N LYS G 307 -3.35 -29.42 -23.11
CA LYS G 307 -3.59 -28.05 -22.69
C LYS G 307 -2.60 -27.62 -21.60
N TYR G 308 -2.09 -26.40 -21.74
CA TYR G 308 -1.09 -25.89 -20.81
C TYR G 308 -1.77 -25.39 -19.54
N VAL G 309 -1.24 -25.81 -18.38
CA VAL G 309 -1.75 -25.39 -17.09
C VAL G 309 -0.60 -24.91 -16.23
N LYS G 310 -0.91 -23.99 -15.31
CA LYS G 310 0.08 -23.48 -14.37
C LYS G 310 0.28 -24.41 -13.18
N SER G 311 -0.29 -25.62 -13.22
CA SER G 311 -0.25 -26.54 -12.11
C SER G 311 1.09 -27.27 -12.05
N THR G 312 1.40 -27.78 -10.86
CA THR G 312 2.61 -28.56 -10.62
C THR G 312 2.35 -30.01 -10.28
N LYS G 313 1.13 -30.35 -9.82
CA LYS G 313 0.78 -31.73 -9.49
C LYS G 313 -0.68 -31.96 -9.83
N LEU G 314 -0.94 -32.96 -10.67
CA LEU G 314 -2.30 -33.37 -11.06
C LEU G 314 -2.28 -34.89 -11.20
N ARG G 315 -2.71 -35.59 -10.16
CA ARG G 315 -2.75 -37.05 -10.22
C ARG G 315 -4.10 -37.54 -9.72
N MET G 316 -4.66 -38.56 -10.39
CA MET G 316 -5.92 -39.16 -9.99
C MET G 316 -5.64 -40.42 -9.20
N VAL G 317 -6.30 -40.56 -8.05
CA VAL G 317 -6.18 -41.79 -7.28
C VAL G 317 -6.95 -42.89 -7.97
N THR G 318 -6.34 -44.07 -8.08
CA THR G 318 -7.04 -45.26 -8.54
C THR G 318 -7.30 -46.27 -7.42
N GLY G 319 -6.37 -46.42 -6.49
CA GLY G 319 -6.51 -47.33 -5.38
C GLY G 319 -7.23 -46.72 -4.19
N LEU G 320 -6.90 -47.22 -3.00
CA LEU G 320 -7.55 -46.81 -1.76
C LEU G 320 -6.62 -45.91 -0.96
N ARG G 321 -7.11 -45.42 0.16
CA ARG G 321 -6.24 -44.82 1.15
C ARG G 321 -5.31 -45.88 1.71
N ASN G 322 -4.01 -45.59 1.73
CA ASN G 322 -3.05 -46.56 2.24
C ASN G 322 -3.03 -46.44 3.77
N ILE G 323 -3.64 -47.41 4.45
CA ILE G 323 -3.75 -47.41 5.91
C ILE G 323 -3.14 -48.68 6.47
N PRO G 324 -1.80 -48.78 6.58
CA PRO G 324 -1.17 -49.97 7.17
C PRO G 324 -1.04 -49.88 8.69
N GLY H 1 -15.10 -43.50 5.67
CA GLY H 1 -15.12 -42.06 5.51
C GLY H 1 -16.51 -41.51 5.24
N LEU H 2 -16.93 -41.53 3.97
CA LEU H 2 -18.26 -41.04 3.63
C LEU H 2 -19.33 -42.09 3.87
N PHE H 3 -18.99 -43.37 3.69
CA PHE H 3 -19.89 -44.48 4.00
C PHE H 3 -19.48 -45.18 5.29
N GLY H 4 -18.49 -44.64 6.00
CA GLY H 4 -18.12 -45.05 7.33
C GLY H 4 -17.33 -46.32 7.45
N ALA H 5 -16.85 -46.88 6.34
CA ALA H 5 -16.17 -48.17 6.42
C ALA H 5 -14.66 -48.02 6.51
N ILE H 6 -14.05 -47.27 5.59
CA ILE H 6 -12.59 -47.26 5.50
C ILE H 6 -11.99 -46.40 6.61
N ALA H 7 -12.29 -45.11 6.60
CA ALA H 7 -11.84 -44.29 7.73
C ALA H 7 -12.63 -44.57 9.01
N GLY H 8 -13.58 -45.50 8.97
CA GLY H 8 -14.48 -45.72 10.10
C GLY H 8 -14.32 -47.05 10.79
N PHE H 9 -15.39 -47.85 10.84
CA PHE H 9 -15.38 -49.04 11.69
C PHE H 9 -14.46 -50.14 11.19
N ILE H 10 -13.98 -50.08 9.95
CA ILE H 10 -12.91 -50.97 9.51
C ILE H 10 -11.64 -50.12 9.45
N GLU H 11 -10.90 -50.10 10.57
CA GLU H 11 -9.97 -49.02 10.85
C GLU H 11 -8.77 -49.00 9.90
N GLY H 12 -8.39 -50.14 9.32
CA GLY H 12 -7.15 -50.14 8.57
C GLY H 12 -7.12 -51.15 7.44
N GLY H 13 -6.03 -51.11 6.68
CA GLY H 13 -5.84 -51.98 5.55
C GLY H 13 -5.02 -53.21 5.88
N TRP H 14 -5.05 -54.15 4.95
CA TRP H 14 -4.38 -55.43 5.08
C TRP H 14 -3.25 -55.50 4.05
N THR H 15 -2.01 -55.30 4.50
CA THR H 15 -0.89 -55.55 3.60
C THR H 15 -0.77 -57.02 3.24
N GLY H 16 -1.40 -57.90 4.03
CA GLY H 16 -1.39 -59.32 3.72
C GLY H 16 -2.27 -59.70 2.55
N MET H 17 -3.22 -58.84 2.18
CA MET H 17 -4.10 -59.11 1.06
C MET H 17 -3.49 -58.50 -0.19
N ILE H 18 -2.67 -59.30 -0.89
CA ILE H 18 -2.07 -58.86 -2.14
C ILE H 18 -2.89 -59.27 -3.35
N ASP H 19 -3.97 -60.04 -3.16
CA ASP H 19 -4.68 -60.61 -4.29
C ASP H 19 -5.63 -59.61 -4.96
N GLY H 20 -6.11 -58.63 -4.22
CA GLY H 20 -7.06 -57.68 -4.79
C GLY H 20 -7.28 -56.49 -3.89
N TRP H 21 -8.33 -55.72 -4.21
CA TRP H 21 -8.61 -54.48 -3.51
C TRP H 21 -9.45 -54.68 -2.25
N TYR H 22 -10.50 -55.49 -2.33
CA TYR H 22 -11.35 -55.79 -1.19
C TYR H 22 -11.42 -57.31 -1.03
N GLY H 23 -11.61 -57.77 0.19
CA GLY H 23 -11.69 -59.20 0.41
C GLY H 23 -12.01 -59.54 1.85
N TYR H 24 -11.67 -60.78 2.20
CA TYR H 24 -12.01 -61.37 3.49
C TYR H 24 -10.75 -61.86 4.20
N HIS H 25 -10.84 -61.95 5.51
CA HIS H 25 -9.85 -62.65 6.32
C HIS H 25 -10.60 -63.60 7.24
N HIS H 26 -10.46 -64.90 6.98
CA HIS H 26 -11.15 -65.92 7.75
C HIS H 26 -10.20 -66.59 8.72
N GLN H 27 -10.77 -67.17 9.77
CA GLN H 27 -10.00 -67.91 10.76
C GLN H 27 -10.88 -69.05 11.27
N ASN H 28 -10.55 -70.29 10.93
CA ASN H 28 -11.24 -71.45 11.46
C ASN H 28 -10.20 -72.49 11.86
N GLU H 29 -10.69 -73.63 12.36
CA GLU H 29 -9.80 -74.71 12.77
C GLU H 29 -9.03 -75.30 11.60
N GLN H 30 -9.47 -75.05 10.36
CA GLN H 30 -8.74 -75.55 9.21
C GLN H 30 -7.58 -74.64 8.82
N GLY H 31 -7.61 -73.38 9.22
CA GLY H 31 -6.53 -72.47 8.93
C GLY H 31 -7.04 -71.03 8.90
N SER H 32 -6.19 -70.15 8.38
CA SER H 32 -6.51 -68.74 8.26
C SER H 32 -5.70 -68.18 7.09
N GLY H 33 -6.27 -67.19 6.42
CA GLY H 33 -5.57 -66.59 5.30
C GLY H 33 -6.37 -65.44 4.74
N TYR H 34 -5.71 -64.69 3.84
CA TYR H 34 -6.33 -63.58 3.16
C TYR H 34 -6.81 -64.03 1.78
N ALA H 35 -7.99 -63.56 1.40
CA ALA H 35 -8.55 -63.83 0.08
C ALA H 35 -9.26 -62.59 -0.42
N ALA H 36 -9.04 -62.25 -1.68
CA ALA H 36 -9.70 -61.09 -2.27
C ALA H 36 -11.02 -61.51 -2.90
N ASP H 37 -12.00 -60.60 -2.86
CA ASP H 37 -13.27 -60.83 -3.52
C ASP H 37 -13.15 -60.30 -4.95
N GLN H 38 -12.79 -61.18 -5.88
CA GLN H 38 -12.51 -60.72 -7.24
C GLN H 38 -13.77 -60.26 -7.97
N LYS H 39 -14.96 -60.70 -7.56
CA LYS H 39 -16.18 -60.22 -8.19
C LYS H 39 -16.38 -58.74 -7.96
N SER H 40 -16.22 -58.30 -6.70
CA SER H 40 -16.42 -56.88 -6.38
C SER H 40 -15.25 -56.03 -6.83
N THR H 41 -14.02 -56.50 -6.63
CA THR H 41 -12.85 -55.70 -7.01
C THR H 41 -12.75 -55.55 -8.52
N GLN H 42 -13.16 -56.56 -9.29
CA GLN H 42 -13.08 -56.47 -10.74
C GLN H 42 -14.05 -55.41 -11.25
N ASN H 43 -15.27 -55.35 -10.68
CA ASN H 43 -16.20 -54.30 -11.06
C ASN H 43 -15.64 -52.92 -10.69
N ALA H 44 -14.84 -52.86 -9.62
CA ALA H 44 -14.20 -51.61 -9.25
C ALA H 44 -12.97 -51.34 -10.12
N ILE H 45 -12.20 -52.39 -10.41
CA ILE H 45 -11.07 -52.23 -11.33
C ILE H 45 -11.55 -51.80 -12.72
N ASN H 46 -12.69 -52.32 -13.15
CA ASN H 46 -13.23 -51.93 -14.45
C ASN H 46 -13.73 -50.49 -14.44
N GLY H 47 -14.49 -50.11 -13.41
CA GLY H 47 -15.05 -48.78 -13.36
C GLY H 47 -14.01 -47.69 -13.25
N ILE H 48 -13.01 -47.89 -12.40
CA ILE H 48 -11.98 -46.86 -12.23
C ILE H 48 -11.17 -46.69 -13.51
N THR H 49 -10.80 -47.80 -14.17
CA THR H 49 -10.09 -47.67 -15.43
C THR H 49 -10.96 -46.98 -16.48
N ASN H 50 -12.26 -47.28 -16.49
CA ASN H 50 -13.16 -46.57 -17.40
C ASN H 50 -13.26 -45.10 -17.01
N LYS H 51 -13.16 -44.80 -15.71
CA LYS H 51 -13.16 -43.40 -15.28
C LYS H 51 -11.91 -42.68 -15.74
N VAL H 52 -10.75 -43.28 -15.51
CA VAL H 52 -9.49 -42.66 -15.90
C VAL H 52 -9.40 -42.55 -17.42
N ASN H 53 -9.86 -43.59 -18.13
CA ASN H 53 -9.79 -43.54 -19.59
C ASN H 53 -10.68 -42.46 -20.17
N SER H 54 -11.82 -42.16 -19.52
CA SER H 54 -12.68 -41.10 -20.00
C SER H 54 -12.03 -39.73 -19.83
N VAL H 55 -11.29 -39.53 -18.74
CA VAL H 55 -10.67 -38.23 -18.50
C VAL H 55 -9.55 -37.98 -19.51
N ILE H 56 -8.74 -39.00 -19.81
CA ILE H 56 -7.59 -38.80 -20.67
C ILE H 56 -8.01 -38.78 -22.14
N GLU H 57 -8.83 -39.75 -22.55
CA GLU H 57 -9.10 -39.96 -23.96
C GLU H 57 -10.13 -39.01 -24.54
N LYS H 58 -10.98 -38.39 -23.70
CA LYS H 58 -11.95 -37.43 -24.24
C LYS H 58 -11.35 -36.08 -24.60
N MET H 59 -10.03 -35.92 -24.49
CA MET H 59 -9.36 -34.67 -24.82
C MET H 59 -9.13 -34.63 -26.34
N ASN H 60 -10.10 -34.09 -27.06
CA ASN H 60 -9.98 -33.91 -28.51
C ASN H 60 -9.17 -32.65 -28.79
N THR H 61 -7.98 -32.82 -29.35
CA THR H 61 -7.08 -31.70 -29.65
C THR H 61 -6.69 -31.72 -31.12
N GLN H 62 -6.82 -30.57 -31.79
CA GLN H 62 -6.43 -30.42 -33.19
C GLN H 62 -5.01 -29.86 -33.28
N PHE H 63 -4.50 -29.81 -34.50
CA PHE H 63 -3.17 -29.24 -34.74
C PHE H 63 -3.20 -27.72 -34.60
N THR H 64 -2.27 -27.17 -33.84
CA THR H 64 -2.23 -25.73 -33.62
C THR H 64 -0.80 -25.28 -33.38
N ALA H 65 -0.47 -24.11 -33.92
CA ALA H 65 0.76 -23.39 -33.56
C ALA H 65 0.30 -22.20 -32.73
N VAL H 66 0.51 -22.29 -31.41
CA VAL H 66 -0.06 -21.32 -30.49
C VAL H 66 0.52 -19.92 -30.74
N GLY H 67 1.83 -19.84 -30.96
CA GLY H 67 2.48 -18.55 -31.01
C GLY H 67 2.09 -17.74 -32.23
N LYS H 68 1.93 -16.44 -32.04
CA LYS H 68 1.70 -15.50 -33.13
C LYS H 68 2.69 -14.36 -32.94
N GLU H 69 3.22 -13.82 -34.02
CA GLU H 69 4.24 -12.78 -33.95
C GLU H 69 3.68 -11.46 -34.47
N PHE H 70 4.00 -10.38 -33.76
CA PHE H 70 3.53 -9.05 -34.12
C PHE H 70 4.68 -8.07 -34.03
N ASN H 71 4.54 -6.93 -34.71
CA ASN H 71 5.59 -5.93 -34.77
C ASN H 71 5.25 -4.75 -33.86
N LYS H 72 6.11 -3.73 -33.92
CA LYS H 72 6.03 -2.62 -32.96
C LYS H 72 4.71 -1.88 -33.03
N LEU H 73 4.05 -1.87 -34.20
CA LEU H 73 2.78 -1.18 -34.36
C LEU H 73 1.59 -2.13 -34.33
N GLU H 74 1.76 -3.31 -33.72
CA GLU H 74 0.70 -4.30 -33.61
C GLU H 74 0.56 -4.77 -32.17
N LYS H 75 0.88 -3.92 -31.20
CA LYS H 75 0.84 -4.32 -29.81
C LYS H 75 -0.56 -4.71 -29.37
N ARG H 76 -1.57 -4.04 -29.89
CA ARG H 76 -2.95 -4.39 -29.53
C ARG H 76 -3.27 -5.83 -29.94
N MET H 77 -2.90 -6.20 -31.16
CA MET H 77 -3.06 -7.60 -31.57
C MET H 77 -2.22 -8.51 -30.70
N GLU H 78 -1.03 -8.05 -30.30
CA GLU H 78 -0.19 -8.86 -29.44
C GLU H 78 -0.84 -9.03 -28.06
N ASN H 79 -1.37 -7.93 -27.50
CA ASN H 79 -2.05 -8.04 -26.21
C ASN H 79 -3.37 -8.77 -26.34
N LEU H 80 -4.08 -8.63 -27.47
CA LEU H 80 -5.27 -9.44 -27.70
C LEU H 80 -4.91 -10.92 -27.77
N ASN H 81 -3.77 -11.24 -28.38
CA ASN H 81 -3.28 -12.62 -28.39
C ASN H 81 -2.90 -13.05 -26.98
N LYS H 82 -2.25 -12.17 -26.22
CA LYS H 82 -1.92 -12.50 -24.84
C LYS H 82 -3.19 -12.77 -24.03
N LYS H 83 -4.28 -12.06 -24.35
CA LYS H 83 -5.54 -12.30 -23.63
C LYS H 83 -6.08 -13.68 -23.93
N VAL H 84 -5.95 -14.15 -25.17
CA VAL H 84 -6.46 -15.47 -25.53
C VAL H 84 -5.64 -16.57 -24.87
N ASP H 85 -4.31 -16.45 -24.88
CA ASP H 85 -3.48 -17.48 -24.25
C ASP H 85 -3.70 -17.50 -22.73
N ASP H 86 -3.66 -16.33 -22.10
CA ASP H 86 -3.88 -16.28 -20.65
C ASP H 86 -5.31 -16.71 -20.29
N GLY H 87 -6.27 -16.45 -21.17
CA GLY H 87 -7.64 -16.85 -20.88
C GLY H 87 -7.83 -18.36 -20.88
N PHE H 88 -7.34 -19.03 -21.91
CA PHE H 88 -7.39 -20.49 -21.94
C PHE H 88 -6.57 -21.07 -20.80
N LEU H 89 -5.43 -20.44 -20.48
CA LEU H 89 -4.60 -20.91 -19.38
C LEU H 89 -5.36 -20.86 -18.06
N ASP H 90 -6.11 -19.78 -17.83
CA ASP H 90 -6.90 -19.68 -16.60
C ASP H 90 -7.99 -20.73 -16.55
N ILE H 91 -8.68 -20.94 -17.67
CA ILE H 91 -9.79 -21.89 -17.70
C ILE H 91 -9.29 -23.31 -17.45
N TRP H 92 -8.27 -23.72 -18.19
CA TRP H 92 -7.79 -25.10 -18.06
C TRP H 92 -7.17 -25.34 -16.69
N THR H 93 -6.33 -24.41 -16.22
CA THR H 93 -5.73 -24.57 -14.90
C THR H 93 -6.81 -24.72 -13.83
N TYR H 94 -7.80 -23.82 -13.84
CA TYR H 94 -8.84 -23.88 -12.81
C TYR H 94 -9.64 -25.17 -12.90
N ASN H 95 -10.08 -25.54 -14.12
CA ASN H 95 -10.88 -26.75 -14.25
C ASN H 95 -10.05 -28.00 -13.99
N ALA H 96 -8.80 -28.03 -14.43
CA ALA H 96 -7.96 -29.21 -14.21
C ALA H 96 -7.71 -29.42 -12.72
N GLU H 97 -7.34 -28.35 -12.01
CA GLU H 97 -7.09 -28.48 -10.58
C GLU H 97 -8.33 -28.96 -9.85
N LEU H 98 -9.47 -28.34 -10.13
CA LEU H 98 -10.70 -28.68 -9.43
C LEU H 98 -11.20 -30.07 -9.80
N LEU H 99 -11.07 -30.47 -11.07
CA LEU H 99 -11.53 -31.79 -11.49
C LEU H 99 -10.79 -32.90 -10.75
N VAL H 100 -9.46 -32.79 -10.64
CA VAL H 100 -8.69 -33.80 -9.94
C VAL H 100 -9.05 -33.84 -8.47
N LEU H 101 -9.24 -32.68 -7.83
CA LEU H 101 -9.62 -32.70 -6.43
C LEU H 101 -10.99 -33.31 -6.22
N LEU H 102 -11.96 -32.94 -7.06
CA LEU H 102 -13.32 -33.41 -6.84
C LEU H 102 -13.45 -34.89 -7.16
N GLU H 103 -12.89 -35.33 -8.28
CA GLU H 103 -13.03 -36.73 -8.67
C GLU H 103 -12.14 -37.66 -7.86
N ASN H 104 -11.06 -37.15 -7.26
CA ASN H 104 -10.31 -37.97 -6.32
C ASN H 104 -11.14 -38.21 -5.06
N GLU H 105 -11.86 -37.18 -4.61
CA GLU H 105 -12.76 -37.36 -3.48
C GLU H 105 -13.82 -38.41 -3.78
N ARG H 106 -14.32 -38.44 -5.03
CA ARG H 106 -15.34 -39.41 -5.38
C ARG H 106 -14.78 -40.82 -5.46
N THR H 107 -13.56 -40.97 -5.98
CA THR H 107 -12.97 -42.29 -6.08
C THR H 107 -12.78 -42.93 -4.71
N LEU H 108 -12.31 -42.14 -3.73
CA LEU H 108 -12.16 -42.67 -2.38
C LEU H 108 -13.52 -42.97 -1.76
N ASP H 109 -14.52 -42.12 -2.02
CA ASP H 109 -15.89 -42.44 -1.63
C ASP H 109 -16.36 -43.71 -2.31
N PHE H 110 -15.94 -43.92 -3.57
CA PHE H 110 -16.35 -45.12 -4.30
C PHE H 110 -15.81 -46.38 -3.64
N HIS H 111 -14.53 -46.38 -3.27
CA HIS H 111 -13.96 -47.52 -2.56
C HIS H 111 -14.66 -47.73 -1.23
N ASP H 112 -14.87 -46.64 -0.48
CA ASP H 112 -15.59 -46.74 0.78
C ASP H 112 -16.93 -47.44 0.60
N SER H 113 -17.65 -47.08 -0.47
CA SER H 113 -18.95 -47.69 -0.72
C SER H 113 -18.84 -49.18 -1.01
N ASN H 114 -17.85 -49.58 -1.82
CA ASN H 114 -17.70 -50.99 -2.18
C ASN H 114 -17.38 -51.85 -0.97
N VAL H 115 -16.61 -51.33 -0.02
CA VAL H 115 -16.31 -52.09 1.18
C VAL H 115 -17.57 -52.24 2.05
N LYS H 116 -18.35 -51.16 2.20
CA LYS H 116 -19.53 -51.24 3.05
C LYS H 116 -20.59 -52.15 2.45
N ASN H 117 -20.73 -52.17 1.12
CA ASN H 117 -21.69 -53.07 0.51
C ASN H 117 -21.28 -54.52 0.69
N LEU H 118 -19.97 -54.79 0.59
CA LEU H 118 -19.47 -56.14 0.84
C LEU H 118 -19.69 -56.54 2.28
N TYR H 119 -19.39 -55.64 3.23
CA TYR H 119 -19.68 -55.91 4.63
C TYR H 119 -21.16 -56.17 4.84
N GLU H 120 -22.03 -55.32 4.28
CA GLU H 120 -23.46 -55.50 4.46
C GLU H 120 -23.97 -56.76 3.76
N LYS H 121 -23.31 -57.18 2.68
CA LYS H 121 -23.71 -58.43 2.03
C LYS H 121 -23.46 -59.62 2.94
N VAL H 122 -22.34 -59.63 3.66
CA VAL H 122 -22.06 -60.73 4.59
C VAL H 122 -22.98 -60.67 5.79
N LYS H 123 -23.21 -59.47 6.33
CA LYS H 123 -24.09 -59.32 7.48
C LYS H 123 -25.49 -59.83 7.18
N ASN H 124 -26.01 -59.52 5.97
CA ASN H 124 -27.34 -59.97 5.59
C ASN H 124 -27.39 -61.48 5.39
N GLN H 125 -26.27 -62.10 4.98
CA GLN H 125 -26.25 -63.54 4.78
C GLN H 125 -26.20 -64.29 6.10
N LEU H 126 -25.32 -63.86 7.01
CA LEU H 126 -25.17 -64.56 8.28
C LEU H 126 -26.31 -64.24 9.24
N ARG H 127 -27.13 -63.24 8.91
CA ARG H 127 -28.26 -62.78 9.72
C ARG H 127 -27.95 -62.76 11.22
N ASN H 128 -28.10 -63.91 11.89
CA ASN H 128 -27.88 -63.97 13.33
C ASN H 128 -27.17 -65.25 13.75
N ASN H 129 -26.53 -65.94 12.83
CA ASN H 129 -25.68 -67.08 13.15
C ASN H 129 -24.28 -66.66 13.59
N ALA H 130 -24.04 -65.36 13.71
CA ALA H 130 -22.74 -64.84 14.12
C ALA H 130 -22.92 -63.51 14.82
N LYS H 131 -21.99 -63.17 15.70
CA LYS H 131 -22.02 -61.90 16.41
C LYS H 131 -21.24 -60.87 15.60
N GLU H 132 -21.83 -59.70 15.43
CA GLU H 132 -21.18 -58.60 14.71
C GLU H 132 -20.19 -57.92 15.67
N ILE H 133 -18.89 -58.11 15.43
CA ILE H 133 -17.88 -57.57 16.32
C ILE H 133 -17.71 -56.06 16.22
N GLY H 134 -18.23 -55.42 15.15
CA GLY H 134 -18.16 -53.98 15.02
C GLY H 134 -16.92 -53.45 14.32
N ASN H 135 -15.92 -54.30 14.06
CA ASN H 135 -14.70 -53.88 13.39
C ASN H 135 -14.57 -54.50 12.01
N GLY H 136 -15.67 -55.00 11.45
CA GLY H 136 -15.64 -55.68 10.18
C GLY H 136 -15.57 -57.18 10.28
N CYS H 137 -15.58 -57.72 11.50
CA CYS H 137 -15.45 -59.16 11.72
C CYS H 137 -16.77 -59.73 12.23
N PHE H 138 -16.94 -61.03 11.98
CA PHE H 138 -18.10 -61.77 12.45
C PHE H 138 -17.60 -63.02 13.17
N GLU H 139 -17.96 -63.16 14.44
CA GLU H 139 -17.61 -64.35 15.21
C GLU H 139 -18.75 -65.35 15.10
N PHE H 140 -18.50 -66.48 14.45
CA PHE H 140 -19.56 -67.46 14.21
C PHE H 140 -19.99 -68.12 15.51
N TYR H 141 -21.30 -68.34 15.64
CA TYR H 141 -21.82 -69.10 16.76
C TYR H 141 -21.69 -70.60 16.54
N HIS H 142 -21.44 -71.02 15.32
CA HIS H 142 -21.24 -72.40 14.95
C HIS H 142 -19.87 -72.57 14.30
N LYS H 143 -19.42 -73.82 14.22
CA LYS H 143 -18.17 -74.14 13.55
C LYS H 143 -18.35 -73.99 12.04
N CYS H 144 -17.61 -73.08 11.43
CA CYS H 144 -17.69 -72.82 9.99
C CYS H 144 -16.41 -73.33 9.31
N ASN H 145 -16.48 -74.52 8.72
CA ASN H 145 -15.32 -75.07 8.04
C ASN H 145 -15.07 -74.34 6.72
N ASN H 146 -14.07 -74.82 5.97
CA ASN H 146 -13.71 -74.18 4.71
C ASN H 146 -14.85 -74.23 3.71
N GLU H 147 -15.65 -75.30 3.71
CA GLU H 147 -16.81 -75.36 2.83
C GLU H 147 -17.82 -74.27 3.19
N CYS H 148 -18.07 -74.08 4.48
CA CYS H 148 -18.94 -73.01 4.95
C CYS H 148 -18.33 -71.64 4.69
N MET H 149 -17.01 -71.52 4.80
CA MET H 149 -16.35 -70.26 4.51
C MET H 149 -16.45 -69.88 3.04
N GLU H 150 -16.08 -70.80 2.15
CA GLU H 150 -16.14 -70.52 0.72
C GLU H 150 -17.56 -70.20 0.27
N SER H 151 -18.57 -70.72 0.97
CA SER H 151 -19.95 -70.43 0.61
C SER H 151 -20.35 -69.01 0.98
N VAL H 152 -19.72 -68.44 2.00
CA VAL H 152 -19.98 -67.05 2.35
C VAL H 152 -19.43 -66.12 1.28
N LYS H 153 -18.20 -66.37 0.82
CA LYS H 153 -17.62 -65.54 -0.24
C LYS H 153 -18.34 -65.74 -1.56
N ASN H 154 -18.75 -66.97 -1.87
CA ASN H 154 -19.45 -67.24 -3.12
C ASN H 154 -20.84 -66.62 -3.17
N GLY H 155 -21.40 -66.25 -2.02
CA GLY H 155 -22.75 -65.74 -1.98
C GLY H 155 -23.84 -66.77 -1.77
N THR H 156 -23.49 -68.00 -1.40
CA THR H 156 -24.47 -69.05 -1.21
C THR H 156 -24.43 -69.63 0.19
N TYR H 157 -24.65 -68.81 1.21
CA TYR H 157 -24.60 -69.25 2.60
C TYR H 157 -25.98 -69.75 3.00
N ASP H 158 -26.09 -71.06 3.26
CA ASP H 158 -27.35 -71.62 3.74
C ASP H 158 -27.59 -71.24 5.19
N TYR H 159 -28.83 -70.86 5.50
CA TYR H 159 -29.15 -70.34 6.83
C TYR H 159 -29.23 -71.47 7.85
N PRO H 160 -29.96 -72.57 7.59
CA PRO H 160 -29.96 -73.62 8.61
C PRO H 160 -28.59 -74.29 8.77
N SER I 2 -48.90 -66.70 4.39
CA SER I 2 -48.20 -65.65 5.13
C SER I 2 -48.10 -64.38 4.30
N ASP I 3 -48.16 -63.22 4.96
CA ASP I 3 -48.15 -61.94 4.26
C ASP I 3 -46.74 -61.42 4.09
N THR I 4 -46.53 -60.68 3.00
CA THR I 4 -45.24 -60.09 2.68
C THR I 4 -45.45 -58.70 2.08
N ILE I 5 -44.43 -57.86 2.21
CA ILE I 5 -44.33 -56.60 1.46
C ILE I 5 -42.89 -56.44 0.98
N CYS I 6 -42.73 -55.96 -0.25
CA CYS I 6 -41.43 -55.82 -0.88
C CYS I 6 -41.20 -54.37 -1.32
N ILE I 7 -39.93 -54.01 -1.41
CA ILE I 7 -39.52 -52.68 -1.85
C ILE I 7 -38.84 -52.84 -3.21
N GLY I 8 -39.24 -52.00 -4.17
CA GLY I 8 -38.65 -52.10 -5.50
C GLY I 8 -38.64 -50.81 -6.28
N TYR I 9 -38.26 -50.88 -7.56
CA TYR I 9 -38.08 -49.69 -8.39
C TYR I 9 -38.60 -49.97 -9.80
N HIS I 10 -38.63 -48.92 -10.60
CA HIS I 10 -39.30 -48.93 -11.89
C HIS I 10 -38.48 -49.66 -12.94
N ALA I 11 -39.17 -50.21 -13.94
CA ALA I 11 -38.55 -50.79 -15.12
C ALA I 11 -39.48 -50.53 -16.29
N ASN I 12 -38.90 -50.42 -17.49
CA ASN I 12 -39.66 -50.06 -18.68
C ASN I 12 -39.24 -50.92 -19.85
N ASN I 13 -39.84 -50.64 -21.01
CA ASN I 13 -39.47 -51.28 -22.26
C ASN I 13 -38.36 -50.51 -22.98
N SER I 14 -37.84 -49.47 -22.34
CA SER I 14 -36.89 -48.57 -22.99
C SER I 14 -35.59 -49.27 -23.35
N THR I 15 -34.96 -48.79 -24.41
CA THR I 15 -33.66 -49.27 -24.83
C THR I 15 -32.63 -48.14 -24.87
N ASP I 16 -32.97 -46.98 -24.32
CA ASP I 16 -32.03 -45.86 -24.23
C ASP I 16 -30.81 -46.23 -23.41
N THR I 17 -29.65 -45.80 -23.88
CA THR I 17 -28.40 -46.00 -23.18
C THR I 17 -27.71 -44.65 -22.99
N VAL I 18 -27.11 -44.48 -21.81
CA VAL I 18 -26.29 -43.31 -21.53
C VAL I 18 -24.94 -43.82 -21.03
N ASP I 19 -23.96 -42.94 -21.09
CA ASP I 19 -22.64 -43.24 -20.54
C ASP I 19 -22.51 -42.64 -19.15
N THR I 20 -21.90 -43.38 -18.25
CA THR I 20 -21.52 -42.89 -16.93
C THR I 20 -20.01 -42.91 -16.82
N VAL I 21 -19.50 -42.35 -15.72
CA VAL I 21 -18.05 -42.26 -15.58
C VAL I 21 -17.44 -43.62 -15.32
N LEU I 22 -18.17 -44.53 -14.67
CA LEU I 22 -17.67 -45.86 -14.34
C LEU I 22 -18.03 -46.91 -15.37
N GLU I 23 -19.09 -46.69 -16.14
CA GLU I 23 -19.59 -47.72 -17.04
C GLU I 23 -20.17 -47.04 -18.27
N LYS I 24 -19.82 -47.54 -19.44
CA LYS I 24 -20.36 -47.05 -20.70
C LYS I 24 -21.56 -47.88 -21.09
N ASN I 25 -22.43 -47.28 -21.91
CA ASN I 25 -23.54 -48.01 -22.52
C ASN I 25 -24.45 -48.64 -21.47
N VAL I 26 -25.01 -47.79 -20.61
CA VAL I 26 -25.85 -48.24 -19.50
C VAL I 26 -27.31 -48.03 -19.90
N THR I 27 -28.07 -49.11 -19.90
CA THR I 27 -29.46 -49.06 -20.31
C THR I 27 -30.31 -48.41 -19.23
N VAL I 28 -31.02 -47.34 -19.59
CA VAL I 28 -31.80 -46.55 -18.63
C VAL I 28 -33.24 -46.47 -19.10
N THR I 29 -34.11 -46.07 -18.18
CA THR I 29 -35.55 -46.08 -18.43
C THR I 29 -36.01 -44.81 -19.14
N HIS I 30 -35.56 -43.65 -18.66
CA HIS I 30 -35.94 -42.37 -19.23
C HIS I 30 -34.69 -41.50 -19.37
N SER I 31 -34.60 -40.75 -20.47
CA SER I 31 -33.44 -39.90 -20.68
C SER I 31 -33.82 -38.70 -21.53
N VAL I 32 -32.98 -37.67 -21.48
CA VAL I 32 -33.20 -36.43 -22.20
C VAL I 32 -31.93 -36.11 -22.98
N ASN I 33 -32.09 -35.63 -24.21
CA ASN I 33 -30.96 -35.30 -25.06
C ASN I 33 -30.53 -33.86 -24.81
N LEU I 34 -29.22 -33.63 -24.78
CA LEU I 34 -28.65 -32.31 -24.61
C LEU I 34 -27.97 -31.78 -25.86
N LEU I 35 -27.89 -32.58 -26.93
CA LEU I 35 -27.07 -32.25 -28.08
C LEU I 35 -27.98 -32.02 -29.29
N GLU I 36 -27.97 -30.79 -29.80
CA GLU I 36 -28.72 -30.49 -31.02
C GLU I 36 -28.01 -31.12 -32.21
N ASP I 37 -28.74 -31.95 -32.94
CA ASP I 37 -28.12 -32.89 -33.86
C ASP I 37 -28.47 -32.66 -35.33
N SER I 38 -29.48 -31.84 -35.63
CA SER I 38 -29.97 -31.72 -37.00
C SER I 38 -30.30 -30.27 -37.33
N HIS I 39 -30.39 -29.99 -38.64
CA HIS I 39 -30.81 -28.70 -39.15
C HIS I 39 -31.96 -28.91 -40.13
N ASN I 40 -32.55 -27.79 -40.57
CA ASN I 40 -33.69 -27.84 -41.49
C ASN I 40 -33.31 -27.58 -42.95
N GLY I 41 -32.04 -27.35 -43.25
CA GLY I 41 -31.63 -27.17 -44.62
C GLY I 41 -32.14 -25.91 -45.28
N LYS I 42 -32.64 -24.94 -44.50
CA LYS I 42 -33.20 -23.72 -45.05
C LYS I 42 -32.60 -22.50 -44.35
N LEU I 43 -32.49 -21.40 -45.10
CA LEU I 43 -32.11 -20.10 -44.53
C LEU I 43 -33.34 -19.43 -43.93
N CYS I 44 -33.32 -19.15 -42.63
CA CYS I 44 -34.45 -18.55 -41.96
C CYS I 44 -34.11 -17.12 -41.54
N ARG I 45 -35.12 -16.45 -40.99
CA ARG I 45 -35.00 -15.05 -40.58
C ARG I 45 -34.57 -14.93 -39.13
N LEU I 46 -33.57 -14.09 -38.89
CA LEU I 46 -33.15 -13.73 -37.54
C LEU I 46 -33.83 -12.44 -37.11
N LYS I 47 -34.31 -12.41 -35.87
CA LYS I 47 -35.04 -11.25 -35.34
C LYS I 47 -36.21 -10.89 -36.26
N GLY I 48 -36.78 -11.90 -36.92
CA GLY I 48 -37.89 -11.67 -37.82
C GLY I 48 -37.55 -11.06 -39.16
N ILE I 49 -36.27 -10.81 -39.45
CA ILE I 49 -35.86 -10.15 -40.69
C ILE I 49 -35.15 -11.15 -41.59
N ALA I 50 -35.51 -11.13 -42.88
CA ALA I 50 -34.96 -12.08 -43.83
C ALA I 50 -33.52 -11.71 -44.21
N PRO I 51 -32.69 -12.70 -44.55
CA PRO I 51 -31.32 -12.39 -44.99
C PRO I 51 -31.29 -11.84 -46.40
N LEU I 52 -30.14 -11.25 -46.73
CA LEU I 52 -29.85 -10.79 -48.08
C LEU I 52 -29.13 -11.91 -48.82
N GLN I 53 -29.81 -12.51 -49.79
CA GLN I 53 -29.28 -13.64 -50.54
C GLN I 53 -28.71 -13.19 -51.87
N LEU I 54 -27.38 -13.23 -52.00
CA LEU I 54 -26.73 -13.01 -53.28
C LEU I 54 -26.60 -14.32 -54.04
N GLY I 55 -26.84 -14.24 -55.35
CA GLY I 55 -26.82 -15.42 -56.20
C GLY I 55 -25.58 -15.48 -57.07
N LYS I 56 -25.67 -14.90 -58.27
CA LYS I 56 -24.53 -14.92 -59.18
C LYS I 56 -23.40 -14.01 -58.73
N CYS I 57 -23.67 -13.06 -57.83
CA CYS I 57 -22.71 -12.05 -57.45
C CYS I 57 -22.29 -12.20 -55.99
N ASN I 58 -21.08 -11.74 -55.67
CA ASN I 58 -20.68 -11.57 -54.29
C ASN I 58 -20.91 -10.12 -53.87
N ILE I 59 -20.53 -9.80 -52.63
CA ILE I 59 -20.84 -8.48 -52.07
C ILE I 59 -20.19 -7.38 -52.89
N ALA I 60 -18.98 -7.63 -53.40
CA ALA I 60 -18.30 -6.63 -54.22
C ALA I 60 -19.12 -6.29 -55.47
N GLY I 61 -19.42 -7.30 -56.29
CA GLY I 61 -20.14 -7.05 -57.52
C GLY I 61 -21.53 -6.52 -57.30
N TRP I 62 -22.19 -6.94 -56.22
CA TRP I 62 -23.54 -6.47 -55.95
C TRP I 62 -23.53 -5.00 -55.55
N ILE I 63 -22.58 -4.59 -54.70
CA ILE I 63 -22.55 -3.21 -54.23
C ILE I 63 -22.02 -2.28 -55.32
N LEU I 64 -21.20 -2.78 -56.24
CA LEU I 64 -20.70 -1.95 -57.33
C LEU I 64 -21.72 -1.83 -58.45
N GLY I 65 -22.54 -2.86 -58.65
CA GLY I 65 -23.52 -2.85 -59.72
C GLY I 65 -23.03 -3.60 -60.94
N ASN I 66 -22.35 -4.73 -60.70
CA ASN I 66 -21.95 -5.61 -61.79
C ASN I 66 -23.17 -5.95 -62.64
N PRO I 67 -23.06 -5.87 -63.97
CA PRO I 67 -24.26 -6.04 -64.83
C PRO I 67 -24.96 -7.36 -64.67
N GLU I 68 -24.42 -8.32 -63.92
CA GLU I 68 -25.03 -9.62 -63.73
C GLU I 68 -25.80 -9.73 -62.42
N CYS I 69 -25.90 -8.65 -61.65
CA CYS I 69 -26.55 -8.66 -60.35
C CYS I 69 -27.88 -7.93 -60.42
N GLU I 70 -28.88 -8.46 -59.70
CA GLU I 70 -30.15 -7.77 -59.58
C GLU I 70 -30.00 -6.63 -58.58
N SER I 71 -30.59 -5.49 -58.91
CA SER I 71 -30.48 -4.29 -58.08
C SER I 71 -31.64 -4.23 -57.09
N LEU I 72 -31.40 -3.54 -55.98
CA LEU I 72 -32.40 -3.37 -54.93
C LEU I 72 -33.24 -2.15 -55.26
N LEU I 73 -34.56 -2.35 -55.38
CA LEU I 73 -35.47 -1.30 -55.81
C LEU I 73 -36.39 -0.81 -54.69
N SER I 74 -36.19 -1.28 -53.46
CA SER I 74 -37.05 -0.92 -52.33
C SER I 74 -36.17 -0.53 -51.14
N LYS I 75 -36.83 -0.14 -50.05
CA LYS I 75 -36.13 0.20 -48.80
C LYS I 75 -35.94 -1.09 -48.00
N ARG I 76 -34.89 -1.82 -48.36
CA ARG I 76 -34.69 -3.16 -47.84
C ARG I 76 -34.07 -3.12 -46.44
N SER I 77 -33.83 -4.32 -45.90
CA SER I 77 -33.18 -4.56 -44.62
C SER I 77 -32.86 -6.04 -44.55
N TRP I 78 -31.81 -6.41 -43.81
CA TRP I 78 -31.47 -7.82 -43.70
C TRP I 78 -30.73 -8.09 -42.39
N SER I 79 -30.89 -9.32 -41.88
CA SER I 79 -30.24 -9.73 -40.63
C SER I 79 -28.88 -10.35 -40.84
N TYR I 80 -28.64 -10.98 -41.99
CA TYR I 80 -27.31 -11.47 -42.33
C TYR I 80 -27.25 -11.60 -43.85
N ILE I 81 -26.05 -11.86 -44.36
CA ILE I 81 -25.83 -12.00 -45.79
C ILE I 81 -25.47 -13.44 -46.09
N ALA I 82 -26.11 -14.01 -47.11
CA ALA I 82 -25.85 -15.37 -47.55
C ALA I 82 -25.48 -15.30 -49.02
N GLU I 83 -24.29 -15.80 -49.35
CA GLU I 83 -23.87 -15.89 -50.74
C GLU I 83 -23.66 -17.34 -51.11
N THR I 84 -23.85 -17.62 -52.38
CA THR I 84 -23.84 -18.96 -52.96
C THR I 84 -22.41 -19.42 -53.22
N PRO I 85 -22.16 -20.74 -53.19
CA PRO I 85 -20.87 -21.23 -53.68
C PRO I 85 -20.63 -20.91 -55.15
N ASN I 86 -21.67 -20.53 -55.90
CA ASN I 86 -21.53 -20.10 -57.28
C ASN I 86 -21.63 -18.58 -57.43
N SER I 87 -21.13 -17.84 -56.44
CA SER I 87 -21.14 -16.37 -56.48
C SER I 87 -19.74 -15.90 -56.89
N GLU I 88 -19.50 -15.88 -58.21
CA GLU I 88 -18.20 -15.57 -58.77
C GLU I 88 -18.17 -14.27 -59.56
N ASN I 89 -19.22 -13.46 -59.51
CA ASN I 89 -19.28 -12.19 -60.24
C ASN I 89 -19.02 -11.06 -59.26
N GLY I 90 -17.82 -10.50 -59.32
CA GLY I 90 -17.45 -9.39 -58.46
C GLY I 90 -17.02 -8.19 -59.26
N THR I 91 -15.73 -7.89 -59.25
CA THR I 91 -15.18 -6.76 -60.01
C THR I 91 -14.84 -7.26 -61.41
N CYS I 92 -15.78 -7.05 -62.35
CA CYS I 92 -15.54 -7.52 -63.71
C CYS I 92 -14.40 -6.79 -64.40
N TYR I 93 -14.07 -5.58 -63.95
CA TYR I 93 -12.85 -4.91 -64.40
C TYR I 93 -11.76 -5.09 -63.35
N PRO I 94 -10.60 -5.62 -63.68
CA PRO I 94 -9.62 -5.98 -62.65
C PRO I 94 -9.10 -4.77 -61.89
N GLY I 95 -8.86 -4.98 -60.61
CA GLY I 95 -8.35 -3.94 -59.74
C GLY I 95 -8.38 -4.40 -58.30
N ASP I 96 -7.98 -3.49 -57.41
CA ASP I 96 -7.96 -3.76 -55.97
C ASP I 96 -9.17 -3.11 -55.31
N PHE I 97 -9.88 -3.87 -54.48
CA PHE I 97 -10.98 -3.36 -53.68
C PHE I 97 -10.42 -3.05 -52.29
N ALA I 98 -10.37 -1.77 -51.94
CA ALA I 98 -9.75 -1.36 -50.69
C ALA I 98 -10.62 -1.77 -49.51
N ASP I 99 -10.00 -2.37 -48.50
CA ASP I 99 -10.67 -2.76 -47.26
C ASP I 99 -11.96 -3.52 -47.54
N TYR I 100 -11.86 -4.49 -48.46
CA TYR I 100 -13.04 -5.22 -48.91
C TYR I 100 -13.64 -6.05 -47.78
N GLU I 101 -12.80 -6.82 -47.08
CA GLU I 101 -13.30 -7.62 -45.96
C GLU I 101 -13.96 -6.75 -44.90
N GLU I 102 -13.42 -5.54 -44.68
CA GLU I 102 -14.01 -4.63 -43.71
C GLU I 102 -15.39 -4.14 -44.16
N LEU I 103 -15.53 -3.80 -45.44
CA LEU I 103 -16.84 -3.38 -45.94
C LEU I 103 -17.88 -4.49 -45.79
N ARG I 104 -17.45 -5.74 -46.00
CA ARG I 104 -18.36 -6.88 -45.90
C ARG I 104 -18.86 -7.07 -44.48
N GLU I 105 -17.96 -6.94 -43.50
CA GLU I 105 -18.36 -7.08 -42.10
C GLU I 105 -19.35 -5.98 -41.69
N GLN I 106 -19.26 -4.81 -42.30
CA GLN I 106 -20.12 -3.69 -41.95
C GLN I 106 -21.45 -3.72 -42.70
N LEU I 107 -21.50 -4.31 -43.89
CA LEU I 107 -22.75 -4.48 -44.61
C LEU I 107 -23.49 -5.76 -44.21
N SER I 108 -22.94 -6.53 -43.26
CA SER I 108 -23.51 -7.82 -42.92
C SER I 108 -24.90 -7.70 -42.33
N SER I 109 -25.17 -6.61 -41.61
CA SER I 109 -26.49 -6.39 -41.01
C SER I 109 -26.87 -4.93 -41.17
N VAL I 110 -28.01 -4.68 -41.82
CA VAL I 110 -28.54 -3.34 -41.97
C VAL I 110 -30.04 -3.38 -41.65
N SER I 111 -30.53 -2.28 -41.08
CA SER I 111 -31.95 -2.14 -40.78
C SER I 111 -32.68 -1.28 -41.80
N SER I 112 -31.95 -0.48 -42.58
CA SER I 112 -32.50 0.29 -43.67
C SER I 112 -31.43 0.39 -44.76
N PHE I 113 -31.88 0.45 -46.01
CA PHE I 113 -30.94 0.41 -47.13
C PHE I 113 -31.64 0.93 -48.37
N GLU I 114 -31.33 2.15 -48.78
CA GLU I 114 -31.91 2.77 -49.96
C GLU I 114 -30.81 3.12 -50.96
N ARG I 115 -31.01 2.72 -52.21
CA ARG I 115 -30.12 3.11 -53.30
C ARG I 115 -30.66 4.35 -53.99
N PHE I 116 -29.82 5.37 -54.14
CA PHE I 116 -30.25 6.65 -54.68
C PHE I 116 -29.17 7.27 -55.56
N GLU I 117 -29.59 8.06 -56.55
CA GLU I 117 -28.68 8.73 -57.48
C GLU I 117 -27.94 9.84 -56.75
N ILE I 118 -26.69 9.58 -56.36
CA ILE I 118 -25.93 10.62 -55.68
C ILE I 118 -25.42 11.66 -56.68
N PHE I 119 -24.92 11.21 -57.83
CA PHE I 119 -24.47 12.11 -58.89
C PHE I 119 -25.16 11.67 -60.17
N PRO I 120 -26.37 12.18 -60.44
CA PRO I 120 -27.12 11.73 -61.61
C PRO I 120 -26.35 11.91 -62.92
N LYS I 121 -26.24 10.80 -63.67
CA LYS I 121 -25.45 10.77 -64.90
C LYS I 121 -25.92 11.83 -65.90
N GLU I 122 -27.23 12.05 -65.99
CA GLU I 122 -27.81 12.86 -67.05
C GLU I 122 -27.65 14.37 -66.83
N ARG I 123 -27.30 14.83 -65.61
CA ARG I 123 -27.20 16.26 -65.36
C ARG I 123 -25.98 16.71 -64.57
N SER I 124 -25.13 15.81 -64.07
CA SER I 124 -24.04 16.23 -63.19
C SER I 124 -22.74 16.54 -63.91
N TRP I 125 -22.55 16.06 -65.14
CA TRP I 125 -21.26 16.18 -65.84
C TRP I 125 -21.51 16.81 -67.20
N PRO I 126 -21.79 18.13 -67.23
CA PRO I 126 -22.12 18.77 -68.51
C PRO I 126 -20.94 18.92 -69.45
N LYS I 127 -19.71 18.88 -68.95
CA LYS I 127 -18.53 19.09 -69.79
C LYS I 127 -17.61 17.86 -69.76
N HIS I 128 -18.19 16.68 -69.67
CA HIS I 128 -17.47 15.42 -69.79
C HIS I 128 -18.34 14.43 -70.55
N ASN I 129 -17.68 13.39 -71.08
CA ASN I 129 -18.38 12.33 -71.82
C ASN I 129 -18.84 11.27 -70.83
N ILE I 130 -20.13 10.94 -70.89
CA ILE I 130 -20.74 9.99 -69.96
C ILE I 130 -21.11 8.68 -70.64
N THR I 131 -20.84 8.52 -71.92
CA THR I 131 -21.23 7.32 -72.63
C THR I 131 -20.07 6.41 -73.04
N ARG I 132 -18.84 6.93 -73.12
CA ARG I 132 -17.72 6.09 -73.54
C ARG I 132 -17.30 5.10 -72.48
N GLY I 133 -17.62 5.36 -71.21
CA GLY I 133 -17.13 4.52 -70.14
C GLY I 133 -17.72 3.12 -70.05
N VAL I 134 -17.53 2.33 -71.11
CA VAL I 134 -17.93 0.93 -71.13
C VAL I 134 -16.72 0.10 -71.50
N THR I 135 -16.82 -1.21 -71.27
CA THR I 135 -15.69 -2.10 -71.48
C THR I 135 -16.17 -3.51 -71.73
N ALA I 136 -15.39 -4.25 -72.53
CA ALA I 136 -15.71 -5.65 -72.81
C ALA I 136 -15.55 -6.54 -71.59
N ALA I 137 -14.79 -6.10 -70.58
CA ALA I 137 -14.65 -6.88 -69.36
C ALA I 137 -15.98 -6.98 -68.61
N CYS I 138 -16.77 -5.92 -68.65
CA CYS I 138 -18.09 -5.96 -68.03
C CYS I 138 -19.17 -6.01 -69.09
N SER I 139 -19.17 -7.05 -69.91
CA SER I 139 -20.11 -7.16 -71.01
C SER I 139 -21.39 -7.83 -70.53
N HIS I 140 -22.53 -7.33 -71.01
CA HIS I 140 -23.82 -7.91 -70.70
C HIS I 140 -24.56 -8.14 -72.00
N ALA I 141 -25.06 -9.36 -72.19
CA ALA I 141 -25.84 -9.72 -73.37
C ALA I 141 -25.06 -9.45 -74.66
N GLY I 142 -23.77 -9.76 -74.65
CA GLY I 142 -22.93 -9.62 -75.82
C GLY I 142 -22.49 -8.22 -76.16
N LYS I 143 -23.00 -7.20 -75.47
CA LYS I 143 -22.54 -5.83 -75.64
C LYS I 143 -21.76 -5.36 -74.43
N SER I 144 -20.83 -4.43 -74.66
CA SER I 144 -20.01 -3.89 -73.57
C SER I 144 -20.83 -3.01 -72.66
N SER I 145 -20.56 -3.09 -71.35
CA SER I 145 -21.26 -2.29 -70.37
C SER I 145 -20.29 -1.96 -69.24
N PHE I 146 -20.83 -1.65 -68.06
CA PHE I 146 -20.03 -1.23 -66.92
C PHE I 146 -20.92 -1.34 -65.68
N TYR I 147 -20.37 -0.98 -64.53
CA TYR I 147 -21.11 -1.06 -63.29
C TYR I 147 -22.36 -0.18 -63.33
N LYS I 148 -23.44 -0.68 -62.72
CA LYS I 148 -24.71 0.03 -62.75
C LYS I 148 -24.75 1.20 -61.78
N ASN I 149 -23.82 1.26 -60.82
CA ASN I 149 -23.79 2.31 -59.81
C ASN I 149 -22.61 3.25 -59.93
N LEU I 150 -21.76 3.09 -60.95
CA LEU I 150 -20.63 3.96 -61.18
C LEU I 150 -20.68 4.50 -62.59
N LEU I 151 -19.93 5.57 -62.83
CA LEU I 151 -19.90 6.24 -64.12
C LEU I 151 -18.45 6.54 -64.49
N TRP I 152 -18.02 6.07 -65.66
CA TRP I 152 -16.64 6.23 -66.10
C TRP I 152 -16.55 7.47 -66.98
N LEU I 153 -16.17 8.59 -66.36
CA LEU I 153 -16.07 9.85 -67.10
C LEU I 153 -14.85 9.83 -68.01
N THR I 154 -15.02 10.41 -69.20
CA THR I 154 -13.95 10.51 -70.18
C THR I 154 -14.00 11.89 -70.84
N GLU I 155 -12.98 12.17 -71.65
CA GLU I 155 -12.85 13.47 -72.28
C GLU I 155 -14.00 13.73 -73.26
N THR I 156 -14.19 14.99 -73.59
CA THR I 156 -15.14 15.38 -74.63
C THR I 156 -14.61 16.65 -75.28
N ASN I 157 -14.80 16.75 -76.60
CA ASN I 157 -14.30 17.89 -77.39
C ASN I 157 -12.80 18.10 -77.21
N GLY I 158 -12.07 17.05 -76.87
CA GLY I 158 -10.64 17.12 -76.77
C GLY I 158 -10.08 17.58 -75.44
N SER I 159 -10.89 17.56 -74.38
CA SER I 159 -10.45 18.05 -73.08
C SER I 159 -11.14 17.28 -71.97
N TYR I 160 -10.50 17.28 -70.80
CA TYR I 160 -11.05 16.72 -69.56
C TYR I 160 -10.81 17.79 -68.50
N PRO I 161 -11.72 18.74 -68.36
CA PRO I 161 -11.52 19.82 -67.38
C PRO I 161 -11.61 19.30 -65.95
N LYS I 162 -10.98 20.03 -65.04
CA LYS I 162 -11.02 19.67 -63.63
C LYS I 162 -12.44 19.81 -63.10
N LEU I 163 -12.89 18.79 -62.36
CA LEU I 163 -14.24 18.77 -61.82
C LEU I 163 -14.20 18.91 -60.30
N SER I 164 -15.30 19.40 -59.73
CA SER I 164 -15.44 19.48 -58.28
C SER I 164 -16.94 19.30 -57.97
N LYS I 165 -17.31 18.06 -57.68
CA LYS I 165 -18.68 17.71 -57.36
C LYS I 165 -18.79 17.32 -55.88
N SER I 166 -19.75 17.92 -55.19
CA SER I 166 -19.95 17.69 -53.77
C SER I 166 -21.34 17.12 -53.54
N TYR I 167 -21.45 16.33 -52.48
CA TYR I 167 -22.72 15.79 -52.01
C TYR I 167 -22.83 16.03 -50.52
N VAL I 168 -23.97 16.57 -50.08
CA VAL I 168 -24.26 16.74 -48.66
C VAL I 168 -25.27 15.67 -48.25
N ASN I 169 -24.98 14.99 -47.15
CA ASN I 169 -25.82 13.89 -46.66
C ASN I 169 -27.03 14.50 -45.95
N ASN I 170 -28.09 14.79 -46.72
CA ASN I 170 -29.33 15.24 -46.11
C ASN I 170 -30.16 14.09 -45.55
N LYS I 171 -29.75 12.85 -45.76
CA LYS I 171 -30.40 11.76 -45.06
C LYS I 171 -30.02 11.81 -43.59
N GLU I 172 -30.83 11.15 -42.76
CA GLU I 172 -30.56 11.10 -41.32
C GLU I 172 -29.86 9.79 -40.94
N LYS I 173 -29.08 9.24 -41.86
CA LYS I 173 -28.36 7.99 -41.64
C LYS I 173 -27.06 8.05 -42.42
N GLU I 174 -26.23 7.03 -42.26
CA GLU I 174 -24.98 6.97 -43.01
C GLU I 174 -25.28 6.80 -44.50
N VAL I 175 -24.33 7.26 -45.33
CA VAL I 175 -24.41 7.10 -46.78
C VAL I 175 -23.10 6.49 -47.23
N LEU I 176 -23.15 5.24 -47.69
CA LEU I 176 -21.99 4.57 -48.26
C LEU I 176 -21.75 5.08 -49.68
N VAL I 177 -20.60 5.73 -49.90
CA VAL I 177 -20.23 6.24 -51.21
C VAL I 177 -19.04 5.44 -51.71
N LEU I 178 -19.17 4.87 -52.91
CA LEU I 178 -18.12 4.09 -53.55
C LEU I 178 -17.69 4.80 -54.83
N TRP I 179 -16.42 4.61 -55.19
CA TRP I 179 -15.86 5.18 -56.40
C TRP I 179 -14.65 4.36 -56.80
N GLY I 180 -14.12 4.67 -57.98
CA GLY I 180 -12.96 3.96 -58.48
C GLY I 180 -11.94 4.90 -59.07
N VAL I 181 -10.71 4.42 -59.16
CA VAL I 181 -9.61 5.13 -59.79
C VAL I 181 -9.03 4.23 -60.87
N HIS I 182 -8.98 4.72 -62.10
CA HIS I 182 -8.56 3.94 -63.26
C HIS I 182 -7.07 4.15 -63.55
N HIS I 183 -6.38 3.04 -63.81
CA HIS I 183 -4.94 3.06 -64.11
C HIS I 183 -4.68 2.49 -65.50
N PRO I 184 -4.42 3.33 -66.51
CA PRO I 184 -4.17 2.83 -67.86
C PRO I 184 -2.86 2.05 -67.95
N SER I 185 -2.73 1.33 -69.08
CA SER I 185 -1.56 0.50 -69.35
C SER I 185 -0.42 1.26 -70.03
N ASN I 186 -0.71 2.32 -70.76
CA ASN I 186 0.32 3.07 -71.47
C ASN I 186 -0.06 4.55 -71.51
N ILE I 187 0.94 5.38 -71.82
CA ILE I 187 0.71 6.82 -71.80
C ILE I 187 -0.24 7.23 -72.92
N GLU I 188 -0.31 6.45 -74.00
CA GLU I 188 -1.21 6.78 -75.10
C GLU I 188 -2.67 6.62 -74.68
N ASP I 189 -2.98 5.54 -73.97
CA ASP I 189 -4.35 5.35 -73.48
C ASP I 189 -4.73 6.39 -72.45
N GLN I 190 -3.77 6.87 -71.67
CA GLN I 190 -4.04 7.94 -70.71
C GLN I 190 -4.37 9.24 -71.43
N LYS I 191 -3.65 9.54 -72.52
CA LYS I 191 -3.93 10.76 -73.27
C LYS I 191 -5.25 10.69 -74.01
N THR I 192 -5.62 9.51 -74.53
CA THR I 192 -6.88 9.39 -75.25
C THR I 192 -8.08 9.65 -74.33
N LEU I 193 -8.07 9.07 -73.13
CA LEU I 193 -9.23 9.15 -72.25
C LEU I 193 -9.26 10.43 -71.43
N TYR I 194 -8.12 10.98 -71.04
CA TYR I 194 -8.08 12.07 -70.08
C TYR I 194 -7.28 13.28 -70.55
N ARG I 195 -6.68 13.22 -71.74
CA ARG I 195 -6.05 14.36 -72.40
C ARG I 195 -4.98 15.02 -71.54
N LYS I 196 -4.35 14.26 -70.65
CA LYS I 196 -3.20 14.74 -69.90
C LYS I 196 -2.45 13.53 -69.38
N GLU I 197 -1.13 13.69 -69.21
CA GLU I 197 -0.33 12.61 -68.66
C GLU I 197 -0.47 12.53 -67.15
N ASN I 198 -0.49 13.67 -66.47
CA ASN I 198 -0.54 13.71 -65.01
C ASN I 198 -1.89 14.23 -64.55
N ALA I 199 -2.74 13.32 -64.09
CA ALA I 199 -4.03 13.64 -63.51
C ALA I 199 -4.02 13.22 -62.03
N TYR I 200 -5.08 13.59 -61.32
CA TYR I 200 -5.20 13.22 -59.92
C TYR I 200 -6.67 13.17 -59.55
N VAL I 201 -6.97 12.34 -58.55
CA VAL I 201 -8.30 12.23 -57.96
C VAL I 201 -8.20 12.59 -56.49
N SER I 202 -9.11 13.44 -56.03
CA SER I 202 -9.12 13.90 -54.64
C SER I 202 -10.51 13.72 -54.07
N VAL I 203 -10.63 12.90 -53.02
CA VAL I 203 -11.88 12.69 -52.31
C VAL I 203 -11.70 13.16 -50.87
N VAL I 204 -12.58 14.03 -50.41
CA VAL I 204 -12.46 14.61 -49.07
C VAL I 204 -13.83 14.66 -48.39
N SER I 205 -13.80 14.51 -47.08
CA SER I 205 -14.97 14.76 -46.24
C SER I 205 -14.44 15.38 -44.95
N SER I 206 -15.20 15.25 -43.86
CA SER I 206 -14.73 15.75 -42.58
C SER I 206 -13.75 14.80 -41.93
N ASN I 207 -13.86 13.50 -42.21
CA ASN I 207 -12.96 12.51 -41.67
C ASN I 207 -12.17 11.75 -42.72
N TYR I 208 -12.47 11.93 -44.00
CA TYR I 208 -11.77 11.22 -45.08
C TYR I 208 -11.00 12.21 -45.95
N ASN I 209 -9.74 11.89 -46.25
CA ASN I 209 -8.88 12.77 -47.03
C ASN I 209 -7.85 11.90 -47.75
N ARG I 210 -8.05 11.67 -49.04
CA ARG I 210 -7.14 10.84 -49.80
C ARG I 210 -7.00 11.39 -51.22
N ARG I 211 -5.77 11.41 -51.71
CA ARG I 211 -5.46 11.79 -53.07
C ARG I 211 -4.96 10.56 -53.82
N PHE I 212 -5.45 10.36 -55.04
CA PHE I 212 -5.09 9.19 -55.84
C PHE I 212 -4.33 9.65 -57.07
N THR I 213 -3.14 9.09 -57.26
CA THR I 213 -2.33 9.33 -58.44
C THR I 213 -2.31 8.10 -59.33
N PRO I 214 -2.72 8.22 -60.58
CA PRO I 214 -2.72 7.04 -61.46
C PRO I 214 -1.31 6.58 -61.75
N GLU I 215 -1.12 5.27 -61.66
CA GLU I 215 0.15 4.62 -61.92
C GLU I 215 0.02 3.88 -63.25
N ILE I 216 0.77 4.32 -64.26
CA ILE I 216 0.67 3.78 -65.61
C ILE I 216 1.83 2.83 -65.84
N ALA I 217 1.52 1.58 -66.18
CA ALA I 217 2.54 0.56 -66.45
C ALA I 217 1.88 -0.61 -67.15
N GLU I 218 2.65 -1.30 -67.98
CA GLU I 218 2.16 -2.48 -68.69
C GLU I 218 2.06 -3.65 -67.73
N ARG I 219 0.86 -4.21 -67.61
CA ARG I 219 0.55 -5.31 -66.71
C ARG I 219 -0.03 -6.49 -67.47
N PRO I 220 -0.01 -7.68 -66.87
CA PRO I 220 -0.69 -8.83 -67.48
C PRO I 220 -2.19 -8.57 -67.62
N LYS I 221 -2.78 -9.17 -68.64
CA LYS I 221 -4.19 -8.99 -68.93
C LYS I 221 -5.03 -9.84 -67.97
N VAL I 222 -6.00 -9.21 -67.32
CA VAL I 222 -7.00 -9.89 -66.49
C VAL I 222 -8.38 -9.53 -67.04
N ARG I 223 -9.21 -10.57 -67.26
CA ARG I 223 -10.49 -10.39 -67.96
C ARG I 223 -10.31 -9.62 -69.27
N GLY I 224 -9.22 -9.93 -69.97
CA GLY I 224 -8.89 -9.26 -71.21
C GLY I 224 -8.32 -7.87 -71.07
N GLN I 225 -8.21 -7.34 -69.86
CA GLN I 225 -7.77 -5.98 -69.62
C GLN I 225 -6.38 -5.96 -69.02
N ALA I 226 -5.47 -5.20 -69.64
CA ALA I 226 -4.15 -5.00 -69.08
C ALA I 226 -4.09 -3.85 -68.09
N GLY I 227 -5.06 -2.95 -68.12
CA GLY I 227 -5.14 -1.91 -67.11
C GLY I 227 -5.92 -2.36 -65.89
N ARG I 228 -5.85 -1.55 -64.84
CA ARG I 228 -6.55 -1.82 -63.60
C ARG I 228 -7.30 -0.58 -63.16
N MET I 229 -8.35 -0.78 -62.37
CA MET I 229 -8.98 0.32 -61.65
C MET I 229 -9.26 -0.14 -60.22
N ASN I 230 -8.71 0.58 -59.26
CA ASN I 230 -8.88 0.28 -57.84
C ASN I 230 -10.17 0.91 -57.32
N TYR I 231 -10.81 0.21 -56.38
CA TYR I 231 -12.10 0.60 -55.85
C TYR I 231 -12.00 1.05 -54.40
N TYR I 232 -12.68 2.14 -54.07
CA TYR I 232 -12.63 2.75 -52.75
C TYR I 232 -14.03 3.11 -52.28
N TRP I 233 -14.17 3.22 -50.96
CA TRP I 233 -15.47 3.53 -50.36
C TRP I 233 -15.25 4.33 -49.07
N THR I 234 -16.34 4.90 -48.57
CA THR I 234 -16.34 5.58 -47.29
C THR I 234 -17.78 5.71 -46.81
N LEU I 235 -17.95 5.68 -45.48
CA LEU I 235 -19.24 5.91 -44.85
C LEU I 235 -19.32 7.38 -44.44
N LEU I 236 -20.22 8.11 -45.07
CA LEU I 236 -20.36 9.55 -44.85
C LEU I 236 -21.43 9.82 -43.79
N GLU I 237 -21.04 10.48 -42.70
CA GLU I 237 -21.93 10.69 -41.57
C GLU I 237 -23.01 11.74 -41.89
N PRO I 238 -24.13 11.67 -41.18
CA PRO I 238 -25.21 12.65 -41.40
C PRO I 238 -24.73 14.08 -41.20
N GLY I 239 -25.09 14.94 -42.15
CA GLY I 239 -24.70 16.33 -42.12
C GLY I 239 -23.35 16.62 -42.74
N ASP I 240 -22.55 15.60 -43.02
CA ASP I 240 -21.22 15.77 -43.58
C ASP I 240 -21.28 15.91 -45.09
N THR I 241 -20.23 16.50 -45.65
CA THR I 241 -20.09 16.72 -47.08
C THR I 241 -18.93 15.91 -47.63
N ILE I 242 -19.16 15.28 -48.78
CA ILE I 242 -18.10 14.61 -49.54
C ILE I 242 -17.91 15.39 -50.82
N ILE I 243 -16.65 15.61 -51.20
CA ILE I 243 -16.31 16.39 -52.39
C ILE I 243 -15.36 15.57 -53.25
N PHE I 244 -15.72 15.39 -54.52
CA PHE I 244 -14.83 14.77 -55.49
C PHE I 244 -14.21 15.87 -56.35
N GLU I 245 -12.89 15.92 -56.38
CA GLU I 245 -12.16 16.84 -57.25
C GLU I 245 -11.19 16.03 -58.08
N ALA I 246 -11.28 16.15 -59.41
CA ALA I 246 -10.58 15.21 -60.27
C ALA I 246 -10.09 15.89 -61.55
N ASN I 247 -8.92 15.45 -61.99
CA ASN I 247 -8.31 15.83 -63.26
C ASN I 247 -8.52 14.77 -64.33
N GLY I 248 -8.97 13.59 -63.95
CA GLY I 248 -9.06 12.45 -64.83
C GLY I 248 -9.00 11.18 -64.02
N ASN I 249 -9.23 10.05 -64.71
CA ASN I 249 -9.14 8.71 -64.15
C ASN I 249 -10.15 8.47 -63.03
N LEU I 250 -11.16 9.32 -62.88
CA LEU I 250 -12.14 9.16 -61.82
C LEU I 250 -13.28 8.26 -62.31
N ILE I 251 -13.52 7.17 -61.59
CA ILE I 251 -14.73 6.38 -61.78
C ILE I 251 -15.74 6.96 -60.79
N ALA I 252 -16.51 7.93 -61.27
CA ALA I 252 -17.33 8.74 -60.38
C ALA I 252 -18.50 7.93 -59.86
N PRO I 253 -18.92 8.18 -58.61
CA PRO I 253 -20.13 7.56 -58.10
C PRO I 253 -21.35 8.03 -58.87
N TRP I 254 -22.26 7.09 -59.13
CA TRP I 254 -23.55 7.39 -59.76
C TRP I 254 -24.69 7.13 -58.80
N TYR I 255 -24.69 5.98 -58.13
CA TYR I 255 -25.61 5.69 -57.05
C TYR I 255 -24.84 5.43 -55.77
N ALA I 256 -25.44 5.81 -54.64
CA ALA I 256 -24.90 5.50 -53.32
C ALA I 256 -25.97 4.83 -52.49
N PHE I 257 -25.70 4.58 -51.21
CA PHE I 257 -26.59 3.79 -50.38
C PHE I 257 -26.78 4.45 -49.02
N ALA I 258 -27.99 4.89 -48.74
CA ALA I 258 -28.35 5.35 -47.40
C ALA I 258 -28.74 4.15 -46.54
N LEU I 259 -28.04 3.96 -45.43
CA LEU I 259 -28.22 2.73 -44.65
C LEU I 259 -28.09 3.03 -43.17
N SER I 260 -28.61 2.09 -42.38
CA SER I 260 -28.43 2.06 -40.94
C SER I 260 -27.83 0.71 -40.60
N ARG I 261 -26.56 0.70 -40.16
CA ARG I 261 -25.92 -0.57 -39.84
C ARG I 261 -26.45 -1.09 -38.50
N GLY I 262 -26.45 -2.42 -38.37
CA GLY I 262 -26.98 -3.08 -37.19
C GLY I 262 -25.90 -3.74 -36.35
N PHE I 263 -26.36 -4.29 -35.21
CA PHE I 263 -25.50 -5.08 -34.35
C PHE I 263 -24.83 -6.18 -35.15
N GLY I 264 -23.50 -6.14 -35.19
CA GLY I 264 -22.69 -6.97 -36.07
C GLY I 264 -23.18 -8.38 -36.31
N SER I 265 -23.43 -8.71 -37.58
CA SER I 265 -23.78 -10.04 -38.01
C SER I 265 -22.62 -10.60 -38.83
N GLY I 266 -22.92 -11.43 -39.82
CA GLY I 266 -21.88 -12.02 -40.62
C GLY I 266 -22.42 -12.56 -41.92
N ILE I 267 -21.56 -13.29 -42.61
CA ILE I 267 -21.88 -13.87 -43.91
C ILE I 267 -21.65 -15.37 -43.84
N ILE I 268 -22.63 -16.14 -44.33
CA ILE I 268 -22.50 -17.58 -44.49
C ILE I 268 -22.47 -17.88 -45.98
N THR I 269 -21.69 -18.87 -46.37
CA THR I 269 -21.72 -19.37 -47.74
C THR I 269 -22.56 -20.64 -47.76
N SER I 270 -23.66 -20.61 -48.49
CA SER I 270 -24.63 -21.69 -48.43
C SER I 270 -25.35 -21.79 -49.76
N ASN I 271 -25.41 -23.00 -50.30
CA ASN I 271 -26.28 -23.31 -51.43
C ASN I 271 -27.70 -23.64 -51.00
N ALA I 272 -28.00 -23.58 -49.71
CA ALA I 272 -29.32 -23.92 -49.24
C ALA I 272 -30.31 -22.81 -49.60
N SER I 273 -31.58 -23.20 -49.69
CA SER I 273 -32.63 -22.29 -50.14
C SER I 273 -33.33 -21.65 -48.95
N MET I 274 -34.00 -20.54 -49.23
CA MET I 274 -34.72 -19.77 -48.24
C MET I 274 -36.15 -20.27 -48.05
N ASP I 275 -36.62 -20.24 -46.81
CA ASP I 275 -37.99 -20.61 -46.47
C ASP I 275 -38.57 -19.55 -45.53
N GLU I 276 -39.90 -19.54 -45.43
CA GLU I 276 -40.61 -18.57 -44.58
C GLU I 276 -40.64 -19.09 -43.13
N CYS I 277 -39.46 -19.02 -42.50
CA CYS I 277 -39.28 -19.53 -41.15
C CYS I 277 -38.55 -18.50 -40.30
N ASP I 278 -38.71 -18.64 -38.98
CA ASP I 278 -38.03 -17.83 -38.00
C ASP I 278 -37.10 -18.73 -37.20
N THR I 279 -35.86 -18.30 -36.99
CA THR I 279 -34.91 -19.06 -36.19
C THR I 279 -34.13 -18.12 -35.29
N LYS I 280 -33.51 -18.71 -34.27
CA LYS I 280 -32.60 -17.98 -33.39
C LYS I 280 -31.14 -18.33 -33.65
N CYS I 281 -30.87 -19.27 -34.56
CA CYS I 281 -29.50 -19.68 -34.84
C CYS I 281 -29.43 -20.20 -36.27
N GLN I 282 -28.55 -19.62 -37.07
CA GLN I 282 -28.37 -20.00 -38.47
C GLN I 282 -26.98 -20.57 -38.68
N THR I 283 -26.93 -21.75 -39.27
CA THR I 283 -25.82 -22.57 -39.71
C THR I 283 -25.72 -22.51 -41.23
N PRO I 284 -24.53 -22.59 -41.81
CA PRO I 284 -24.42 -22.61 -43.28
C PRO I 284 -25.25 -23.70 -43.94
N GLN I 285 -25.50 -24.82 -43.26
CA GLN I 285 -26.34 -25.86 -43.86
C GLN I 285 -27.82 -25.60 -43.65
N GLY I 286 -28.18 -24.88 -42.60
CA GLY I 286 -29.57 -24.59 -42.30
C GLY I 286 -29.72 -24.11 -40.87
N ALA I 287 -30.95 -23.76 -40.52
CA ALA I 287 -31.23 -23.28 -39.18
C ALA I 287 -31.35 -24.45 -38.20
N ILE I 288 -31.03 -24.18 -36.93
CA ILE I 288 -31.07 -25.20 -35.90
C ILE I 288 -31.88 -24.68 -34.72
N ASN I 289 -32.45 -25.63 -33.96
CA ASN I 289 -33.13 -25.29 -32.72
C ASN I 289 -32.10 -24.86 -31.67
N SER I 290 -32.38 -23.76 -30.98
CA SER I 290 -31.44 -23.21 -30.00
C SER I 290 -31.84 -23.53 -28.56
N SER I 291 -32.68 -24.53 -28.35
CA SER I 291 -33.12 -24.85 -26.99
C SER I 291 -32.07 -25.64 -26.22
N LEU I 292 -31.42 -26.60 -26.88
CA LEU I 292 -30.41 -27.38 -26.20
C LEU I 292 -29.11 -26.59 -26.06
N PRO I 293 -28.30 -26.93 -25.05
CA PRO I 293 -27.07 -26.13 -24.82
C PRO I 293 -25.93 -26.42 -25.79
N PHE I 294 -25.96 -27.53 -26.53
CA PHE I 294 -24.86 -27.90 -27.40
C PHE I 294 -25.39 -28.33 -28.75
N GLN I 295 -24.59 -28.08 -29.79
CA GLN I 295 -24.90 -28.51 -31.14
C GLN I 295 -23.62 -28.97 -31.80
N ASN I 296 -23.74 -29.91 -32.74
CA ASN I 296 -22.60 -30.41 -33.50
C ASN I 296 -22.78 -30.24 -35.00
N ILE I 297 -23.63 -29.28 -35.42
CA ILE I 297 -23.91 -29.09 -36.83
C ILE I 297 -22.76 -28.37 -37.51
N HIS I 298 -22.36 -27.21 -36.98
CA HIS I 298 -21.29 -26.44 -37.60
C HIS I 298 -20.70 -25.49 -36.59
N PRO I 299 -19.38 -25.24 -36.60
CA PRO I 299 -18.80 -24.28 -35.66
C PRO I 299 -19.07 -22.83 -36.03
N VAL I 300 -19.33 -22.54 -37.29
CA VAL I 300 -19.54 -21.17 -37.76
C VAL I 300 -21.05 -20.95 -37.79
N THR I 301 -21.56 -20.25 -36.79
CA THR I 301 -22.99 -19.99 -36.69
C THR I 301 -23.24 -18.49 -36.63
N ILE I 302 -24.50 -18.13 -36.82
CA ILE I 302 -24.96 -16.75 -36.69
C ILE I 302 -26.23 -16.77 -35.86
N GLY I 303 -26.27 -15.98 -34.79
CA GLY I 303 -27.48 -15.86 -34.01
C GLY I 303 -27.22 -16.15 -32.55
N GLU I 304 -28.33 -16.43 -31.86
CA GLU I 304 -28.33 -16.76 -30.43
C GLU I 304 -28.18 -18.28 -30.32
N CYS I 305 -26.93 -18.76 -30.34
CA CYS I 305 -26.64 -20.16 -30.67
C CYS I 305 -26.11 -20.97 -29.50
N PRO I 306 -26.42 -22.26 -29.48
CA PRO I 306 -25.71 -23.19 -28.58
C PRO I 306 -24.27 -23.41 -29.00
N LYS I 307 -23.42 -23.69 -28.00
CA LYS I 307 -21.99 -23.91 -28.27
C LYS I 307 -21.75 -25.17 -29.09
N TYR I 308 -20.82 -25.06 -30.04
CA TYR I 308 -20.48 -26.16 -30.93
C TYR I 308 -19.52 -27.13 -30.25
N VAL I 309 -19.82 -28.43 -30.35
CA VAL I 309 -18.97 -29.47 -29.79
C VAL I 309 -18.74 -30.54 -30.84
N LYS I 310 -17.59 -31.21 -30.74
CA LYS I 310 -17.25 -32.30 -31.65
C LYS I 310 -17.91 -33.61 -31.24
N SER I 311 -18.84 -33.57 -30.29
CA SER I 311 -19.44 -34.77 -29.74
C SER I 311 -20.51 -35.32 -30.68
N THR I 312 -20.81 -36.60 -30.50
CA THR I 312 -21.86 -37.27 -31.24
C THR I 312 -23.03 -37.71 -30.36
N LYS I 313 -22.80 -37.89 -29.06
CA LYS I 313 -23.83 -38.35 -28.14
C LYS I 313 -23.68 -37.65 -26.80
N LEU I 314 -24.72 -36.91 -26.40
CA LEU I 314 -24.75 -36.22 -25.10
C LEU I 314 -26.19 -36.22 -24.60
N ARG I 315 -26.52 -37.20 -23.77
CA ARG I 315 -27.85 -37.23 -23.15
C ARG I 315 -27.73 -37.55 -21.67
N MET I 316 -28.56 -36.90 -20.85
CA MET I 316 -28.56 -37.12 -19.42
C MET I 316 -29.68 -38.09 -19.06
N VAL I 317 -29.36 -39.08 -18.21
CA VAL I 317 -30.37 -40.00 -17.73
C VAL I 317 -31.27 -39.29 -16.73
N THR I 318 -32.58 -39.49 -16.87
CA THR I 318 -33.54 -39.01 -15.89
C THR I 318 -34.12 -40.14 -15.04
N GLY I 319 -34.34 -41.32 -15.62
CA GLY I 319 -34.87 -42.46 -14.90
C GLY I 319 -33.78 -43.29 -14.24
N LEU I 320 -34.07 -44.58 -14.09
CA LEU I 320 -33.20 -45.52 -13.38
C LEU I 320 -32.53 -46.43 -14.38
N ARG I 321 -31.68 -47.33 -13.86
CA ARG I 321 -31.21 -48.44 -14.68
C ARG I 321 -32.39 -49.34 -15.03
N ASN I 322 -32.55 -49.64 -16.31
CA ASN I 322 -33.64 -50.50 -16.76
C ASN I 322 -33.23 -51.95 -16.59
N ILE I 323 -33.79 -52.62 -15.59
CA ILE I 323 -33.46 -54.01 -15.30
C ILE I 323 -34.76 -54.82 -15.33
N PRO I 324 -35.27 -55.19 -16.52
CA PRO I 324 -36.49 -55.99 -16.59
C PRO I 324 -36.19 -57.50 -16.53
N GLY J 1 -26.00 -49.91 -6.57
CA GLY J 1 -24.63 -49.63 -6.96
C GLY J 1 -23.82 -48.97 -5.86
N LEU J 2 -23.96 -47.64 -5.74
CA LEU J 2 -23.21 -46.90 -4.74
C LEU J 2 -23.84 -47.02 -3.36
N PHE J 3 -25.16 -47.14 -3.29
CA PHE J 3 -25.87 -47.36 -2.03
C PHE J 3 -26.35 -48.80 -1.88
N GLY J 4 -25.97 -49.68 -2.81
CA GLY J 4 -26.11 -51.11 -2.67
C GLY J 4 -27.50 -51.66 -2.84
N ALA J 5 -28.47 -50.86 -3.26
CA ALA J 5 -29.85 -51.32 -3.35
C ALA J 5 -30.23 -51.79 -4.74
N ILE J 6 -29.99 -50.97 -5.76
CA ILE J 6 -30.50 -51.27 -7.10
C ILE J 6 -29.65 -52.36 -7.76
N ALA J 7 -28.37 -52.10 -7.96
CA ALA J 7 -27.49 -53.16 -8.44
C ALA J 7 -27.21 -54.21 -7.37
N GLY J 8 -27.79 -54.06 -6.17
CA GLY J 8 -27.45 -54.93 -5.05
C GLY J 8 -28.57 -55.83 -4.58
N PHE J 9 -28.97 -55.68 -3.32
CA PHE J 9 -29.87 -56.64 -2.70
C PHE J 9 -31.29 -56.59 -3.26
N ILE J 10 -31.63 -55.56 -4.04
CA ILE J 10 -32.88 -55.56 -4.79
C ILE J 10 -32.53 -55.79 -6.25
N GLU J 11 -32.54 -57.06 -6.66
CA GLU J 11 -31.85 -57.48 -7.88
C GLU J 11 -32.43 -56.88 -9.17
N GLY J 12 -33.70 -56.49 -9.18
CA GLY J 12 -34.29 -56.07 -10.44
C GLY J 12 -35.41 -55.06 -10.29
N GLY J 13 -35.90 -54.60 -11.44
CA GLY J 13 -36.97 -53.63 -11.50
C GLY J 13 -38.33 -54.27 -11.72
N TRP J 14 -39.36 -53.45 -11.55
CA TRP J 14 -40.76 -53.90 -11.64
C TRP J 14 -41.41 -53.26 -12.87
N THR J 15 -41.55 -54.05 -13.93
CA THR J 15 -42.37 -53.61 -15.06
C THR J 15 -43.84 -53.51 -14.69
N GLY J 16 -44.26 -54.18 -13.61
CA GLY J 16 -45.64 -54.09 -13.17
C GLY J 16 -45.98 -52.78 -12.51
N MET J 17 -44.98 -52.02 -12.06
CA MET J 17 -45.20 -50.72 -11.41
C MET J 17 -45.10 -49.63 -12.46
N ILE J 18 -46.25 -49.26 -13.03
CA ILE J 18 -46.27 -48.15 -13.98
C ILE J 18 -46.58 -46.82 -13.31
N ASP J 19 -46.89 -46.83 -12.01
CA ASP J 19 -47.37 -45.62 -11.35
C ASP J 19 -46.25 -44.65 -10.97
N GLY J 20 -45.03 -45.15 -10.77
CA GLY J 20 -43.95 -44.26 -10.36
C GLY J 20 -42.60 -44.93 -10.46
N TRP J 21 -41.61 -44.28 -9.86
CA TRP J 21 -40.22 -44.71 -9.92
C TRP J 21 -39.88 -45.75 -8.86
N TYR J 22 -40.32 -45.54 -7.63
CA TYR J 22 -40.12 -46.49 -6.55
C TYR J 22 -41.46 -46.79 -5.91
N GLY J 23 -41.60 -48.00 -5.38
CA GLY J 23 -42.85 -48.37 -4.76
C GLY J 23 -42.79 -49.70 -4.07
N TYR J 24 -43.97 -50.27 -3.84
CA TYR J 24 -44.11 -51.46 -3.03
C TYR J 24 -44.85 -52.54 -3.80
N HIS J 25 -44.61 -53.80 -3.40
CA HIS J 25 -45.41 -54.94 -3.83
C HIS J 25 -45.82 -55.72 -2.60
N HIS J 26 -47.10 -55.68 -2.27
CA HIS J 26 -47.63 -56.35 -1.09
C HIS J 26 -48.32 -57.67 -1.48
N GLN J 27 -48.38 -58.58 -0.50
CA GLN J 27 -49.04 -59.87 -0.68
C GLN J 27 -49.64 -60.23 0.67
N ASN J 28 -50.98 -60.19 0.77
CA ASN J 28 -51.69 -60.59 1.98
C ASN J 28 -52.87 -61.47 1.59
N GLU J 29 -53.62 -61.92 2.59
CA GLU J 29 -54.78 -62.76 2.33
C GLU J 29 -55.88 -62.03 1.58
N GLN J 30 -55.87 -60.70 1.57
CA GLN J 30 -56.92 -59.95 0.88
C GLN J 30 -56.65 -59.77 -0.60
N GLY J 31 -55.41 -59.86 -1.03
CA GLY J 31 -55.09 -59.69 -2.43
C GLY J 31 -53.67 -59.20 -2.61
N SER J 32 -53.37 -58.78 -3.83
CA SER J 32 -52.01 -58.34 -4.13
C SER J 32 -51.95 -57.42 -5.35
N GLY J 33 -50.95 -56.55 -5.31
CA GLY J 33 -50.74 -55.64 -6.41
C GLY J 33 -49.52 -54.79 -6.18
N TYR J 34 -49.15 -54.06 -7.23
CA TYR J 34 -48.07 -53.10 -7.17
C TYR J 34 -48.64 -51.72 -6.88
N ALA J 35 -47.92 -50.95 -6.06
CA ALA J 35 -48.29 -49.57 -5.78
C ALA J 35 -47.03 -48.73 -5.69
N ALA J 36 -47.06 -47.55 -6.30
CA ALA J 36 -45.93 -46.65 -6.26
C ALA J 36 -46.03 -45.73 -5.05
N ASP J 37 -44.86 -45.38 -4.51
CA ASP J 37 -44.77 -44.46 -3.38
C ASP J 37 -44.65 -43.04 -3.93
N GLN J 38 -45.77 -42.33 -4.01
CA GLN J 38 -45.77 -41.03 -4.65
C GLN J 38 -44.95 -40.00 -3.89
N LYS J 39 -44.74 -40.21 -2.58
CA LYS J 39 -43.90 -39.29 -1.81
C LYS J 39 -42.45 -39.33 -2.29
N SER J 40 -41.91 -40.51 -2.50
CA SER J 40 -40.51 -40.63 -2.91
C SER J 40 -40.33 -40.27 -4.39
N THR J 41 -41.22 -40.73 -5.25
CA THR J 41 -41.06 -40.49 -6.68
C THR J 41 -41.22 -39.01 -7.03
N GLN J 42 -42.07 -38.29 -6.31
CA GLN J 42 -42.28 -36.89 -6.63
C GLN J 42 -41.05 -36.05 -6.29
N ASN J 43 -40.41 -36.30 -5.14
CA ASN J 43 -39.21 -35.55 -4.81
C ASN J 43 -38.09 -35.80 -5.80
N ALA J 44 -38.04 -37.00 -6.38
CA ALA J 44 -37.04 -37.27 -7.40
C ALA J 44 -37.46 -36.67 -8.73
N ILE J 45 -38.75 -36.76 -9.07
CA ILE J 45 -39.25 -36.10 -10.28
C ILE J 45 -39.00 -34.61 -10.20
N ASN J 46 -39.14 -34.03 -9.01
CA ASN J 46 -38.87 -32.61 -8.82
C ASN J 46 -37.37 -32.33 -8.92
N GLY J 47 -36.56 -33.12 -8.22
CA GLY J 47 -35.13 -32.89 -8.20
C GLY J 47 -34.47 -33.12 -9.55
N ILE J 48 -34.83 -34.22 -10.23
CA ILE J 48 -34.23 -34.54 -11.52
C ILE J 48 -34.62 -33.50 -12.56
N THR J 49 -35.88 -33.09 -12.57
CA THR J 49 -36.31 -32.06 -13.50
C THR J 49 -35.58 -30.74 -13.21
N ASN J 50 -35.38 -30.43 -11.93
CA ASN J 50 -34.62 -29.23 -11.58
C ASN J 50 -33.16 -29.35 -12.01
N LYS J 51 -32.60 -30.56 -11.96
CA LYS J 51 -31.23 -30.78 -12.41
C LYS J 51 -31.12 -30.64 -13.92
N VAL J 52 -32.03 -31.27 -14.66
CA VAL J 52 -31.99 -31.22 -16.12
C VAL J 52 -32.19 -29.79 -16.60
N ASN J 53 -33.12 -29.06 -15.98
CA ASN J 53 -33.35 -27.68 -16.40
C ASN J 53 -32.15 -26.80 -16.07
N SER J 54 -31.43 -27.10 -15.00
CA SER J 54 -30.25 -26.30 -14.67
C SER J 54 -29.18 -26.42 -15.73
N VAL J 55 -28.99 -27.62 -16.28
CA VAL J 55 -28.00 -27.78 -17.34
C VAL J 55 -28.42 -27.01 -18.58
N ILE J 56 -29.71 -27.03 -18.90
CA ILE J 56 -30.20 -26.39 -20.11
C ILE J 56 -30.33 -24.89 -19.92
N GLU J 57 -30.95 -24.46 -18.81
CA GLU J 57 -31.32 -23.06 -18.65
C GLU J 57 -30.16 -22.17 -18.22
N LYS J 58 -29.09 -22.72 -17.65
CA LYS J 58 -27.94 -21.91 -17.25
C LYS J 58 -27.07 -21.49 -18.43
N MET J 59 -27.45 -21.83 -19.65
CA MET J 59 -26.65 -21.48 -20.84
C MET J 59 -27.02 -20.07 -21.31
N ASN J 60 -26.33 -19.08 -20.77
CA ASN J 60 -26.50 -17.69 -21.21
C ASN J 60 -25.67 -17.46 -22.47
N THR J 61 -26.35 -17.24 -23.59
CA THR J 61 -25.70 -17.02 -24.88
C THR J 61 -26.21 -15.73 -25.51
N GLN J 62 -25.29 -14.87 -25.96
CA GLN J 62 -25.64 -13.61 -26.60
C GLN J 62 -25.67 -13.77 -28.12
N PHE J 63 -26.09 -12.71 -28.82
CA PHE J 63 -26.09 -12.73 -30.27
C PHE J 63 -24.66 -12.69 -30.78
N THR J 64 -24.32 -13.61 -31.68
CA THR J 64 -22.95 -13.69 -32.15
C THR J 64 -22.92 -14.18 -33.58
N ALA J 65 -22.04 -13.60 -34.39
CA ALA J 65 -21.68 -14.12 -35.70
C ALA J 65 -20.27 -14.66 -35.58
N VAL J 66 -20.15 -15.99 -35.55
CA VAL J 66 -18.86 -16.61 -35.29
C VAL J 66 -17.86 -16.32 -36.41
N GLY J 67 -18.31 -16.37 -37.66
CA GLY J 67 -17.39 -16.31 -38.78
C GLY J 67 -16.74 -14.95 -38.93
N LYS J 68 -15.45 -14.96 -39.24
CA LYS J 68 -14.68 -13.76 -39.56
C LYS J 68 -13.86 -14.02 -40.82
N GLU J 69 -13.72 -12.99 -41.66
CA GLU J 69 -13.05 -13.11 -42.96
C GLU J 69 -11.75 -12.32 -42.98
N PHE J 70 -10.70 -12.91 -43.56
CA PHE J 70 -9.40 -12.27 -43.66
C PHE J 70 -8.86 -12.48 -45.07
N ASN J 71 -7.93 -11.61 -45.47
CA ASN J 71 -7.36 -11.65 -46.82
C ASN J 71 -5.92 -12.18 -46.76
N LYS J 72 -5.25 -12.14 -47.92
CA LYS J 72 -3.94 -12.80 -48.08
C LYS J 72 -2.88 -12.24 -47.14
N LEU J 73 -2.97 -10.97 -46.74
CA LEU J 73 -1.97 -10.38 -45.84
C LEU J 73 -2.44 -10.33 -44.39
N GLU J 74 -3.40 -11.17 -44.02
CA GLU J 74 -3.93 -11.24 -42.66
C GLU J 74 -3.98 -12.67 -42.14
N LYS J 75 -3.03 -13.51 -42.57
CA LYS J 75 -3.00 -14.91 -42.17
C LYS J 75 -2.85 -15.05 -40.66
N ARG J 76 -2.06 -14.17 -40.03
CA ARG J 76 -1.89 -14.27 -38.59
C ARG J 76 -3.20 -14.05 -37.86
N MET J 77 -3.94 -13.00 -38.22
CA MET J 77 -5.24 -12.77 -37.62
C MET J 77 -6.20 -13.92 -37.91
N GLU J 78 -6.08 -14.54 -39.10
CA GLU J 78 -6.91 -15.69 -39.42
C GLU J 78 -6.59 -16.87 -38.50
N ASN J 79 -5.30 -17.13 -38.27
CA ASN J 79 -4.91 -18.22 -37.39
C ASN J 79 -5.23 -17.92 -35.94
N LEU J 80 -5.13 -16.66 -35.54
CA LEU J 80 -5.57 -16.27 -34.20
C LEU J 80 -7.06 -16.51 -34.03
N ASN J 81 -7.85 -16.28 -35.08
CA ASN J 81 -9.28 -16.54 -35.00
C ASN J 81 -9.58 -18.03 -34.85
N LYS J 82 -8.89 -18.88 -35.62
CA LYS J 82 -9.10 -20.32 -35.47
C LYS J 82 -8.71 -20.79 -34.08
N LYS J 83 -7.69 -20.17 -33.49
CA LYS J 83 -7.28 -20.54 -32.15
C LYS J 83 -8.39 -20.26 -31.15
N VAL J 84 -9.12 -19.16 -31.35
CA VAL J 84 -10.23 -18.83 -30.46
C VAL J 84 -11.36 -19.84 -30.64
N ASP J 85 -11.66 -20.20 -31.89
CA ASP J 85 -12.74 -21.15 -32.15
C ASP J 85 -12.38 -22.54 -31.63
N ASP J 86 -11.20 -23.05 -32.00
CA ASP J 86 -10.79 -24.38 -31.55
C ASP J 86 -10.57 -24.42 -30.05
N GLY J 87 -10.15 -23.31 -29.45
CA GLY J 87 -10.00 -23.28 -28.00
C GLY J 87 -11.34 -23.43 -27.31
N PHE J 88 -12.33 -22.63 -27.74
CA PHE J 88 -13.68 -22.78 -27.22
C PHE J 88 -14.24 -24.16 -27.56
N LEU J 89 -13.94 -24.65 -28.76
CA LEU J 89 -14.41 -25.97 -29.16
C LEU J 89 -13.83 -27.07 -28.28
N ASP J 90 -12.53 -27.00 -27.99
CA ASP J 90 -11.92 -27.99 -27.12
C ASP J 90 -12.49 -27.91 -25.71
N ILE J 91 -12.66 -26.69 -25.20
CA ILE J 91 -13.14 -26.51 -23.83
C ILE J 91 -14.57 -27.01 -23.69
N TRP J 92 -15.47 -26.54 -24.56
CA TRP J 92 -16.88 -26.92 -24.42
C TRP J 92 -17.07 -28.41 -24.64
N THR J 93 -16.40 -28.99 -25.65
CA THR J 93 -16.51 -30.43 -25.86
C THR J 93 -16.09 -31.21 -24.63
N TYR J 94 -14.92 -30.88 -24.08
CA TYR J 94 -14.41 -31.62 -22.93
C TYR J 94 -15.34 -31.47 -21.73
N ASN J 95 -15.73 -30.24 -21.40
CA ASN J 95 -16.56 -30.01 -20.23
C ASN J 95 -17.96 -30.59 -20.40
N ALA J 96 -18.52 -30.52 -21.61
CA ALA J 96 -19.85 -31.08 -21.82
C ALA J 96 -19.84 -32.59 -21.64
N GLU J 97 -18.88 -33.27 -22.25
CA GLU J 97 -18.81 -34.72 -22.15
C GLU J 97 -18.60 -35.17 -20.69
N LEU J 98 -17.66 -34.56 -19.98
CA LEU J 98 -17.42 -34.95 -18.60
C LEU J 98 -18.60 -34.61 -17.72
N LEU J 99 -19.27 -33.48 -17.97
CA LEU J 99 -20.44 -33.11 -17.20
C LEU J 99 -21.51 -34.18 -17.32
N VAL J 100 -21.78 -34.65 -18.53
CA VAL J 100 -22.74 -35.72 -18.74
C VAL J 100 -22.25 -37.02 -18.10
N LEU J 101 -20.95 -37.32 -18.24
CA LEU J 101 -20.40 -38.55 -17.67
C LEU J 101 -20.49 -38.53 -16.15
N LEU J 102 -20.12 -37.41 -15.54
CA LEU J 102 -20.08 -37.34 -14.09
C LEU J 102 -21.48 -37.26 -13.50
N GLU J 103 -22.32 -36.40 -14.07
CA GLU J 103 -23.64 -36.17 -13.51
C GLU J 103 -24.63 -37.28 -13.80
N ASN J 104 -24.41 -38.08 -14.85
CA ASN J 104 -25.25 -39.26 -15.04
C ASN J 104 -24.99 -40.30 -13.97
N GLU J 105 -23.73 -40.49 -13.58
CA GLU J 105 -23.42 -41.39 -12.48
C GLU J 105 -24.12 -40.94 -11.21
N ARG J 106 -24.20 -39.62 -11.00
CA ARG J 106 -24.84 -39.11 -9.78
C ARG J 106 -26.35 -39.34 -9.82
N THR J 107 -26.96 -39.18 -11.01
CA THR J 107 -28.39 -39.43 -11.11
C THR J 107 -28.71 -40.88 -10.75
N LEU J 108 -27.90 -41.81 -11.21
CA LEU J 108 -28.11 -43.21 -10.85
C LEU J 108 -27.84 -43.43 -9.36
N ASP J 109 -26.82 -42.78 -8.82
CA ASP J 109 -26.61 -42.81 -7.37
C ASP J 109 -27.80 -42.21 -6.64
N PHE J 110 -28.39 -41.16 -7.20
CA PHE J 110 -29.52 -40.49 -6.57
C PHE J 110 -30.71 -41.44 -6.46
N HIS J 111 -31.02 -42.17 -7.53
CA HIS J 111 -32.08 -43.16 -7.48
C HIS J 111 -31.76 -44.26 -6.48
N ASP J 112 -30.53 -44.79 -6.53
CA ASP J 112 -30.12 -45.83 -5.60
C ASP J 112 -30.33 -45.40 -4.15
N SER J 113 -29.99 -44.15 -3.83
CA SER J 113 -30.17 -43.65 -2.47
C SER J 113 -31.64 -43.60 -2.08
N ASN J 114 -32.50 -43.13 -3.00
CA ASN J 114 -33.93 -43.06 -2.68
C ASN J 114 -34.51 -44.45 -2.46
N VAL J 115 -34.00 -45.44 -3.21
CA VAL J 115 -34.43 -46.81 -3.01
C VAL J 115 -33.93 -47.34 -1.67
N LYS J 116 -32.69 -46.99 -1.31
CA LYS J 116 -32.12 -47.46 -0.05
C LYS J 116 -32.83 -46.83 1.14
N ASN J 117 -33.21 -45.56 1.04
CA ASN J 117 -33.92 -44.90 2.14
C ASN J 117 -35.32 -45.47 2.31
N LEU J 118 -35.97 -45.83 1.19
CA LEU J 118 -37.30 -46.43 1.28
C LEU J 118 -37.24 -47.78 1.97
N TYR J 119 -36.26 -48.62 1.62
CA TYR J 119 -36.08 -49.88 2.34
C TYR J 119 -35.81 -49.62 3.82
N GLU J 120 -34.93 -48.64 4.11
CA GLU J 120 -34.60 -48.30 5.49
C GLU J 120 -35.79 -47.69 6.23
N LYS J 121 -36.67 -46.99 5.50
CA LYS J 121 -37.87 -46.45 6.15
C LYS J 121 -38.80 -47.57 6.60
N VAL J 122 -38.94 -48.62 5.79
CA VAL J 122 -39.79 -49.74 6.15
C VAL J 122 -39.18 -50.54 7.30
N LYS J 123 -37.86 -50.78 7.24
CA LYS J 123 -37.20 -51.56 8.29
C LYS J 123 -37.36 -50.91 9.65
N ASN J 124 -37.22 -49.57 9.72
CA ASN J 124 -37.39 -48.88 11.00
C ASN J 124 -38.83 -48.96 11.48
N GLN J 125 -39.79 -48.98 10.56
CA GLN J 125 -41.19 -49.09 10.96
C GLN J 125 -41.51 -50.50 11.42
N LEU J 126 -41.18 -51.49 10.59
CA LEU J 126 -41.38 -52.89 10.92
C LEU J 126 -40.21 -53.36 11.77
N ARG J 127 -39.93 -52.65 12.86
CA ARG J 127 -38.75 -52.83 13.70
C ARG J 127 -38.32 -54.29 13.77
N ASN J 128 -39.21 -55.16 14.25
CA ASN J 128 -38.88 -56.59 14.26
C ASN J 128 -40.11 -57.48 14.16
N ASN J 129 -41.26 -56.99 13.71
CA ASN J 129 -42.45 -57.82 13.54
C ASN J 129 -42.45 -58.62 12.25
N ALA J 130 -41.36 -58.55 11.49
CA ALA J 130 -41.24 -59.26 10.23
C ALA J 130 -39.77 -59.59 10.00
N LYS J 131 -39.53 -60.67 9.26
CA LYS J 131 -38.18 -61.08 8.92
C LYS J 131 -37.79 -60.44 7.59
N GLU J 132 -36.59 -59.84 7.56
CA GLU J 132 -36.08 -59.27 6.32
C GLU J 132 -35.47 -60.40 5.52
N ILE J 133 -36.13 -60.77 4.41
CA ILE J 133 -35.66 -61.87 3.59
C ILE J 133 -34.34 -61.55 2.89
N GLY J 134 -33.92 -60.29 2.89
CA GLY J 134 -32.67 -59.89 2.30
C GLY J 134 -32.74 -59.46 0.85
N ASN J 135 -33.88 -59.61 0.19
CA ASN J 135 -34.02 -59.25 -1.22
C ASN J 135 -34.89 -58.02 -1.41
N GLY J 136 -35.13 -57.25 -0.36
CA GLY J 136 -36.04 -56.14 -0.42
C GLY J 136 -37.44 -56.47 0.05
N CYS J 137 -37.68 -57.69 0.50
CA CYS J 137 -38.99 -58.12 0.95
C CYS J 137 -39.00 -58.34 2.46
N PHE J 138 -40.19 -58.21 3.03
CA PHE J 138 -40.41 -58.44 4.46
C PHE J 138 -41.59 -59.39 4.60
N GLU J 139 -41.37 -60.54 5.23
CA GLU J 139 -42.42 -61.53 5.46
C GLU J 139 -43.05 -61.28 6.84
N PHE J 140 -44.33 -60.90 6.84
CA PHE J 140 -44.99 -60.55 8.10
C PHE J 140 -45.23 -61.77 8.97
N TYR J 141 -45.01 -61.61 10.28
CA TYR J 141 -45.35 -62.64 11.25
C TYR J 141 -46.80 -62.62 11.68
N HIS J 142 -47.50 -61.51 11.44
CA HIS J 142 -48.92 -61.37 11.78
C HIS J 142 -49.72 -61.06 10.52
N LYS J 143 -51.04 -61.24 10.63
CA LYS J 143 -51.92 -60.95 9.51
C LYS J 143 -51.98 -59.44 9.31
N CYS J 144 -51.45 -58.97 8.18
CA CYS J 144 -51.43 -57.56 7.83
C CYS J 144 -52.41 -57.36 6.67
N ASN J 145 -53.62 -56.90 6.98
CA ASN J 145 -54.60 -56.65 5.93
C ASN J 145 -54.23 -55.41 5.14
N ASN J 146 -55.11 -55.02 4.21
CA ASN J 146 -54.85 -53.87 3.36
C ASN J 146 -54.71 -52.59 4.16
N GLU J 147 -55.44 -52.46 5.28
CA GLU J 147 -55.27 -51.28 6.12
C GLU J 147 -53.88 -51.23 6.73
N CYS J 148 -53.41 -52.37 7.24
CA CYS J 148 -52.06 -52.44 7.78
C CYS J 148 -51.02 -52.26 6.67
N MET J 149 -51.33 -52.74 5.47
CA MET J 149 -50.42 -52.53 4.34
C MET J 149 -50.34 -51.05 3.98
N GLU J 150 -51.49 -50.41 3.78
CA GLU J 150 -51.51 -48.98 3.46
C GLU J 150 -50.90 -48.14 4.58
N SER J 151 -50.93 -48.64 5.82
CA SER J 151 -50.36 -47.90 6.93
C SER J 151 -48.85 -47.93 6.91
N VAL J 152 -48.26 -48.98 6.35
CA VAL J 152 -46.81 -49.02 6.19
C VAL J 152 -46.35 -47.99 5.17
N LYS J 153 -47.06 -47.91 4.04
CA LYS J 153 -46.72 -46.94 3.01
C LYS J 153 -46.99 -45.51 3.46
N ASN J 154 -48.08 -45.31 4.22
CA ASN J 154 -48.44 -43.98 4.69
C ASN J 154 -47.44 -43.43 5.70
N GLY J 155 -46.62 -44.28 6.29
CA GLY J 155 -45.70 -43.86 7.32
C GLY J 155 -46.26 -43.91 8.73
N THR J 156 -47.44 -44.49 8.91
CA THR J 156 -48.09 -44.54 10.22
C THR J 156 -48.38 -45.97 10.64
N TYR J 157 -47.34 -46.80 10.74
CA TYR J 157 -47.50 -48.20 11.10
C TYR J 157 -47.42 -48.36 12.62
N ASP J 158 -48.52 -48.81 13.22
CA ASP J 158 -48.56 -49.07 14.66
C ASP J 158 -47.69 -50.28 14.99
N TYR J 159 -47.01 -50.21 16.14
CA TYR J 159 -45.99 -51.22 16.42
C TYR J 159 -46.57 -52.59 16.80
N PRO J 160 -47.56 -52.71 17.71
CA PRO J 160 -48.03 -54.07 17.99
C PRO J 160 -48.72 -54.74 16.81
N SER K 2 54.50 -27.83 54.47
CA SER K 2 53.86 -28.01 53.18
C SER K 2 53.71 -26.68 52.43
N ASP K 3 53.82 -26.72 51.11
CA ASP K 3 53.78 -25.51 50.29
C ASP K 3 52.37 -25.17 49.88
N THR K 4 52.11 -23.87 49.70
CA THR K 4 50.79 -23.38 49.33
C THR K 4 50.91 -22.25 48.30
N ILE K 5 49.84 -22.09 47.52
CA ILE K 5 49.63 -20.92 46.68
C ILE K 5 48.17 -20.50 46.81
N CYS K 6 47.93 -19.19 46.90
CA CYS K 6 46.59 -18.67 47.10
C CYS K 6 46.27 -17.65 46.01
N ILE K 7 44.97 -17.48 45.74
CA ILE K 7 44.48 -16.48 44.80
C ILE K 7 43.70 -15.43 45.58
N GLY K 8 43.99 -14.16 45.34
CA GLY K 8 43.34 -13.08 46.05
C GLY K 8 43.24 -11.79 45.25
N TYR K 9 42.82 -10.72 45.91
CA TYR K 9 42.54 -9.47 45.22
C TYR K 9 43.01 -8.29 46.07
N HIS K 10 42.92 -7.10 45.49
CA HIS K 10 43.50 -5.89 46.05
C HIS K 10 42.64 -5.29 47.18
N ALA K 11 43.32 -4.58 48.09
CA ALA K 11 42.69 -3.77 49.12
C ALA K 11 43.61 -2.60 49.43
N ASN K 12 43.02 -1.48 49.86
CA ASN K 12 43.78 -0.25 50.11
C ASN K 12 43.25 0.42 51.37
N ASN K 13 43.72 1.65 51.63
CA ASN K 13 43.24 2.41 52.78
C ASN K 13 41.97 3.18 52.49
N SER K 14 41.43 3.05 51.28
CA SER K 14 40.38 3.95 50.82
C SER K 14 39.11 3.82 51.66
N THR K 15 38.37 4.92 51.72
CA THR K 15 37.06 4.97 52.35
C THR K 15 35.98 5.43 51.37
N ASP K 16 36.29 5.48 50.08
CA ASP K 16 35.28 5.82 49.08
C ASP K 16 34.15 4.80 49.13
N THR K 17 32.93 5.30 49.05
CA THR K 17 31.74 4.47 49.03
C THR K 17 30.89 4.79 47.82
N VAL K 18 30.31 3.75 47.21
CA VAL K 18 29.38 3.91 46.10
C VAL K 18 28.12 3.11 46.42
N ASP K 19 27.05 3.45 45.72
CA ASP K 19 25.80 2.71 45.80
C ASP K 19 25.70 1.72 44.64
N THR K 20 25.21 0.53 44.94
CA THR K 20 24.86 -0.47 43.94
C THR K 20 23.36 -0.73 44.00
N VAL K 21 22.87 -1.52 43.04
CA VAL K 21 21.44 -1.79 42.99
C VAL K 21 21.01 -2.72 44.12
N LEU K 22 21.91 -3.58 44.59
CA LEU K 22 21.58 -4.52 45.65
C LEU K 22 21.96 -4.02 47.05
N GLU K 23 22.90 -3.08 47.14
CA GLU K 23 23.41 -2.67 48.43
C GLU K 23 23.80 -1.19 48.37
N LYS K 24 23.44 -0.45 49.42
CA LYS K 24 23.85 0.94 49.54
C LYS K 24 25.17 1.03 50.30
N ASN K 25 25.91 2.11 50.04
CA ASN K 25 27.09 2.45 50.82
C ASN K 25 28.12 1.31 50.84
N VAL K 26 28.59 0.96 49.64
CA VAL K 26 29.56 -0.13 49.47
C VAL K 26 30.94 0.49 49.36
N THR K 27 31.83 0.12 50.28
CA THR K 27 33.17 0.69 50.33
C THR K 27 34.02 0.07 49.23
N VAL K 28 34.60 0.92 48.37
CA VAL K 28 35.35 0.46 47.21
C VAL K 28 36.76 1.06 47.25
N THR K 29 37.63 0.49 46.42
CA THR K 29 39.06 0.83 46.43
C THR K 29 39.38 2.05 45.58
N HIS K 30 38.85 2.11 44.36
CA HIS K 30 39.10 3.23 43.45
C HIS K 30 37.77 3.61 42.80
N SER K 31 37.52 4.91 42.64
CA SER K 31 36.26 5.37 42.04
C SER K 31 36.46 6.74 41.40
N VAL K 32 35.52 7.10 40.51
CA VAL K 32 35.57 8.34 39.76
C VAL K 32 34.23 9.04 39.90
N ASN K 33 34.25 10.38 39.97
CA ASN K 33 33.03 11.17 40.08
C ASN K 33 32.46 11.48 38.71
N LEU K 34 31.13 11.42 38.61
CA LEU K 34 30.41 11.76 37.39
C LEU K 34 29.61 13.04 37.50
N LEU K 35 29.56 13.66 38.67
CA LEU K 35 28.66 14.77 38.93
C LEU K 35 29.47 16.03 39.16
N GLU K 36 29.29 17.03 38.30
CA GLU K 36 29.94 18.32 38.48
C GLU K 36 29.28 19.03 39.66
N ASP K 37 30.09 19.37 40.66
CA ASP K 37 29.56 19.71 41.97
C ASP K 37 29.80 21.15 42.41
N SER K 38 30.71 21.87 41.76
CA SER K 38 31.08 23.20 42.22
C SER K 38 31.27 24.14 41.04
N HIS K 39 31.23 25.44 41.32
CA HIS K 39 31.50 26.50 40.36
C HIS K 39 32.55 27.42 40.94
N ASN K 40 33.01 28.38 40.12
CA ASN K 40 34.04 29.31 40.55
C ASN K 40 33.50 30.65 41.03
N GLY K 41 32.18 30.86 41.00
CA GLY K 41 31.61 32.10 41.48
C GLY K 41 31.93 33.32 40.64
N LYS K 42 32.43 33.14 39.42
CA LYS K 42 32.83 34.24 38.56
C LYS K 42 32.21 34.06 37.19
N LEU K 43 31.91 35.19 36.54
CA LEU K 43 31.44 35.17 35.15
C LEU K 43 32.65 35.09 34.22
N CYS K 44 32.69 34.06 33.38
CA CYS K 44 33.80 33.84 32.46
C CYS K 44 33.34 34.12 31.03
N ARG K 45 34.28 34.01 30.09
CA ARG K 45 34.00 34.27 28.69
C ARG K 45 33.51 32.98 28.04
N LEU K 46 32.37 33.05 27.38
CA LEU K 46 31.84 31.95 26.60
C LEU K 46 32.19 32.14 25.13
N LYS K 47 32.59 31.06 24.47
CA LYS K 47 33.03 31.11 23.07
C LYS K 47 34.12 32.15 22.86
N GLY K 48 34.92 32.37 23.90
CA GLY K 48 36.06 33.28 23.87
C GLY K 48 35.75 34.76 23.89
N ILE K 49 34.48 35.15 23.92
CA ILE K 49 34.09 36.56 23.90
C ILE K 49 33.48 36.88 25.26
N ALA K 50 33.84 38.03 25.82
CA ALA K 50 33.33 38.40 27.14
C ALA K 50 31.85 38.79 27.07
N PRO K 51 31.09 38.57 28.15
CA PRO K 51 29.69 38.96 28.14
C PRO K 51 29.50 40.46 28.26
N LEU K 52 28.27 40.89 27.97
CA LEU K 52 27.83 42.26 28.13
C LEU K 52 27.27 42.42 29.54
N GLN K 53 27.95 43.22 30.35
CA GLN K 53 27.60 43.41 31.75
C GLN K 53 26.81 44.70 31.90
N LEU K 54 25.51 44.59 32.14
CA LEU K 54 24.71 45.73 32.52
C LEU K 54 24.73 45.81 34.05
N GLY K 55 24.87 47.03 34.58
CA GLY K 55 25.03 47.25 36.00
C GLY K 55 23.75 47.79 36.60
N LYS K 56 23.61 49.11 36.67
CA LYS K 56 22.38 49.69 37.21
C LYS K 56 21.20 49.55 36.25
N CYS K 57 21.47 49.26 34.98
CA CYS K 57 20.45 49.29 33.94
C CYS K 57 20.14 47.88 33.46
N ASN K 58 18.92 47.70 32.96
CA ASN K 58 18.53 46.51 32.22
C ASN K 58 18.67 46.79 30.72
N ILE K 59 18.30 45.78 29.91
CA ILE K 59 18.46 45.91 28.47
C ILE K 59 17.62 47.06 27.94
N ALA K 60 16.44 47.28 28.51
CA ALA K 60 15.60 48.39 28.08
C ALA K 60 16.32 49.72 28.27
N GLY K 61 16.75 50.01 29.50
CA GLY K 61 17.41 51.28 29.76
C GLY K 61 18.72 51.43 29.02
N TRP K 62 19.45 50.34 28.83
CA TRP K 62 20.72 50.41 28.12
C TRP K 62 20.52 50.70 26.64
N ILE K 63 19.55 50.05 25.99
CA ILE K 63 19.40 50.22 24.55
C ILE K 63 18.74 51.55 24.23
N LEU K 64 17.93 52.09 25.15
CA LEU K 64 17.31 53.38 24.92
C LEU K 64 18.23 54.54 25.29
N GLY K 65 19.12 54.33 26.25
CA GLY K 65 20.00 55.40 26.69
C GLY K 65 19.50 56.11 27.93
N ASN K 66 18.95 55.34 28.87
CA ASN K 66 18.58 55.88 30.16
C ASN K 66 19.77 56.64 30.76
N PRO K 67 19.57 57.83 31.30
CA PRO K 67 20.72 58.66 31.71
C PRO K 67 21.65 58.02 32.74
N GLU K 68 21.31 56.86 33.29
CA GLU K 68 22.17 56.18 34.26
C GLU K 68 23.00 55.06 33.65
N CYS K 69 22.98 54.88 32.33
CA CYS K 69 23.69 53.77 31.70
C CYS K 69 24.92 54.27 30.95
N GLU K 70 26.02 53.52 31.11
CA GLU K 70 27.28 53.78 30.41
C GLU K 70 27.29 53.22 29.00
N SER K 71 27.87 53.97 28.08
CA SER K 71 28.06 53.51 26.72
C SER K 71 29.43 52.84 26.61
N LEU K 72 29.56 51.92 25.66
CA LEU K 72 30.81 51.18 25.49
C LEU K 72 31.78 51.88 24.54
N ARG K 76 32.29 46.66 19.59
CA ARG K 76 32.34 45.61 20.62
C ARG K 76 31.52 44.39 20.19
N SER K 77 31.47 43.38 21.06
CA SER K 77 30.74 42.15 20.82
C SER K 77 30.62 41.41 22.14
N TRP K 78 29.63 40.53 22.23
CA TRP K 78 29.45 39.80 23.47
C TRP K 78 28.84 38.43 23.22
N SER K 79 29.16 37.50 24.14
CA SER K 79 28.75 36.11 24.10
C SER K 79 27.43 35.84 24.79
N TYR K 80 27.14 36.60 25.83
CA TYR K 80 25.86 36.56 26.52
C TYR K 80 25.72 37.86 27.29
N ILE K 81 24.52 38.08 27.82
CA ILE K 81 24.21 39.28 28.59
C ILE K 81 23.96 38.88 30.03
N ALA K 82 24.58 39.60 30.96
CA ALA K 82 24.41 39.40 32.38
C ALA K 82 23.97 40.71 33.02
N GLU K 83 22.83 40.68 33.70
CA GLU K 83 22.35 41.83 34.46
C GLU K 83 22.22 41.45 35.93
N THR K 84 22.34 42.44 36.78
CA THR K 84 22.35 42.28 38.22
C THR K 84 20.93 42.14 38.76
N PRO K 85 20.75 41.47 39.90
CA PRO K 85 19.45 41.56 40.59
C PRO K 85 19.09 42.98 41.00
N ASN K 86 20.05 43.91 41.00
CA ASN K 86 19.81 45.32 41.27
C ASN K 86 19.82 46.14 39.99
N SER K 87 19.32 45.60 38.88
CA SER K 87 19.26 46.33 37.60
C SER K 87 17.84 46.85 37.42
N GLU K 88 17.58 48.02 38.00
CA GLU K 88 16.24 48.59 38.04
C GLU K 88 16.07 49.87 37.22
N ASN K 89 17.05 50.24 36.38
CA ASN K 89 16.94 51.45 35.55
C ASN K 89 16.60 51.02 34.13
N GLY K 90 15.34 51.20 33.76
CA GLY K 90 14.88 50.86 32.42
C GLY K 90 14.25 52.02 31.70
N THR K 91 12.93 51.98 31.53
CA THR K 91 12.20 53.07 30.88
C THR K 91 11.84 54.07 31.97
N CYS K 92 12.67 55.10 32.14
CA CYS K 92 12.43 56.10 33.17
C CYS K 92 11.19 56.92 32.91
N TYR K 93 10.76 57.02 31.65
CA TYR K 93 9.44 57.58 31.36
C TYR K 93 8.45 56.45 31.15
N PRO K 94 7.34 56.43 31.90
CA PRO K 94 6.46 55.25 31.89
C PRO K 94 5.86 54.99 30.51
N GLY K 95 5.72 53.71 30.19
CA GLY K 95 5.14 53.31 28.93
C GLY K 95 5.34 51.82 28.70
N ASP K 96 4.87 51.37 27.54
CA ASP K 96 4.99 49.98 27.15
C ASP K 96 6.15 49.82 26.17
N PHE K 97 7.01 48.83 26.43
CA PHE K 97 8.09 48.48 25.53
C PHE K 97 7.58 47.33 24.67
N ALA K 98 7.40 47.59 23.37
CA ALA K 98 6.78 46.62 22.49
C ALA K 98 7.74 45.47 22.22
N ASP K 99 7.24 44.24 22.35
CA ASP K 99 8.00 43.03 22.06
C ASP K 99 9.35 43.07 22.76
N TYR K 100 9.34 43.48 24.03
CA TYR K 100 10.59 43.67 24.77
C TYR K 100 11.31 42.35 24.98
N GLU K 101 10.58 41.32 25.45
CA GLU K 101 11.19 40.01 25.66
C GLU K 101 11.79 39.49 24.36
N GLU K 102 11.15 39.79 23.22
CA GLU K 102 11.70 39.38 21.94
C GLU K 102 13.01 40.12 21.65
N LEU K 103 13.03 41.44 21.90
CA LEU K 103 14.24 42.22 21.67
C LEU K 103 15.40 41.74 22.54
N ARG K 104 15.12 41.32 23.77
CA ARG K 104 16.18 40.82 24.64
C ARG K 104 16.78 39.54 24.08
N GLU K 105 15.95 38.63 23.60
CA GLU K 105 16.44 37.38 23.04
C GLU K 105 17.30 37.61 21.80
N GLN K 106 16.99 38.65 21.02
CA GLN K 106 17.73 38.88 19.78
C GLN K 106 19.02 39.65 20.03
N LEU K 107 19.07 40.45 21.10
CA LEU K 107 20.29 41.14 21.49
C LEU K 107 21.19 40.30 22.38
N SER K 108 20.79 39.05 22.68
CA SER K 108 21.55 38.25 23.63
C SER K 108 22.95 37.93 23.12
N SER K 109 23.12 37.78 21.81
CA SER K 109 24.41 37.46 21.22
C SER K 109 24.61 38.31 19.98
N VAL K 110 25.70 39.07 19.95
CA VAL K 110 26.06 39.88 18.79
C VAL K 110 27.55 39.67 18.50
N SER K 111 27.89 39.71 17.22
CA SER K 111 29.28 39.62 16.79
C SER K 111 29.88 40.96 16.39
N SER K 112 29.03 41.95 16.10
CA SER K 112 29.48 43.31 15.85
C SER K 112 28.41 44.28 16.31
N PHE K 113 28.83 45.45 16.78
CA PHE K 113 27.88 46.38 17.39
C PHE K 113 28.48 47.78 17.39
N GLU K 114 27.97 48.64 16.51
CA GLU K 114 28.40 50.03 16.42
C GLU K 114 27.21 50.92 16.70
N ARG K 115 27.38 51.88 17.60
CA ARG K 115 26.36 52.88 17.87
C ARG K 115 26.67 54.11 17.02
N PHE K 116 25.66 54.57 16.27
CA PHE K 116 25.85 55.66 15.33
C PHE K 116 24.62 56.55 15.31
N GLU K 117 24.86 57.83 15.01
CA GLU K 117 23.81 58.85 14.91
C GLU K 117 22.99 58.58 13.66
N ILE K 118 21.79 58.02 13.84
CA ILE K 118 20.94 57.77 12.68
C ILE K 118 20.33 59.08 12.17
N PHE K 119 19.87 59.93 13.09
CA PHE K 119 19.30 61.23 12.77
C PHE K 119 19.97 62.30 13.63
N PRO K 120 21.07 62.92 13.13
CA PRO K 120 21.80 63.91 13.94
C PRO K 120 20.92 65.03 14.47
N LYS K 121 20.94 65.18 15.79
CA LYS K 121 20.03 66.10 16.48
C LYS K 121 20.16 67.53 15.99
N GLU K 122 21.39 68.00 15.76
CA GLU K 122 21.62 69.42 15.51
C GLU K 122 21.30 69.85 14.08
N ARG K 123 21.11 68.92 13.14
CA ARG K 123 20.90 69.30 11.75
C ARG K 123 19.75 68.58 11.05
N SER K 124 19.07 67.65 11.71
CA SER K 124 18.01 66.88 11.05
C SER K 124 16.63 67.51 11.16
N TRP K 125 16.42 68.41 12.12
CA TRP K 125 15.09 68.94 12.42
C TRP K 125 15.12 70.47 12.38
N PRO K 126 15.16 71.05 11.17
CA PRO K 126 15.29 72.51 11.07
C PRO K 126 14.05 73.27 11.52
N LYS K 127 12.88 72.65 11.54
CA LYS K 127 11.64 73.34 11.88
C LYS K 127 10.96 72.73 13.11
N HIS K 128 11.75 72.20 14.04
CA HIS K 128 11.24 71.68 15.30
C HIS K 128 12.20 72.01 16.43
N ASN K 129 11.70 71.99 17.65
CA ASN K 129 12.51 72.27 18.83
C ASN K 129 13.17 71.01 19.35
N ILE K 130 14.48 71.06 19.58
CA ILE K 130 15.27 69.92 20.01
C ILE K 130 15.74 70.05 21.44
N THR K 131 15.38 71.13 22.14
CA THR K 131 15.89 71.38 23.48
C THR K 131 14.87 71.16 24.59
N ARG K 132 13.58 71.26 24.29
CA ARG K 132 12.57 71.13 25.34
C ARG K 132 12.40 69.69 25.82
N GLY K 133 12.76 68.70 25.02
CA GLY K 133 12.49 67.31 25.37
C GLY K 133 13.27 66.71 26.52
N VAL K 134 13.14 67.29 27.72
CA VAL K 134 13.70 66.73 28.94
C VAL K 134 12.61 66.64 29.99
N THR K 135 12.87 65.84 31.02
CA THR K 135 11.87 65.58 32.05
C THR K 135 12.55 65.12 33.34
N ALA K 136 11.91 65.43 34.46
CA ALA K 136 12.42 65.01 35.76
C ALA K 136 12.35 63.50 35.95
N ALA K 137 11.50 62.80 35.19
CA ALA K 137 11.44 61.35 35.30
C ALA K 137 12.75 60.71 34.84
N CYS K 138 13.39 61.28 33.83
CA CYS K 138 14.70 60.82 33.40
C CYS K 138 15.75 61.85 33.75
N SER K 139 15.87 62.18 35.04
CA SER K 139 16.79 63.22 35.47
C SER K 139 18.16 62.64 35.79
N HIS K 140 19.20 63.37 35.41
CA HIS K 140 20.57 63.00 35.70
C HIS K 140 21.27 64.22 36.32
N ALA K 141 21.97 64.00 37.43
CA ALA K 141 22.73 65.05 38.11
C ALA K 141 21.83 66.22 38.54
N GLY K 142 20.64 65.89 39.02
CA GLY K 142 19.73 66.86 39.60
C GLY K 142 19.00 67.75 38.63
N LYS K 143 19.35 67.74 37.35
CA LYS K 143 18.63 68.46 36.31
C LYS K 143 17.92 67.47 35.39
N SER K 144 16.85 67.95 34.76
CA SER K 144 16.06 67.09 33.89
C SER K 144 16.86 66.71 32.65
N SER K 145 16.68 65.47 32.21
CA SER K 145 17.37 64.95 31.04
C SER K 145 16.39 64.04 30.30
N PHE K 146 16.93 63.14 29.50
CA PHE K 146 16.11 62.26 28.66
C PHE K 146 17.01 61.15 28.13
N TYR K 147 16.41 60.24 27.37
CA TYR K 147 17.18 59.14 26.79
C TYR K 147 18.26 59.68 25.86
N LYS K 148 19.41 59.03 25.89
CA LYS K 148 20.55 59.47 25.10
C LYS K 148 20.44 59.12 23.64
N ASN K 149 19.56 58.16 23.28
CA ASN K 149 19.44 57.69 21.92
C ASN K 149 18.12 58.10 21.27
N LEU K 150 17.29 58.86 21.95
CA LEU K 150 16.04 59.33 21.40
C LEU K 150 15.96 60.85 21.54
N LEU K 151 15.07 61.46 20.77
CA LEU K 151 14.91 62.90 20.79
C LEU K 151 13.42 63.23 20.82
N TRP K 152 13.01 63.98 21.82
CA TRP K 152 11.59 64.32 22.02
C TRP K 152 11.32 65.65 21.33
N LEU K 153 10.88 65.58 20.08
CA LEU K 153 10.60 66.78 19.31
C LEU K 153 9.31 67.44 19.77
N THR K 154 9.31 68.77 19.76
CA THR K 154 8.16 69.56 20.16
C THR K 154 7.97 70.70 19.17
N GLU K 155 6.88 71.45 19.34
CA GLU K 155 6.53 72.52 18.43
C GLU K 155 7.57 73.64 18.47
N THR K 156 7.54 74.50 17.46
CA THR K 156 8.38 75.69 17.44
C THR K 156 7.67 76.80 16.69
N ASN K 157 7.85 78.03 17.17
CA ASN K 157 7.23 79.23 16.60
C ASN K 157 5.70 79.08 16.54
N GLY K 158 5.15 78.24 17.41
CA GLY K 158 3.71 78.03 17.48
C GLY K 158 3.17 76.96 16.57
N SER K 159 4.02 76.10 16.01
CA SER K 159 3.58 75.09 15.07
C SER K 159 4.47 73.86 15.16
N TYR K 160 3.91 72.73 14.72
CA TYR K 160 4.62 71.46 14.61
C TYR K 160 4.29 70.92 13.22
N PRO K 161 5.05 71.32 12.21
CA PRO K 161 4.74 70.88 10.84
C PRO K 161 5.00 69.40 10.65
N LYS K 162 4.33 68.83 9.65
CA LYS K 162 4.50 67.42 9.34
C LYS K 162 5.93 67.17 8.85
N LEU K 163 6.57 66.16 9.42
CA LEU K 163 7.94 65.82 9.06
C LEU K 163 7.98 64.48 8.34
N SER K 164 9.03 64.30 7.53
CA SER K 164 9.26 63.04 6.83
C SER K 164 10.77 62.87 6.75
N LYS K 165 11.34 62.12 7.70
CA LYS K 165 12.77 61.90 7.77
C LYS K 165 13.05 60.44 7.45
N SER K 166 13.99 60.19 6.55
CA SER K 166 14.31 58.85 6.09
C SER K 166 15.77 58.50 6.37
N TYR K 167 16.02 57.22 6.59
CA TYR K 167 17.37 56.68 6.72
C TYR K 167 17.50 55.47 5.82
N VAL K 168 18.57 55.44 5.03
CA VAL K 168 18.89 54.29 4.20
C VAL K 168 20.02 53.52 4.87
N ASN K 169 19.85 52.21 4.99
CA ASN K 169 20.83 51.35 5.65
C ASN K 169 21.98 51.09 4.69
N ASN K 170 22.93 52.04 4.66
CA ASN K 170 24.14 51.84 3.89
C ASN K 170 25.16 50.96 4.61
N LYS K 171 24.89 50.59 5.86
CA LYS K 171 25.70 49.57 6.51
C LYS K 171 25.40 48.23 5.86
N GLU K 172 26.33 47.29 6.01
CA GLU K 172 26.15 45.95 5.46
C GLU K 172 25.63 44.96 6.49
N LYS K 173 24.88 45.44 7.47
CA LYS K 173 24.33 44.57 8.50
C LYS K 173 22.99 45.17 8.95
N GLU K 174 22.32 44.47 9.85
CA GLU K 174 21.05 44.95 10.38
C GLU K 174 21.24 46.23 11.17
N VAL K 175 20.20 47.05 11.24
CA VAL K 175 20.20 48.29 12.01
C VAL K 175 18.98 48.27 12.92
N LEU K 176 19.23 48.13 14.23
CA LEU K 176 18.16 48.23 15.21
C LEU K 176 17.81 49.70 15.41
N VAL K 177 16.58 50.07 15.06
CA VAL K 177 16.10 51.44 15.22
C VAL K 177 15.03 51.45 16.30
N LEU K 178 15.18 52.33 17.28
CA LEU K 178 14.18 52.47 18.33
C LEU K 178 13.59 53.87 18.26
N TRP K 179 12.31 53.96 18.64
CA TRP K 179 11.61 55.25 18.64
C TRP K 179 10.48 55.15 19.64
N GLY K 180 9.84 56.30 19.89
CA GLY K 180 8.77 56.34 20.86
C GLY K 180 7.59 57.14 20.34
N VAL K 181 6.43 56.88 20.95
CA VAL K 181 5.21 57.64 20.72
C VAL K 181 4.73 58.16 22.07
N HIS K 182 4.52 59.47 22.14
CA HIS K 182 4.16 60.14 23.40
C HIS K 182 2.64 60.27 23.49
N HIS K 183 2.10 59.91 24.65
CA HIS K 183 0.66 60.01 24.91
C HIS K 183 0.44 60.96 26.07
N PRO K 184 0.02 62.19 25.81
CA PRO K 184 -0.11 63.17 26.88
C PRO K 184 -1.19 62.79 27.89
N SER K 185 -1.18 63.50 29.02
CA SER K 185 -2.12 63.23 30.09
C SER K 185 -3.45 63.94 29.88
N ASN K 186 -3.43 65.08 29.18
CA ASN K 186 -4.63 65.87 28.94
C ASN K 186 -4.52 66.55 27.59
N ILE K 187 -5.66 67.03 27.09
CA ILE K 187 -5.68 67.66 25.78
C ILE K 187 -4.91 68.97 25.80
N GLU K 188 -4.79 69.60 26.97
CA GLU K 188 -4.04 70.86 27.06
C GLU K 188 -2.55 70.62 26.83
N ASP K 189 -1.99 69.56 27.42
CA ASP K 189 -0.59 69.24 27.20
C ASP K 189 -0.33 68.85 25.75
N GLN K 190 -1.31 68.24 25.08
CA GLN K 190 -1.15 67.91 23.67
C GLN K 190 -1.08 69.17 22.82
N LYS K 191 -1.94 70.15 23.09
CA LYS K 191 -1.92 71.39 22.32
C LYS K 191 -0.67 72.19 22.62
N THR K 192 -0.22 72.19 23.87
CA THR K 192 0.98 72.93 24.24
C THR K 192 2.20 72.39 23.51
N LEU K 193 2.34 71.07 23.46
CA LEU K 193 3.57 70.47 22.95
C LEU K 193 3.56 70.33 21.43
N TYR K 194 2.40 70.13 20.81
CA TYR K 194 2.36 69.81 19.39
C TYR K 194 1.41 70.67 18.57
N ARG K 195 0.68 71.60 19.20
CA ARG K 195 -0.12 72.61 18.50
C ARG K 195 -1.11 72.00 17.50
N LYS K 196 -1.58 70.80 17.81
CA LYS K 196 -2.70 70.18 17.12
C LYS K 196 -3.29 69.15 18.07
N GLU K 197 -4.61 68.97 17.97
CA GLU K 197 -5.28 68.01 18.85
C GLU K 197 -5.12 66.57 18.37
N ASN K 198 -5.28 66.34 17.07
CA ASN K 198 -5.23 65.00 16.49
C ASN K 198 -3.98 64.89 15.63
N ALA K 199 -2.97 64.19 16.14
CA ALA K 199 -1.74 63.93 15.42
C ALA K 199 -1.61 62.43 15.13
N TYR K 200 -0.58 62.08 14.37
CA TYR K 200 -0.35 60.68 14.03
C TYR K 200 1.14 60.47 13.76
N VAL K 201 1.60 59.25 14.03
CA VAL K 201 2.96 58.83 13.71
C VAL K 201 2.88 57.60 12.81
N SER K 202 3.64 57.62 11.73
CA SER K 202 3.69 56.52 10.76
C SER K 202 5.15 56.17 10.50
N VAL K 203 5.52 54.95 10.82
CA VAL K 203 6.87 54.43 10.54
C VAL K 203 6.70 53.26 9.59
N VAL K 204 7.39 53.32 8.45
CA VAL K 204 7.24 52.29 7.42
C VAL K 204 8.61 51.93 6.85
N SER K 205 8.73 50.68 6.44
CA SER K 205 9.89 50.21 5.69
C SER K 205 9.38 49.20 4.67
N SER K 206 10.26 48.30 4.24
CA SER K 206 9.82 47.26 3.32
C SER K 206 9.10 46.13 4.04
N ASN K 207 9.42 45.89 5.31
CA ASN K 207 8.78 44.85 6.09
C ASN K 207 8.00 45.36 7.29
N TYR K 208 8.11 46.64 7.63
CA TYR K 208 7.40 47.23 8.77
C TYR K 208 6.38 48.23 8.24
N ASN K 209 5.17 48.19 8.79
CA ASN K 209 4.07 49.03 8.31
C ASN K 209 3.15 49.27 9.51
N ARG K 210 3.31 50.43 10.16
CA ARG K 210 2.51 50.71 11.34
C ARG K 210 2.24 52.21 11.49
N ARG K 211 1.00 52.55 11.84
CA ARG K 211 0.56 53.91 12.14
C ARG K 211 0.14 54.01 13.60
N PHE K 212 0.55 55.08 14.28
CA PHE K 212 0.30 55.29 15.70
C PHE K 212 -0.58 56.51 15.95
N THR K 213 -1.66 56.33 16.69
CA THR K 213 -2.54 57.41 17.11
C THR K 213 -2.41 57.64 18.61
N PRO K 214 -2.08 58.85 19.06
CA PRO K 214 -1.94 59.09 20.50
C PRO K 214 -3.28 59.00 21.22
N GLU K 215 -3.27 58.32 22.37
CA GLU K 215 -4.45 58.18 23.21
C GLU K 215 -4.24 59.04 24.45
N ILE K 216 -5.06 60.09 24.59
CA ILE K 216 -4.92 61.07 25.66
C ILE K 216 -5.96 60.74 26.74
N ALA K 217 -5.51 60.56 27.97
CA ALA K 217 -6.42 60.28 29.07
C ALA K 217 -5.67 60.46 30.38
N GLU K 218 -6.41 60.81 31.42
CA GLU K 218 -5.82 60.96 32.74
C GLU K 218 -5.52 59.59 33.34
N ARG K 219 -4.25 59.36 33.67
CA ARG K 219 -3.76 58.11 34.22
C ARG K 219 -3.07 58.36 35.55
N PRO K 220 -2.91 57.32 36.36
CA PRO K 220 -2.11 57.47 37.59
C PRO K 220 -0.68 57.85 37.25
N LYS K 221 -0.07 58.60 38.15
CA LYS K 221 1.30 59.08 37.94
C LYS K 221 2.30 57.96 38.21
N VAL K 222 3.19 57.73 37.25
CA VAL K 222 4.30 56.80 37.40
C VAL K 222 5.58 57.59 37.19
N ARG K 223 6.53 57.47 38.12
CA ARG K 223 7.72 58.32 38.15
C ARG K 223 7.33 59.79 38.02
N GLY K 224 6.25 60.17 38.68
CA GLY K 224 5.75 61.53 38.62
C GLY K 224 5.05 61.91 37.34
N GLN K 225 4.95 61.02 36.36
CA GLN K 225 4.37 61.33 35.06
C GLN K 225 3.01 60.66 34.93
N ALA K 226 1.98 61.46 34.61
CA ALA K 226 0.66 60.94 34.31
C ALA K 226 0.51 60.57 32.83
N GLY K 227 1.38 61.10 31.98
CA GLY K 227 1.43 60.68 30.59
C GLY K 227 2.29 59.46 30.41
N ARG K 228 2.23 58.89 29.21
CA ARG K 228 3.01 57.70 28.90
C ARG K 228 3.76 57.88 27.59
N MET K 229 4.83 57.10 27.45
CA MET K 229 5.60 57.02 26.22
C MET K 229 5.81 55.56 25.87
N ASN K 230 5.23 55.11 24.76
CA ASN K 230 5.43 53.75 24.30
C ASN K 230 6.63 53.67 23.38
N TYR K 231 7.38 52.58 23.50
CA TYR K 231 8.62 52.40 22.75
C TYR K 231 8.46 51.25 21.76
N TYR K 232 8.96 51.48 20.54
CA TYR K 232 8.84 50.52 19.46
C TYR K 232 10.19 50.43 18.75
N TRP K 233 10.41 49.29 18.09
CA TRP K 233 11.67 49.07 17.40
C TRP K 233 11.43 48.21 16.17
N THR K 234 12.45 48.18 15.30
CA THR K 234 12.44 47.34 14.12
C THR K 234 13.86 47.13 13.64
N LEU K 235 14.11 45.95 13.06
CA LEU K 235 15.40 45.62 12.47
C LEU K 235 15.35 45.95 10.99
N LEU K 236 16.15 46.92 10.57
CA LEU K 236 16.16 47.40 9.19
C LEU K 236 17.18 46.61 8.40
N GLU K 237 16.73 45.95 7.34
CA GLU K 237 17.59 45.09 6.56
C GLU K 237 18.57 45.92 5.73
N PRO K 238 19.71 45.34 5.36
CA PRO K 238 20.68 46.08 4.53
C PRO K 238 20.05 46.55 3.23
N GLY K 239 20.23 47.83 2.93
CA GLY K 239 19.68 48.42 1.73
C GLY K 239 18.25 48.92 1.85
N ASP K 240 17.56 48.59 2.93
CA ASP K 240 16.17 48.98 3.08
C ASP K 240 16.09 50.40 3.63
N THR K 241 14.94 51.03 3.40
CA THR K 241 14.69 52.40 3.83
C THR K 241 13.60 52.41 4.89
N ILE K 242 13.83 53.16 5.95
CA ILE K 242 12.80 53.42 6.95
C ILE K 242 12.46 54.91 6.87
N ILE K 243 11.16 55.22 6.92
CA ILE K 243 10.70 56.59 6.77
C ILE K 243 9.83 56.92 7.98
N PHE K 244 10.19 57.98 8.68
CA PHE K 244 9.39 58.47 9.80
C PHE K 244 8.56 59.64 9.29
N GLU K 245 7.24 59.53 9.43
CA GLU K 245 6.32 60.59 9.08
C GLU K 245 5.44 60.86 10.28
N ALA K 246 5.41 62.11 10.73
CA ALA K 246 4.78 62.40 12.00
C ALA K 246 4.09 63.75 11.96
N ASN K 247 2.96 63.82 12.65
CA ASN K 247 2.21 65.05 12.88
C ASN K 247 2.52 65.64 14.24
N GLY K 248 3.17 64.87 15.10
CA GLY K 248 3.39 65.20 16.49
C GLY K 248 3.58 63.93 17.29
N ASN K 249 3.93 64.12 18.56
CA ASN K 249 4.08 63.03 19.53
C ASN K 249 5.19 62.05 19.17
N LEU K 250 6.07 62.39 18.23
CA LEU K 250 7.17 61.50 17.84
C LEU K 250 8.39 61.75 18.72
N ILE K 251 8.84 60.70 19.41
CA ILE K 251 10.16 60.69 20.04
C ILE K 251 11.09 60.05 19.02
N ALA K 252 11.68 60.89 18.17
CA ALA K 252 12.38 60.41 16.99
C ALA K 252 13.68 59.70 17.39
N PRO K 253 14.10 58.70 16.61
CA PRO K 253 15.41 58.10 16.85
C PRO K 253 16.50 59.13 16.66
N TRP K 254 17.50 59.07 17.53
CA TRP K 254 18.70 59.88 17.46
C TRP K 254 19.93 59.04 17.19
N TYR K 255 20.09 57.94 17.92
CA TYR K 255 21.10 56.94 17.63
C TYR K 255 20.42 55.62 17.31
N ALA K 256 21.04 54.86 16.42
CA ALA K 256 20.60 53.51 16.13
C ALA K 256 21.80 52.60 16.30
N PHE K 257 21.65 51.32 15.96
CA PHE K 257 22.70 50.34 16.21
C PHE K 257 22.88 49.46 14.99
N ALA K 258 24.05 49.54 14.38
CA ALA K 258 24.43 48.58 13.35
C ALA K 258 24.98 47.35 14.04
N LEU K 259 24.35 46.20 13.79
CA LEU K 259 24.67 45.00 14.56
C LEU K 259 24.60 43.77 13.68
N SER K 260 25.28 42.72 14.12
CA SER K 260 25.22 41.40 13.51
C SER K 260 24.86 40.39 14.60
N ARG K 261 23.65 39.82 14.52
CA ARG K 261 23.23 38.85 15.52
C ARG K 261 23.93 37.52 15.30
N GLY K 262 24.14 36.79 16.40
CA GLY K 262 24.82 35.52 16.39
C GLY K 262 23.89 34.36 16.74
N PHE K 263 24.47 33.16 16.68
CA PHE K 263 23.78 31.95 17.11
C PHE K 263 23.24 32.12 18.53
N GLY K 264 21.92 32.01 18.66
CA GLY K 264 21.20 32.34 19.88
C GLY K 264 21.85 32.01 21.22
N SER K 265 22.01 33.04 22.04
CA SER K 265 22.47 32.92 23.41
C SER K 265 21.32 33.28 24.35
N GLY K 266 21.63 33.84 25.50
CA GLY K 266 20.59 34.20 26.45
C GLY K 266 21.11 35.17 27.48
N ILE K 267 20.29 35.38 28.51
CA ILE K 267 20.61 36.31 29.59
C ILE K 267 20.54 35.55 30.91
N ILE K 268 21.56 35.69 31.73
CA ILE K 268 21.58 35.18 33.09
C ILE K 268 21.62 36.36 34.04
N THR K 269 20.93 36.22 35.17
CA THR K 269 20.94 37.22 36.22
C THR K 269 21.88 36.76 37.33
N SER K 270 22.88 37.58 37.63
CA SER K 270 23.96 37.15 38.52
C SER K 270 24.48 38.34 39.32
N ASN K 271 24.58 38.16 40.63
CA ASN K 271 25.32 39.11 41.47
C ASN K 271 26.82 38.83 41.48
N ALA K 272 27.27 37.81 40.77
CA ALA K 272 28.68 37.44 40.74
C ALA K 272 29.47 38.39 39.84
N SER K 273 30.77 38.47 40.12
CA SER K 273 31.68 39.40 39.47
C SER K 273 32.40 38.75 38.30
N MET K 274 32.98 39.60 37.45
CA MET K 274 33.70 39.16 36.27
C MET K 274 35.16 38.82 36.58
N ASP K 275 35.66 37.76 35.95
CA ASP K 275 37.05 37.34 36.07
C ASP K 275 37.63 37.04 34.69
N GLU K 276 38.95 37.00 34.62
CA GLU K 276 39.67 36.72 33.37
C GLU K 276 39.80 35.21 33.17
N CYS K 277 38.68 34.57 32.85
CA CYS K 277 38.62 33.13 32.67
C CYS K 277 37.84 32.77 31.41
N ASP K 278 38.07 31.55 30.92
CA ASP K 278 37.33 30.96 29.82
C ASP K 278 36.59 29.72 30.31
N THR K 279 35.32 29.59 29.88
CA THR K 279 34.53 28.42 30.21
C THR K 279 33.75 27.98 28.97
N LYS K 280 33.25 26.75 29.04
CA LYS K 280 32.34 26.23 28.03
C LYS K 280 30.91 26.17 28.54
N CYS K 281 30.68 26.54 29.79
CA CYS K 281 29.34 26.51 30.39
C CYS K 281 29.27 27.55 31.48
N GLN K 282 28.30 28.46 31.38
CA GLN K 282 28.11 29.51 32.36
C GLN K 282 26.76 29.34 33.05
N THR K 283 26.80 29.32 34.37
CA THR K 283 25.72 29.26 35.35
C THR K 283 25.56 30.63 36.01
N PRO K 284 24.34 31.02 36.39
CA PRO K 284 24.17 32.31 37.07
C PRO K 284 25.05 32.49 38.30
N GLN K 285 25.40 31.40 39.00
CA GLN K 285 26.26 31.55 40.16
C GLN K 285 27.73 31.63 39.77
N GLY K 286 28.10 31.04 38.65
CA GLY K 286 29.49 31.05 38.20
C GLY K 286 29.69 30.01 37.11
N ALA K 287 30.91 29.97 36.60
CA ALA K 287 31.24 29.02 35.55
C ALA K 287 31.56 27.65 36.14
N ILE K 288 31.27 26.61 35.36
CA ILE K 288 31.48 25.23 35.79
C ILE K 288 32.26 24.50 34.71
N ASN K 289 33.01 23.48 35.14
CA ASN K 289 33.70 22.61 34.21
C ASN K 289 32.69 21.73 33.47
N SER K 290 32.87 21.61 32.16
CA SER K 290 31.95 20.88 31.31
C SER K 290 32.46 19.48 30.94
N SER K 291 33.42 18.95 31.72
CA SER K 291 34.00 17.65 31.40
C SER K 291 33.09 16.50 31.82
N LEU K 292 32.49 16.59 33.00
CA LEU K 292 31.61 15.53 33.46
C LEU K 292 30.25 15.63 32.78
N PRO K 293 29.52 14.50 32.67
CA PRO K 293 28.24 14.54 31.94
C PRO K 293 27.07 15.15 32.71
N PHE K 294 27.17 15.31 34.02
CA PHE K 294 26.06 15.82 34.81
C PHE K 294 26.54 16.87 35.79
N GLN K 295 25.66 17.83 36.09
CA GLN K 295 25.91 18.86 37.09
C GLN K 295 24.63 19.11 37.87
N ASN K 296 24.78 19.58 39.11
CA ASN K 296 23.63 19.93 39.93
C ASN K 296 23.70 21.38 40.40
N ILE K 297 24.43 22.23 39.69
CA ILE K 297 24.63 23.61 40.12
C ILE K 297 23.38 24.44 39.89
N HIS K 298 22.88 24.45 38.66
CA HIS K 298 21.71 25.26 38.32
C HIS K 298 21.10 24.70 37.04
N PRO K 299 19.78 24.68 36.91
CA PRO K 299 19.17 24.16 35.68
C PRO K 299 19.26 25.13 34.51
N VAL K 300 19.36 26.42 34.80
CA VAL K 300 19.39 27.46 33.78
C VAL K 300 20.84 27.80 33.52
N THR K 301 21.41 27.24 32.46
CA THR K 301 22.79 27.46 32.08
C THR K 301 22.85 27.97 30.64
N ILE K 302 24.04 28.44 30.25
CA ILE K 302 24.30 28.87 28.88
C ILE K 302 25.63 28.25 28.44
N GLY K 303 25.61 27.58 27.29
CA GLY K 303 26.80 27.02 26.70
C GLY K 303 26.63 25.56 26.40
N GLU K 304 27.76 24.88 26.21
CA GLU K 304 27.79 23.43 25.97
C GLU K 304 27.90 22.78 27.34
N CYS K 305 26.74 22.52 27.93
CA CYS K 305 26.69 22.25 29.36
C CYS K 305 26.32 20.80 29.66
N PRO K 306 26.83 20.24 30.76
CA PRO K 306 26.31 18.95 31.23
C PRO K 306 24.88 19.08 31.71
N LYS K 307 24.11 17.99 31.54
CA LYS K 307 22.70 18.01 31.91
C LYS K 307 22.52 18.20 33.41
N TYR K 308 21.52 19.01 33.76
CA TYR K 308 21.24 19.30 35.15
C TYR K 308 20.44 18.16 35.76
N VAL K 309 20.87 17.70 36.93
CA VAL K 309 20.18 16.64 37.65
C VAL K 309 19.98 17.09 39.09
N LYS K 310 18.92 16.59 39.71
CA LYS K 310 18.65 16.87 41.11
C LYS K 310 19.47 16.00 42.04
N SER K 311 20.43 15.26 41.51
CA SER K 311 21.21 14.30 42.29
C SER K 311 22.27 15.01 43.12
N THR K 312 22.71 14.33 44.18
CA THR K 312 23.78 14.84 45.03
C THR K 312 25.05 14.02 44.97
N LYS K 313 24.97 12.75 44.56
CA LYS K 313 26.15 11.90 44.48
C LYS K 313 26.01 10.94 43.31
N LEU K 314 27.00 10.95 42.41
CA LEU K 314 27.04 10.07 41.24
C LEU K 314 28.50 9.67 41.03
N ARG K 315 28.87 8.50 41.54
CA ARG K 315 30.20 7.94 41.36
C ARG K 315 30.14 6.50 40.86
N MET K 316 31.01 6.18 39.92
CA MET K 316 31.13 4.82 39.39
C MET K 316 32.32 4.15 40.06
N VAL K 317 32.12 2.91 40.53
CA VAL K 317 33.23 2.16 41.07
C VAL K 317 34.11 1.68 39.92
N THR K 318 35.43 1.84 40.08
CA THR K 318 36.38 1.26 39.15
C THR K 318 37.13 0.08 39.73
N GLY K 319 37.45 0.12 41.01
CA GLY K 319 38.14 -0.97 41.69
C GLY K 319 37.18 -2.00 42.25
N LEU K 320 37.61 -2.65 43.32
CA LEU K 320 36.88 -3.75 43.93
C LEU K 320 36.24 -3.29 45.24
N ARG K 321 35.51 -4.21 45.88
CA ARG K 321 35.11 -4.00 47.27
C ARG K 321 36.37 -3.97 48.12
N ASN K 322 36.51 -2.94 48.95
CA ASN K 322 37.66 -2.83 49.82
C ASN K 322 37.39 -3.65 51.08
N ILE K 323 38.04 -4.80 51.17
CA ILE K 323 37.85 -5.71 52.30
C ILE K 323 39.20 -6.00 52.95
N PRO K 324 39.74 -5.09 53.77
CA PRO K 324 41.01 -5.35 54.47
C PRO K 324 40.79 -6.01 55.83
N GLY L 1 30.48 -12.29 45.16
CA GLY L 1 29.07 -11.95 45.17
C GLY L 1 28.28 -12.72 44.13
N LEU L 2 28.29 -12.23 42.89
CA LEU L 2 27.53 -12.89 41.83
C LEU L 2 28.26 -14.12 41.30
N PHE L 3 29.58 -14.11 41.32
CA PHE L 3 30.37 -15.27 40.97
C PHE L 3 30.94 -15.96 42.19
N GLY L 4 30.60 -15.49 43.39
CA GLY L 4 30.85 -16.20 44.63
C GLY L 4 32.28 -16.19 45.11
N ALA L 5 33.17 -15.42 44.49
CA ALA L 5 34.58 -15.44 44.84
C ALA L 5 34.97 -14.35 45.83
N ILE L 6 34.63 -13.10 45.53
CA ILE L 6 35.11 -11.98 46.36
C ILE L 6 34.33 -11.88 47.66
N ALA L 7 33.02 -11.64 47.56
CA ALA L 7 32.19 -11.70 48.76
C ALA L 7 32.01 -13.12 49.29
N GLY L 8 32.62 -14.11 48.64
CA GLY L 8 32.37 -15.50 48.97
C GLY L 8 33.55 -16.24 49.57
N PHE L 9 34.01 -17.30 48.90
CA PHE L 9 34.98 -18.20 49.49
C PHE L 9 36.36 -17.58 49.65
N ILE L 10 36.61 -16.42 49.04
CA ILE L 10 37.83 -15.65 49.31
C ILE L 10 37.39 -14.49 50.20
N GLU L 11 37.50 -14.71 51.51
CA GLU L 11 36.77 -13.88 52.47
C GLU L 11 37.22 -12.43 52.48
N GLY L 12 38.46 -12.14 52.07
CA GLY L 12 38.96 -10.78 52.21
C GLY L 12 39.99 -10.42 51.16
N GLY L 13 40.39 -9.15 51.19
CA GLY L 13 41.36 -8.61 50.27
C GLY L 13 42.76 -8.60 50.84
N TRP L 14 43.73 -8.34 49.96
CA TRP L 14 45.15 -8.35 50.30
C TRP L 14 45.67 -6.92 50.22
N THR L 15 45.84 -6.28 51.38
CA THR L 15 46.52 -5.00 51.41
C THR L 15 48.00 -5.13 51.06
N GLY L 16 48.57 -6.33 51.18
CA GLY L 16 49.97 -6.55 50.86
C GLY L 16 50.29 -6.56 49.38
N MET L 17 49.29 -6.77 48.53
CA MET L 17 49.49 -6.79 47.08
C MET L 17 49.24 -5.39 46.53
N ILE L 18 50.32 -4.60 46.43
CA ILE L 18 50.22 -3.26 45.88
C ILE L 18 50.48 -3.20 44.38
N ASP L 19 50.85 -4.33 43.76
CA ASP L 19 51.29 -4.32 42.37
C ASP L 19 50.12 -4.29 41.39
N GLY L 20 48.96 -4.81 41.76
CA GLY L 20 47.86 -4.86 40.82
C GLY L 20 46.55 -5.21 41.51
N TRP L 21 45.55 -5.54 40.68
CA TRP L 21 44.20 -5.81 41.16
C TRP L 21 44.00 -7.26 41.60
N TYR L 22 44.50 -8.22 40.83
CA TYR L 22 44.41 -9.64 41.19
C TYR L 22 45.80 -10.27 41.15
N GLY L 23 46.01 -11.26 41.99
CA GLY L 23 47.30 -11.90 42.02
C GLY L 23 47.36 -13.13 42.91
N TYR L 24 48.58 -13.50 43.28
CA TYR L 24 48.87 -14.73 44.00
C TYR L 24 49.61 -14.44 45.29
N HIS L 25 49.51 -15.39 46.22
CA HIS L 25 50.35 -15.43 47.41
C HIS L 25 50.93 -16.84 47.51
N HIS L 26 52.23 -16.95 47.32
CA HIS L 26 52.92 -18.23 47.34
C HIS L 26 53.66 -18.42 48.66
N GLN L 27 53.90 -19.69 49.00
CA GLN L 27 54.63 -20.05 50.20
C GLN L 27 55.46 -21.30 49.89
N ASN L 28 56.77 -21.14 49.85
CA ASN L 28 57.70 -22.25 49.65
C ASN L 28 58.83 -22.15 50.67
N GLU L 29 59.73 -23.13 50.64
CA GLU L 29 60.86 -23.13 51.56
C GLU L 29 61.82 -21.98 51.31
N GLN L 30 61.76 -21.36 50.14
CA GLN L 30 62.65 -20.25 49.81
C GLN L 30 62.14 -18.91 50.33
N GLY L 31 60.86 -18.79 50.62
CA GLY L 31 60.32 -17.55 51.13
C GLY L 31 58.84 -17.44 50.82
N SER L 32 58.33 -16.22 50.99
CA SER L 32 56.93 -15.93 50.72
C SER L 32 56.80 -14.46 50.34
N GLY L 33 55.84 -14.17 49.48
CA GLY L 33 55.59 -12.81 49.06
C GLY L 33 54.40 -12.73 48.13
N TYR L 34 53.95 -11.51 47.90
CA TYR L 34 52.85 -11.22 47.01
C TYR L 34 53.34 -10.78 45.64
N ALA L 35 52.63 -11.24 44.61
CA ALA L 35 52.90 -10.85 43.23
C ALA L 35 51.56 -10.71 42.52
N ALA L 36 51.42 -9.66 41.73
CA ALA L 36 50.19 -9.41 40.99
C ALA L 36 50.22 -10.11 39.64
N ASP L 37 49.04 -10.54 39.19
CA ASP L 37 48.88 -11.18 37.89
C ASP L 37 48.61 -10.10 36.85
N GLN L 38 49.67 -9.65 36.16
CA GLN L 38 49.53 -8.52 35.26
C GLN L 38 48.66 -8.82 34.04
N LYS L 39 48.51 -10.10 33.67
CA LYS L 39 47.61 -10.45 32.58
C LYS L 39 46.17 -10.11 32.93
N SER L 40 45.74 -10.46 34.15
CA SER L 40 44.36 -10.21 34.56
C SER L 40 44.10 -8.74 34.87
N THR L 41 45.03 -8.09 35.57
CA THR L 41 44.79 -6.71 36.00
C THR L 41 44.74 -5.75 34.82
N GLN L 42 45.57 -5.99 33.80
CA GLN L 42 45.56 -5.09 32.64
C GLN L 42 44.28 -5.26 31.82
N ASN L 43 43.82 -6.50 31.64
CA ASN L 43 42.58 -6.71 30.88
C ASN L 43 41.40 -6.05 31.56
N ALA L 44 41.42 -5.97 32.90
CA ALA L 44 40.38 -5.28 33.63
C ALA L 44 40.58 -3.77 33.61
N ILE L 45 41.83 -3.32 33.71
CA ILE L 45 42.13 -1.89 33.64
C ILE L 45 41.69 -1.32 32.30
N ASN L 46 41.83 -2.11 31.22
CA ASN L 46 41.41 -1.64 29.90
C ASN L 46 39.88 -1.55 29.80
N GLY L 47 39.19 -2.60 30.23
CA GLY L 47 37.74 -2.62 30.09
C GLY L 47 37.06 -1.57 30.94
N ILE L 48 37.51 -1.41 32.19
CA ILE L 48 36.92 -0.43 33.08
C ILE L 48 37.12 0.98 32.53
N THR L 49 38.32 1.25 32.00
CA THR L 49 38.58 2.55 31.40
C THR L 49 37.69 2.79 30.19
N ASN L 50 37.48 1.77 29.37
CA ASN L 50 36.57 1.89 28.25
C ASN L 50 35.12 2.04 28.74
N LYS L 51 34.79 1.42 29.87
CA LYS L 51 33.46 1.57 30.44
C LYS L 51 33.24 2.98 30.94
N VAL L 52 34.21 3.52 31.69
CA VAL L 52 34.08 4.87 32.23
C VAL L 52 34.08 5.91 31.12
N ASN L 53 34.91 5.72 30.10
CA ASN L 53 34.93 6.68 29.00
C ASN L 53 33.63 6.63 28.20
N SER L 54 33.00 5.47 28.11
CA SER L 54 31.72 5.38 27.42
C SER L 54 30.63 6.16 28.13
N VAL L 55 30.63 6.14 29.47
CA VAL L 55 29.63 6.89 30.21
C VAL L 55 29.90 8.38 30.09
N ILE L 56 31.17 8.79 30.16
CA ILE L 56 31.47 10.21 30.21
C ILE L 56 31.42 10.82 28.81
N GLU L 57 32.10 10.21 27.85
CA GLU L 57 32.32 10.84 26.56
C GLU L 57 31.17 10.67 25.58
N LYS L 58 30.27 9.71 25.81
CA LYS L 58 29.12 9.59 24.90
C LYS L 58 28.09 10.68 25.13
N MET L 59 28.33 11.62 26.05
CA MET L 59 27.41 12.73 26.31
C MET L 59 27.70 13.84 25.31
N ASN L 60 27.07 13.75 24.14
CA ASN L 60 27.17 14.80 23.12
C ASN L 60 26.19 15.91 23.42
N THR L 61 26.69 17.10 23.71
CA THR L 61 25.86 18.26 24.03
C THR L 61 26.21 19.41 23.10
N GLN L 62 25.19 20.03 22.53
CA GLN L 62 25.36 21.20 21.67
C GLN L 62 25.23 22.47 22.48
N PHE L 63 25.49 23.61 21.82
CA PHE L 63 25.37 24.89 22.50
C PHE L 63 23.90 25.24 22.73
N THR L 64 23.59 25.63 23.96
CA THR L 64 22.21 25.94 24.33
C THR L 64 22.20 26.97 25.46
N ALA L 65 21.28 27.93 25.35
CA ALA L 65 20.94 28.84 26.43
C ALA L 65 19.57 28.43 26.97
N VAL L 66 19.56 27.80 28.15
CA VAL L 66 18.35 27.20 28.67
C VAL L 66 17.27 28.24 28.94
N GLY L 67 17.66 29.39 29.51
CA GLY L 67 16.67 30.32 30.01
C GLY L 67 15.86 30.96 28.90
N LYS L 68 14.56 31.10 29.15
CA LYS L 68 13.65 31.83 28.27
C LYS L 68 12.80 32.77 29.12
N GLU L 69 12.53 33.95 28.59
CA GLU L 69 11.84 35.01 29.31
C GLU L 69 10.46 35.24 28.71
N PHE L 70 9.45 35.39 29.57
CA PHE L 70 8.09 35.61 29.14
C PHE L 70 7.47 36.73 29.98
N ASN L 71 6.40 37.33 29.46
CA ASN L 71 5.76 38.45 30.12
C ASN L 71 4.45 37.99 30.77
N LYS L 72 3.73 38.96 31.36
CA LYS L 72 2.56 38.66 32.18
C LYS L 72 1.46 37.97 31.38
N LEU L 73 1.39 38.20 30.06
CA LEU L 73 0.38 37.57 29.23
C LEU L 73 0.91 36.35 28.49
N GLU L 74 1.99 35.74 28.99
CA GLU L 74 2.57 34.56 28.38
C GLU L 74 2.85 33.48 29.42
N LYS L 75 2.03 33.43 30.48
CA LYS L 75 2.27 32.47 31.55
C LYS L 75 2.20 31.04 31.06
N ARG L 76 1.30 30.75 30.11
CA ARG L 76 1.23 29.40 29.55
C ARG L 76 2.55 29.02 28.88
N MET L 77 3.12 29.94 28.10
CA MET L 77 4.44 29.71 27.52
C MET L 77 5.48 29.52 28.60
N GLU L 78 5.35 30.25 29.72
CA GLU L 78 6.26 30.07 30.85
C GLU L 78 6.10 28.68 31.46
N ASN L 79 4.85 28.24 31.64
CA ASN L 79 4.61 26.92 32.22
C ASN L 79 4.97 25.82 31.23
N LEU L 80 4.76 26.06 29.94
CA LEU L 80 5.22 25.11 28.93
C LEU L 80 6.74 24.98 28.97
N ASN L 81 7.44 26.09 29.20
CA ASN L 81 8.89 26.03 29.35
C ASN L 81 9.28 25.27 30.61
N LYS L 82 8.59 25.51 31.72
CA LYS L 82 8.88 24.77 32.95
C LYS L 82 8.65 23.28 32.76
N LYS L 83 7.63 22.92 31.98
CA LYS L 83 7.34 21.52 31.71
C LYS L 83 8.49 20.86 30.94
N VAL L 84 9.10 21.60 30.02
CA VAL L 84 10.22 21.07 29.26
C VAL L 84 11.45 20.88 30.15
N ASP L 85 11.74 21.86 31.01
CA ASP L 85 12.90 21.76 31.89
C ASP L 85 12.73 20.66 32.94
N ASP L 86 11.61 20.69 33.67
CA ASP L 86 11.39 19.67 34.70
C ASP L 86 11.23 18.28 34.12
N GLY L 87 10.73 18.18 32.89
CA GLY L 87 10.65 16.89 32.24
C GLY L 87 12.02 16.34 31.93
N PHE L 88 12.90 17.17 31.37
CA PHE L 88 14.28 16.78 31.15
C PHE L 88 14.99 16.47 32.46
N LEU L 89 14.69 17.25 33.50
CA LEU L 89 15.32 17.03 34.80
C LEU L 89 14.92 15.67 35.38
N ASP L 90 13.64 15.31 35.28
CA ASP L 90 13.21 14.02 35.79
C ASP L 90 13.82 12.87 35.00
N ILE L 91 13.89 13.01 33.67
CA ILE L 91 14.45 11.94 32.84
C ILE L 91 15.92 11.75 33.14
N TRP L 92 16.70 12.84 33.11
CA TRP L 92 18.14 12.72 33.32
C TRP L 92 18.47 12.28 34.73
N THR L 93 17.80 12.87 35.73
CA THR L 93 18.05 12.46 37.11
C THR L 93 17.78 10.97 37.30
N TYR L 94 16.62 10.51 36.83
CA TYR L 94 16.26 9.11 37.00
C TYR L 94 17.23 8.19 36.27
N ASN L 95 17.53 8.50 35.01
CA ASN L 95 18.42 7.64 34.24
C ASN L 95 19.85 7.69 34.78
N ALA L 96 20.32 8.86 35.20
CA ALA L 96 21.68 8.95 35.73
C ALA L 96 21.82 8.16 37.02
N GLU L 97 20.90 8.34 37.95
CA GLU L 97 20.97 7.62 39.23
C GLU L 97 20.88 6.12 39.01
N LEU L 98 19.93 5.67 38.19
CA LEU L 98 19.76 4.25 37.95
C LEU L 98 20.94 3.65 37.19
N LEU L 99 21.51 4.41 36.25
CA LEU L 99 22.65 3.91 35.48
C LEU L 99 23.83 3.60 36.39
N VAL L 100 24.12 4.52 37.32
CA VAL L 100 25.22 4.31 38.26
C VAL L 100 24.91 3.11 39.15
N LEU L 101 23.65 2.97 39.58
CA LEU L 101 23.29 1.84 40.43
C LEU L 101 23.49 0.52 39.71
N LEU L 102 23.09 0.45 38.44
CA LEU L 102 23.19 -0.81 37.69
C LEU L 102 24.62 -1.10 37.27
N GLU L 103 25.32 -0.11 36.72
CA GLU L 103 26.66 -0.36 36.20
C GLU L 103 27.70 -0.48 37.30
N ASN L 104 27.44 0.05 38.51
CA ASN L 104 28.33 -0.24 39.62
C ASN L 104 28.19 -1.69 40.06
N GLU L 105 26.96 -2.21 40.07
CA GLU L 105 26.75 -3.62 40.37
C GLU L 105 27.48 -4.51 39.38
N ARG L 106 27.46 -4.12 38.09
CA ARG L 106 28.11 -4.94 37.07
C ARG L 106 29.64 -4.88 37.19
N THR L 107 30.18 -3.71 37.52
CA THR L 107 31.63 -3.59 37.66
C THR L 107 32.13 -4.49 38.79
N LEU L 108 31.40 -4.52 39.91
CA LEU L 108 31.77 -5.41 41.01
C LEU L 108 31.61 -6.87 40.61
N ASP L 109 30.57 -7.19 39.83
CA ASP L 109 30.44 -8.53 39.27
C ASP L 109 31.63 -8.84 38.37
N PHE L 110 32.10 -7.85 37.61
CA PHE L 110 33.21 -8.03 36.68
C PHE L 110 34.47 -8.44 37.43
N HIS L 111 34.77 -7.73 38.53
CA HIS L 111 35.92 -8.11 39.35
C HIS L 111 35.75 -9.51 39.94
N ASP L 112 34.57 -9.80 40.50
CA ASP L 112 34.32 -11.13 41.04
C ASP L 112 34.56 -12.21 39.98
N SER L 113 34.11 -11.96 38.75
CA SER L 113 34.30 -12.94 37.68
C SER L 113 35.77 -13.15 37.35
N ASN L 114 36.54 -12.06 37.31
CA ASN L 114 37.96 -12.18 36.99
C ASN L 114 38.71 -12.96 38.05
N VAL L 115 38.32 -12.83 39.32
CA VAL L 115 38.98 -13.60 40.37
C VAL L 115 38.66 -15.07 40.22
N LYS L 116 37.39 -15.41 39.93
CA LYS L 116 37.02 -16.82 39.84
C LYS L 116 37.64 -17.45 38.59
N ASN L 117 37.74 -16.70 37.49
CA ASN L 117 38.38 -17.26 36.29
C ASN L 117 39.85 -17.50 36.53
N LEU L 118 40.51 -16.61 37.27
CA LEU L 118 41.90 -16.83 37.64
C LEU L 118 42.03 -18.03 38.58
N TYR L 119 41.15 -18.10 39.59
CA TYR L 119 41.13 -19.27 40.47
C TYR L 119 40.88 -20.54 39.69
N GLU L 120 39.87 -20.52 38.81
CA GLU L 120 39.55 -21.73 38.04
C GLU L 120 40.67 -22.08 37.06
N LYS L 121 41.37 -21.07 36.54
CA LYS L 121 42.50 -21.34 35.64
C LYS L 121 43.64 -22.03 36.38
N VAL L 122 43.90 -21.61 37.62
CA VAL L 122 44.96 -22.23 38.40
C VAL L 122 44.55 -23.65 38.80
N LYS L 123 43.28 -23.83 39.18
CA LYS L 123 42.80 -25.16 39.58
C LYS L 123 42.95 -26.18 38.46
N ASN L 124 42.63 -25.78 37.21
CA ASN L 124 42.73 -26.69 36.08
C ASN L 124 44.18 -27.11 35.81
N GLN L 125 45.14 -26.24 36.14
CA GLN L 125 46.54 -26.58 35.93
C GLN L 125 47.00 -27.62 36.94
N LEU L 126 46.71 -27.38 38.20
CA LEU L 126 47.11 -28.21 39.33
C LEU L 126 46.19 -29.42 39.51
N ARG L 127 45.39 -29.76 38.49
CA ARG L 127 44.30 -30.72 38.51
C ARG L 127 44.17 -31.57 39.77
N ASN L 128 45.21 -32.35 40.10
CA ASN L 128 45.14 -33.19 41.30
C ASN L 128 46.48 -33.27 42.03
N ASN L 129 47.42 -32.38 41.72
CA ASN L 129 48.68 -32.28 42.43
C ASN L 129 48.61 -31.42 43.69
N ALA L 130 47.43 -30.93 44.06
CA ALA L 130 47.30 -30.07 45.23
C ALA L 130 45.91 -30.18 45.83
N LYS L 131 45.82 -29.94 47.14
CA LYS L 131 44.55 -29.93 47.85
C LYS L 131 43.97 -28.53 47.89
N GLU L 132 42.68 -28.41 47.58
CA GLU L 132 41.97 -27.14 47.64
C GLU L 132 41.54 -26.86 49.08
N ILE L 133 42.13 -25.84 49.70
CA ILE L 133 41.79 -25.49 51.07
C ILE L 133 40.39 -24.93 51.20
N GLY L 134 39.76 -24.55 50.09
CA GLY L 134 38.40 -24.04 50.08
C GLY L 134 38.28 -22.54 50.22
N ASN L 135 39.36 -21.84 50.54
CA ASN L 135 39.36 -20.39 50.69
C ASN L 135 40.20 -19.70 49.62
N GLY L 136 40.48 -20.39 48.52
CA GLY L 136 41.33 -19.85 47.48
C GLY L 136 42.78 -20.30 47.53
N CYS L 137 43.13 -21.19 48.45
CA CYS L 137 44.51 -21.66 48.59
C CYS L 137 44.62 -23.11 48.15
N PHE L 138 45.83 -23.49 47.75
CA PHE L 138 46.15 -24.84 47.30
C PHE L 138 47.37 -25.35 48.05
N GLU L 139 47.22 -26.49 48.74
CA GLU L 139 48.34 -27.11 49.46
C GLU L 139 49.01 -28.13 48.55
N PHE L 140 50.25 -27.86 48.17
CA PHE L 140 50.96 -28.71 47.22
C PHE L 140 51.35 -30.05 47.82
N TYR L 141 51.20 -31.11 47.01
CA TYR L 141 51.69 -32.44 47.37
C TYR L 141 53.16 -32.61 47.06
N HIS L 142 53.71 -31.75 46.20
CA HIS L 142 55.11 -31.78 45.81
C HIS L 142 55.78 -30.45 46.13
N LYS L 143 57.11 -30.48 46.16
CA LYS L 143 57.90 -29.28 46.40
C LYS L 143 57.85 -28.38 45.17
N CYS L 144 57.25 -27.21 45.30
CA CYS L 144 57.11 -26.26 44.20
C CYS L 144 58.04 -25.09 44.48
N ASN L 145 59.21 -25.10 43.82
CA ASN L 145 60.19 -24.06 44.01
C ASN L 145 59.72 -22.76 43.35
N ASN L 146 60.59 -21.74 43.42
CA ASN L 146 60.24 -20.45 42.84
C ASN L 146 60.05 -20.57 41.33
N GLU L 147 60.81 -21.46 40.68
CA GLU L 147 60.61 -21.71 39.26
C GLU L 147 59.25 -22.36 39.01
N CYS L 148 58.87 -23.36 39.83
CA CYS L 148 57.55 -23.95 39.71
C CYS L 148 56.45 -22.98 40.13
N MET L 149 56.71 -22.14 41.14
CA MET L 149 55.72 -21.14 41.51
C MET L 149 55.53 -20.15 40.37
N GLU L 150 56.63 -19.65 39.82
CA GLU L 150 56.54 -18.81 38.64
C GLU L 150 55.92 -19.58 37.46
N SER L 151 56.02 -20.91 37.46
CA SER L 151 55.42 -21.68 36.38
C SER L 151 53.90 -21.77 36.49
N VAL L 152 53.38 -21.73 37.72
CA VAL L 152 51.93 -21.69 37.88
C VAL L 152 51.38 -20.34 37.42
N LYS L 153 52.06 -19.25 37.81
CA LYS L 153 51.64 -17.92 37.40
C LYS L 153 51.85 -17.69 35.91
N ASN L 154 52.93 -18.25 35.34
CA ASN L 154 53.22 -18.05 33.92
C ASN L 154 52.18 -18.71 33.01
N GLY L 155 51.41 -19.66 33.53
CA GLY L 155 50.42 -20.35 32.75
C GLY L 155 50.90 -21.58 32.01
N THR L 156 52.14 -22.01 32.26
CA THR L 156 52.73 -23.16 31.57
C THR L 156 53.18 -24.19 32.60
N TYR L 157 52.24 -24.72 33.37
CA TYR L 157 52.54 -25.63 34.46
C TYR L 157 52.63 -27.07 33.95
N ASP L 158 53.82 -27.65 34.05
CA ASP L 158 54.01 -29.06 33.68
C ASP L 158 53.30 -29.96 34.68
N TYR L 159 52.67 -31.02 34.17
CA TYR L 159 51.79 -31.82 35.02
C TYR L 159 52.53 -32.72 35.99
N PRO L 160 53.58 -33.48 35.58
CA PRO L 160 54.22 -34.35 36.59
C PRO L 160 54.89 -33.59 37.73
C1 NAG M . -12.68 22.13 -26.16
C2 NAG M . -12.56 23.09 -27.35
C3 NAG M . -13.71 24.10 -27.34
C4 NAG M . -15.05 23.39 -27.27
C5 NAG M . -15.08 22.44 -26.08
C6 NAG M . -16.33 21.59 -26.02
C7 NAG M . -10.21 23.35 -28.03
C8 NAG M . -8.97 24.18 -27.91
N2 NAG M . -11.28 23.77 -27.35
O3 NAG M . -13.63 24.90 -28.51
O4 NAG M . -16.10 24.35 -27.17
O5 NAG M . -13.98 21.51 -26.16
O6 NAG M . -16.59 20.96 -27.26
O7 NAG M . -10.24 22.33 -28.73
C1 NAG M . -17.03 24.12 -28.25
C2 NAG M . -18.41 24.64 -27.82
C3 NAG M . -19.42 24.43 -28.95
C4 NAG M . -18.91 25.02 -30.27
C5 NAG M . -17.49 24.51 -30.56
C6 NAG M . -16.85 25.16 -31.77
C7 NAG M . -18.61 24.45 -25.38
C8 NAG M . -19.14 23.64 -24.24
N2 NAG M . -18.87 23.98 -26.61
O3 NAG M . -20.66 25.05 -28.60
O4 NAG M . -19.79 24.64 -31.31
O5 NAG M . -16.63 24.78 -29.45
O6 NAG M . -15.47 24.86 -31.84
O7 NAG M . -17.98 25.49 -25.21
C1 BMA M . -20.13 25.80 -32.12
C2 BMA M . -20.93 25.34 -33.37
C3 BMA M . -21.15 26.57 -34.27
C4 BMA M . -21.68 27.82 -33.49
C5 BMA M . -20.99 28.02 -32.09
C6 BMA M . -21.73 28.99 -31.19
O2 BMA M . -22.22 24.82 -33.00
O3 BMA M . -21.99 26.28 -35.40
O4 BMA M . -21.48 29.00 -34.27
O5 BMA M . -20.92 26.75 -31.40
O6 BMA M . -21.31 28.74 -29.85
C1 NAG N . 6.30 36.56 -38.21
C2 NAG N . 6.99 37.85 -38.62
C3 NAG N . 6.42 39.03 -37.82
C4 NAG N . 4.90 39.08 -37.95
C5 NAG N . 4.30 37.73 -37.58
C6 NAG N . 2.80 37.65 -37.81
C7 NAG N . 9.07 37.52 -37.31
C8 NAG N . 10.57 37.47 -37.40
N2 NAG N . 8.43 37.76 -38.47
O3 NAG N . 6.99 40.25 -38.29
O4 NAG N . 4.38 40.10 -37.12
O5 NAG N . 4.88 36.69 -38.39
O6 NAG N . 2.48 37.64 -39.19
O7 NAG N . 8.47 37.36 -36.25
C1 NAG N . 3.62 41.06 -37.90
C2 NAG N . 2.59 41.70 -36.99
C3 NAG N . 1.77 42.74 -37.76
C4 NAG N . 2.68 43.74 -38.45
C5 NAG N . 3.72 43.01 -39.30
C6 NAG N . 4.74 43.93 -39.95
C7 NAG N . 1.51 40.60 -35.08
C8 NAG N . 0.58 39.50 -34.66
N2 NAG N . 1.71 40.71 -36.40
O3 NAG N . 0.89 43.42 -36.88
O4 NAG N . 1.91 44.61 -39.29
O5 NAG N . 4.45 42.08 -38.50
O6 NAG N . 5.00 45.07 -39.14
O7 NAG N . 2.05 41.34 -34.27
C1 NAG O . 7.71 34.70 -9.59
C2 NAG O . 7.42 36.18 -9.87
C3 NAG O . 8.38 36.74 -10.91
C4 NAG O . 9.82 36.47 -10.49
C5 NAG O . 10.02 34.99 -10.21
C6 NAG O . 11.38 34.67 -9.65
C7 NAG O . 5.04 36.65 -9.42
C8 NAG O . 3.69 36.84 -10.02
N2 NAG O . 6.04 36.38 -10.28
O3 NAG O . 8.16 38.14 -11.07
O4 NAG O . 10.73 36.94 -11.49
O5 NAG O . 9.08 34.55 -9.22
O6 NAG O . 11.68 35.46 -8.51
O7 NAG O . 5.24 36.73 -8.21
C1 NAG O . 11.56 37.93 -10.83
C2 NAG O . 12.95 37.93 -11.45
C3 NAG O . 13.84 38.96 -10.75
C4 NAG O . 13.17 40.33 -10.77
C5 NAG O . 11.76 40.26 -10.21
C6 NAG O . 11.01 41.56 -10.34
C7 NAG O . 13.47 35.73 -12.42
C8 NAG O . 14.16 34.42 -12.23
N2 NAG O . 13.56 36.61 -11.42
O3 NAG O . 15.11 39.02 -11.39
O4 NAG O . 13.94 41.25 -10.00
O5 NAG O . 10.98 39.27 -10.91
O6 NAG O . 11.12 42.36 -9.17
O7 NAG O . 12.85 36.00 -13.46
C1 NAG P . -26.67 28.00 29.72
C2 NAG P . -27.38 28.98 28.78
C3 NAG P . -28.62 28.34 28.18
C4 NAG P . -28.27 27.01 27.51
C5 NAG P . -27.60 26.10 28.54
C6 NAG P . -27.15 24.78 27.99
C7 NAG P . -26.87 31.22 29.63
C8 NAG P . -27.40 32.42 30.38
N2 NAG P . -27.73 30.20 29.47
O3 NAG P . -29.21 29.22 27.23
O4 NAG P . -29.43 26.39 26.99
O5 NAG P . -26.42 26.76 29.04
O6 NAG P . -26.03 24.92 27.13
O7 NAG P . -25.72 31.18 29.22
C1 NAG P . -29.22 26.18 25.59
C2 NAG P . -30.43 25.46 25.04
C3 NAG P . -30.30 25.28 23.52
C4 NAG P . -30.05 26.62 22.86
C5 NAG P . -28.84 27.30 23.50
C6 NAG P . -28.56 28.69 22.97
C7 NAG P . -31.30 24.00 26.81
C8 NAG P . -31.36 22.60 27.35
N2 NAG P . -30.60 24.16 25.68
O3 NAG P . -31.49 24.67 23.00
O4 NAG P . -29.82 26.44 21.46
O5 NAG P . -29.06 27.43 24.91
O6 NAG P . -27.20 29.04 23.15
O7 NAG P . -31.87 24.94 27.37
C1 BMA P . -30.79 27.22 20.71
C2 BMA P . -30.44 27.01 19.21
C3 BMA P . -31.42 27.81 18.33
C4 BMA P . -32.91 27.54 18.74
C5 BMA P . -33.12 27.72 20.27
C6 BMA P . -34.56 27.39 20.71
O2 BMA P . -30.56 25.64 18.85
O3 BMA P . -31.24 27.49 16.93
O4 BMA P . -33.77 28.42 18.04
O5 BMA P . -32.17 26.87 20.97
O6 BMA P . -34.53 26.57 21.88
C1 MAN P . -30.41 28.46 16.24
C2 MAN P . -30.60 28.32 14.67
C3 MAN P . -29.98 27.01 14.23
C4 MAN P . -28.49 26.94 14.69
C5 MAN P . -28.41 27.10 16.22
C6 MAN P . -26.99 27.10 16.74
O2 MAN P . -29.82 29.25 13.92
O3 MAN P . -30.05 26.84 12.81
O4 MAN P . -27.92 25.70 14.32
O5 MAN P . -29.05 28.35 16.61
O6 MAN P . -26.24 28.03 15.94
C1 MAN P . -30.54 29.91 12.88
C2 MAN P . -29.38 30.77 12.27
C3 MAN P . -29.24 32.09 12.99
C4 MAN P . -30.58 32.76 13.15
C5 MAN P . -31.47 31.89 14.01
C6 MAN P . -32.91 32.47 14.08
O2 MAN P . -29.63 31.15 10.90
O3 MAN P . -28.33 32.94 12.32
O4 MAN P . -30.39 34.01 13.81
O5 MAN P . -31.59 30.51 13.53
O6 MAN P . -32.96 33.27 15.22
C1 NAG Q . -34.02 53.55 32.73
C2 NAG Q . -34.99 54.69 33.08
C3 NAG Q . -36.37 54.12 33.42
C4 NAG Q . -36.88 53.21 32.32
C5 NAG Q . -35.82 52.15 32.00
C6 NAG Q . -36.18 51.29 30.80
C7 NAG Q . -33.74 56.57 34.06
C8 NAG Q . -33.32 57.25 35.33
N2 NAG Q . -34.48 55.47 34.20
O3 NAG Q . -37.29 55.21 33.60
O4 NAG Q . -38.04 52.58 32.85
O5 NAG Q . -34.57 52.77 31.68
O6 NAG Q . -35.11 50.43 30.45
O7 NAG Q . -33.42 57.00 32.96
C1 NAG Q . -39.14 52.24 31.98
C2 NAG Q . -40.03 51.37 32.86
C3 NAG Q . -41.23 50.88 32.07
C4 NAG Q . -41.97 52.05 31.44
C5 NAG Q . -41.01 52.91 30.62
C6 NAG Q . -41.66 54.15 30.06
C7 NAG Q . -38.61 49.34 32.76
C8 NAG Q . -37.90 48.30 33.57
N2 NAG Q . -39.29 50.27 33.46
O3 NAG Q . -42.11 50.18 32.96
O4 NAG Q . -43.02 51.57 30.59
O5 NAG Q . -39.91 53.33 31.43
O6 NAG Q . -40.76 55.26 30.05
O7 NAG Q . -38.58 49.33 31.53
C1 NAG R . 25.86 -11.25 -38.73
C2 NAG R . 26.39 -9.93 -39.30
C3 NAG R . 27.60 -9.44 -38.51
C4 NAG R . 27.28 -9.39 -37.02
C5 NAG R . 26.80 -10.76 -36.56
C6 NAG R . 26.39 -10.80 -35.10
C7 NAG R . 25.90 -9.74 -41.70
C8 NAG R . 26.42 -9.97 -43.09
N2 NAG R . 26.74 -10.07 -40.71
O3 NAG R . 27.99 -8.16 -38.97
O4 NAG R . 28.48 -9.10 -36.30
O5 NAG R . 25.64 -11.12 -37.32
O6 NAG R . 25.23 -11.59 -34.91
O7 NAG R . 24.79 -9.28 -41.48
C1 NAG R . 28.41 -7.94 -35.45
C2 NAG R . 29.76 -7.88 -34.77
C3 NAG R . 29.87 -6.63 -33.90
C4 NAG R . 29.51 -5.38 -34.69
C5 NAG R . 28.15 -5.58 -35.37
C6 NAG R . 27.76 -4.43 -36.27
C7 NAG R . 30.44 -10.23 -34.44
C8 NAG R . 30.58 -11.36 -33.45
N2 NAG R . 29.97 -9.08 -33.96
O3 NAG R . 31.20 -6.52 -33.41
O4 NAG R . 29.42 -4.27 -33.80
O5 NAG R . 28.18 -6.76 -36.18
O6 NAG R . 28.80 -4.10 -37.19
O7 NAG R . 30.75 -10.38 -35.62
C1 BMA R . 30.21 -3.13 -34.16
C2 BMA R . 29.53 -1.91 -33.50
C3 BMA R . 30.35 -0.64 -33.74
C4 BMA R . 31.84 -0.84 -33.41
C5 BMA R . 32.39 -2.10 -34.12
C6 BMA R . 33.86 -2.38 -33.74
O2 BMA R . 29.39 -2.09 -32.07
O3 BMA R . 29.84 0.44 -32.94
O4 BMA R . 32.60 0.31 -33.81
O5 BMA R . 31.56 -3.24 -33.75
O6 BMA R . 34.28 -3.61 -34.34
C1 MAN R . 28.69 1.07 -33.54
C2 MAN R . 28.87 2.62 -33.32
C3 MAN R . 28.64 2.97 -31.84
C4 MAN R . 27.31 2.38 -31.32
C5 MAN R . 27.28 0.85 -31.56
C6 MAN R . 26.00 0.19 -31.11
O2 MAN R . 28.00 3.44 -34.09
O3 MAN R . 28.71 4.38 -31.60
O4 MAN R . 27.14 2.66 -29.92
O5 MAN R . 27.47 0.58 -33.00
O6 MAN R . 26.09 -0.01 -29.70
C1 MAN R . 28.78 4.23 -35.02
C2 MAN R . 28.52 5.70 -34.62
C3 MAN R . 27.24 6.21 -35.25
C4 MAN R . 27.14 5.81 -36.69
C5 MAN R . 27.11 4.28 -36.82
C6 MAN R . 27.11 3.78 -38.22
O2 MAN R . 29.58 6.52 -35.15
O3 MAN R . 27.15 7.64 -35.13
O4 MAN R . 25.95 6.38 -37.27
O5 MAN R . 28.28 3.69 -36.20
O6 MAN R . 27.12 2.33 -38.17
C1 NAG S . 30.82 -2.59 -63.61
C2 NAG S . 31.79 -2.27 -64.75
C3 NAG S . 33.21 -2.65 -64.35
C4 NAG S . 33.59 -2.00 -63.03
C5 NAG S . 32.55 -2.33 -61.96
C6 NAG S . 32.77 -1.62 -60.66
C7 NAG S . 30.53 -2.43 -66.86
C8 NAG S . 30.25 -3.26 -68.06
N2 NAG S . 31.40 -2.95 -65.97
O3 NAG S . 34.11 -2.22 -65.38
O4 NAG S . 34.86 -2.54 -62.63
O5 NAG S . 31.25 -1.94 -62.42
O6 NAG S . 32.56 -0.23 -60.81
O7 NAG S . 30.01 -1.33 -66.68
C1 NAG S . 35.83 -1.58 -62.18
C2 NAG S . 36.74 -2.36 -61.23
C3 NAG S . 37.84 -1.46 -60.69
C4 NAG S . 38.59 -0.80 -61.84
C5 NAG S . 37.61 -0.07 -62.77
C6 NAG S . 38.27 0.54 -63.98
C7 NAG S . 35.58 -4.21 -60.09
C8 NAG S . 34.78 -4.62 -58.89
N2 NAG S . 35.96 -2.93 -60.13
O3 NAG S . 38.74 -2.24 -59.91
O4 NAG S . 39.55 0.13 -61.34
O5 NAG S . 36.62 -1.00 -63.23
O6 NAG S . 38.14 -0.29 -65.13
O7 NAG S . 35.87 -5.01 -60.98
C1 NAG T . -19.74 -13.48 -64.35
C2 NAG T . -18.85 -12.81 -65.40
C3 NAG T . -18.66 -13.71 -66.63
C4 NAG T . -18.20 -15.10 -66.22
C5 NAG T . -19.18 -15.68 -65.21
C6 NAG T . -18.76 -17.04 -64.70
C7 NAG T . -19.17 -10.39 -65.16
C8 NAG T . -19.84 -9.17 -65.73
N2 NAG T . -19.40 -11.53 -65.80
O3 NAG T . -17.70 -13.12 -67.50
O4 NAG T . -18.13 -15.93 -67.38
O5 NAG T . -19.24 -14.81 -64.07
O6 NAG T . -17.53 -16.99 -64.00
O7 NAG T . -18.47 -10.33 -64.16
C1 NAG T . -16.80 -16.45 -67.57
C2 NAG T . -16.92 -17.73 -68.39
C3 NAG T . -15.53 -18.33 -68.65
C4 NAG T . -14.62 -17.29 -69.30
C5 NAG T . -14.61 -16.01 -68.45
C6 NAG T . -13.84 -14.85 -69.07
C7 NAG T . -19.07 -18.81 -67.93
C8 NAG T . -19.80 -19.86 -67.14
N2 NAG T . -17.76 -18.70 -67.70
O3 NAG T . -15.65 -19.47 -69.49
O4 NAG T . -13.32 -17.87 -69.40
O5 NAG T . -15.95 -15.53 -68.26
O6 NAG T . -12.86 -14.34 -68.18
O7 NAG T . -19.65 -18.08 -68.74
C1 BMA T . -12.50 -17.43 -70.51
C2 BMA T . -11.02 -17.88 -70.24
C3 BMA T . -10.12 -17.37 -71.38
C4 BMA T . -10.67 -17.72 -72.77
C5 BMA T . -12.15 -17.30 -72.90
C6 BMA T . -12.74 -17.70 -74.25
O2 BMA T . -10.91 -19.29 -70.25
O3 BMA T . -8.80 -17.89 -71.29
O4 BMA T . -9.89 -17.05 -73.77
O5 BMA T . -12.92 -17.89 -71.82
O6 BMA T . -12.30 -19.02 -74.56
C1 MAN T . -7.96 -16.94 -70.63
C2 MAN T . -6.65 -16.88 -71.46
C3 MAN T . -5.98 -18.26 -71.36
C4 MAN T . -5.83 -18.72 -69.89
C5 MAN T . -7.23 -18.70 -69.20
C6 MAN T . -7.20 -19.10 -67.73
O2 MAN T . -5.68 -15.89 -70.96
O3 MAN T . -4.72 -18.29 -72.04
O4 MAN T . -5.27 -20.02 -69.82
O5 MAN T . -7.79 -17.37 -69.32
O6 MAN T . -6.01 -19.84 -67.47
C1 MAN T . -5.47 -14.73 -71.83
C2 MAN T . -6.81 -14.33 -72.59
C3 MAN T . -6.60 -13.96 -74.07
C4 MAN T . -5.34 -13.11 -74.21
C5 MAN T . -4.13 -14.02 -73.89
C6 MAN T . -2.78 -13.29 -73.78
O2 MAN T . -7.45 -13.18 -71.98
O3 MAN T . -7.74 -13.32 -74.64
O4 MAN T . -5.22 -12.66 -75.55
O5 MAN T . -4.35 -14.96 -72.74
O6 MAN T . -1.74 -14.22 -74.02
C1 NAG U . -18.47 10.12 -76.17
C2 NAG U . -19.34 10.89 -77.17
C3 NAG U . -20.05 9.91 -78.11
C4 NAG U . -19.03 8.98 -78.78
C5 NAG U . -18.16 8.31 -77.72
C6 NAG U . -17.03 7.48 -78.30
C7 NAG U . -20.09 12.98 -76.14
C8 NAG U . -21.21 13.69 -75.42
N2 NAG U . -20.32 11.72 -76.46
O3 NAG U . -20.76 10.64 -79.10
O4 NAG U . -19.75 7.98 -79.50
O5 NAG U . -17.54 9.30 -76.88
O6 NAG U . -17.06 6.15 -77.82
O7 NAG U . -19.03 13.55 -76.40
C1 NAG U . -19.25 7.88 -80.86
C2 NAG U . -19.76 6.60 -81.52
C3 NAG U . -19.27 6.50 -82.95
C4 NAG U . -19.62 7.77 -83.73
C5 NAG U . -19.13 9.01 -82.98
C6 NAG U . -19.55 10.31 -83.63
C7 NAG U . -20.18 4.82 -79.88
C8 NAG U . -19.62 3.61 -79.19
N2 NAG U . -19.38 5.42 -80.76
O3 NAG U . -19.85 5.36 -83.59
O4 NAG U . -19.02 7.72 -85.02
O5 NAG U . -19.65 9.02 -81.65
O6 NAG U . -20.18 11.16 -82.68
O7 NAG U . -21.32 5.23 -79.65
C1 NAG V . 17.35 54.45 38.56
C2 NAG V . 16.53 55.75 38.51
C3 NAG V . 16.44 56.37 39.90
C4 NAG V . 15.93 55.36 40.91
C5 NAG V . 16.82 54.12 40.89
C6 NAG V . 16.36 53.02 41.82
C7 NAG V . 16.70 56.79 36.29
C8 NAG V . 17.38 57.85 35.48
N2 NAG V . 17.10 56.69 37.57
O3 NAG V . 15.55 57.49 39.86
O4 NAG V . 15.90 55.94 42.21
O5 NAG V . 16.83 53.57 39.57
O6 NAG V . 16.83 51.75 41.41
O7 NAG V . 15.83 56.06 35.84
C1 NAG V . 14.55 55.79 42.72
C2 NAG V . 14.55 56.02 44.22
C3 NAG V . 13.13 55.87 44.77
C4 NAG V . 12.16 56.76 44.02
C5 NAG V . 12.28 56.53 42.51
C6 NAG V . 11.44 57.49 41.69
C7 NAG V . 16.74 55.45 45.13
C8 NAG V . 17.57 54.41 45.83
N2 NAG V . 15.47 55.13 44.90
O3 NAG V . 13.11 56.18 46.16
O4 NAG V . 10.83 56.44 44.41
O5 NAG V . 13.64 56.71 42.08
O6 NAG V . 10.32 56.84 41.11
O7 NAG V . 17.22 56.53 44.79
C1 BMA V . 10.15 57.53 45.05
C2 BMA V . 8.78 56.99 45.44
C3 BMA V . 8.00 58.02 46.27
C4 BMA V . 8.85 58.59 47.40
C5 BMA V . 10.21 59.08 46.87
C6 BMA V . 11.12 59.56 47.96
O2 BMA V . 8.90 55.81 46.24
O3 BMA V . 6.85 57.46 46.82
O4 BMA V . 8.16 59.68 48.01
O5 BMA V . 10.85 57.99 46.20
O6 BMA V . 12.27 60.13 47.36
C1 MAN V . 5.89 57.17 45.82
C2 MAN V . 4.55 57.66 46.39
C3 MAN V . 4.22 56.78 47.62
C4 MAN V . 4.27 55.26 47.29
C5 MAN V . 5.66 54.91 46.70
C6 MAN V . 5.80 53.44 46.29
O2 MAN V . 3.53 57.37 45.46
O3 MAN V . 2.96 57.12 48.19
O4 MAN V . 4.01 54.49 48.46
O5 MAN V . 5.90 55.76 45.55
O6 MAN V . 4.84 52.65 46.98
C1 MAN V . 2.75 58.40 44.78
C2 MAN V . 3.33 58.50 43.27
C3 MAN V . 4.06 59.81 42.90
C4 MAN V . 3.26 61.02 43.41
C5 MAN V . 3.26 60.97 44.96
C6 MAN V . 2.46 62.11 45.53
O2 MAN V . 2.33 58.27 42.28
O3 MAN V . 4.29 59.91 41.49
O4 MAN V . 3.81 62.28 42.97
O5 MAN V . 2.63 59.72 45.50
O6 MAN V . 1.12 61.81 45.32
C1 NAG W . 12.89 75.32 22.60
C2 NAG W . 13.30 76.76 22.24
C3 NAG W . 14.17 77.35 23.34
C4 NAG W . 13.50 77.23 24.70
C5 NAG W . 13.07 75.79 24.95
C6 NAG W . 12.28 75.60 26.23
C7 NAG W . 13.37 76.82 19.78
C8 NAG W . 14.25 76.85 18.58
N2 NAG W . 14.00 76.79 20.97
O3 NAG W . 14.42 78.72 23.05
O4 NAG W . 14.40 77.64 25.72
O5 NAG W . 12.24 75.32 23.88
O6 NAG W . 11.03 76.27 26.19
O7 NAG W . 12.15 76.84 19.70
C1 NAG W . 13.86 78.69 26.52
C2 NAG W . 14.60 78.67 27.85
C3 NAG W . 14.09 79.78 28.78
C4 NAG W . 14.17 81.12 28.06
C5 NAG W . 13.44 81.05 26.72
C6 NAG W . 13.58 82.32 25.90
C7 NAG W . 15.44 76.79 29.21
C8 NAG W . 15.12 75.45 29.80
N2 NAG W . 14.46 77.36 28.51
O3 NAG W . 14.87 79.82 29.96
O4 NAG W . 13.57 82.13 28.88
O5 NAG W . 14.00 79.99 25.92
O6 NAG W . 12.48 82.48 25.00
O7 NAG W . 16.54 77.33 29.37
C1 NAG X . -37.22 -18.28 -0.61
C2 NAG X . -38.13 -17.19 -1.21
C3 NAG X . -38.86 -16.42 -0.10
C4 NAG X . -39.58 -17.39 0.84
C5 NAG X . -38.58 -18.41 1.39
C6 NAG X . -39.23 -19.45 2.27
C7 NAG X . -37.88 -15.29 -2.77
C8 NAG X . -36.90 -14.43 -3.52
N2 NAG X . -37.35 -16.26 -2.02
O3 NAG X . -39.82 -15.53 -0.66
O4 NAG X . -40.18 -16.68 1.92
O5 NAG X . -37.98 -19.10 0.30
O6 NAG X . -39.81 -18.89 3.43
O7 NAG X . -39.09 -15.09 -2.84
C1 EDO Y . -21.60 -17.25 8.66
O1 EDO Y . -21.08 -18.31 7.84
C2 EDO Y . -23.10 -17.09 8.43
O2 EDO Y . -23.34 -16.85 7.04
I IOD Z . -26.34 -19.96 -4.95
I IOD AA . -6.45 17.25 -19.30
I IOD BA . -11.28 19.12 -30.45
I IOD CA . 14.42 24.37 -51.20
I IOD DA . 17.39 26.32 -39.58
I IOD EA . -4.54 27.15 -43.89
I IOD FA . 5.53 31.53 -53.92
I IOD GA . -4.96 -3.51 -2.63
I IOD HA . -29.60 -33.13 3.70
I IOD IA . -28.03 -15.16 1.29
I IOD JA . -2.41 -5.36 -9.94
I IOD KA . 2.28 16.89 -21.10
I IOD LA . -10.66 16.08 -36.61
C1 NAG MA . 38.37 -2.19 13.46
C2 NAG MA . 38.92 -0.82 13.04
C3 NAG MA . 38.99 -0.71 11.51
C4 NAG MA . 39.76 -1.89 10.93
C5 NAG MA . 39.16 -3.20 11.42
C6 NAG MA . 39.93 -4.42 10.95
C7 NAG MA . 38.64 1.32 14.23
C8 NAG MA . 37.66 2.33 14.73
N2 NAG MA . 38.11 0.26 13.58
O3 NAG MA . 39.62 0.51 11.15
O4 NAG MA . 39.72 -1.85 9.51
O5 NAG MA . 39.15 -3.25 12.86
O6 NAG MA . 40.79 -4.93 11.96
O7 NAG MA . 39.85 1.44 14.38
C1 NAG NA . -12.85 49.83 -15.61
C2 NAG NA . -13.71 50.39 -16.75
C3 NAG NA . -13.03 50.13 -18.10
C4 NAG NA . -11.61 50.69 -18.09
C5 NAG NA . -10.84 50.08 -16.91
C6 NAG NA . -9.43 50.61 -16.79
C7 NAG NA . -16.02 50.26 -15.93
C8 NAG NA . -17.33 49.55 -16.03
N2 NAG NA . -15.05 49.81 -16.73
O3 NAG NA . -13.78 50.73 -19.14
O4 NAG NA . -10.95 50.41 -19.32
O5 NAG NA . -11.52 50.39 -15.68
O6 NAG NA . -9.40 51.94 -16.29
O7 NAG NA . -15.84 51.19 -15.15
C1 NAG OA . 32.63 -15.26 3.55
C2 NAG OA . 33.09 -14.40 2.36
C3 NAG OA . 32.11 -14.51 1.18
C4 NAG OA . 31.78 -15.96 0.86
C5 NAG OA . 31.31 -16.67 2.12
C6 NAG OA . 31.00 -18.12 1.92
C7 NAG OA . 34.03 -12.14 2.16
C8 NAG OA . 34.05 -10.75 2.73
N2 NAG OA . 33.24 -13.01 2.78
O3 NAG OA . 32.69 -13.90 0.03
O4 NAG OA . 30.77 -16.03 -0.14
O5 NAG OA . 32.35 -16.59 3.11
O6 NAG OA . 30.31 -18.67 3.03
O7 NAG OA . 34.71 -12.44 1.18
I IOD PA . 2.64 25.78 -7.43
I IOD QA . 6.79 37.31 -4.93
I IOD RA . -1.70 51.92 -5.86
I IOD SA . -12.88 62.14 -4.14
I IOD TA . 4.47 1.98 4.51
I IOD UA . 32.98 -13.90 25.49
I IOD VA . 29.90 -3.82 10.56
I IOD WA . 27.93 -0.60 17.66
I IOD XA . 6.29 41.89 0.88
I IOD YA . 28.20 -47.98 16.77
C1 NAG ZA . 1.02 -17.27 29.62
C2 NAG ZA . -0.13 -17.13 28.61
C3 NAG ZA . -1.39 -17.83 29.15
C4 NAG ZA . -1.09 -19.27 29.56
C5 NAG ZA . 0.08 -19.29 30.55
C6 NAG ZA . 0.50 -20.69 30.92
C7 NAG ZA . -1.22 -15.30 27.37
C8 NAG ZA . -1.36 -13.81 27.25
N2 NAG ZA . -0.40 -15.73 28.34
O3 NAG ZA . -2.42 -17.82 28.16
O4 NAG ZA . -2.23 -19.87 30.15
O5 NAG ZA . 1.22 -18.66 29.95
O6 NAG ZA . 1.91 -20.86 30.82
O7 NAG ZA . -1.82 -16.08 26.62
C1 NAG AB . -33.38 66.46 31.79
C2 NAG AB . -32.69 67.25 32.90
C3 NAG AB . -33.35 68.62 33.07
C4 NAG AB . -33.35 69.36 31.74
C5 NAG AB . -34.02 68.50 30.67
C6 NAG AB . -33.97 69.12 29.29
C7 NAG AB . -33.77 66.04 34.79
C8 NAG AB . -33.52 65.29 36.06
N2 NAG AB . -32.67 66.51 34.17
O3 NAG AB . -32.62 69.38 34.03
O4 NAG AB . -34.02 70.60 31.87
O5 NAG AB . -33.37 67.22 30.57
O6 NAG AB . -32.78 68.74 28.60
O7 NAG AB . -34.91 66.22 34.34
I IOD BB . -21.23 27.10 38.41
I IOD CB . -23.51 30.65 26.69
I IOD DB . -19.18 63.78 25.82
I IOD EB . -19.50 59.59 36.94
I IOD FB . -27.97 46.08 20.86
I IOD GB . -27.97 61.15 19.21
I IOD HB . 6.14 -7.50 33.01
I IOD IB . 0.57 -11.07 37.12
I IOD JB . -19.80 34.11 21.33
I IOD KB . -32.36 54.00 36.83
I IOD LB . 16.74 -18.97 36.06
I IOD MB . 22.35 -36.27 66.53
I IOD NB . 21.39 -7.88 40.43
C1 NAG OB . 2.85 -34.90 2.60
C2 NAG OB . 3.93 -33.83 2.81
C3 NAG OB . 5.32 -34.49 2.94
C4 NAG OB . 5.30 -35.58 4.00
C5 NAG OB . 4.18 -36.58 3.70
C6 NAG OB . 4.04 -37.66 4.75
C7 NAG OB . 3.23 -31.73 1.74
C8 NAG OB . 3.35 -30.87 0.52
N2 NAG OB . 3.93 -32.87 1.72
O3 NAG OB . 6.30 -33.51 3.26
O4 NAG OB . 6.54 -36.26 4.04
O5 NAG OB . 2.93 -35.90 3.63
O6 NAG OB . 2.78 -38.32 4.64
O7 NAG OB . 2.50 -31.43 2.69
I IOD PB . 21.23 -20.27 -41.73
I IOD QB . 21.96 -7.99 -39.87
I IOD RB . 14.04 6.72 -68.68
I IOD SB . 16.25 -5.50 -69.96
I IOD TB . 24.30 4.88 -51.20
I IOD UB . 22.88 12.07 -64.09
I IOD VB . -12.34 -42.98 2.46
I IOD WB . 17.70 -22.12 -49.75
I IOD XB . 17.58 -2.61 -40.19
I IOD YB . 3.34 -38.96 -5.91
I IOD ZB . -3.18 -34.22 -6.89
I IOD AC . 29.03 -6.03 -65.93
I IOD BC . -14.24 -78.67 4.51
C1 NAG CC . -24.92 -51.24 -25.93
C2 NAG CC . -24.26 -51.65 -27.26
C3 NAG CC . -25.30 -52.22 -28.23
C4 NAG CC . -26.08 -53.36 -27.57
C5 NAG CC . -26.68 -52.88 -26.25
C6 NAG CC . -27.39 -53.98 -25.48
C7 NAG CC . -22.26 -50.32 -27.75
C8 NAG CC . -21.72 -49.09 -28.42
N2 NAG CC . -23.57 -50.51 -27.86
O3 NAG CC . -24.66 -52.69 -29.40
O4 NAG CC . -27.11 -53.80 -28.44
O5 NAG CC . -25.64 -52.38 -25.40
O6 NAG CC . -28.28 -54.71 -26.30
O7 NAG CC . -21.53 -51.11 -27.16
C1 NAG DC . -15.19 22.37 -79.07
C2 NAG DC . -16.48 23.20 -79.02
C3 NAG DC . -16.56 24.12 -80.24
C4 NAG DC . -15.29 24.95 -80.38
C5 NAG DC . -14.06 24.05 -80.35
C6 NAG DC . -12.76 24.83 -80.36
C7 NAG DC . -18.43 22.28 -77.85
C8 NAG DC . -19.59 21.33 -77.95
N2 NAG DC . -17.65 22.35 -78.93
O3 NAG DC . -17.69 24.98 -80.13
O4 NAG DC . -15.32 25.67 -81.61
O5 NAG DC . -14.06 23.25 -79.16
O6 NAG DC . -12.73 25.77 -81.42
O7 NAG DC . -18.21 22.94 -76.84
I IOD EC . -27.00 -11.14 -57.11
I IOD FC . -15.67 -11.28 -62.11
I IOD GC . -18.04 19.81 -64.35
I IOD HC . -8.15 1.08 -70.95
I IOD IC . -2.97 14.95 -74.52
I IOD JC . -6.38 21.05 -65.12
I IOD KC . -37.63 -18.39 -33.32
I IOD LC . -9.42 -8.79 -60.12
I IOD MC . -24.33 -39.95 -23.14
I IOD NC . -30.35 -43.49 -26.75
I IOD OC . -10.73 -13.34 -70.97
I IOD PC . -19.60 -20.11 -43.71
I IOD QC . -27.52 -47.65 -9.83
I IOD RC . -58.86 -51.89 4.93
C1 NAG SC . 28.57 4.58 55.04
C2 NAG SC . 27.83 5.38 56.12
C3 NAG SC . 28.83 6.06 57.07
C4 NAG SC . 29.84 5.05 57.62
C5 NAG SC . 30.52 4.32 56.47
C6 NAG SC . 31.46 3.24 56.93
C7 NAG SC . 25.69 6.11 55.15
C8 NAG SC . 24.93 7.25 54.57
N2 NAG SC . 26.95 6.38 55.54
O3 NAG SC . 28.14 6.68 58.15
O4 NAG SC . 30.81 5.72 58.41
O5 NAG SC . 29.52 3.68 55.66
O6 NAG SC . 31.06 1.96 56.48
O7 NAG SC . 25.19 4.99 55.28
C1 NAG TC . 7.67 82.67 13.08
C2 NAG TC . 8.19 82.69 11.63
C3 NAG TC . 8.22 84.12 11.09
C4 NAG TC . 6.86 84.78 11.27
C5 NAG TC . 6.41 84.68 12.73
C6 NAG TC . 5.02 85.24 12.96
C7 NAG TC . 9.72 80.83 11.13
C8 NAG TC . 11.16 80.38 11.11
N2 NAG TC . 9.51 82.09 11.55
O3 NAG TC . 8.57 84.09 9.72
O4 NAG TC . 6.93 86.15 10.90
O5 NAG TC . 6.38 83.31 13.14
O6 NAG TC . 5.07 86.61 13.34
O7 NAG TC . 8.81 80.10 10.79
I IOD UC . 24.75 49.70 32.53
I IOD VC . 26.50 51.26 23.27
I IOD WC . 13.11 53.22 35.66
I IOD XC . -0.31 68.91 9.52
I IOD YC . 12.25 67.17 7.91
I IOD ZC . 3.36 65.48 29.35
I IOD AD . -3.49 74.32 19.19
I IOD BD . 37.37 26.44 27.92
I IOD CD . 31.56 -8.45 44.46
I IOD DD . 27.02 6.67 44.01
I IOD ED . 32.95 9.12 48.22
I IOD FD . 6.41 51.55 32.92
I IOD GD . 8.45 59.65 42.21
#